data_9KK1
#
_entry.id   9KK1
#
_cell.length_a   1.00
_cell.length_b   1.00
_cell.length_c   1.00
_cell.angle_alpha   90.00
_cell.angle_beta   90.00
_cell.angle_gamma   90.00
#
_symmetry.space_group_name_H-M   'P 1'
#
loop_
_entity.id
_entity.type
_entity.pdbx_description
1 polymer 'RNA-directed DNA polymerase'
2 polymer 'AAA family ATPase'
3 polymer 'TIGR02646 family protein'
4 polymer msrRNA
5 polymer msdDNA
6 non-polymer "ADENOSINE-5'-DIPHOSPHATE"
7 non-polymer 'ZINC ION'
8 non-polymer 'MAGNESIUM ION'
#
loop_
_entity_poly.entity_id
_entity_poly.type
_entity_poly.pdbx_seq_one_letter_code
_entity_poly.pdbx_strand_id
1 'polypeptide(L)'
;MGHHHHHHGGGSSVIRGLAAVLRQSDSDISAFLVTAPRKYKVYKIPKRTTGFRVIAQPAKGLKDIQRAFVQLYSLPVHDA
SMAYMKGKGIRDNAAAHAGNQYLLKADLEDFFNSITPAIFWRCIEMSSAQTPQFEPQDKLFIEKILFWQPIKRRKTKLIL
SVGAPSSPVISNFCMYEFDNRIHAACKKVEITYTRYADDLTFSSNIPDVLKAVPSTLEVLLKDLFGSALRLNHSKTVFSS
KAHNRHVTGITINNEETLSLGRDRKRFIKHLINQYKYGLLDNEDKAYLIGLLAFASHIEPSFITRMNEKYSLELMERLRG
QR
;
A
2 'polypeptide(L)'
;MTKQYERKAKGGNLLSAFELYQRNSDKAPGLGEMLVGEWFEMCRDYIQDGHVDESGIFRPDNAFYLRRLTLKDFRRFSLL
EIKLEEDLTVIIGNNGKGKTSILYAIAKTLSWFVANILKEGGSGQRLSEMTDIKNDAEDRYSDVSSTFFFGKGLKSVPIR
LSRSALGTAERRDSEVKPAKDLADIWRVINEVNTINLPTFALYNVERSQPFNRNIKDNTGRREERFDAYSQTLGGAGRFD
HFVEWYIYLHKRTVSDISSSIKELEQQVNDLQRTVDGGMVSVKSLLEQMKFKLSEAIERNDAAVSSRVLTESVQKSIVEK
AICSVVPSISNIWVEMITGSDLVKVTNDGHDVTIDQLSDGQRVFLSLVADLARRMVMLNPLLENPLEGRGIVLIDEIELH
LHPKWQQEVILNLRSAFPNIQFIITTHSPIVLSTIEKRCIREFEPNDDGDQSFLDSPDMQTKGSENAQILEQVMNVHSTP
PGIAESHWLGNFELLLLDNSGELDNHSQVLYDQIKAHFGIDSIELKKADSLIRINKMKNKLNKIRAEKGK
;
B,C,D,E
3 'polypeptide(L)'
;MRELARLERPEILDQYIAGQNDWMEIDQSAVWPKLTEMQGGFCAYCECRLNRCHIEHFRPRGKFPALTFIWNNLFGSCGD
SRKSGGWSRCGIYKDNGAGAYNADDLIKPDEENPDDYLLFLTTGEVVPAIGLTGRALKKAQETIRVFNLNGDIKLFGSRR
TAVQAIMPNVEYLYTLLEEFDEDDWNEMLRDELEKIESDEYKTALKHAWTFNQEFAGGGSGGGSSSGLVPRGSHMASWSH
PQFEKGGGSGGGSGGSAWSHPQFEKN
;
F,G
4 'polyribonucleotide'
;GGACUCUUUAGCGUUGGACGGUUACGUCUAGUCGGGUGAUUAGCCAGACUCUAACUUAUUGAACGUAUUAAGGGUUGCGA
AAGUGUCGCAACCCGAGAUCGUUCCUCUCUCGGGUUGCGACACUUUCGCUUCCUCAAGUAAAGAGU
;
H
5 'polydeoxyribonucleotide'
;(DT)(DT)(DG)(DA)(DG)(DG)(DA)(DA)(DG)(DC)(DG)(DA)(DA)(DA)(DG)(DT)(DG)(DT)(DC)(DG)
(DC)(DA)(DA)(DC)(DC)(DC)(DG)(DA)(DG)(DA)(DG)(DA)(DG)(DG)(DA)(DA)(DC)(DG)(DA)(DT)
(DC)(DT)(DC)(DG)(DG)(DG)(DT)(DT)(DG)(DC)(DG)(DA)(DC)(DA)(DC)(DT)(DT)(DT)(DC)(DG)
(DC)(DA)(DA)(DC)(DC)(DC)(DT)(DT)(DA)(DA)(DT)(DA)(DC)(DG)(DT)(DT)(DC)
;
I
#
loop_
_chem_comp.id
_chem_comp.type
_chem_comp.name
_chem_comp.formula
A RNA linking ADENOSINE-5'-MONOPHOSPHATE 'C10 H14 N5 O7 P'
ADP non-polymer ADENOSINE-5'-DIPHOSPHATE 'C10 H15 N5 O10 P2'
C RNA linking CYTIDINE-5'-MONOPHOSPHATE 'C9 H14 N3 O8 P'
DA DNA linking 2'-DEOXYADENOSINE-5'-MONOPHOSPHATE 'C10 H14 N5 O6 P'
DC DNA linking 2'-DEOXYCYTIDINE-5'-MONOPHOSPHATE 'C9 H14 N3 O7 P'
DG DNA linking 2'-DEOXYGUANOSINE-5'-MONOPHOSPHATE 'C10 H14 N5 O7 P'
DT DNA linking THYMIDINE-5'-MONOPHOSPHATE 'C10 H15 N2 O8 P'
G RNA linking GUANOSINE-5'-MONOPHOSPHATE 'C10 H14 N5 O8 P'
MG non-polymer 'MAGNESIUM ION' 'Mg 2'
U RNA linking URIDINE-5'-MONOPHOSPHATE 'C9 H13 N2 O9 P'
ZN non-polymer 'ZINC ION' 'Zn 2'
#
# COMPACT_ATOMS: atom_id res chain seq x y z
N SER A 13 37.88 -63.58 3.60
CA SER A 13 39.37 -63.44 3.59
C SER A 13 39.81 -62.19 4.37
N VAL A 14 39.24 -61.01 4.03
CA VAL A 14 39.47 -59.77 4.78
C VAL A 14 39.26 -60.03 6.27
N ILE A 15 38.23 -60.82 6.62
CA ILE A 15 37.89 -61.12 8.00
C ILE A 15 39.01 -61.89 8.65
N ARG A 16 39.53 -62.90 7.95
CA ARG A 16 40.58 -63.74 8.49
C ARG A 16 41.84 -62.91 8.75
N GLY A 17 42.19 -62.03 7.80
CA GLY A 17 43.33 -61.13 7.96
C GLY A 17 43.19 -60.23 9.17
N LEU A 18 42.02 -59.63 9.33
CA LEU A 18 41.76 -58.72 10.44
C LEU A 18 41.81 -59.46 11.76
N ALA A 19 41.17 -60.64 11.82
CA ALA A 19 41.13 -61.46 13.01
C ALA A 19 42.54 -61.80 13.48
N ALA A 20 43.42 -62.15 12.53
CA ALA A 20 44.81 -62.48 12.82
C ALA A 20 45.53 -61.29 13.44
N VAL A 21 45.36 -60.10 12.84
CA VAL A 21 46.06 -58.89 13.26
C VAL A 21 45.56 -58.49 14.64
N LEU A 22 44.24 -58.57 14.85
CA LEU A 22 43.64 -58.07 16.07
C LEU A 22 43.57 -59.17 17.13
N ARG A 23 44.02 -60.41 16.81
CA ARG A 23 44.00 -61.53 17.74
C ARG A 23 42.58 -61.72 18.28
N GLN A 24 41.61 -61.79 17.35
CA GLN A 24 40.20 -62.02 17.66
C GLN A 24 39.68 -63.15 16.76
N SER A 25 38.50 -63.70 17.07
CA SER A 25 37.91 -64.75 16.25
C SER A 25 37.24 -64.14 15.01
N ASP A 26 37.25 -64.90 13.92
CA ASP A 26 36.54 -64.52 12.71
C ASP A 26 35.09 -64.16 13.05
N SER A 27 34.47 -64.95 13.92
CA SER A 27 33.07 -64.78 14.27
C SER A 27 32.85 -63.45 14.97
N ASP A 28 33.74 -63.07 15.91
CA ASP A 28 33.50 -61.83 16.64
C ASP A 28 33.74 -60.62 15.73
N ILE A 29 34.70 -60.69 14.79
CA ILE A 29 34.90 -59.61 13.83
C ILE A 29 33.64 -59.46 12.99
N SER A 30 33.15 -60.59 12.44
CA SER A 30 32.01 -60.58 11.53
C SER A 30 30.76 -60.03 12.23
N ALA A 31 30.55 -60.46 13.47
CA ALA A 31 29.41 -60.00 14.25
C ALA A 31 29.47 -58.49 14.46
N PHE A 32 30.66 -57.96 14.79
CA PHE A 32 30.86 -56.55 15.06
C PHE A 32 30.53 -55.71 13.82
N LEU A 33 30.90 -56.23 12.65
CA LEU A 33 30.83 -55.48 11.41
C LEU A 33 29.39 -55.32 10.92
N VAL A 34 28.48 -56.16 11.42
CA VAL A 34 27.10 -56.13 10.96
C VAL A 34 26.53 -54.71 11.12
N THR A 35 26.81 -54.04 12.25
CA THR A 35 26.25 -52.72 12.54
C THR A 35 27.34 -51.66 12.63
N ALA A 36 28.54 -51.96 12.09
CA ALA A 36 29.70 -51.09 12.17
C ALA A 36 29.39 -49.71 11.59
N PRO A 37 28.67 -49.58 10.45
CA PRO A 37 28.39 -48.24 9.91
C PRO A 37 27.62 -47.31 10.84
N ARG A 38 27.02 -47.84 11.92
CA ARG A 38 26.28 -47.03 12.85
C ARG A 38 27.08 -46.74 14.11
N LYS A 39 28.32 -47.26 14.21
CA LYS A 39 29.06 -47.16 15.45
C LYS A 39 29.96 -45.92 15.43
N TYR A 40 29.34 -44.74 15.33
CA TYR A 40 30.05 -43.46 15.25
C TYR A 40 29.47 -42.53 16.32
N LYS A 41 30.34 -41.81 17.01
CA LYS A 41 29.92 -40.75 17.90
C LYS A 41 29.98 -39.42 17.15
N VAL A 42 28.91 -38.62 17.24
CA VAL A 42 28.85 -37.35 16.52
C VAL A 42 29.00 -36.21 17.53
N TYR A 43 29.84 -35.22 17.22
CA TYR A 43 30.05 -34.07 18.08
C TYR A 43 30.41 -32.85 17.26
N LYS A 44 30.37 -31.67 17.90
CA LYS A 44 30.65 -30.42 17.22
C LYS A 44 31.95 -29.78 17.71
N ILE A 45 32.73 -29.22 16.77
CA ILE A 45 33.96 -28.52 17.09
C ILE A 45 33.81 -27.07 16.64
N PRO A 46 34.11 -26.09 17.52
CA PRO A 46 33.91 -24.70 17.18
C PRO A 46 34.82 -24.28 16.05
N LYS A 47 34.27 -23.53 15.09
CA LYS A 47 35.07 -22.84 14.10
C LYS A 47 35.83 -21.67 14.72
N ARG A 48 36.83 -21.15 14.00
CA ARG A 48 37.68 -20.06 14.49
C ARG A 48 36.96 -18.73 14.50
N THR A 49 35.90 -18.56 13.69
CA THR A 49 35.00 -17.40 13.78
C THR A 49 33.69 -17.85 14.43
N THR A 50 32.57 -17.85 13.70
CA THR A 50 31.28 -18.15 14.29
C THR A 50 30.85 -19.51 13.73
N GLY A 51 30.31 -20.37 14.61
CA GLY A 51 29.65 -21.58 14.17
C GLY A 51 30.43 -22.82 14.59
N PHE A 52 30.04 -23.97 14.03
CA PHE A 52 30.61 -25.24 14.42
C PHE A 52 30.82 -26.13 13.21
N ARG A 53 31.78 -27.05 13.28
CA ARG A 53 31.87 -28.17 12.36
C ARG A 53 31.35 -29.43 13.03
N VAL A 54 30.63 -30.28 12.27
CA VAL A 54 30.11 -31.54 12.79
C VAL A 54 31.09 -32.68 12.43
N ILE A 55 31.52 -33.46 13.44
CA ILE A 55 32.51 -34.52 13.29
C ILE A 55 31.88 -35.84 13.74
N ALA A 56 32.16 -36.94 13.01
CA ALA A 56 31.66 -38.27 13.34
C ALA A 56 32.84 -39.22 13.52
N GLN A 57 33.13 -39.58 14.77
CA GLN A 57 34.26 -40.46 15.08
C GLN A 57 33.79 -41.91 15.29
N PRO A 58 34.41 -42.94 14.65
CA PRO A 58 34.04 -44.33 14.92
C PRO A 58 34.30 -44.72 16.38
N ALA A 59 33.51 -45.68 16.86
CA ALA A 59 33.76 -46.27 18.18
C ALA A 59 35.13 -46.96 18.20
N LYS A 60 35.68 -47.15 19.40
CA LYS A 60 37.04 -47.66 19.58
C LYS A 60 37.26 -48.98 18.83
N GLY A 61 36.36 -49.95 19.02
CA GLY A 61 36.45 -51.23 18.36
C GLY A 61 36.58 -51.10 16.85
N LEU A 62 35.78 -50.18 16.29
CA LEU A 62 35.79 -49.95 14.86
C LEU A 62 37.07 -49.28 14.41
N LYS A 63 37.58 -48.32 15.20
CA LYS A 63 38.84 -47.67 14.87
C LYS A 63 39.96 -48.68 14.73
N ASP A 64 40.01 -49.63 15.67
CA ASP A 64 41.02 -50.69 15.64
C ASP A 64 40.94 -51.50 14.36
N ILE A 65 39.71 -51.84 13.96
CA ILE A 65 39.51 -52.59 12.74
C ILE A 65 39.97 -51.76 11.54
N GLN A 66 39.59 -50.48 11.52
CA GLN A 66 39.93 -49.60 10.40
C GLN A 66 41.44 -49.49 10.25
N ARG A 67 42.14 -49.30 11.37
CA ARG A 67 43.59 -49.20 11.34
C ARG A 67 44.21 -50.51 10.84
N ALA A 68 43.68 -51.64 11.31
CA ALA A 68 44.16 -52.94 10.88
C ALA A 68 43.98 -53.09 9.37
N PHE A 69 42.83 -52.65 8.85
CA PHE A 69 42.55 -52.77 7.44
C PHE A 69 43.60 -52.00 6.64
N VAL A 70 43.85 -50.76 7.05
CA VAL A 70 44.77 -49.88 6.34
C VAL A 70 46.18 -50.47 6.39
N GLN A 71 46.55 -51.08 7.53
CA GLN A 71 47.82 -51.78 7.66
C GLN A 71 47.92 -52.93 6.67
N LEU A 72 46.85 -53.72 6.53
CA LEU A 72 46.88 -54.94 5.73
C LEU A 72 46.89 -54.63 4.24
N TYR A 73 46.22 -53.55 3.83
CA TYR A 73 46.01 -53.30 2.41
C TYR A 73 46.62 -51.95 2.04
N SER A 74 47.68 -52.01 1.22
CA SER A 74 48.34 -50.81 0.72
C SER A 74 47.64 -50.36 -0.56
N LEU A 75 47.06 -49.16 -0.56
CA LEU A 75 46.42 -48.59 -1.74
C LEU A 75 47.35 -47.55 -2.34
N PRO A 76 47.43 -47.40 -3.69
CA PRO A 76 48.34 -46.44 -4.28
C PRO A 76 47.94 -44.98 -4.00
N VAL A 77 48.96 -44.12 -3.88
CA VAL A 77 48.80 -42.70 -3.58
C VAL A 77 49.82 -41.95 -4.45
N HIS A 78 49.36 -40.89 -5.13
CA HIS A 78 50.22 -40.10 -5.99
C HIS A 78 51.18 -39.23 -5.16
N ASP A 79 52.34 -38.91 -5.72
CA ASP A 79 53.33 -38.08 -5.05
C ASP A 79 52.88 -36.63 -4.84
N ALA A 80 52.02 -36.11 -5.72
CA ALA A 80 51.43 -34.79 -5.56
C ALA A 80 50.51 -34.70 -4.35
N SER A 81 50.04 -35.84 -3.81
CA SER A 81 49.23 -35.85 -2.59
C SER A 81 50.12 -35.59 -1.39
N MET A 82 49.89 -34.47 -0.71
CA MET A 82 50.76 -34.05 0.37
C MET A 82 50.14 -34.36 1.73
N ALA A 83 48.81 -34.49 1.81
CA ALA A 83 48.16 -34.68 3.09
C ALA A 83 48.23 -36.14 3.51
N TYR A 84 48.42 -36.40 4.81
CA TYR A 84 48.31 -37.71 5.43
C TYR A 84 49.42 -38.64 4.94
N MET A 85 50.55 -38.07 4.53
CA MET A 85 51.64 -38.84 3.97
C MET A 85 52.76 -38.82 5.00
N LYS A 86 53.32 -40.00 5.23
CA LYS A 86 54.44 -40.14 6.15
C LYS A 86 55.61 -39.29 5.65
N GLY A 87 56.13 -38.45 6.54
CA GLY A 87 57.31 -37.65 6.25
C GLY A 87 57.03 -36.43 5.40
N LYS A 88 55.77 -36.11 5.10
CA LYS A 88 55.43 -34.93 4.30
C LYS A 88 54.45 -34.08 5.09
N GLY A 89 54.31 -32.79 4.71
CA GLY A 89 53.31 -31.96 5.33
C GLY A 89 53.08 -30.64 4.62
N ILE A 90 52.56 -29.70 5.40
CA ILE A 90 52.19 -28.40 4.88
C ILE A 90 53.44 -27.63 4.45
N ARG A 91 54.60 -27.87 5.10
CA ARG A 91 55.83 -27.20 4.71
C ARG A 91 56.24 -27.63 3.30
N ASP A 92 56.22 -28.95 3.06
CA ASP A 92 56.59 -29.51 1.77
C ASP A 92 55.63 -29.01 0.70
N ASN A 93 54.35 -28.96 1.04
CA ASN A 93 53.33 -28.50 0.13
C ASN A 93 53.62 -27.05 -0.28
N ALA A 94 53.84 -26.17 0.69
CA ALA A 94 54.09 -24.76 0.42
C ALA A 94 55.39 -24.58 -0.36
N ALA A 95 56.43 -25.34 0.01
CA ALA A 95 57.75 -25.25 -0.61
C ALA A 95 57.70 -25.56 -2.10
N ALA A 96 56.82 -26.50 -2.48
CA ALA A 96 56.64 -26.85 -3.88
C ALA A 96 56.26 -25.65 -4.75
N HIS A 97 55.63 -24.62 -4.18
CA HIS A 97 55.12 -23.51 -4.96
C HIS A 97 55.91 -22.22 -4.73
N ALA A 98 56.92 -22.24 -3.84
CA ALA A 98 57.56 -21.02 -3.36
C ALA A 98 58.35 -20.32 -4.47
N GLY A 99 58.91 -21.09 -5.41
CA GLY A 99 59.68 -20.50 -6.50
C GLY A 99 58.86 -19.91 -7.64
N ASN A 100 57.52 -20.07 -7.67
CA ASN A 100 56.72 -19.63 -8.80
C ASN A 100 56.00 -18.34 -8.46
N GLN A 101 55.81 -17.47 -9.46
CA GLN A 101 55.30 -16.14 -9.18
C GLN A 101 53.77 -16.13 -9.24
N TYR A 102 53.15 -16.96 -10.08
CA TYR A 102 51.69 -16.97 -10.20
C TYR A 102 51.14 -18.19 -9.48
N LEU A 103 50.00 -17.99 -8.79
CA LEU A 103 49.42 -19.04 -7.98
C LEU A 103 47.92 -19.16 -8.25
N LEU A 104 47.41 -20.40 -8.29
CA LEU A 104 45.98 -20.70 -8.38
C LEU A 104 45.60 -21.74 -7.32
N LYS A 105 44.50 -21.47 -6.63
CA LYS A 105 43.95 -22.38 -5.65
C LYS A 105 42.55 -22.81 -6.08
N ALA A 106 42.28 -24.11 -5.95
CA ALA A 106 40.96 -24.66 -6.14
C ALA A 106 40.62 -25.61 -4.99
N ASP A 107 39.32 -25.81 -4.74
CA ASP A 107 38.81 -26.57 -3.61
C ASP A 107 37.69 -27.49 -4.08
N LEU A 108 37.65 -28.71 -3.55
CA LEU A 108 36.58 -29.66 -3.84
C LEU A 108 35.48 -29.56 -2.80
N GLU A 109 34.23 -29.68 -3.23
CA GLU A 109 33.08 -29.49 -2.36
C GLU A 109 32.77 -30.78 -1.60
N ASP A 110 32.49 -30.67 -0.29
CA ASP A 110 32.05 -31.78 0.55
C ASP A 110 32.90 -33.04 0.32
N PHE A 111 34.22 -32.86 0.30
CA PHE A 111 35.12 -33.84 -0.28
C PHE A 111 34.88 -35.22 0.33
N PHE A 112 35.00 -35.36 1.66
CA PHE A 112 34.94 -36.69 2.29
C PHE A 112 33.54 -37.28 2.13
N ASN A 113 32.51 -36.49 2.38
CA ASN A 113 31.14 -36.96 2.32
C ASN A 113 30.66 -37.20 0.88
N SER A 114 31.40 -36.76 -0.13
CA SER A 114 31.11 -37.07 -1.51
C SER A 114 31.60 -38.46 -1.90
N ILE A 115 32.49 -39.09 -1.10
CA ILE A 115 33.07 -40.37 -1.48
C ILE A 115 32.17 -41.47 -0.92
N THR A 116 31.58 -42.27 -1.84
CA THR A 116 30.64 -43.34 -1.52
C THR A 116 31.27 -44.68 -1.84
N PRO A 117 30.70 -45.82 -1.34
CA PRO A 117 31.15 -47.14 -1.76
C PRO A 117 31.26 -47.31 -3.27
N ALA A 118 30.29 -46.76 -4.00
CA ALA A 118 30.28 -46.83 -5.46
C ALA A 118 31.55 -46.23 -6.05
N ILE A 119 31.94 -45.05 -5.56
CA ILE A 119 33.13 -44.38 -6.04
C ILE A 119 34.35 -45.23 -5.71
N PHE A 120 34.39 -45.73 -4.48
CA PHE A 120 35.53 -46.51 -4.03
C PHE A 120 35.75 -47.71 -4.94
N TRP A 121 34.68 -48.47 -5.22
CA TRP A 121 34.80 -49.69 -6.00
C TRP A 121 35.11 -49.38 -7.45
N ARG A 122 34.55 -48.28 -7.96
CA ARG A 122 34.88 -47.82 -9.31
C ARG A 122 36.38 -47.55 -9.41
N CYS A 123 36.95 -46.87 -8.39
CA CYS A 123 38.37 -46.56 -8.38
C CYS A 123 39.21 -47.82 -8.34
N ILE A 124 38.77 -48.82 -7.54
CA ILE A 124 39.47 -50.10 -7.47
C ILE A 124 39.51 -50.71 -8.87
N GLU A 125 38.36 -50.74 -9.55
CA GLU A 125 38.21 -51.32 -10.88
C GLU A 125 39.11 -50.59 -11.88
N MET A 126 39.12 -49.26 -11.80
CA MET A 126 39.78 -48.44 -12.81
C MET A 126 41.29 -48.43 -12.60
N SER A 127 41.75 -48.66 -11.36
CA SER A 127 43.11 -48.29 -10.95
C SER A 127 44.17 -48.93 -11.84
N SER A 128 45.20 -48.13 -12.20
CA SER A 128 46.32 -48.57 -13.04
C SER A 128 47.38 -49.27 -12.18
N ALA A 129 47.80 -48.62 -11.07
CA ALA A 129 48.77 -49.18 -10.12
C ALA A 129 48.15 -50.36 -9.37
N GLN A 130 49.00 -51.20 -8.75
CA GLN A 130 48.61 -52.54 -8.31
C GLN A 130 47.70 -52.46 -7.08
N THR A 131 46.39 -52.60 -7.33
CA THR A 131 45.38 -52.53 -6.28
C THR A 131 45.18 -53.92 -5.66
N PRO A 132 44.90 -54.01 -4.34
CA PRO A 132 44.53 -55.29 -3.76
C PRO A 132 43.26 -55.82 -4.40
N GLN A 133 43.20 -57.15 -4.53
CA GLN A 133 42.07 -57.82 -5.13
C GLN A 133 41.21 -58.31 -3.99
N PHE A 134 39.91 -57.99 -4.05
CA PHE A 134 39.01 -58.41 -3.01
C PHE A 134 38.00 -59.39 -3.60
N GLU A 135 37.71 -60.42 -2.81
CA GLU A 135 36.66 -61.36 -3.16
C GLU A 135 35.31 -60.65 -3.05
N PRO A 136 34.33 -60.96 -3.94
CA PRO A 136 33.01 -60.34 -3.85
C PRO A 136 32.35 -60.43 -2.48
N GLN A 137 32.57 -61.56 -1.79
CA GLN A 137 32.05 -61.79 -0.44
C GLN A 137 32.59 -60.78 0.56
N ASP A 138 33.82 -60.29 0.32
CA ASP A 138 34.47 -59.37 1.22
C ASP A 138 34.02 -57.93 1.00
N LYS A 139 33.41 -57.64 -0.15
CA LYS A 139 33.09 -56.28 -0.51
C LYS A 139 32.13 -55.66 0.50
N LEU A 140 31.15 -56.44 0.95
CA LEU A 140 30.16 -55.95 1.89
C LEU A 140 30.82 -55.59 3.23
N PHE A 141 31.76 -56.43 3.69
CA PHE A 141 32.45 -56.16 4.94
C PHE A 141 33.31 -54.92 4.84
N ILE A 142 33.97 -54.74 3.69
CA ILE A 142 34.82 -53.59 3.48
C ILE A 142 33.97 -52.32 3.55
N GLU A 143 32.80 -52.32 2.94
CA GLU A 143 31.92 -51.17 2.97
C GLU A 143 31.53 -50.82 4.40
N LYS A 144 31.32 -51.86 5.22
CA LYS A 144 30.93 -51.68 6.60
C LYS A 144 32.09 -51.16 7.44
N ILE A 145 33.31 -51.49 7.04
CA ILE A 145 34.51 -51.05 7.75
C ILE A 145 34.71 -49.55 7.47
N LEU A 146 34.58 -49.14 6.21
CA LEU A 146 35.14 -47.88 5.76
C LEU A 146 34.11 -46.77 5.75
N PHE A 147 32.80 -47.08 5.68
CA PHE A 147 31.83 -46.03 5.39
C PHE A 147 30.83 -45.93 6.53
N TRP A 148 30.42 -44.70 6.81
CA TRP A 148 29.53 -44.35 7.92
C TRP A 148 28.12 -44.19 7.38
N GLN A 149 27.11 -44.57 8.18
CA GLN A 149 25.70 -44.39 7.86
C GLN A 149 25.15 -43.21 8.65
N PRO A 150 25.12 -41.97 8.11
CA PRO A 150 24.60 -40.83 8.87
C PRO A 150 23.14 -40.96 9.31
N ILE A 151 22.27 -41.53 8.45
CA ILE A 151 20.83 -41.57 8.67
C ILE A 151 20.48 -43.03 9.01
N LYS A 152 20.01 -43.25 10.26
CA LYS A 152 19.63 -44.54 10.79
C LYS A 152 18.64 -45.27 9.87
N ARG A 153 17.64 -44.53 9.37
CA ARG A 153 16.53 -45.10 8.64
C ARG A 153 16.89 -45.38 7.19
N ARG A 154 17.94 -44.71 6.68
CA ARG A 154 18.33 -44.84 5.28
C ARG A 154 19.60 -45.68 5.24
N LYS A 155 19.43 -47.00 5.07
CA LYS A 155 20.56 -47.92 5.07
C LYS A 155 21.39 -47.77 3.80
N THR A 156 20.88 -47.04 2.81
CA THR A 156 21.47 -47.04 1.49
C THR A 156 22.49 -45.91 1.35
N LYS A 157 22.58 -44.96 2.31
CA LYS A 157 23.48 -43.82 2.18
C LYS A 157 24.72 -44.04 3.05
N LEU A 158 25.82 -44.53 2.46
CA LEU A 158 27.10 -44.71 3.14
C LEU A 158 28.10 -43.72 2.56
N ILE A 159 28.83 -43.03 3.45
CA ILE A 159 29.77 -42.00 3.02
C ILE A 159 31.01 -42.07 3.92
N LEU A 160 32.14 -41.59 3.39
CA LEU A 160 33.32 -41.41 4.21
C LEU A 160 33.10 -40.27 5.20
N SER A 161 33.61 -40.45 6.42
CA SER A 161 33.63 -39.44 7.47
C SER A 161 35.07 -38.97 7.67
N VAL A 162 35.32 -37.65 7.72
CA VAL A 162 36.64 -37.11 7.99
C VAL A 162 37.23 -37.71 9.28
N GLY A 163 36.40 -37.92 10.32
CA GLY A 163 36.86 -38.30 11.64
C GLY A 163 37.34 -39.75 11.76
N ALA A 164 37.19 -40.58 10.71
CA ALA A 164 37.62 -41.97 10.75
C ALA A 164 39.09 -42.10 10.38
N PRO A 165 39.89 -42.97 11.05
CA PRO A 165 41.28 -43.17 10.69
C PRO A 165 41.56 -43.74 9.30
N SER A 166 40.58 -44.41 8.69
CA SER A 166 40.77 -44.96 7.36
C SER A 166 40.47 -43.95 6.25
N SER A 167 39.68 -42.90 6.57
CA SER A 167 39.20 -41.93 5.58
C SER A 167 40.34 -41.24 4.84
N PRO A 168 41.43 -40.77 5.51
CA PRO A 168 42.55 -40.21 4.77
C PRO A 168 43.11 -41.08 3.65
N VAL A 169 43.31 -42.36 3.96
CA VAL A 169 43.95 -43.29 3.03
C VAL A 169 43.01 -43.51 1.86
N ILE A 170 41.74 -43.72 2.17
CA ILE A 170 40.77 -44.06 1.13
C ILE A 170 40.61 -42.85 0.22
N SER A 171 40.50 -41.65 0.82
CA SER A 171 40.33 -40.45 0.03
C SER A 171 41.52 -40.21 -0.92
N ASN A 172 42.75 -40.39 -0.43
CA ASN A 172 43.93 -40.24 -1.26
C ASN A 172 43.95 -41.25 -2.41
N PHE A 173 43.52 -42.46 -2.11
CA PHE A 173 43.46 -43.48 -3.13
C PHE A 173 42.43 -43.10 -4.20
N CYS A 174 41.24 -42.69 -3.77
CA CYS A 174 40.19 -42.31 -4.71
C CYS A 174 40.64 -41.19 -5.65
N MET A 175 41.61 -40.37 -5.22
CA MET A 175 42.09 -39.26 -6.02
C MET A 175 43.33 -39.62 -6.83
N TYR A 176 43.75 -40.89 -6.78
CA TYR A 176 45.02 -41.30 -7.36
C TYR A 176 45.01 -41.01 -8.87
N GLU A 177 43.99 -41.51 -9.57
CA GLU A 177 43.94 -41.37 -11.01
C GLU A 177 43.79 -39.91 -11.40
N PHE A 178 42.96 -39.17 -10.64
CA PHE A 178 42.79 -37.73 -10.84
C PHE A 178 44.14 -37.03 -10.78
N ASP A 179 44.90 -37.32 -9.73
CA ASP A 179 46.20 -36.71 -9.53
C ASP A 179 47.16 -37.06 -10.66
N ASN A 180 47.11 -38.31 -11.13
CA ASN A 180 47.97 -38.75 -12.22
C ASN A 180 47.74 -37.88 -13.45
N ARG A 181 46.47 -37.74 -13.82
CA ARG A 181 46.11 -37.13 -15.09
C ARG A 181 46.46 -35.64 -15.02
N ILE A 182 46.06 -34.99 -13.93
CA ILE A 182 46.22 -33.54 -13.86
C ILE A 182 47.69 -33.21 -13.70
N HIS A 183 48.43 -34.01 -12.94
CA HIS A 183 49.86 -33.80 -12.80
C HIS A 183 50.54 -33.83 -14.15
N ALA A 184 50.25 -34.87 -14.96
CA ALA A 184 50.84 -35.04 -16.27
C ALA A 184 50.50 -33.86 -17.18
N ALA A 185 49.24 -33.43 -17.17
CA ALA A 185 48.77 -32.32 -17.99
C ALA A 185 49.50 -31.03 -17.62
N CYS A 186 49.66 -30.78 -16.32
CA CYS A 186 50.28 -29.58 -15.81
C CYS A 186 51.76 -29.55 -16.15
N LYS A 187 52.41 -30.73 -16.09
CA LYS A 187 53.84 -30.79 -16.34
C LYS A 187 54.17 -30.37 -17.77
N LYS A 188 53.28 -30.65 -18.73
CA LYS A 188 53.50 -30.30 -20.12
C LYS A 188 53.52 -28.78 -20.35
N VAL A 189 52.84 -28.01 -19.49
CA VAL A 189 52.70 -26.56 -19.65
C VAL A 189 53.47 -25.86 -18.51
N GLU A 190 54.38 -26.56 -17.81
CA GLU A 190 55.23 -26.00 -16.77
C GLU A 190 54.40 -25.42 -15.60
N ILE A 191 53.39 -26.17 -15.15
CA ILE A 191 52.64 -25.79 -13.97
C ILE A 191 53.00 -26.78 -12.86
N THR A 192 53.32 -26.26 -11.66
CA THR A 192 53.52 -27.10 -10.49
C THR A 192 52.16 -27.39 -9.86
N TYR A 193 51.89 -28.66 -9.51
CA TYR A 193 50.63 -29.09 -8.92
C TYR A 193 50.87 -29.90 -7.65
N THR A 194 50.14 -29.57 -6.58
CA THR A 194 50.09 -30.38 -5.37
C THR A 194 48.66 -30.41 -4.83
N ARG A 195 48.32 -31.48 -4.09
CA ARG A 195 47.02 -31.57 -3.43
C ARG A 195 47.22 -31.85 -1.95
N TYR A 196 46.57 -31.04 -1.12
CA TYR A 196 46.46 -31.31 0.30
C TYR A 196 45.00 -31.61 0.63
N ALA A 197 44.63 -32.90 0.69
CA ALA A 197 43.26 -33.34 0.90
C ALA A 197 42.33 -32.74 -0.17
N ASP A 198 41.42 -31.83 0.17
CA ASP A 198 40.48 -31.24 -0.79
C ASP A 198 41.03 -29.96 -1.40
N ASP A 199 42.23 -29.52 -1.01
CA ASP A 199 42.83 -28.26 -1.43
C ASP A 199 43.81 -28.52 -2.58
N LEU A 200 43.56 -27.94 -3.76
CA LEU A 200 44.41 -28.08 -4.93
C LEU A 200 45.17 -26.76 -5.14
N THR A 201 46.48 -26.85 -5.42
CA THR A 201 47.32 -25.67 -5.61
C THR A 201 48.08 -25.81 -6.92
N PHE A 202 48.09 -24.74 -7.70
CA PHE A 202 48.78 -24.68 -8.99
C PHE A 202 49.63 -23.41 -9.02
N SER A 203 50.87 -23.52 -9.51
CA SER A 203 51.75 -22.36 -9.57
C SER A 203 52.62 -22.42 -10.82
N SER A 204 53.01 -21.26 -11.35
CA SER A 204 53.79 -21.18 -12.58
C SER A 204 54.51 -19.85 -12.66
N ASN A 205 55.61 -19.80 -13.45
CA ASN A 205 56.27 -18.55 -13.79
C ASN A 205 55.81 -18.00 -15.14
N ILE A 206 54.95 -18.72 -15.85
CA ILE A 206 54.50 -18.28 -17.14
C ILE A 206 53.17 -17.54 -16.99
N PRO A 207 53.03 -16.29 -17.47
CA PRO A 207 51.75 -15.62 -17.42
C PRO A 207 50.66 -16.27 -18.26
N ASP A 208 49.43 -16.36 -17.70
CA ASP A 208 48.21 -16.69 -18.41
C ASP A 208 47.99 -18.18 -18.63
N VAL A 209 48.98 -19.04 -18.31
CA VAL A 209 48.75 -20.48 -18.46
C VAL A 209 47.75 -20.97 -17.41
N LEU A 210 47.66 -20.33 -16.23
CA LEU A 210 46.85 -20.83 -15.13
C LEU A 210 45.35 -20.64 -15.40
N LYS A 211 44.98 -19.72 -16.31
CA LYS A 211 43.59 -19.43 -16.63
C LYS A 211 42.82 -20.65 -17.17
N ALA A 212 43.52 -21.58 -17.84
CA ALA A 212 42.87 -22.73 -18.46
C ALA A 212 42.61 -23.86 -17.48
N VAL A 213 43.30 -23.84 -16.32
CA VAL A 213 43.31 -24.96 -15.40
C VAL A 213 41.90 -25.22 -14.87
N PRO A 214 41.11 -24.22 -14.38
CA PRO A 214 39.80 -24.54 -13.82
C PRO A 214 38.87 -25.35 -14.73
N SER A 215 38.82 -24.96 -16.02
CA SER A 215 38.00 -25.66 -17.00
C SER A 215 38.48 -27.10 -17.16
N THR A 216 39.81 -27.28 -17.21
CA THR A 216 40.39 -28.60 -17.30
C THR A 216 39.94 -29.46 -16.12
N LEU A 217 39.91 -28.88 -14.93
CA LEU A 217 39.55 -29.61 -13.73
C LEU A 217 38.11 -30.11 -13.79
N GLU A 218 37.19 -29.25 -14.22
CA GLU A 218 35.77 -29.58 -14.27
C GLU A 218 35.51 -30.77 -15.20
N VAL A 219 36.17 -30.76 -16.36
CA VAL A 219 36.04 -31.82 -17.35
C VAL A 219 36.54 -33.13 -16.75
N LEU A 220 37.73 -33.07 -16.13
CA LEU A 220 38.34 -34.26 -15.57
C LEU A 220 37.48 -34.83 -14.43
N LEU A 221 36.98 -33.97 -13.57
CA LEU A 221 36.14 -34.43 -12.47
C LEU A 221 34.89 -35.12 -12.99
N LYS A 222 34.26 -34.53 -14.02
CA LYS A 222 33.08 -35.11 -14.62
C LYS A 222 33.40 -36.48 -15.21
N ASP A 223 34.52 -36.57 -15.94
CA ASP A 223 34.97 -37.81 -16.55
C ASP A 223 35.14 -38.91 -15.51
N LEU A 224 35.81 -38.60 -14.39
CA LEU A 224 36.20 -39.62 -13.43
C LEU A 224 35.08 -39.89 -12.43
N PHE A 225 34.35 -38.86 -12.01
CA PHE A 225 33.43 -39.01 -10.89
C PHE A 225 32.00 -38.61 -11.26
N GLY A 226 31.75 -38.20 -12.52
CA GLY A 226 30.44 -37.69 -12.87
C GLY A 226 30.09 -36.44 -12.08
N SER A 227 28.96 -36.49 -11.35
CA SER A 227 28.48 -35.35 -10.59
C SER A 227 28.77 -35.52 -9.09
N ALA A 228 29.54 -36.56 -8.72
CA ALA A 228 29.75 -36.87 -7.31
C ALA A 228 30.75 -35.90 -6.68
N LEU A 229 31.84 -35.57 -7.40
CA LEU A 229 32.84 -34.64 -6.92
C LEU A 229 32.88 -33.41 -7.83
N ARG A 230 32.81 -32.23 -7.20
CA ARG A 230 32.69 -30.99 -7.94
C ARG A 230 33.66 -29.96 -7.37
N LEU A 231 34.04 -29.00 -8.24
CA LEU A 231 34.82 -27.87 -7.81
C LEU A 231 33.93 -26.90 -7.05
N ASN A 232 34.47 -26.32 -5.96
CA ASN A 232 33.86 -25.19 -5.27
C ASN A 232 34.29 -23.90 -5.97
N HIS A 233 33.41 -23.32 -6.78
CA HIS A 233 33.76 -22.19 -7.65
C HIS A 233 34.02 -20.93 -6.85
N SER A 234 33.34 -20.79 -5.70
CA SER A 234 33.59 -19.67 -4.82
C SER A 234 34.99 -19.72 -4.19
N LYS A 235 35.63 -20.90 -4.15
CA LYS A 235 36.92 -21.04 -3.52
C LYS A 235 38.02 -21.15 -4.57
N THR A 236 37.74 -20.75 -5.83
CA THR A 236 38.79 -20.73 -6.84
C THR A 236 39.43 -19.35 -6.82
N VAL A 237 40.74 -19.24 -6.54
CA VAL A 237 41.37 -17.95 -6.30
C VAL A 237 42.67 -17.87 -7.08
N PHE A 238 42.86 -16.78 -7.82
CA PHE A 238 44.12 -16.47 -8.48
C PHE A 238 44.92 -15.48 -7.64
N SER A 239 46.24 -15.65 -7.61
CA SER A 239 47.13 -14.73 -6.91
C SER A 239 48.47 -14.60 -7.63
N SER A 240 49.26 -13.59 -7.25
CA SER A 240 50.59 -13.33 -7.79
C SER A 240 51.46 -12.61 -6.77
N LYS A 241 52.68 -12.25 -7.16
CA LYS A 241 53.56 -11.45 -6.30
C LYS A 241 53.02 -10.03 -6.08
N ALA A 242 52.06 -9.58 -6.88
CA ALA A 242 51.36 -8.32 -6.59
C ALA A 242 50.51 -8.42 -5.33
N HIS A 243 50.13 -9.64 -4.93
CA HIS A 243 49.21 -9.84 -3.84
C HIS A 243 49.79 -10.85 -2.85
N ASN A 244 49.08 -11.04 -1.74
CA ASN A 244 49.33 -12.08 -0.73
C ASN A 244 49.23 -13.47 -1.34
N ARG A 245 50.24 -14.32 -1.12
CA ARG A 245 50.22 -15.70 -1.54
C ARG A 245 50.39 -16.57 -0.30
N HIS A 246 49.44 -17.48 -0.05
CA HIS A 246 49.64 -18.49 0.99
C HIS A 246 49.21 -19.87 0.51
N VAL A 247 49.85 -20.90 1.07
CA VAL A 247 49.60 -22.29 0.71
C VAL A 247 49.51 -23.06 2.03
N THR A 248 48.31 -23.59 2.34
CA THR A 248 48.01 -24.36 3.54
C THR A 248 48.51 -23.65 4.80
N GLY A 249 48.19 -22.37 4.90
CA GLY A 249 48.50 -21.62 6.11
C GLY A 249 49.91 -21.07 6.17
N ILE A 250 50.74 -21.32 5.15
CA ILE A 250 52.10 -20.82 5.14
C ILE A 250 52.16 -19.69 4.11
N THR A 251 52.70 -18.53 4.52
CA THR A 251 52.85 -17.40 3.61
C THR A 251 54.11 -17.62 2.77
N ILE A 252 54.00 -17.33 1.47
CA ILE A 252 55.15 -17.27 0.59
C ILE A 252 55.45 -15.79 0.38
N ASN A 253 56.64 -15.36 0.80
CA ASN A 253 56.98 -13.95 0.71
C ASN A 253 57.53 -13.65 -0.69
N ASN A 254 57.80 -12.37 -0.99
CA ASN A 254 58.26 -11.93 -2.31
C ASN A 254 59.73 -12.27 -2.55
N GLU A 255 60.47 -12.64 -1.49
CA GLU A 255 61.82 -13.18 -1.62
C GLU A 255 61.80 -14.71 -1.88
N GLU A 256 60.61 -15.27 -2.17
CA GLU A 256 60.44 -16.66 -2.59
C GLU A 256 60.76 -17.61 -1.43
N THR A 257 60.55 -17.14 -0.19
CA THR A 257 60.85 -17.91 0.99
C THR A 257 59.52 -18.16 1.71
N LEU A 258 59.47 -19.27 2.45
CA LEU A 258 58.36 -19.55 3.33
C LEU A 258 58.44 -18.63 4.54
N SER A 259 57.27 -18.16 4.97
CA SER A 259 57.15 -17.21 6.07
C SER A 259 55.92 -17.55 6.88
N LEU A 260 55.92 -17.19 8.15
CA LEU A 260 54.73 -17.25 8.99
C LEU A 260 53.79 -16.09 8.68
N GLY A 261 54.28 -15.05 7.99
CA GLY A 261 53.53 -13.84 7.79
C GLY A 261 53.85 -12.81 8.88
N ARG A 262 53.79 -11.54 8.51
CA ARG A 262 54.13 -10.44 9.40
C ARG A 262 53.22 -10.42 10.63
N ASP A 263 51.91 -10.58 10.46
CA ASP A 263 50.97 -10.46 11.57
C ASP A 263 51.20 -11.53 12.63
N ARG A 264 51.41 -12.78 12.20
CA ARG A 264 51.69 -13.84 13.14
C ARG A 264 52.99 -13.59 13.90
N LYS A 265 54.04 -13.14 13.18
CA LYS A 265 55.32 -12.84 13.78
C LYS A 265 55.19 -11.73 14.82
N ARG A 266 54.44 -10.69 14.49
CA ARG A 266 54.24 -9.60 15.43
C ARG A 266 53.47 -10.06 16.66
N PHE A 267 52.51 -10.97 16.48
CA PHE A 267 51.79 -11.54 17.61
C PHE A 267 52.73 -12.33 18.51
N ILE A 268 53.61 -13.14 17.93
CA ILE A 268 54.54 -13.93 18.72
C ILE A 268 55.45 -13.00 19.53
N LYS A 269 55.95 -11.95 18.89
CA LYS A 269 56.81 -10.99 19.57
C LYS A 269 56.08 -10.34 20.74
N HIS A 270 54.81 -10.00 20.52
CA HIS A 270 53.97 -9.50 21.59
C HIS A 270 53.97 -10.47 22.78
N LEU A 271 53.77 -11.77 22.54
CA LEU A 271 53.68 -12.74 23.62
C LEU A 271 55.00 -12.86 24.34
N ILE A 272 56.10 -12.82 23.60
CA ILE A 272 57.41 -12.94 24.19
C ILE A 272 57.65 -11.75 25.10
N ASN A 273 57.30 -10.55 24.64
CA ASN A 273 57.44 -9.33 25.43
C ASN A 273 56.66 -9.44 26.73
N GLN A 274 55.43 -9.96 26.66
CA GLN A 274 54.60 -10.16 27.84
C GLN A 274 55.28 -11.15 28.79
N TYR A 275 55.84 -12.24 28.25
CA TYR A 275 56.54 -13.21 29.06
C TYR A 275 57.75 -12.56 29.75
N LYS A 276 58.51 -11.75 29.01
CA LYS A 276 59.66 -11.04 29.56
C LYS A 276 59.29 -10.28 30.83
N TYR A 277 58.06 -9.74 30.89
CA TYR A 277 57.64 -8.98 32.06
C TYR A 277 56.76 -9.82 32.99
N GLY A 278 56.80 -11.16 32.87
CA GLY A 278 56.06 -12.06 33.74
C GLY A 278 54.54 -11.87 33.68
N LEU A 279 54.01 -11.47 32.51
CA LEU A 279 52.60 -11.17 32.37
C LEU A 279 51.83 -12.31 31.73
N LEU A 280 52.49 -13.34 31.16
CA LEU A 280 51.78 -14.43 30.48
C LEU A 280 51.24 -15.40 31.52
N ASP A 281 49.97 -15.78 31.41
CA ASP A 281 49.46 -16.86 32.23
C ASP A 281 49.98 -18.20 31.69
N ASN A 282 49.76 -19.27 32.46
CA ASN A 282 50.30 -20.57 32.11
C ASN A 282 49.74 -21.07 30.78
N GLU A 283 48.44 -20.84 30.55
CA GLU A 283 47.76 -21.25 29.33
C GLU A 283 48.40 -20.56 28.12
N ASP A 284 48.59 -19.24 28.23
CA ASP A 284 49.19 -18.45 27.16
C ASP A 284 50.64 -18.83 26.96
N LYS A 285 51.32 -19.14 28.06
CA LYS A 285 52.70 -19.56 27.97
C LYS A 285 52.80 -20.85 27.17
N ALA A 286 51.96 -21.84 27.51
CA ALA A 286 51.95 -23.12 26.82
C ALA A 286 51.66 -22.91 25.34
N TYR A 287 50.67 -22.05 25.07
CA TYR A 287 50.35 -21.67 23.72
C TYR A 287 51.59 -21.10 23.01
N LEU A 288 52.29 -20.16 23.64
CA LEU A 288 53.46 -19.55 23.03
C LEU A 288 54.49 -20.61 22.67
N ILE A 289 54.73 -21.53 23.58
CA ILE A 289 55.75 -22.54 23.39
C ILE A 289 55.43 -23.37 22.14
N GLY A 290 54.17 -23.84 22.05
CA GLY A 290 53.73 -24.61 20.90
C GLY A 290 53.92 -23.87 19.59
N LEU A 291 53.59 -22.58 19.59
CA LEU A 291 53.69 -21.78 18.38
C LEU A 291 55.15 -21.59 17.98
N LEU A 292 56.04 -21.47 18.96
CA LEU A 292 57.46 -21.35 18.67
C LEU A 292 58.00 -22.63 18.04
N ALA A 293 57.54 -23.80 18.50
CA ALA A 293 57.94 -25.06 17.89
C ALA A 293 57.55 -25.10 16.42
N PHE A 294 56.31 -24.69 16.12
CA PHE A 294 55.84 -24.61 14.75
C PHE A 294 56.67 -23.60 13.97
N ALA A 295 56.90 -22.42 14.56
CA ALA A 295 57.73 -21.40 13.93
C ALA A 295 59.12 -21.93 13.59
N SER A 296 59.70 -22.71 14.51
CA SER A 296 61.02 -23.30 14.30
C SER A 296 61.00 -24.21 13.07
N HIS A 297 59.88 -24.92 12.85
CA HIS A 297 59.75 -25.83 11.72
C HIS A 297 59.59 -25.09 10.39
N ILE A 298 58.81 -24.01 10.39
CA ILE A 298 58.49 -23.32 9.14
C ILE A 298 59.58 -22.31 8.84
N GLU A 299 59.98 -21.50 9.84
CA GLU A 299 60.89 -20.38 9.65
C GLU A 299 61.95 -20.35 10.75
N PRO A 300 62.97 -21.25 10.73
CA PRO A 300 64.02 -21.25 11.76
C PRO A 300 64.75 -19.92 11.92
N SER A 301 64.93 -19.17 10.83
CA SER A 301 65.52 -17.84 10.86
C SER A 301 64.79 -16.90 11.81
N PHE A 302 63.46 -17.04 11.92
CA PHE A 302 62.68 -16.21 12.83
C PHE A 302 63.12 -16.45 14.27
N ILE A 303 63.40 -17.71 14.63
CA ILE A 303 63.81 -18.05 15.98
C ILE A 303 65.17 -17.41 16.29
N THR A 304 66.06 -17.44 15.30
CA THR A 304 67.36 -16.82 15.42
C THR A 304 67.19 -15.33 15.73
N ARG A 305 66.30 -14.68 14.98
CA ARG A 305 66.09 -13.26 15.16
C ARG A 305 65.52 -12.95 16.55
N MET A 306 64.62 -13.81 17.03
CA MET A 306 64.02 -13.64 18.33
C MET A 306 65.06 -13.81 19.42
N ASN A 307 65.96 -14.78 19.23
CA ASN A 307 67.08 -14.96 20.15
C ASN A 307 67.92 -13.70 20.23
N GLU A 308 68.16 -13.06 19.07
CA GLU A 308 68.96 -11.84 19.01
C GLU A 308 68.22 -10.69 19.70
N LYS A 309 66.92 -10.57 19.41
CA LYS A 309 66.12 -9.46 19.91
C LYS A 309 65.91 -9.58 21.41
N TYR A 310 65.71 -10.80 21.95
CA TYR A 310 65.21 -10.97 23.31
C TYR A 310 66.19 -11.54 24.35
N SER A 311 67.45 -11.84 23.98
CA SER A 311 68.43 -12.55 24.80
C SER A 311 68.15 -14.05 24.76
N LEU A 312 69.19 -14.81 24.33
CA LEU A 312 69.22 -16.26 24.30
C LEU A 312 68.74 -16.83 25.63
N GLU A 313 69.15 -16.20 26.74
CA GLU A 313 68.79 -16.65 28.07
C GLU A 313 67.27 -16.65 28.22
N LEU A 314 66.63 -15.55 27.80
CA LEU A 314 65.18 -15.44 27.97
C LEU A 314 64.49 -16.56 27.21
N MET A 315 64.96 -16.78 25.97
CA MET A 315 64.30 -17.71 25.08
C MET A 315 64.50 -19.14 25.58
N GLU A 316 65.70 -19.43 26.07
CA GLU A 316 65.98 -20.75 26.62
C GLU A 316 65.14 -20.99 27.85
N ARG A 317 65.03 -19.98 28.71
CA ARG A 317 64.20 -20.07 29.90
C ARG A 317 62.79 -20.45 29.50
N LEU A 318 62.29 -19.77 28.45
CA LEU A 318 60.94 -20.00 27.98
C LEU A 318 60.79 -21.44 27.47
N ARG A 319 61.74 -21.89 26.64
CA ARG A 319 61.63 -23.18 25.96
C ARG A 319 62.04 -24.32 26.88
N GLY A 320 62.88 -24.07 27.90
CA GLY A 320 63.24 -25.06 28.90
C GLY A 320 62.08 -25.34 29.84
N THR B 2 36.22 -17.92 24.88
CA THR B 2 37.37 -18.85 24.82
C THR B 2 38.65 -18.04 24.59
N LYS B 3 39.81 -18.65 24.87
CA LYS B 3 41.10 -17.98 24.70
C LYS B 3 41.37 -17.73 23.22
N GLN B 4 40.92 -18.63 22.35
CA GLN B 4 41.13 -18.50 20.91
C GLN B 4 40.39 -17.28 20.37
N TYR B 5 39.13 -17.13 20.77
CA TYR B 5 38.32 -16.00 20.35
C TYR B 5 38.88 -14.70 20.89
N GLU B 6 39.39 -14.73 22.13
CA GLU B 6 39.99 -13.56 22.75
C GLU B 6 41.17 -13.07 21.91
N ARG B 7 42.01 -14.01 21.45
CA ARG B 7 43.18 -13.66 20.68
C ARG B 7 42.78 -13.01 19.36
N LYS B 8 41.82 -13.62 18.67
CA LYS B 8 41.38 -13.11 17.37
C LYS B 8 40.73 -11.74 17.53
N ALA B 9 39.90 -11.62 18.56
CA ALA B 9 39.19 -10.38 18.83
C ALA B 9 40.18 -9.27 19.12
N LYS B 10 41.20 -9.56 19.95
CA LYS B 10 42.22 -8.57 20.26
C LYS B 10 43.10 -8.27 19.04
N GLY B 11 43.19 -9.22 18.10
CA GLY B 11 43.78 -8.93 16.80
C GLY B 11 42.90 -8.08 15.88
N GLY B 12 41.62 -7.83 16.22
CA GLY B 12 40.77 -6.94 15.44
C GLY B 12 39.69 -7.67 14.64
N ASN B 13 39.44 -8.95 14.90
CA ASN B 13 38.44 -9.71 14.19
C ASN B 13 37.06 -9.40 14.78
N LEU B 14 36.11 -8.93 13.95
CA LEU B 14 34.80 -8.46 14.40
C LEU B 14 33.93 -9.64 14.85
N LEU B 15 33.91 -10.74 14.11
CA LEU B 15 33.05 -11.86 14.43
C LEU B 15 33.42 -12.47 15.79
N SER B 16 34.73 -12.58 16.08
CA SER B 16 35.20 -13.11 17.34
C SER B 16 34.79 -12.21 18.49
N ALA B 17 34.95 -10.90 18.30
CA ALA B 17 34.55 -9.94 19.32
C ALA B 17 33.06 -10.08 19.64
N PHE B 18 32.25 -10.28 18.59
CA PHE B 18 30.80 -10.39 18.76
C PHE B 18 30.45 -11.68 19.48
N GLU B 19 31.12 -12.78 19.14
CA GLU B 19 30.87 -14.06 19.78
C GLU B 19 31.14 -13.97 21.29
N LEU B 20 32.22 -13.28 21.67
CA LEU B 20 32.57 -13.08 23.07
C LEU B 20 31.53 -12.23 23.77
N TYR B 21 31.02 -11.21 23.07
CA TYR B 21 29.94 -10.41 23.61
C TYR B 21 28.71 -11.25 23.90
N GLN B 22 28.30 -12.13 22.97
CA GLN B 22 27.11 -12.95 23.12
C GLN B 22 27.23 -13.96 24.26
N ARG B 23 28.42 -14.56 24.45
CA ARG B 23 28.63 -15.57 25.48
C ARG B 23 28.61 -14.96 26.88
N ASN B 24 29.20 -13.76 27.01
CA ASN B 24 29.26 -13.01 28.28
C ASN B 24 28.06 -12.06 28.39
N SER B 25 26.85 -12.54 28.00
CA SER B 25 25.62 -11.77 28.11
C SER B 25 24.44 -12.72 28.37
N GLY B 37 30.97 -5.62 27.97
CA GLY B 37 31.26 -4.17 28.03
C GLY B 37 32.39 -3.80 27.06
N GLU B 38 33.58 -4.34 27.31
CA GLU B 38 34.75 -4.20 26.46
C GLU B 38 34.45 -4.67 25.03
N TRP B 39 33.88 -5.88 24.91
CA TRP B 39 33.66 -6.51 23.62
C TRP B 39 32.54 -5.79 22.88
N PHE B 40 31.51 -5.37 23.62
CA PHE B 40 30.45 -4.59 23.02
C PHE B 40 31.03 -3.33 22.39
N GLU B 41 31.92 -2.65 23.14
CA GLU B 41 32.49 -1.41 22.67
C GLU B 41 33.35 -1.65 21.44
N MET B 42 34.06 -2.77 21.40
CA MET B 42 34.85 -3.14 20.23
C MET B 42 33.96 -3.24 19.00
N CYS B 43 32.84 -3.95 19.13
CA CYS B 43 31.95 -4.16 18.00
C CYS B 43 31.38 -2.83 17.55
N ARG B 44 30.93 -2.02 18.52
CA ARG B 44 30.31 -0.77 18.18
C ARG B 44 31.32 0.20 17.57
N ASP B 45 32.57 0.22 18.05
CA ASP B 45 33.60 1.08 17.47
C ASP B 45 33.95 0.65 16.06
N TYR B 46 33.97 -0.66 15.80
CA TYR B 46 34.26 -1.18 14.48
C TYR B 46 33.25 -0.64 13.46
N ILE B 47 31.99 -0.55 13.87
CA ILE B 47 30.92 -0.11 12.99
C ILE B 47 30.92 1.41 12.88
N GLN B 48 31.20 2.13 13.97
CA GLN B 48 30.94 3.56 14.05
C GLN B 48 32.17 4.43 13.80
N ASP B 49 33.37 3.91 14.04
CA ASP B 49 34.58 4.70 13.84
C ASP B 49 34.76 5.09 12.37
N GLY B 50 35.29 6.31 12.17
CA GLY B 50 35.57 6.87 10.86
C GLY B 50 36.20 8.24 11.02
N HIS B 51 36.53 8.93 9.92
CA HIS B 51 37.15 10.25 10.01
C HIS B 51 36.69 11.12 8.85
N VAL B 52 36.92 12.43 8.99
CA VAL B 52 36.58 13.40 7.95
C VAL B 52 37.84 13.67 7.16
N ASP B 53 37.79 13.43 5.85
CA ASP B 53 38.96 13.57 4.99
C ASP B 53 39.23 15.06 4.71
N GLU B 54 40.25 15.33 3.88
CA GLU B 54 40.65 16.67 3.50
C GLU B 54 39.53 17.45 2.80
N SER B 55 38.65 16.73 2.08
CA SER B 55 37.54 17.36 1.37
C SER B 55 36.33 17.60 2.27
N GLY B 56 36.42 17.26 3.57
CA GLY B 56 35.33 17.49 4.48
C GLY B 56 34.27 16.38 4.43
N ILE B 57 34.61 15.21 3.85
CA ILE B 57 33.65 14.12 3.70
C ILE B 57 33.97 13.08 4.76
N PHE B 58 32.95 12.60 5.47
CA PHE B 58 33.13 11.52 6.42
C PHE B 58 33.45 10.22 5.69
N ARG B 59 34.44 9.49 6.20
CA ARG B 59 34.81 8.20 5.64
C ARG B 59 34.88 7.15 6.74
N PRO B 60 34.07 6.06 6.65
CA PRO B 60 34.15 5.00 7.64
C PRO B 60 35.49 4.29 7.60
N ASP B 61 36.03 3.93 8.76
CA ASP B 61 37.25 3.17 8.81
C ASP B 61 37.07 1.81 8.16
N ASN B 62 35.89 1.20 8.33
CA ASN B 62 35.59 -0.10 7.76
C ASN B 62 34.51 0.01 6.70
N ALA B 63 34.92 -0.01 5.42
CA ALA B 63 33.98 0.08 4.29
C ALA B 63 33.23 -1.24 4.07
N PHE B 64 32.01 -1.15 3.50
CA PHE B 64 31.21 -2.31 3.14
C PHE B 64 30.91 -2.29 1.65
N TYR B 65 31.35 -3.30 0.89
CA TYR B 65 31.03 -3.36 -0.53
C TYR B 65 31.05 -4.79 -1.04
N LEU B 66 30.45 -5.01 -2.20
CA LEU B 66 30.52 -6.28 -2.90
C LEU B 66 31.82 -6.35 -3.68
N ARG B 67 32.58 -7.42 -3.47
CA ARG B 67 33.89 -7.57 -4.09
C ARG B 67 33.77 -8.33 -5.40
N ARG B 68 33.07 -9.47 -5.35
CA ARG B 68 33.05 -10.40 -6.46
C ARG B 68 31.71 -11.11 -6.56
N LEU B 69 31.34 -11.44 -7.80
CA LEU B 69 30.13 -12.17 -8.11
C LEU B 69 30.46 -13.28 -9.11
N THR B 70 29.95 -14.49 -8.86
CA THR B 70 30.07 -15.60 -9.79
C THR B 70 28.69 -16.18 -10.11
N LEU B 71 28.41 -16.39 -11.39
CA LEU B 71 27.14 -16.94 -11.86
C LEU B 71 27.40 -18.27 -12.57
N LYS B 72 26.75 -19.33 -12.13
CA LYS B 72 26.88 -20.65 -12.74
C LYS B 72 25.52 -21.13 -13.25
N ASP B 73 25.41 -21.43 -14.56
CA ASP B 73 24.19 -21.86 -15.22
C ASP B 73 22.99 -21.00 -14.82
N PHE B 74 23.20 -19.69 -14.79
CA PHE B 74 22.16 -18.76 -14.42
C PHE B 74 21.71 -18.02 -15.69
N ARG B 75 20.46 -18.23 -16.07
CA ARG B 75 19.89 -17.60 -17.25
C ARG B 75 20.80 -17.83 -18.46
N ARG B 76 21.42 -16.81 -19.01
CA ARG B 76 22.21 -16.92 -20.23
C ARG B 76 23.59 -17.48 -19.93
N PHE B 77 24.03 -17.42 -18.66
CA PHE B 77 25.44 -17.58 -18.31
C PHE B 77 25.69 -19.02 -17.89
N SER B 78 26.65 -19.67 -18.53
CA SER B 78 27.14 -20.96 -18.09
C SER B 78 28.06 -20.79 -16.88
N LEU B 79 29.05 -19.91 -16.95
CA LEU B 79 29.89 -19.63 -15.80
C LEU B 79 30.55 -18.27 -15.98
N LEU B 80 30.21 -17.29 -15.12
CA LEU B 80 30.67 -15.92 -15.31
C LEU B 80 31.13 -15.35 -13.98
N GLU B 81 32.28 -14.67 -14.02
CA GLU B 81 32.86 -14.03 -12.85
C GLU B 81 32.98 -12.53 -13.10
N ILE B 82 32.58 -11.72 -12.12
CA ILE B 82 32.69 -10.28 -12.21
C ILE B 82 33.37 -9.75 -10.96
N LYS B 83 34.40 -8.92 -11.13
CA LYS B 83 35.04 -8.22 -10.03
C LYS B 83 34.54 -6.79 -10.04
N LEU B 84 34.05 -6.28 -8.89
CA LEU B 84 33.36 -5.01 -8.85
C LEU B 84 34.25 -3.96 -8.21
N GLU B 85 34.03 -2.70 -8.59
CA GLU B 85 34.74 -1.59 -7.98
C GLU B 85 34.06 -1.19 -6.68
N GLU B 86 34.84 -0.63 -5.76
CA GLU B 86 34.38 -0.28 -4.43
C GLU B 86 33.40 0.91 -4.52
N ASP B 87 33.51 1.72 -5.57
CA ASP B 87 32.75 2.96 -5.69
C ASP B 87 31.71 2.86 -6.79
N LEU B 88 32.13 2.59 -8.06
CA LEU B 88 31.23 2.63 -9.20
C LEU B 88 31.63 1.56 -10.21
N THR B 89 30.65 0.73 -10.61
CA THR B 89 30.82 -0.23 -11.68
C THR B 89 29.68 -0.04 -12.67
N VAL B 90 30.04 0.06 -13.97
CA VAL B 90 29.06 0.24 -15.02
C VAL B 90 29.15 -0.95 -15.96
N ILE B 91 28.01 -1.59 -16.22
CA ILE B 91 27.98 -2.75 -17.09
C ILE B 91 27.33 -2.33 -18.41
N ILE B 92 28.02 -2.65 -19.51
CA ILE B 92 27.55 -2.27 -20.85
C ILE B 92 27.50 -3.49 -21.75
N GLY B 93 26.64 -3.38 -22.77
CA GLY B 93 26.50 -4.37 -23.81
C GLY B 93 25.18 -4.24 -24.57
N ASN B 94 25.05 -5.00 -25.64
CA ASN B 94 23.80 -5.02 -26.39
C ASN B 94 22.67 -5.59 -25.54
N ASN B 95 21.44 -5.33 -25.98
CA ASN B 95 20.26 -5.96 -25.41
C ASN B 95 20.44 -7.48 -25.46
N GLY B 96 20.05 -8.13 -24.37
CA GLY B 96 20.08 -9.57 -24.27
C GLY B 96 21.45 -10.12 -23.85
N LYS B 97 22.36 -9.26 -23.42
CA LYS B 97 23.65 -9.74 -22.96
C LYS B 97 23.62 -10.15 -21.49
N GLY B 98 22.55 -9.83 -20.75
CA GLY B 98 22.40 -10.26 -19.37
C GLY B 98 22.75 -9.18 -18.34
N LYS B 99 22.74 -7.90 -18.74
CA LYS B 99 23.03 -6.81 -17.83
C LYS B 99 22.01 -6.78 -16.69
N THR B 100 20.72 -6.90 -17.02
CA THR B 100 19.69 -6.90 -16.00
C THR B 100 19.78 -8.15 -15.13
N SER B 101 20.08 -9.31 -15.74
CA SER B 101 20.28 -10.53 -15.00
C SER B 101 21.29 -10.36 -13.87
N ILE B 102 22.40 -9.66 -14.15
CA ILE B 102 23.44 -9.45 -13.16
C ILE B 102 22.86 -8.66 -11.98
N LEU B 103 22.15 -7.57 -12.23
CA LEU B 103 21.63 -6.76 -11.15
C LEU B 103 20.60 -7.53 -10.31
N TYR B 104 19.74 -8.32 -10.96
CA TYR B 104 18.76 -9.17 -10.30
C TYR B 104 19.43 -10.15 -9.33
N ALA B 105 20.50 -10.81 -9.82
CA ALA B 105 21.27 -11.73 -9.00
C ALA B 105 21.77 -11.04 -7.73
N ILE B 106 22.29 -9.80 -7.86
CA ILE B 106 22.84 -9.09 -6.72
C ILE B 106 21.71 -8.72 -5.77
N ALA B 107 20.61 -8.22 -6.32
CA ALA B 107 19.53 -7.76 -5.49
C ALA B 107 18.97 -8.89 -4.62
N LYS B 108 18.80 -10.08 -5.20
CA LYS B 108 18.34 -11.23 -4.44
C LYS B 108 19.30 -11.56 -3.28
N THR B 109 20.61 -11.49 -3.54
CA THR B 109 21.59 -11.72 -2.50
C THR B 109 21.44 -10.68 -1.38
N LEU B 110 21.31 -9.39 -1.71
CA LEU B 110 21.20 -8.33 -0.73
C LEU B 110 19.94 -8.48 0.13
N SER B 111 18.89 -9.10 -0.44
CA SER B 111 17.65 -9.31 0.29
C SER B 111 17.85 -10.10 1.58
N TRP B 112 18.89 -10.94 1.63
CA TRP B 112 19.20 -11.73 2.81
C TRP B 112 19.76 -10.86 3.94
N PHE B 113 20.53 -9.82 3.62
CA PHE B 113 20.95 -8.88 4.65
C PHE B 113 19.75 -8.10 5.20
N VAL B 114 18.90 -7.60 4.32
CA VAL B 114 17.77 -6.78 4.72
C VAL B 114 16.84 -7.60 5.61
N ALA B 115 16.53 -8.85 5.22
CA ALA B 115 15.62 -9.69 5.98
C ALA B 115 16.12 -9.91 7.41
N ASN B 116 17.45 -10.06 7.58
CA ASN B 116 18.01 -10.40 8.86
C ASN B 116 18.33 -9.17 9.71
N ILE B 117 18.45 -8.00 9.09
CA ILE B 117 18.51 -6.76 9.87
C ILE B 117 17.12 -6.49 10.46
N LEU B 118 16.05 -6.83 9.76
CA LEU B 118 14.70 -6.60 10.24
C LEU B 118 14.30 -7.61 11.30
N LYS B 119 14.68 -8.87 11.09
CA LYS B 119 14.14 -9.95 11.90
C LYS B 119 15.16 -11.06 12.01
N GLU B 120 15.40 -11.52 13.23
CA GLU B 120 16.29 -12.65 13.47
C GLU B 120 15.78 -13.86 12.68
N GLY B 121 16.68 -14.43 11.85
CA GLY B 121 16.34 -15.59 11.04
C GLY B 121 15.37 -15.24 9.91
N GLY B 122 15.35 -13.97 9.50
CA GLY B 122 14.48 -13.57 8.42
C GLY B 122 14.93 -14.24 7.12
N SER B 123 13.97 -14.48 6.21
CA SER B 123 14.21 -15.09 4.92
C SER B 123 14.29 -14.04 3.81
N GLY B 124 15.38 -14.07 3.04
CA GLY B 124 15.54 -13.29 1.83
C GLY B 124 14.81 -13.93 0.66
N GLN B 125 15.15 -13.50 -0.56
CA GLN B 125 14.47 -13.92 -1.77
C GLN B 125 15.12 -15.18 -2.34
N ARG B 126 14.55 -15.76 -3.40
CA ARG B 126 15.02 -16.99 -4.00
C ARG B 126 15.19 -16.86 -5.52
N LEU B 127 16.01 -17.74 -6.12
CA LEU B 127 16.09 -17.86 -7.57
C LEU B 127 14.86 -18.60 -8.05
N SER B 128 14.37 -18.26 -9.24
CA SER B 128 13.18 -18.88 -9.78
C SER B 128 13.49 -20.26 -10.35
N GLU B 129 12.70 -21.27 -9.96
CA GLU B 129 12.83 -22.61 -10.51
C GLU B 129 12.22 -22.67 -11.91
N MET B 130 11.42 -21.69 -12.30
CA MET B 130 10.76 -21.70 -13.60
C MET B 130 11.63 -21.00 -14.64
N THR B 131 12.32 -19.90 -14.27
CA THR B 131 12.92 -19.05 -15.28
C THR B 131 14.45 -18.93 -15.15
N ASP B 132 15.04 -19.15 -13.96
CA ASP B 132 16.39 -18.70 -13.70
C ASP B 132 17.46 -19.72 -14.04
N ILE B 133 17.12 -20.99 -14.25
CA ILE B 133 18.12 -21.99 -14.60
C ILE B 133 18.34 -21.90 -16.10
N LYS B 134 19.61 -21.91 -16.52
CA LYS B 134 19.92 -21.85 -17.95
C LYS B 134 19.21 -22.96 -18.71
N ASN B 135 18.55 -22.65 -19.84
CA ASN B 135 17.68 -23.59 -20.55
C ASN B 135 18.40 -24.87 -21.02
N ASP B 136 19.65 -24.77 -21.49
CA ASP B 136 20.39 -25.89 -22.05
C ASP B 136 21.51 -26.39 -21.12
N ALA B 137 21.36 -26.16 -19.80
CA ALA B 137 22.34 -26.60 -18.82
C ALA B 137 22.16 -28.11 -18.62
N GLU B 138 23.27 -28.85 -18.65
CA GLU B 138 23.23 -30.30 -18.48
C GLU B 138 22.89 -30.63 -17.02
N ASP B 139 23.62 -30.04 -16.06
CA ASP B 139 23.19 -30.05 -14.66
C ASP B 139 22.01 -29.10 -14.58
N ARG B 140 20.92 -29.48 -13.90
CA ARG B 140 19.70 -28.69 -13.99
C ARG B 140 19.58 -27.83 -12.73
N TYR B 141 20.62 -27.06 -12.38
CA TYR B 141 20.58 -26.16 -11.25
C TYR B 141 21.43 -24.91 -11.53
N SER B 142 21.19 -23.86 -10.75
CA SER B 142 21.91 -22.60 -10.91
C SER B 142 22.48 -22.13 -9.57
N ASP B 143 23.63 -21.41 -9.62
CA ASP B 143 24.27 -20.83 -8.46
C ASP B 143 24.63 -19.37 -8.67
N VAL B 144 24.32 -18.54 -7.66
CA VAL B 144 24.76 -17.16 -7.59
C VAL B 144 25.61 -17.04 -6.33
N SER B 145 26.92 -16.88 -6.53
CA SER B 145 27.87 -16.76 -5.43
C SER B 145 28.39 -15.34 -5.34
N SER B 146 28.37 -14.74 -4.15
CA SER B 146 28.80 -13.37 -3.91
C SER B 146 29.78 -13.36 -2.75
N THR B 147 30.79 -12.48 -2.80
CA THR B 147 31.64 -12.27 -1.65
C THR B 147 31.64 -10.79 -1.29
N PHE B 148 31.31 -10.49 -0.03
CA PHE B 148 31.27 -9.11 0.45
C PHE B 148 32.43 -8.84 1.37
N PHE B 149 32.77 -7.56 1.50
CA PHE B 149 33.86 -7.10 2.34
C PHE B 149 33.34 -6.12 3.38
N PHE B 150 33.82 -6.25 4.63
CA PHE B 150 33.50 -5.30 5.68
C PHE B 150 34.72 -5.00 6.54
N GLY B 151 35.60 -4.16 6.02
CA GLY B 151 36.82 -3.75 6.70
C GLY B 151 37.83 -4.89 6.82
N LYS B 152 38.99 -4.58 7.39
CA LYS B 152 40.08 -5.53 7.44
C LYS B 152 39.81 -6.57 8.52
N GLY B 153 38.88 -6.30 9.44
CA GLY B 153 38.47 -7.27 10.44
C GLY B 153 37.45 -8.29 9.94
N LEU B 154 36.90 -8.14 8.71
CA LEU B 154 35.97 -9.10 8.12
C LEU B 154 36.06 -9.03 6.61
N LYS B 155 37.16 -9.60 6.10
CA LYS B 155 37.57 -9.41 4.72
C LYS B 155 36.68 -10.18 3.76
N SER B 156 35.97 -11.22 4.24
CA SER B 156 35.23 -12.06 3.32
C SER B 156 33.93 -12.54 3.96
N VAL B 157 32.81 -12.18 3.32
CA VAL B 157 31.49 -12.66 3.71
C VAL B 157 30.89 -13.37 2.49
N PRO B 158 31.09 -14.70 2.33
CA PRO B 158 30.60 -15.42 1.17
C PRO B 158 29.14 -15.85 1.25
N ILE B 159 28.33 -15.61 0.20
CA ILE B 159 26.94 -16.05 0.16
C ILE B 159 26.71 -16.81 -1.13
N ARG B 160 25.86 -17.87 -1.08
CA ARG B 160 25.46 -18.56 -2.28
C ARG B 160 23.95 -18.80 -2.30
N LEU B 161 23.31 -18.34 -3.37
CA LEU B 161 21.93 -18.69 -3.65
C LEU B 161 21.89 -19.74 -4.74
N SER B 162 21.10 -20.78 -4.52
CA SER B 162 21.08 -21.90 -5.41
C SER B 162 19.65 -22.31 -5.68
N ARG B 163 19.41 -22.92 -6.84
CA ARG B 163 18.09 -23.47 -7.10
C ARG B 163 18.18 -24.53 -8.18
N SER B 164 17.44 -25.63 -7.97
CA SER B 164 17.32 -26.71 -8.92
C SER B 164 16.07 -26.54 -9.77
N ALA B 165 16.14 -27.02 -11.01
CA ALA B 165 15.04 -26.89 -11.96
C ALA B 165 13.81 -27.63 -11.46
N LEU B 166 12.63 -27.16 -11.88
CA LEU B 166 11.34 -27.75 -11.51
C LEU B 166 11.30 -29.22 -11.94
N GLY B 167 10.91 -30.10 -11.00
CA GLY B 167 10.79 -31.52 -11.28
C GLY B 167 12.11 -32.28 -11.29
N THR B 168 13.24 -31.65 -10.91
CA THR B 168 14.48 -32.38 -10.66
C THR B 168 14.37 -33.01 -9.28
N ALA B 169 14.79 -34.28 -9.14
CA ALA B 169 14.66 -35.00 -7.87
C ALA B 169 15.69 -34.51 -6.86
N GLU B 170 16.90 -34.17 -7.34
CA GLU B 170 17.97 -33.68 -6.48
C GLU B 170 17.89 -32.17 -6.34
N ARG B 171 17.81 -31.68 -5.09
CA ARG B 171 17.59 -30.26 -4.81
C ARG B 171 18.86 -29.67 -4.20
N ARG B 172 19.28 -28.53 -4.75
CA ARG B 172 20.52 -27.86 -4.43
C ARG B 172 20.25 -26.76 -3.39
N ASP B 173 21.06 -26.72 -2.33
CA ASP B 173 20.76 -25.86 -1.19
C ASP B 173 21.52 -24.55 -1.30
N SER B 174 20.87 -23.44 -0.89
CA SER B 174 21.53 -22.16 -0.72
C SER B 174 22.37 -22.16 0.56
N GLU B 175 23.42 -21.32 0.61
CA GLU B 175 24.27 -21.10 1.78
C GLU B 175 24.27 -19.62 2.19
N VAL B 176 23.47 -19.27 3.20
CA VAL B 176 23.16 -17.87 3.52
C VAL B 176 23.60 -17.50 4.94
N LYS B 177 24.19 -18.44 5.70
CA LYS B 177 24.49 -18.23 7.11
C LYS B 177 25.43 -17.05 7.30
N PRO B 178 26.51 -16.87 6.50
CA PRO B 178 27.35 -15.69 6.68
C PRO B 178 26.62 -14.36 6.59
N ALA B 179 25.63 -14.25 5.68
CA ALA B 179 24.83 -13.03 5.57
C ALA B 179 24.09 -12.80 6.87
N LYS B 180 23.51 -13.89 7.39
CA LYS B 180 22.71 -13.81 8.60
C LYS B 180 23.59 -13.40 9.79
N ASP B 181 24.79 -13.98 9.86
CA ASP B 181 25.71 -13.69 10.95
C ASP B 181 26.12 -12.23 10.97
N LEU B 182 26.43 -11.65 9.82
CA LEU B 182 26.78 -10.24 9.79
C LEU B 182 25.56 -9.38 10.13
N ALA B 183 24.40 -9.68 9.53
CA ALA B 183 23.20 -8.89 9.77
C ALA B 183 22.80 -8.94 11.24
N ASP B 184 23.02 -10.07 11.90
CA ASP B 184 22.83 -10.19 13.33
C ASP B 184 23.64 -9.19 14.13
N ILE B 185 24.91 -8.97 13.74
CA ILE B 185 25.74 -8.01 14.46
C ILE B 185 25.07 -6.64 14.38
N TRP B 186 24.70 -6.19 13.17
CA TRP B 186 24.06 -4.90 12.99
C TRP B 186 22.80 -4.79 13.84
N ARG B 187 21.96 -5.82 13.81
CA ARG B 187 20.67 -5.78 14.49
C ARG B 187 20.85 -5.70 16.01
N VAL B 188 21.70 -6.55 16.57
CA VAL B 188 21.84 -6.70 18.02
C VAL B 188 22.55 -5.48 18.60
N ILE B 189 23.62 -5.02 17.95
CA ILE B 189 24.36 -3.86 18.47
C ILE B 189 23.46 -2.64 18.43
N ASN B 190 22.69 -2.49 17.35
CA ASN B 190 21.77 -1.37 17.21
C ASN B 190 20.75 -1.37 18.34
N GLU B 191 20.27 -2.54 18.75
CA GLU B 191 19.24 -2.66 19.77
C GLU B 191 19.75 -2.10 21.10
N VAL B 192 21.04 -2.31 21.39
CA VAL B 192 21.60 -1.86 22.67
C VAL B 192 21.90 -0.38 22.57
N ASN B 193 22.62 0.03 21.52
CA ASN B 193 22.99 1.42 21.34
C ASN B 193 22.93 1.77 19.86
N THR B 194 22.21 2.84 19.53
CA THR B 194 21.89 3.16 18.15
C THR B 194 23.18 3.27 17.35
N ILE B 195 23.17 2.70 16.13
CA ILE B 195 24.27 2.81 15.17
C ILE B 195 23.69 3.23 13.82
N ASN B 196 24.55 3.68 12.90
CA ASN B 196 24.16 3.89 11.52
C ASN B 196 24.04 2.54 10.79
N LEU B 197 23.09 2.41 9.85
CA LEU B 197 22.82 1.15 9.19
C LEU B 197 23.00 1.25 7.69
N PRO B 198 23.39 0.15 6.99
CA PRO B 198 23.64 0.23 5.56
C PRO B 198 22.36 0.34 4.73
N THR B 199 22.42 1.08 3.62
CA THR B 199 21.31 1.21 2.69
C THR B 199 21.51 0.22 1.54
N PHE B 200 20.49 -0.58 1.25
CA PHE B 200 20.44 -1.41 0.06
C PHE B 200 19.23 -1.07 -0.79
N ALA B 201 19.45 -0.75 -2.07
CA ALA B 201 18.32 -0.40 -2.92
C ALA B 201 18.53 -0.84 -4.36
N LEU B 202 17.45 -1.27 -5.00
CA LEU B 202 17.42 -1.58 -6.42
C LEU B 202 16.42 -0.68 -7.11
N TYR B 203 16.87 0.01 -8.18
CA TYR B 203 16.00 0.80 -9.04
C TYR B 203 16.04 0.22 -10.44
N ASN B 204 15.05 -0.63 -10.79
CA ASN B 204 15.02 -1.21 -12.13
C ASN B 204 14.12 -0.35 -13.03
N VAL B 205 13.76 -0.86 -14.22
CA VAL B 205 13.01 -0.07 -15.20
C VAL B 205 11.55 0.09 -14.74
N GLU B 206 11.11 -0.72 -13.76
CA GLU B 206 9.80 -0.57 -13.15
C GLU B 206 9.64 0.76 -12.39
N ARG B 207 10.72 1.49 -12.10
CA ARG B 207 10.60 2.78 -11.45
C ARG B 207 9.81 3.78 -12.29
N SER B 208 9.66 3.53 -13.60
CA SER B 208 8.80 4.35 -14.45
C SER B 208 7.36 3.85 -14.32
N GLN B 209 6.60 4.51 -13.42
CA GLN B 209 5.21 4.22 -13.12
C GLN B 209 4.42 5.52 -13.29
N PRO B 210 3.08 5.49 -13.54
CA PRO B 210 2.28 6.69 -13.35
C PRO B 210 2.16 7.07 -11.88
N PHE B 211 2.17 8.37 -11.60
CA PHE B 211 2.03 8.85 -10.24
C PHE B 211 0.55 8.93 -9.88
N ASN B 212 0.19 8.48 -8.66
CA ASN B 212 -1.09 8.74 -8.05
C ASN B 212 -0.86 9.30 -6.64
N ARG B 213 -1.26 10.57 -6.43
CA ARG B 213 -1.15 11.19 -5.12
C ARG B 213 -2.10 10.56 -4.10
N ASN B 214 -3.27 10.05 -4.55
CA ASN B 214 -4.37 9.76 -3.64
C ASN B 214 -4.21 8.40 -2.97
N ILE B 215 -3.61 7.40 -3.65
CA ILE B 215 -3.58 6.04 -3.14
C ILE B 215 -2.52 6.03 -2.05
N LYS B 216 -2.96 5.81 -0.79
CA LYS B 216 -2.11 5.93 0.40
C LYS B 216 -1.94 4.53 1.02
N ASP B 217 -0.71 4.21 1.46
CA ASP B 217 -0.34 2.90 1.99
C ASP B 217 -0.71 2.85 3.48
N ASN B 218 -1.50 1.85 3.89
CA ASN B 218 -1.73 1.51 5.29
C ASN B 218 -1.17 0.10 5.54
N THR B 219 0.18 -0.02 5.52
CA THR B 219 0.88 -1.25 5.84
C THR B 219 2.19 -0.86 6.56
N GLY B 220 2.05 -0.35 7.79
CA GLY B 220 3.16 0.19 8.56
C GLY B 220 3.08 1.72 8.67
N ARG B 221 3.87 2.29 9.59
N ARG B 221 3.94 2.27 9.54
CA ARG B 221 4.07 3.73 9.73
CA ARG B 221 4.10 3.71 9.74
C ARG B 221 5.32 4.14 8.94
C ARG B 221 5.37 4.17 9.02
N ARG B 222 5.33 5.40 8.46
CA ARG B 222 6.39 5.91 7.59
C ARG B 222 7.48 6.60 8.37
N GLU B 223 7.21 7.00 9.62
CA GLU B 223 8.22 7.71 10.40
C GLU B 223 9.04 6.72 11.22
N GLU B 224 8.69 5.42 11.24
CA GLU B 224 9.49 4.47 11.99
C GLU B 224 10.74 4.16 11.19
N ARG B 225 11.88 4.10 11.88
CA ARG B 225 13.18 3.97 11.26
C ARG B 225 13.25 2.80 10.29
N PHE B 226 12.73 1.61 10.64
CA PHE B 226 12.95 0.42 9.83
C PHE B 226 12.03 0.37 8.62
N ASP B 227 11.10 1.33 8.53
CA ASP B 227 10.37 1.52 7.30
C ASP B 227 11.30 1.84 6.13
N ALA B 228 12.52 2.37 6.41
CA ALA B 228 13.54 2.56 5.40
C ALA B 228 13.87 1.28 4.63
N TYR B 229 13.62 0.09 5.16
CA TYR B 229 13.91 -1.14 4.45
C TYR B 229 12.67 -1.66 3.72
N SER B 230 11.55 -0.93 3.75
CA SER B 230 10.31 -1.44 3.18
C SER B 230 10.36 -1.37 1.66
N GLN B 231 10.23 -2.52 0.98
CA GLN B 231 10.27 -2.65 -0.48
C GLN B 231 11.53 -2.04 -1.10
N THR B 232 12.65 -2.06 -0.38
CA THR B 232 13.86 -1.41 -0.81
C THR B 232 14.50 -2.13 -2.02
N LEU B 233 14.25 -3.44 -2.20
CA LEU B 233 14.80 -4.20 -3.30
C LEU B 233 13.70 -4.69 -4.24
N GLY B 234 12.57 -3.97 -4.27
CA GLY B 234 11.45 -4.33 -5.12
C GLY B 234 11.58 -3.76 -6.53
N GLY B 235 12.44 -2.76 -6.71
CA GLY B 235 12.76 -2.30 -8.05
C GLY B 235 12.19 -0.92 -8.37
N ALA B 236 11.08 -0.47 -7.74
CA ALA B 236 10.45 0.81 -8.05
C ALA B 236 10.73 1.90 -7.01
N GLY B 237 11.42 1.61 -5.90
CA GLY B 237 11.34 2.48 -4.72
C GLY B 237 9.90 2.52 -4.18
N ARG B 238 9.62 3.50 -3.29
CA ARG B 238 8.26 3.81 -2.84
C ARG B 238 8.12 5.32 -2.78
N PHE B 239 7.92 5.96 -3.93
CA PHE B 239 7.83 7.41 -3.97
C PHE B 239 6.58 7.89 -3.21
N ASP B 240 5.50 7.12 -3.24
CA ASP B 240 4.34 7.37 -2.39
C ASP B 240 4.69 7.49 -0.92
N HIS B 241 5.54 6.60 -0.40
CA HIS B 241 6.02 6.67 0.98
C HIS B 241 6.80 7.94 1.22
N PHE B 242 7.61 8.38 0.25
CA PHE B 242 8.35 9.62 0.38
C PHE B 242 7.40 10.79 0.60
N VAL B 243 6.35 10.86 -0.23
CA VAL B 243 5.45 12.00 -0.18
C VAL B 243 4.77 12.04 1.18
N GLU B 244 4.29 10.89 1.65
CA GLU B 244 3.66 10.79 2.96
C GLU B 244 4.63 11.22 4.06
N TRP B 245 5.86 10.72 3.97
CA TRP B 245 6.88 11.01 4.96
C TRP B 245 7.24 12.49 4.96
N TYR B 246 7.30 13.08 3.77
CA TYR B 246 7.66 14.48 3.65
C TYR B 246 6.57 15.40 4.20
N ILE B 247 5.31 15.06 3.97
CA ILE B 247 4.19 15.82 4.51
C ILE B 247 4.20 15.71 6.03
N TYR B 248 4.41 14.50 6.54
CA TYR B 248 4.58 14.29 7.98
C TYR B 248 5.65 15.22 8.54
N LEU B 249 6.83 15.30 7.90
CA LEU B 249 7.93 16.13 8.37
C LEU B 249 7.50 17.59 8.41
N HIS B 250 6.76 18.01 7.38
CA HIS B 250 6.27 19.38 7.28
C HIS B 250 5.36 19.73 8.44
N LYS B 251 4.39 18.86 8.74
CA LYS B 251 3.42 19.09 9.79
C LYS B 251 4.10 19.26 11.15
N ARG B 252 5.14 18.47 11.38
CA ARG B 252 5.85 18.48 12.64
C ARG B 252 6.71 19.73 12.77
N THR B 253 7.24 20.18 11.65
CA THR B 253 8.07 21.37 11.63
C THR B 253 7.20 22.61 11.89
N VAL B 254 5.98 22.65 11.33
CA VAL B 254 5.05 23.77 11.52
C VAL B 254 4.60 23.81 12.98
N SER B 255 4.40 22.63 13.57
CA SER B 255 3.77 22.51 14.87
C SER B 255 4.66 23.00 16.03
N ASP B 256 5.99 22.74 16.01
CA ASP B 256 6.85 23.19 17.09
C ASP B 256 7.05 24.71 16.96
N ILE B 257 6.83 25.43 18.07
CA ILE B 257 6.40 26.84 18.07
C ILE B 257 7.64 27.72 17.90
N SER B 258 8.81 27.29 18.38
CA SER B 258 10.02 28.09 18.32
C SER B 258 10.46 28.36 16.89
N SER B 259 10.43 27.33 16.02
CA SER B 259 10.70 27.52 14.60
C SER B 259 9.61 28.40 14.00
N SER B 260 8.36 28.15 14.40
CA SER B 260 7.24 29.01 14.01
C SER B 260 7.48 30.43 14.53
N ILE B 261 8.00 30.57 15.77
CA ILE B 261 8.32 31.87 16.34
C ILE B 261 9.48 32.47 15.54
N LYS B 262 10.51 31.66 15.26
CA LYS B 262 11.63 32.14 14.49
C LYS B 262 11.17 32.54 13.08
N GLU B 263 10.34 31.70 12.46
CA GLU B 263 9.78 32.02 11.16
C GLU B 263 8.89 33.26 11.25
N LEU B 264 8.05 33.33 12.30
CA LEU B 264 7.19 34.48 12.49
C LEU B 264 8.02 35.73 12.77
N GLU B 265 9.09 35.59 13.57
CA GLU B 265 10.01 36.69 13.84
C GLU B 265 10.63 37.19 12.54
N GLN B 266 11.02 36.25 11.67
CA GLN B 266 11.61 36.61 10.39
C GLN B 266 10.59 37.31 9.50
N GLN B 267 9.34 36.81 9.47
CA GLN B 267 8.28 37.41 8.69
C GLN B 267 7.96 38.83 9.18
N VAL B 268 7.91 39.01 10.50
CA VAL B 268 7.64 40.31 11.12
C VAL B 268 8.77 41.27 10.74
N ASN B 269 10.02 40.79 10.80
CA ASN B 269 11.17 41.60 10.45
C ASN B 269 11.15 42.02 8.98
N ASP B 270 10.79 41.08 8.09
CA ASP B 270 10.69 41.36 6.66
C ASP B 270 9.58 42.37 6.37
N LEU B 271 8.43 42.20 7.04
CA LEU B 271 7.29 43.10 6.87
C LEU B 271 7.60 44.50 7.43
N GLN B 272 8.33 44.59 8.55
CA GLN B 272 8.73 45.85 9.15
C GLN B 272 9.66 46.62 8.20
N ARG B 273 10.56 45.92 7.50
CA ARG B 273 11.46 46.53 6.52
C ARG B 273 10.68 47.11 5.33
N THR B 274 9.61 46.40 4.91
CA THR B 274 8.77 46.85 3.81
C THR B 274 8.01 48.12 4.21
N VAL B 275 7.51 48.17 5.45
CA VAL B 275 6.78 49.33 5.97
C VAL B 275 7.74 50.52 6.09
N ASP B 276 8.98 50.27 6.53
CA ASP B 276 10.00 51.31 6.63
C ASP B 276 10.43 51.83 5.25
N GLY B 277 10.29 50.98 4.20
CA GLY B 277 10.59 51.34 2.83
C GLY B 277 9.49 52.14 2.11
N GLY B 278 8.36 52.48 2.77
CA GLY B 278 7.36 53.39 2.23
C GLY B 278 6.05 52.70 1.81
N MET B 279 5.95 51.35 1.92
CA MET B 279 4.75 50.60 1.56
C MET B 279 3.80 50.56 2.77
N VAL B 280 2.94 51.59 2.88
CA VAL B 280 2.03 51.80 4.02
C VAL B 280 0.86 50.80 3.93
N SER B 281 0.60 50.21 2.73
CA SER B 281 -0.47 49.25 2.50
C SER B 281 -0.31 47.94 3.29
N VAL B 282 0.92 47.60 3.69
CA VAL B 282 1.20 46.33 4.37
C VAL B 282 1.25 46.53 5.90
N LYS B 283 0.92 47.73 6.40
CA LYS B 283 0.96 48.03 7.83
C LYS B 283 -0.07 47.20 8.60
N SER B 284 -1.27 47.04 8.01
CA SER B 284 -2.30 46.21 8.62
C SER B 284 -1.83 44.76 8.79
N LEU B 285 -1.16 44.22 7.77
CA LEU B 285 -0.63 42.86 7.80
C LEU B 285 0.46 42.72 8.86
N LEU B 286 1.37 43.71 8.97
CA LEU B 286 2.42 43.74 9.98
C LEU B 286 1.82 43.67 11.39
N GLU B 287 0.79 44.48 11.67
CA GLU B 287 0.15 44.50 12.97
C GLU B 287 -0.45 43.14 13.32
N GLN B 288 -1.09 42.49 12.33
CA GLN B 288 -1.63 41.16 12.52
C GLN B 288 -0.53 40.15 12.85
N MET B 289 0.59 40.21 12.12
CA MET B 289 1.68 39.27 12.33
C MET B 289 2.38 39.51 13.68
N LYS B 290 2.54 40.78 14.08
CA LYS B 290 3.10 41.13 15.38
C LYS B 290 2.25 40.55 16.51
N PHE B 291 0.93 40.62 16.33
CA PHE B 291 0.00 40.06 17.29
C PHE B 291 0.17 38.54 17.37
N LYS B 292 0.24 37.87 16.20
CA LYS B 292 0.45 36.44 16.14
C LYS B 292 1.76 36.05 16.82
N LEU B 293 2.84 36.81 16.57
CA LEU B 293 4.14 36.57 17.19
C LEU B 293 4.04 36.68 18.71
N SER B 294 3.42 37.76 19.22
CA SER B 294 3.27 37.98 20.65
C SER B 294 2.51 36.83 21.30
N GLU B 295 1.45 36.36 20.62
CA GLU B 295 0.66 35.25 21.10
C GLU B 295 1.50 33.98 21.17
N ALA B 296 2.29 33.73 20.12
CA ALA B 296 3.15 32.55 20.06
C ALA B 296 4.21 32.59 21.18
N ILE B 297 4.80 33.76 21.42
CA ILE B 297 5.79 33.95 22.48
C ILE B 297 5.11 33.71 23.84
N GLU B 298 3.91 34.28 24.02
CA GLU B 298 3.15 34.11 25.25
C GLU B 298 2.86 32.64 25.52
N ARG B 299 2.47 31.88 24.48
CA ARG B 299 2.32 30.44 24.59
C ARG B 299 3.67 29.80 24.90
N ASN B 300 3.65 28.70 25.67
CA ASN B 300 4.76 28.30 26.52
C ASN B 300 6.03 28.01 25.68
N ASP B 301 6.98 28.95 25.70
CA ASP B 301 8.26 28.78 25.00
C ASP B 301 9.09 27.71 25.70
N ALA B 302 9.82 26.90 24.91
CA ALA B 302 10.74 25.90 25.43
C ALA B 302 11.98 26.58 26.00
N VAL B 308 17.00 22.14 18.46
CA VAL B 308 16.41 22.26 17.07
C VAL B 308 15.77 20.90 16.75
N LEU B 309 14.53 20.93 16.22
CA LEU B 309 13.85 19.72 15.77
C LEU B 309 14.77 18.94 14.84
N THR B 310 15.01 17.67 15.16
CA THR B 310 15.64 16.76 14.20
C THR B 310 14.81 16.72 12.91
N GLU B 311 13.47 16.73 12.98
CA GLU B 311 12.64 16.71 11.79
C GLU B 311 12.94 17.88 10.84
N SER B 312 13.25 19.06 11.37
CA SER B 312 13.54 20.22 10.55
C SER B 312 14.83 20.02 9.76
N VAL B 313 15.82 19.38 10.40
CA VAL B 313 17.10 19.14 9.76
C VAL B 313 16.94 18.08 8.69
N GLN B 314 16.21 17.01 9.02
CA GLN B 314 15.95 15.94 8.07
C GLN B 314 15.30 16.50 6.80
N LYS B 315 14.33 17.38 7.00
CA LYS B 315 13.63 17.96 5.88
C LYS B 315 14.61 18.75 5.00
N SER B 316 15.47 19.53 5.64
CA SER B 316 16.40 20.37 4.91
C SER B 316 17.39 19.54 4.09
N ILE B 317 17.86 18.43 4.65
CA ILE B 317 18.85 17.58 4.00
C ILE B 317 18.27 17.03 2.70
N VAL B 318 17.04 16.54 2.79
CA VAL B 318 16.41 15.92 1.66
C VAL B 318 16.14 16.95 0.57
N GLU B 319 15.64 18.13 0.96
CA GLU B 319 15.37 19.21 0.02
C GLU B 319 16.64 19.58 -0.74
N LYS B 320 17.75 19.70 0.00
CA LYS B 320 19.02 20.07 -0.62
C LYS B 320 19.46 18.99 -1.59
N ALA B 321 19.32 17.72 -1.19
CA ALA B 321 19.75 16.61 -2.03
C ALA B 321 19.00 16.65 -3.35
N ILE B 322 17.68 16.83 -3.26
CA ILE B 322 16.83 16.78 -4.44
C ILE B 322 17.24 17.92 -5.38
N CYS B 323 17.39 19.11 -4.81
CA CYS B 323 17.66 20.27 -5.63
C CYS B 323 19.04 20.20 -6.25
N SER B 324 20.00 19.59 -5.54
CA SER B 324 21.36 19.48 -6.05
C SER B 324 21.45 18.46 -7.17
N VAL B 325 20.69 17.36 -7.09
CA VAL B 325 20.89 16.26 -8.02
C VAL B 325 19.96 16.44 -9.23
N VAL B 326 18.77 16.99 -9.02
CA VAL B 326 17.79 17.04 -10.10
C VAL B 326 17.88 18.42 -10.76
N PRO B 327 18.39 18.53 -12.02
CA PRO B 327 18.76 19.84 -12.58
C PRO B 327 17.62 20.84 -12.74
N SER B 328 16.42 20.36 -13.09
CA SER B 328 15.29 21.24 -13.36
C SER B 328 14.61 21.72 -12.07
N ILE B 329 14.95 21.15 -10.90
CA ILE B 329 14.22 21.44 -9.66
C ILE B 329 15.09 22.32 -8.77
N SER B 330 14.59 23.52 -8.45
CA SER B 330 15.31 24.45 -7.60
C SER B 330 14.72 24.52 -6.20
N ASN B 331 13.45 24.10 -6.04
CA ASN B 331 12.82 24.17 -4.74
C ASN B 331 11.71 23.14 -4.64
N ILE B 332 11.45 22.65 -3.43
CA ILE B 332 10.38 21.70 -3.13
C ILE B 332 9.78 22.09 -1.78
N TRP B 333 8.45 22.10 -1.68
CA TRP B 333 7.76 22.45 -0.44
C TRP B 333 6.35 21.87 -0.37
N VAL B 334 5.73 21.89 0.81
CA VAL B 334 4.37 21.38 1.03
C VAL B 334 3.45 22.58 1.20
N GLU B 335 2.33 22.59 0.48
CA GLU B 335 1.25 23.55 0.64
C GLU B 335 0.02 22.86 1.21
N MET B 336 -0.59 23.38 2.28
CA MET B 336 -1.83 22.80 2.82
C MET B 336 -3.05 23.70 2.63
N ILE B 337 -2.87 24.93 2.10
CA ILE B 337 -3.85 26.00 2.29
C ILE B 337 -5.14 25.73 1.49
N THR B 338 -5.06 25.05 0.32
CA THR B 338 -6.26 24.67 -0.43
C THR B 338 -7.18 23.74 0.37
N GLY B 339 -6.69 23.01 1.39
CA GLY B 339 -7.47 22.06 2.17
C GLY B 339 -7.05 20.61 1.98
N SER B 340 -6.09 20.35 1.08
CA SER B 340 -5.46 19.06 0.90
C SER B 340 -3.94 19.25 0.83
N ASP B 341 -3.15 18.25 1.28
CA ASP B 341 -1.69 18.37 1.34
C ASP B 341 -1.11 18.15 -0.05
N LEU B 342 -0.41 19.17 -0.58
CA LEU B 342 0.17 19.08 -1.91
C LEU B 342 1.65 19.37 -1.81
N VAL B 343 2.47 18.52 -2.45
CA VAL B 343 3.90 18.77 -2.58
C VAL B 343 4.07 19.57 -3.87
N LYS B 344 4.76 20.71 -3.81
CA LYS B 344 5.01 21.52 -4.98
C LYS B 344 6.50 21.67 -5.19
N VAL B 345 6.87 21.94 -6.44
CA VAL B 345 8.27 22.09 -6.81
C VAL B 345 8.37 23.32 -7.71
N THR B 346 9.53 23.97 -7.68
CA THR B 346 9.87 24.96 -8.69
C THR B 346 10.69 24.28 -9.79
N ASN B 347 10.04 24.06 -10.93
CA ASN B 347 10.63 23.35 -12.05
C ASN B 347 10.86 24.33 -13.20
N ASP B 348 12.13 24.54 -13.56
CA ASP B 348 12.51 25.48 -14.61
C ASP B 348 11.90 26.86 -14.34
N GLY B 349 11.91 27.31 -13.07
CA GLY B 349 11.44 28.63 -12.71
C GLY B 349 9.93 28.72 -12.51
N HIS B 350 9.17 27.64 -12.74
CA HIS B 350 7.72 27.66 -12.58
C HIS B 350 7.29 26.73 -11.45
N ASP B 351 6.38 27.22 -10.59
CA ASP B 351 5.85 26.43 -9.48
C ASP B 351 4.79 25.48 -10.00
N VAL B 352 5.01 24.18 -9.83
CA VAL B 352 4.11 23.17 -10.38
C VAL B 352 3.90 22.11 -9.32
N THR B 353 2.84 21.31 -9.49
CA THR B 353 2.65 20.12 -8.67
C THR B 353 3.51 19.00 -9.24
N ILE B 354 3.71 17.96 -8.44
CA ILE B 354 4.48 16.79 -8.84
C ILE B 354 3.82 16.13 -10.06
N ASP B 355 2.49 16.16 -10.11
CA ASP B 355 1.72 15.54 -11.19
C ASP B 355 1.94 16.27 -12.51
N GLN B 356 2.36 17.54 -12.43
CA GLN B 356 2.61 18.32 -13.62
C GLN B 356 4.01 18.09 -14.17
N LEU B 357 4.88 17.35 -13.47
CA LEU B 357 6.22 17.13 -13.99
C LEU B 357 6.20 16.19 -15.17
N SER B 358 7.15 16.36 -16.09
CA SER B 358 7.36 15.41 -17.17
C SER B 358 7.74 14.05 -16.57
N ASP B 359 7.53 12.97 -17.33
CA ASP B 359 7.84 11.64 -16.86
C ASP B 359 9.32 11.51 -16.54
N GLY B 360 10.20 12.04 -17.40
CA GLY B 360 11.63 12.03 -17.15
C GLY B 360 12.03 12.67 -15.82
N GLN B 361 11.47 13.83 -15.52
CA GLN B 361 11.79 14.56 -14.31
C GLN B 361 11.24 13.83 -13.09
N ARG B 362 10.02 13.33 -13.22
CA ARG B 362 9.37 12.68 -12.11
C ARG B 362 10.13 11.41 -11.72
N VAL B 363 10.51 10.62 -12.72
CA VAL B 363 11.14 9.34 -12.46
C VAL B 363 12.48 9.59 -11.78
N PHE B 364 13.22 10.58 -12.25
CA PHE B 364 14.51 10.85 -11.66
C PHE B 364 14.35 11.43 -10.25
N LEU B 365 13.42 12.37 -10.08
CA LEU B 365 13.11 12.89 -8.76
C LEU B 365 12.77 11.75 -7.82
N SER B 366 11.95 10.81 -8.26
CA SER B 366 11.52 9.70 -7.43
C SER B 366 12.72 8.90 -6.93
N LEU B 367 13.66 8.64 -7.82
CA LEU B 367 14.83 7.86 -7.43
C LEU B 367 15.60 8.55 -6.31
N VAL B 368 15.89 9.83 -6.51
CA VAL B 368 16.75 10.55 -5.59
C VAL B 368 16.03 10.77 -4.27
N ALA B 369 14.74 11.11 -4.34
CA ALA B 369 13.94 11.35 -3.14
C ALA B 369 13.90 10.10 -2.28
N ASP B 370 13.63 8.97 -2.91
CA ASP B 370 13.52 7.72 -2.19
C ASP B 370 14.84 7.38 -1.50
N LEU B 371 15.93 7.47 -2.27
CA LEU B 371 17.24 7.14 -1.75
C LEU B 371 17.60 8.08 -0.59
N ALA B 372 17.38 9.38 -0.75
CA ALA B 372 17.69 10.32 0.31
C ALA B 372 16.90 10.03 1.58
N ARG B 373 15.59 9.78 1.43
CA ARG B 373 14.76 9.44 2.57
C ARG B 373 15.38 8.27 3.33
N ARG B 374 15.74 7.20 2.62
CA ARG B 374 16.20 6.00 3.30
C ARG B 374 17.50 6.30 4.04
N MET B 375 18.39 7.08 3.42
CA MET B 375 19.69 7.35 4.02
C MET B 375 19.54 8.19 5.28
N VAL B 376 18.64 9.17 5.25
CA VAL B 376 18.39 10.01 6.41
C VAL B 376 17.87 9.16 7.56
N MET B 377 16.98 8.22 7.25
CA MET B 377 16.38 7.40 8.30
C MET B 377 17.40 6.43 8.88
N LEU B 378 18.36 5.96 8.09
CA LEU B 378 19.25 4.90 8.52
C LEU B 378 20.55 5.44 9.09
N ASN B 379 20.82 6.74 8.95
CA ASN B 379 22.09 7.29 9.39
C ASN B 379 21.85 8.48 10.32
N PRO B 380 21.17 8.28 11.48
CA PRO B 380 20.85 9.39 12.37
C PRO B 380 22.04 10.00 13.12
N LEU B 381 23.17 9.29 13.20
CA LEU B 381 24.31 9.76 13.96
C LEU B 381 25.30 10.51 13.09
N LEU B 382 25.13 10.51 11.76
CA LEU B 382 26.08 11.23 10.91
C LEU B 382 25.64 12.68 10.78
N GLU B 383 26.62 13.60 10.75
CA GLU B 383 26.35 15.01 10.49
C GLU B 383 25.70 15.14 9.12
N ASN B 384 26.27 14.48 8.09
CA ASN B 384 25.61 14.36 6.80
C ASN B 384 25.16 12.92 6.59
N PRO B 385 23.86 12.60 6.78
CA PRO B 385 23.40 11.23 6.66
C PRO B 385 23.55 10.62 5.27
N LEU B 386 23.75 11.44 4.25
CA LEU B 386 23.91 10.94 2.90
C LEU B 386 25.33 10.41 2.68
N GLU B 387 26.23 10.57 3.69
CA GLU B 387 27.56 9.97 3.66
C GLU B 387 27.56 8.59 4.32
N GLY B 388 26.38 7.97 4.51
CA GLY B 388 26.26 6.61 4.99
C GLY B 388 26.77 5.57 3.99
N ARG B 389 26.89 4.33 4.47
CA ARG B 389 27.31 3.18 3.69
C ARG B 389 26.11 2.55 2.97
N GLY B 390 26.38 1.88 1.85
CA GLY B 390 25.39 1.00 1.25
C GLY B 390 25.73 0.62 -0.18
N ILE B 391 24.84 -0.19 -0.77
CA ILE B 391 24.99 -0.66 -2.14
C ILE B 391 23.71 -0.30 -2.86
N VAL B 392 23.82 0.44 -3.97
CA VAL B 392 22.65 0.84 -4.74
C VAL B 392 22.79 0.37 -6.19
N LEU B 393 21.75 -0.33 -6.69
CA LEU B 393 21.73 -0.88 -8.03
C LEU B 393 20.77 -0.06 -8.88
N ILE B 394 21.23 0.43 -10.04
CA ILE B 394 20.37 1.19 -10.94
C ILE B 394 20.46 0.60 -12.34
N ASP B 395 19.32 0.16 -12.84
CA ASP B 395 19.25 -0.33 -14.20
C ASP B 395 18.90 0.81 -15.16
N GLU B 396 19.60 0.87 -16.30
CA GLU B 396 19.36 1.89 -17.33
C GLU B 396 19.28 3.29 -16.72
N ILE B 397 20.41 3.79 -16.22
CA ILE B 397 20.49 5.09 -15.57
C ILE B 397 19.99 6.21 -16.49
N GLU B 398 20.17 6.07 -17.83
CA GLU B 398 19.76 7.10 -18.77
C GLU B 398 18.24 7.10 -19.04
N LEU B 399 17.46 6.18 -18.44
CA LEU B 399 16.02 6.07 -18.67
C LEU B 399 15.32 7.43 -18.65
N HIS B 400 14.72 7.82 -19.79
CA HIS B 400 13.94 9.04 -20.03
C HIS B 400 14.76 10.34 -19.92
N LEU B 401 16.09 10.29 -19.89
CA LEU B 401 16.88 11.49 -19.70
C LEU B 401 17.32 12.05 -21.04
N HIS B 402 17.15 13.35 -21.21
CA HIS B 402 17.72 14.05 -22.35
C HIS B 402 19.25 13.97 -22.32
N PRO B 403 19.97 13.94 -23.48
CA PRO B 403 21.43 13.97 -23.51
C PRO B 403 22.11 14.98 -22.59
N LYS B 404 21.57 16.18 -22.49
CA LYS B 404 22.09 17.18 -21.59
C LYS B 404 22.13 16.66 -20.16
N TRP B 405 21.08 15.99 -19.70
CA TRP B 405 21.03 15.45 -18.34
C TRP B 405 21.97 14.26 -18.18
N GLN B 406 22.07 13.44 -19.22
CA GLN B 406 22.96 12.30 -19.20
C GLN B 406 24.41 12.71 -18.93
N GLN B 407 24.78 13.92 -19.33
CA GLN B 407 26.13 14.43 -19.14
C GLN B 407 26.39 14.85 -17.69
N GLU B 408 25.38 14.90 -16.81
CA GLU B 408 25.56 15.33 -15.44
C GLU B 408 25.21 14.26 -14.40
N VAL B 409 24.44 13.25 -14.77
CA VAL B 409 23.74 12.40 -13.81
C VAL B 409 24.71 11.66 -12.87
N ILE B 410 25.80 11.09 -13.40
CA ILE B 410 26.69 10.26 -12.60
C ILE B 410 27.48 11.15 -11.65
N LEU B 411 27.89 12.31 -12.13
CA LEU B 411 28.66 13.24 -11.30
C LEU B 411 27.82 13.71 -10.12
N ASN B 412 26.55 14.04 -10.38
CA ASN B 412 25.67 14.53 -9.33
C ASN B 412 25.41 13.44 -8.30
N LEU B 413 25.15 12.21 -8.75
CA LEU B 413 24.86 11.12 -7.84
C LEU B 413 26.04 10.83 -6.91
N ARG B 414 27.24 10.79 -7.48
CA ARG B 414 28.42 10.44 -6.71
C ARG B 414 28.76 11.54 -5.71
N SER B 415 28.48 12.80 -6.06
CA SER B 415 28.74 13.91 -5.18
C SER B 415 27.75 13.89 -4.01
N ALA B 416 26.49 13.57 -4.27
CA ALA B 416 25.48 13.55 -3.21
C ALA B 416 25.63 12.33 -2.30
N PHE B 417 26.04 11.16 -2.82
CA PHE B 417 26.14 9.92 -2.04
C PHE B 417 27.57 9.36 -2.14
N PRO B 418 28.55 9.99 -1.45
CA PRO B 418 29.97 9.68 -1.66
C PRO B 418 30.50 8.35 -1.13
N ASN B 419 29.78 7.62 -0.27
CA ASN B 419 30.24 6.34 0.24
C ASN B 419 29.41 5.16 -0.26
N ILE B 420 28.38 5.37 -1.11
CA ILE B 420 27.57 4.28 -1.66
C ILE B 420 28.37 3.57 -2.75
N GLN B 421 28.29 2.24 -2.84
CA GLN B 421 28.75 1.52 -4.03
C GLN B 421 27.63 1.51 -5.07
N PHE B 422 27.83 2.18 -6.22
CA PHE B 422 26.85 2.16 -7.28
C PHE B 422 27.19 1.10 -8.32
N ILE B 423 26.21 0.27 -8.66
CA ILE B 423 26.34 -0.71 -9.74
C ILE B 423 25.25 -0.38 -10.76
N ILE B 424 25.67 -0.01 -11.97
CA ILE B 424 24.83 0.69 -12.94
C ILE B 424 24.86 -0.09 -14.25
N THR B 425 23.78 -0.04 -15.03
CA THR B 425 23.80 -0.44 -16.43
C THR B 425 23.44 0.78 -17.29
N THR B 426 23.99 0.87 -18.51
CA THR B 426 23.69 1.96 -19.43
C THR B 426 23.80 1.50 -20.89
N HIS B 427 23.07 2.19 -21.78
CA HIS B 427 23.25 2.15 -23.22
C HIS B 427 23.76 3.48 -23.78
N SER B 428 24.19 4.41 -22.92
CA SER B 428 24.40 5.77 -23.34
C SER B 428 25.90 6.06 -23.49
N PRO B 429 26.42 6.36 -24.71
CA PRO B 429 27.81 6.84 -24.82
C PRO B 429 28.07 8.14 -24.07
N ILE B 430 27.03 8.95 -23.89
CA ILE B 430 27.15 10.24 -23.23
C ILE B 430 27.46 10.01 -21.76
N VAL B 431 26.79 9.03 -21.16
CA VAL B 431 27.06 8.66 -19.78
C VAL B 431 28.49 8.13 -19.68
N LEU B 432 28.91 7.29 -20.63
CA LEU B 432 30.22 6.66 -20.59
C LEU B 432 31.33 7.69 -20.72
N SER B 433 31.06 8.81 -21.40
CA SER B 433 32.06 9.85 -21.55
C SER B 433 32.42 10.50 -20.20
N THR B 434 31.66 10.23 -19.13
CA THR B 434 31.89 10.87 -17.84
C THR B 434 32.47 9.88 -16.85
N ILE B 435 32.87 8.68 -17.29
CA ILE B 435 33.25 7.60 -16.40
C ILE B 435 34.58 7.03 -16.86
N GLU B 436 35.43 6.69 -15.88
CA GLU B 436 36.74 6.11 -16.15
C GLU B 436 36.59 4.68 -16.63
N LYS B 437 37.49 4.24 -17.52
CA LYS B 437 37.50 2.92 -18.11
C LYS B 437 37.57 1.82 -17.05
N ARG B 438 38.28 2.04 -15.93
CA ARG B 438 38.36 1.05 -14.85
C ARG B 438 36.99 0.67 -14.27
N CYS B 439 36.01 1.59 -14.37
CA CYS B 439 34.69 1.35 -13.83
C CYS B 439 33.80 0.59 -14.80
N ILE B 440 34.27 0.37 -16.03
CA ILE B 440 33.40 -0.14 -17.07
C ILE B 440 33.68 -1.63 -17.21
N ARG B 441 32.61 -2.42 -17.30
CA ARG B 441 32.68 -3.84 -17.60
C ARG B 441 31.84 -4.14 -18.84
N GLU B 442 32.46 -4.82 -19.78
CA GLU B 442 32.02 -4.79 -21.16
C GLU B 442 31.96 -6.24 -21.60
N PHE B 443 30.82 -6.62 -22.18
CA PHE B 443 30.68 -7.95 -22.77
C PHE B 443 31.44 -8.00 -24.08
N GLU B 444 32.05 -9.15 -24.37
CA GLU B 444 32.59 -9.38 -25.70
C GLU B 444 31.45 -9.45 -26.71
N PRO B 445 31.59 -8.90 -27.95
CA PRO B 445 30.43 -8.78 -28.83
C PRO B 445 29.82 -10.14 -29.27
N ASN B 446 30.67 -11.16 -29.49
CA ASN B 446 30.23 -12.49 -29.94
C ASN B 446 30.29 -13.48 -28.79
N ASP B 447 29.64 -13.15 -27.67
CA ASP B 447 29.85 -13.88 -26.43
C ASP B 447 29.18 -15.27 -26.48
N ASP B 448 27.84 -15.33 -26.52
CA ASP B 448 27.05 -16.56 -26.42
C ASP B 448 27.18 -17.25 -25.06
N GLY B 449 27.42 -16.48 -23.97
CA GLY B 449 27.27 -16.94 -22.60
C GLY B 449 28.24 -18.05 -22.16
N ASP B 450 29.44 -18.12 -22.76
CA ASP B 450 30.52 -18.97 -22.27
C ASP B 450 31.74 -18.16 -21.83
N GLN B 451 31.70 -16.81 -21.87
CA GLN B 451 32.78 -15.98 -21.36
C GLN B 451 32.94 -16.19 -19.85
N SER B 452 34.19 -16.25 -19.35
CA SER B 452 34.45 -16.51 -17.95
C SER B 452 34.56 -15.23 -17.13
N PHE B 453 35.26 -14.18 -17.61
CA PHE B 453 35.54 -13.00 -16.81
C PHE B 453 35.16 -11.79 -17.65
N LEU B 454 34.52 -10.77 -17.06
CA LEU B 454 34.24 -9.51 -17.74
C LEU B 454 35.46 -8.59 -17.58
N ASP B 455 35.65 -7.71 -18.57
CA ASP B 455 36.83 -6.87 -18.58
C ASP B 455 36.46 -5.44 -18.95
N SER B 456 37.41 -4.53 -18.69
CA SER B 456 37.28 -3.14 -19.04
C SER B 456 37.61 -2.92 -20.52
N PRO B 457 37.05 -1.87 -21.18
CA PRO B 457 37.44 -1.54 -22.54
C PRO B 457 38.89 -1.08 -22.63
N ASP B 458 39.43 -1.16 -23.85
CA ASP B 458 40.82 -0.78 -24.14
C ASP B 458 40.94 0.74 -24.11
N MET B 459 39.92 1.44 -24.63
CA MET B 459 39.91 2.89 -24.75
C MET B 459 39.53 3.56 -23.43
N GLN B 460 40.18 4.69 -23.10
CA GLN B 460 39.75 5.55 -22.00
C GLN B 460 38.50 6.32 -22.41
N THR B 461 37.46 6.24 -21.60
CA THR B 461 36.18 6.82 -21.98
C THR B 461 36.04 8.22 -21.38
N LYS B 462 36.55 8.44 -20.17
CA LYS B 462 36.34 9.69 -19.45
C LYS B 462 36.98 10.84 -20.23
N GLY B 463 36.16 11.80 -20.66
CA GLY B 463 36.61 12.98 -21.39
C GLY B 463 36.74 12.74 -22.90
N SER B 464 36.35 11.56 -23.39
CA SER B 464 36.49 11.23 -24.80
C SER B 464 35.27 11.69 -25.58
N GLU B 465 35.46 11.86 -26.90
CA GLU B 465 34.40 12.25 -27.81
C GLU B 465 33.40 11.10 -27.97
N ASN B 466 32.12 11.46 -28.15
CA ASN B 466 31.04 10.49 -28.11
C ASN B 466 31.15 9.59 -29.35
N ALA B 467 31.52 10.19 -30.48
CA ALA B 467 31.70 9.46 -31.72
C ALA B 467 32.72 8.34 -31.57
N GLN B 468 33.83 8.61 -30.86
CA GLN B 468 34.83 7.61 -30.61
C GLN B 468 34.31 6.50 -29.70
N ILE B 469 33.56 6.85 -28.66
CA ILE B 469 33.03 5.86 -27.74
C ILE B 469 32.09 4.93 -28.52
N LEU B 470 31.24 5.52 -29.35
CA LEU B 470 30.33 4.72 -30.16
C LEU B 470 31.07 3.66 -30.98
N GLU B 471 32.16 4.06 -31.63
CA GLU B 471 32.85 3.17 -32.55
C GLU B 471 33.78 2.24 -31.79
N GLN B 472 34.55 2.77 -30.84
CA GLN B 472 35.60 1.99 -30.23
C GLN B 472 35.05 1.08 -29.13
N VAL B 473 34.03 1.55 -28.38
CA VAL B 473 33.57 0.85 -27.18
C VAL B 473 32.26 0.14 -27.49
N MET B 474 31.32 0.78 -28.20
CA MET B 474 29.98 0.24 -28.37
C MET B 474 29.81 -0.43 -29.73
N ASN B 475 30.83 -0.39 -30.60
CA ASN B 475 30.84 -1.07 -31.90
C ASN B 475 29.69 -0.60 -32.79
N VAL B 476 29.45 0.73 -32.82
CA VAL B 476 28.42 1.33 -33.63
C VAL B 476 29.06 2.40 -34.51
N HIS B 477 28.77 2.31 -35.81
CA HIS B 477 29.31 3.23 -36.79
C HIS B 477 28.77 4.62 -36.55
N SER B 478 29.59 5.62 -36.90
CA SER B 478 29.24 7.02 -36.76
C SER B 478 28.08 7.38 -37.69
N THR B 479 27.92 6.71 -38.84
CA THR B 479 26.82 6.96 -39.75
C THR B 479 25.95 5.71 -39.92
N PRO B 480 24.61 5.87 -40.10
CA PRO B 480 23.72 4.72 -40.14
C PRO B 480 23.93 3.87 -41.38
N PRO B 481 24.33 2.60 -41.24
CA PRO B 481 24.77 1.82 -42.40
C PRO B 481 23.67 1.54 -43.43
N GLY B 482 22.41 1.53 -42.99
CA GLY B 482 21.28 1.25 -43.86
C GLY B 482 20.77 2.45 -44.65
N ILE B 483 21.54 3.55 -44.75
CA ILE B 483 21.21 4.72 -45.55
C ILE B 483 22.31 4.90 -46.60
N ALA B 484 21.95 5.02 -47.89
CA ALA B 484 22.92 5.12 -48.98
C ALA B 484 23.84 6.34 -48.83
N GLU B 485 23.25 7.47 -48.41
CA GLU B 485 23.94 8.73 -48.28
C GLU B 485 25.05 8.62 -47.24
N SER B 486 24.91 7.68 -46.30
CA SER B 486 25.95 7.44 -45.31
C SER B 486 27.25 6.95 -45.94
N HIS B 487 27.22 6.43 -47.17
CA HIS B 487 28.41 5.84 -47.78
C HIS B 487 29.06 6.80 -48.77
N TRP B 488 28.42 7.91 -49.12
CA TRP B 488 28.83 8.74 -50.24
C TRP B 488 30.23 9.33 -50.05
N LEU B 489 30.53 9.85 -48.87
CA LEU B 489 31.83 10.47 -48.65
C LEU B 489 32.94 9.40 -48.74
N GLY B 490 32.70 8.23 -48.14
CA GLY B 490 33.62 7.11 -48.27
C GLY B 490 33.86 6.72 -49.72
N ASN B 491 32.78 6.60 -50.50
CA ASN B 491 32.87 6.27 -51.90
C ASN B 491 33.60 7.37 -52.66
N PHE B 492 33.28 8.62 -52.33
CA PHE B 492 33.94 9.75 -52.97
C PHE B 492 35.45 9.67 -52.77
N GLU B 493 35.89 9.39 -51.55
CA GLU B 493 37.32 9.26 -51.27
C GLU B 493 37.94 8.15 -52.12
N LEU B 494 37.27 6.99 -52.19
CA LEU B 494 37.78 5.86 -52.95
C LEU B 494 37.93 6.22 -54.43
N LEU B 495 36.95 6.93 -55.00
CA LEU B 495 36.99 7.38 -56.39
C LEU B 495 38.18 8.30 -56.64
N LEU B 496 38.43 9.23 -55.71
CA LEU B 496 39.56 10.13 -55.83
C LEU B 496 40.87 9.35 -55.87
N LEU B 497 40.99 8.33 -55.00
CA LEU B 497 42.22 7.55 -54.91
C LEU B 497 42.40 6.68 -56.16
N ASP B 498 41.30 6.20 -56.77
CA ASP B 498 41.35 5.35 -57.95
C ASP B 498 41.79 6.12 -59.20
N ASN B 499 41.50 7.44 -59.29
CA ASN B 499 41.78 8.24 -60.48
C ASN B 499 42.99 9.16 -60.27
N SER B 500 44.03 8.66 -59.58
CA SER B 500 45.26 9.40 -59.29
C SER B 500 44.99 10.81 -58.75
N GLY B 501 43.93 10.97 -57.93
CA GLY B 501 43.66 12.22 -57.22
C GLY B 501 42.93 13.28 -58.05
N GLU B 502 42.61 13.01 -59.32
CA GLU B 502 41.94 13.99 -60.18
C GLU B 502 40.43 13.76 -60.11
N LEU B 503 39.71 14.87 -60.17
CA LEU B 503 38.25 14.89 -60.13
C LEU B 503 37.76 14.49 -61.52
N ASP B 504 37.36 13.22 -61.67
CA ASP B 504 36.85 12.71 -62.94
C ASP B 504 35.34 12.94 -62.99
N ASN B 505 34.72 12.57 -64.13
CA ASN B 505 33.28 12.67 -64.32
C ASN B 505 32.52 12.01 -63.16
N HIS B 506 32.94 10.81 -62.74
CA HIS B 506 32.23 10.06 -61.71
C HIS B 506 32.36 10.74 -60.34
N SER B 507 33.59 11.17 -59.99
CA SER B 507 33.84 11.87 -58.74
C SER B 507 33.07 13.20 -58.69
N GLN B 508 32.98 13.90 -59.83
CA GLN B 508 32.27 15.17 -59.89
C GLN B 508 30.77 14.97 -59.64
N VAL B 509 30.20 13.91 -60.22
CA VAL B 509 28.78 13.63 -60.07
C VAL B 509 28.49 13.41 -58.59
N LEU B 510 29.31 12.58 -57.95
CA LEU B 510 29.09 12.25 -56.56
C LEU B 510 29.28 13.48 -55.68
N TYR B 511 30.31 14.28 -55.98
CA TYR B 511 30.54 15.54 -55.29
C TYR B 511 29.27 16.39 -55.36
N ASP B 512 28.68 16.50 -56.55
CA ASP B 512 27.50 17.33 -56.73
C ASP B 512 26.33 16.77 -55.93
N GLN B 513 26.24 15.44 -55.86
CA GLN B 513 25.19 14.78 -55.10
C GLN B 513 25.35 15.09 -53.61
N ILE B 514 26.60 15.03 -53.13
CA ILE B 514 26.89 15.33 -51.73
C ILE B 514 26.49 16.78 -51.47
N LYS B 515 26.93 17.68 -52.34
CA LYS B 515 26.62 19.10 -52.19
C LYS B 515 25.10 19.31 -52.16
N ALA B 516 24.39 18.69 -53.12
CA ALA B 516 22.96 18.87 -53.24
C ALA B 516 22.22 18.34 -52.02
N HIS B 517 22.66 17.18 -51.48
CA HIS B 517 21.94 16.53 -50.40
C HIS B 517 22.26 17.17 -49.04
N PHE B 518 23.55 17.36 -48.72
CA PHE B 518 23.97 17.77 -47.38
C PHE B 518 24.06 19.30 -47.26
N GLY B 519 24.28 19.99 -48.38
CA GLY B 519 24.31 21.44 -48.40
C GLY B 519 25.73 21.98 -48.46
N ILE B 520 25.82 23.30 -48.69
CA ILE B 520 27.04 23.98 -49.10
C ILE B 520 27.98 24.11 -47.90
N ASP B 521 27.43 24.25 -46.68
CA ASP B 521 28.26 24.39 -45.49
C ASP B 521 28.18 23.14 -44.63
N SER B 522 27.93 21.98 -45.26
CA SER B 522 27.90 20.73 -44.52
C SER B 522 29.32 20.27 -44.24
N ILE B 523 29.50 19.64 -43.07
CA ILE B 523 30.72 18.91 -42.70
C ILE B 523 31.17 17.99 -43.83
N GLU B 524 30.22 17.27 -44.47
CA GLU B 524 30.53 16.25 -45.46
C GLU B 524 31.20 16.92 -46.65
N LEU B 525 30.63 18.06 -47.07
CA LEU B 525 31.16 18.75 -48.23
C LEU B 525 32.54 19.33 -47.92
N LYS B 526 32.71 19.87 -46.70
CA LYS B 526 34.00 20.41 -46.29
C LYS B 526 35.07 19.33 -46.31
N LYS B 527 34.72 18.13 -45.87
CA LYS B 527 35.65 17.01 -45.91
C LYS B 527 36.01 16.66 -47.34
N ALA B 528 35.00 16.65 -48.23
CA ALA B 528 35.24 16.39 -49.63
C ALA B 528 36.19 17.44 -50.20
N ASP B 529 35.92 18.72 -49.91
CA ASP B 529 36.77 19.81 -50.38
C ASP B 529 38.19 19.63 -49.90
N SER B 530 38.31 19.26 -48.62
CA SER B 530 39.62 19.03 -48.04
C SER B 530 40.35 17.93 -48.81
N LEU B 531 39.65 16.85 -49.15
CA LEU B 531 40.26 15.73 -49.86
C LEU B 531 40.78 16.17 -51.22
N ILE B 532 40.00 17.00 -51.92
CA ILE B 532 40.39 17.51 -53.22
C ILE B 532 41.68 18.31 -53.08
N ARG B 533 41.70 19.22 -52.09
CA ARG B 533 42.82 20.12 -51.94
C ARG B 533 44.09 19.34 -51.61
N ILE B 534 43.99 18.37 -50.70
CA ILE B 534 45.19 17.64 -50.28
C ILE B 534 45.69 16.79 -51.44
N ASN B 535 44.78 16.16 -52.19
CA ASN B 535 45.19 15.27 -53.28
C ASN B 535 45.83 16.07 -54.41
N LYS B 536 45.31 17.27 -54.70
CA LYS B 536 45.93 18.13 -55.71
C LYS B 536 47.35 18.49 -55.32
N MET B 537 47.55 18.79 -54.04
CA MET B 537 48.87 19.18 -53.54
C MET B 537 49.81 17.98 -53.58
N LYS B 538 49.32 16.79 -53.24
CA LYS B 538 50.14 15.59 -53.27
C LYS B 538 50.60 15.30 -54.69
N ASN B 539 49.70 15.49 -55.66
CA ASN B 539 50.04 15.25 -57.06
C ASN B 539 51.07 16.25 -57.57
N LYS B 540 50.93 17.51 -57.18
CA LYS B 540 51.90 18.53 -57.56
C LYS B 540 53.28 18.15 -57.06
N LEU B 541 53.37 17.70 -55.80
CA LEU B 541 54.62 17.21 -55.23
C LEU B 541 55.16 16.08 -56.11
N ASN B 542 54.30 15.13 -56.48
CA ASN B 542 54.73 13.97 -57.24
C ASN B 542 55.33 14.39 -58.58
N LYS B 543 54.74 15.39 -59.24
CA LYS B 543 55.22 15.89 -60.53
C LYS B 543 56.58 16.56 -60.37
N ILE B 544 56.75 17.34 -59.31
CA ILE B 544 58.00 18.03 -59.04
C ILE B 544 59.11 16.99 -58.83
N ARG B 545 58.79 15.90 -58.12
CA ARG B 545 59.73 14.83 -57.85
C ARG B 545 60.12 14.09 -59.13
N ALA B 546 59.14 13.88 -60.04
CA ALA B 546 59.38 13.21 -61.32
C ALA B 546 60.33 14.01 -62.21
N GLU B 547 60.23 15.36 -62.18
CA GLU B 547 61.05 16.25 -63.00
C GLU B 547 62.50 16.24 -62.47
N THR C 2 -30.74 16.20 -53.49
CA THR C 2 -31.20 17.25 -54.45
C THR C 2 -30.25 17.24 -55.66
N LYS C 3 -30.50 18.11 -56.64
CA LYS C 3 -29.64 18.25 -57.82
C LYS C 3 -28.22 18.70 -57.43
N GLN C 4 -28.12 19.59 -56.43
CA GLN C 4 -26.82 20.10 -55.99
C GLN C 4 -25.98 18.97 -55.38
N TYR C 5 -26.58 18.15 -54.50
CA TYR C 5 -25.89 17.01 -53.89
C TYR C 5 -25.44 16.02 -54.96
N GLU C 6 -26.31 15.80 -55.97
CA GLU C 6 -26.00 14.89 -57.06
C GLU C 6 -24.76 15.37 -57.82
N ARG C 7 -24.68 16.67 -58.10
CA ARG C 7 -23.56 17.25 -58.81
C ARG C 7 -22.26 17.09 -58.02
N LYS C 8 -22.31 17.40 -56.71
CA LYS C 8 -21.14 17.32 -55.85
C LYS C 8 -20.69 15.88 -55.70
N ALA C 9 -21.66 14.98 -55.55
CA ALA C 9 -21.38 13.56 -55.43
C ALA C 9 -20.71 13.04 -56.71
N LYS C 10 -21.25 13.40 -57.88
CA LYS C 10 -20.65 13.01 -59.16
C LYS C 10 -19.27 13.65 -59.35
N GLY C 11 -19.07 14.84 -58.72
CA GLY C 11 -17.76 15.47 -58.65
C GLY C 11 -16.78 14.78 -57.70
N GLY C 12 -17.22 13.79 -56.90
CA GLY C 12 -16.35 12.98 -56.05
C GLY C 12 -16.43 13.36 -54.57
N ASN C 13 -17.42 14.17 -54.16
CA ASN C 13 -17.60 14.53 -52.76
C ASN C 13 -18.26 13.37 -52.01
N LEU C 14 -17.57 12.83 -51.00
CA LEU C 14 -17.99 11.62 -50.30
C LEU C 14 -19.23 11.89 -49.44
N LEU C 15 -19.28 13.03 -48.74
CA LEU C 15 -20.38 13.35 -47.85
C LEU C 15 -21.70 13.48 -48.62
N SER C 16 -21.65 14.14 -49.79
CA SER C 16 -22.82 14.31 -50.64
C SER C 16 -23.34 12.96 -51.13
N ALA C 17 -22.41 12.09 -51.57
CA ALA C 17 -22.76 10.75 -52.02
C ALA C 17 -23.46 9.98 -50.90
N PHE C 18 -22.93 10.11 -49.67
CA PHE C 18 -23.48 9.39 -48.53
C PHE C 18 -24.85 9.92 -48.16
N GLU C 19 -25.03 11.25 -48.18
CA GLU C 19 -26.32 11.87 -47.87
C GLU C 19 -27.40 11.36 -48.83
N LEU C 20 -27.06 11.24 -50.13
CA LEU C 20 -27.98 10.73 -51.13
C LEU C 20 -28.31 9.26 -50.87
N TYR C 21 -27.31 8.50 -50.43
CA TYR C 21 -27.52 7.11 -50.04
C TYR C 21 -28.52 7.02 -48.88
N GLN C 22 -28.35 7.85 -47.84
CA GLN C 22 -29.19 7.80 -46.65
C GLN C 22 -30.64 8.20 -46.95
N ARG C 23 -30.86 9.22 -47.80
CA ARG C 23 -32.18 9.73 -48.10
C ARG C 23 -33.00 8.72 -48.93
N ASN C 24 -32.34 8.05 -49.88
CA ASN C 24 -33.01 7.13 -50.79
C ASN C 24 -33.28 5.79 -50.11
N SER C 25 -32.48 5.43 -49.10
CA SER C 25 -32.70 4.22 -48.31
C SER C 25 -33.97 4.37 -47.46
N GLY C 37 -28.19 2.11 -54.62
CA GLY C 37 -27.17 1.15 -55.09
C GLY C 37 -25.94 1.85 -55.68
N GLU C 38 -26.16 2.78 -56.61
CA GLU C 38 -25.11 3.55 -57.25
C GLU C 38 -24.33 4.37 -56.22
N TRP C 39 -25.04 5.06 -55.33
CA TRP C 39 -24.41 5.92 -54.34
C TRP C 39 -23.64 5.11 -53.31
N PHE C 40 -24.22 3.98 -52.91
CA PHE C 40 -23.52 3.05 -52.03
C PHE C 40 -22.19 2.65 -52.66
N GLU C 41 -22.22 2.27 -53.94
CA GLU C 41 -21.03 1.79 -54.63
C GLU C 41 -19.98 2.89 -54.71
N MET C 42 -20.43 4.14 -54.96
CA MET C 42 -19.53 5.27 -54.98
C MET C 42 -18.80 5.42 -53.64
N CYS C 43 -19.56 5.35 -52.54
CA CYS C 43 -18.99 5.48 -51.21
C CYS C 43 -18.01 4.34 -50.93
N ARG C 44 -18.43 3.12 -51.26
CA ARG C 44 -17.60 1.96 -51.05
C ARG C 44 -16.31 2.07 -51.86
N ASP C 45 -16.40 2.48 -53.13
CA ASP C 45 -15.23 2.60 -54.00
C ASP C 45 -14.27 3.69 -53.51
N TYR C 46 -14.83 4.80 -53.00
CA TYR C 46 -14.00 5.86 -52.44
C TYR C 46 -13.13 5.33 -51.31
N ILE C 47 -13.70 4.46 -50.46
CA ILE C 47 -13.00 3.94 -49.30
C ILE C 47 -12.06 2.82 -49.73
N GLN C 48 -12.44 2.00 -50.71
CA GLN C 48 -11.75 0.74 -50.96
C GLN C 48 -10.75 0.83 -52.11
N ASP C 49 -10.97 1.74 -53.05
CA ASP C 49 -10.15 1.75 -54.25
C ASP C 49 -8.71 2.14 -53.90
N GLY C 50 -7.78 1.50 -54.62
CA GLY C 50 -6.37 1.81 -54.53
C GLY C 50 -5.59 1.16 -55.68
N HIS C 51 -4.27 1.33 -55.68
CA HIS C 51 -3.43 0.76 -56.73
C HIS C 51 -2.14 0.20 -56.11
N VAL C 52 -1.49 -0.70 -56.84
CA VAL C 52 -0.22 -1.26 -56.43
C VAL C 52 0.87 -0.47 -57.15
N ASP C 53 1.83 0.08 -56.40
CA ASP C 53 2.88 0.93 -56.95
C ASP C 53 3.95 0.02 -57.57
N GLU C 54 5.03 0.62 -58.10
CA GLU C 54 6.09 -0.12 -58.78
C GLU C 54 6.87 -1.00 -57.81
N SER C 55 6.86 -0.66 -56.51
CA SER C 55 7.52 -1.45 -55.48
C SER C 55 6.63 -2.60 -55.00
N GLY C 56 5.41 -2.76 -55.55
CA GLY C 56 4.54 -3.86 -55.19
C GLY C 56 3.74 -3.56 -53.93
N ILE C 57 3.65 -2.29 -53.52
CA ILE C 57 2.94 -1.93 -52.29
C ILE C 57 1.57 -1.39 -52.70
N PHE C 58 0.52 -1.86 -52.03
CA PHE C 58 -0.80 -1.29 -52.22
C PHE C 58 -0.88 0.11 -51.65
N ARG C 59 -1.45 1.04 -52.43
CA ARG C 59 -1.63 2.43 -52.02
C ARG C 59 -3.07 2.85 -52.20
N PRO C 60 -3.79 3.22 -51.11
CA PRO C 60 -5.14 3.74 -51.26
C PRO C 60 -5.19 5.00 -52.11
N ASP C 61 -6.21 5.10 -52.97
CA ASP C 61 -6.39 6.30 -53.78
C ASP C 61 -6.71 7.49 -52.89
N ASN C 62 -7.48 7.26 -51.81
CA ASN C 62 -7.85 8.31 -50.88
C ASN C 62 -7.22 8.06 -49.51
N ALA C 63 -6.08 8.73 -49.24
CA ALA C 63 -5.34 8.59 -48.00
C ALA C 63 -6.02 9.34 -46.86
N PHE C 64 -5.84 8.85 -45.62
CA PHE C 64 -6.36 9.47 -44.42
C PHE C 64 -5.20 9.81 -43.47
N TYR C 65 -5.01 11.11 -43.15
CA TYR C 65 -3.97 11.49 -42.20
C TYR C 65 -4.31 12.81 -41.52
N LEU C 66 -3.63 13.06 -40.39
CA LEU C 66 -3.73 14.31 -39.67
C LEU C 66 -2.82 15.33 -40.33
N ARG C 67 -3.40 16.46 -40.70
CA ARG C 67 -2.68 17.47 -41.47
C ARG C 67 -2.17 18.55 -40.53
N ARG C 68 -3.02 19.00 -39.60
CA ARG C 68 -2.68 20.13 -38.76
C ARG C 68 -3.24 19.98 -37.36
N LEU C 69 -2.49 20.53 -36.38
CA LEU C 69 -2.91 20.57 -34.99
C LEU C 69 -2.65 21.95 -34.39
N THR C 70 -3.63 22.49 -33.66
CA THR C 70 -3.48 23.76 -32.97
C THR C 70 -3.87 23.59 -31.50
N LEU C 71 -3.02 24.09 -30.60
CA LEU C 71 -3.25 24.03 -29.17
C LEU C 71 -3.35 25.43 -28.61
N LYS C 72 -4.47 25.73 -27.93
CA LYS C 72 -4.64 27.02 -27.29
C LYS C 72 -4.83 26.84 -25.78
N ASP C 73 -3.99 27.50 -24.98
CA ASP C 73 -4.03 27.42 -23.52
C ASP C 73 -4.14 25.98 -23.03
N PHE C 74 -3.34 25.10 -23.64
CA PHE C 74 -3.34 23.69 -23.31
C PHE C 74 -2.04 23.39 -22.58
N ARG C 75 -2.14 23.01 -21.29
CA ARG C 75 -0.98 22.67 -20.48
C ARG C 75 0.04 23.81 -20.56
N ARG C 76 1.23 23.61 -21.14
CA ARG C 76 2.26 24.64 -21.11
C ARG C 76 2.05 25.63 -22.26
N PHE C 77 1.18 25.32 -23.24
CA PHE C 77 1.11 26.06 -24.48
C PHE C 77 0.02 27.12 -24.39
N SER C 78 0.39 28.38 -24.60
CA SER C 78 -0.58 29.44 -24.84
C SER C 78 -1.17 29.31 -26.24
N LEU C 79 -0.30 29.15 -27.23
CA LEU C 79 -0.72 28.89 -28.57
C LEU C 79 0.37 28.10 -29.31
N LEU C 80 -0.01 26.97 -29.92
CA LEU C 80 0.94 26.17 -30.70
C LEU C 80 0.26 25.63 -31.95
N GLU C 81 0.95 25.75 -33.09
CA GLU C 81 0.45 25.25 -34.36
C GLU C 81 1.48 24.30 -34.97
N ILE C 82 1.04 23.12 -35.39
CA ILE C 82 1.93 22.12 -35.96
C ILE C 82 1.35 21.64 -37.28
N LYS C 83 2.16 21.65 -38.34
CA LYS C 83 1.84 20.97 -39.59
C LYS C 83 2.51 19.60 -39.57
N LEU C 84 1.77 18.54 -39.89
CA LEU C 84 2.32 17.20 -39.82
C LEU C 84 2.54 16.64 -41.21
N GLU C 85 3.54 15.74 -41.33
CA GLU C 85 3.80 15.04 -42.57
C GLU C 85 2.86 13.85 -42.71
N GLU C 86 2.58 13.47 -43.97
CA GLU C 86 1.61 12.42 -44.27
C GLU C 86 2.15 11.08 -43.80
N ASP C 87 3.49 10.93 -43.74
CA ASP C 87 4.14 9.66 -43.51
C ASP C 87 4.72 9.63 -42.08
N LEU C 88 5.68 10.52 -41.78
CA LEU C 88 6.44 10.47 -40.55
C LEU C 88 6.71 11.88 -40.04
N THR C 89 6.35 12.12 -38.78
CA THR C 89 6.72 13.35 -38.10
C THR C 89 7.39 12.97 -36.77
N VAL C 90 8.58 13.53 -36.54
CA VAL C 90 9.32 13.25 -35.32
C VAL C 90 9.47 14.56 -34.54
N ILE C 91 9.04 14.57 -33.28
CA ILE C 91 9.05 15.75 -32.44
C ILE C 91 10.20 15.61 -31.45
N ILE C 92 11.04 16.63 -31.36
CA ILE C 92 12.21 16.58 -30.49
C ILE C 92 12.24 17.82 -29.61
N GLY C 93 12.94 17.72 -28.48
CA GLY C 93 13.07 18.79 -27.51
C GLY C 93 13.52 18.26 -26.16
N ASN C 94 13.93 19.18 -25.29
CA ASN C 94 14.35 18.82 -23.94
C ASN C 94 13.17 18.32 -23.13
N ASN C 95 13.50 17.71 -21.98
CA ASN C 95 12.50 17.31 -21.01
C ASN C 95 11.69 18.53 -20.55
N GLY C 96 10.37 18.33 -20.45
CA GLY C 96 9.45 19.37 -20.01
C GLY C 96 9.07 20.36 -21.10
N LYS C 97 9.35 20.04 -22.38
CA LYS C 97 8.97 20.93 -23.47
C LYS C 97 7.54 20.68 -23.99
N GLY C 98 6.89 19.56 -23.64
CA GLY C 98 5.50 19.31 -24.02
C GLY C 98 5.35 18.32 -25.18
N LYS C 99 6.37 17.49 -25.43
CA LYS C 99 6.32 16.51 -26.51
C LYS C 99 5.18 15.51 -26.26
N THR C 100 5.09 15.03 -25.02
CA THR C 100 4.07 14.07 -24.63
C THR C 100 2.69 14.71 -24.71
N SER C 101 2.58 15.97 -24.24
CA SER C 101 1.33 16.72 -24.30
C SER C 101 0.76 16.75 -25.72
N ILE C 102 1.62 16.92 -26.72
CA ILE C 102 1.18 16.94 -28.11
C ILE C 102 0.54 15.60 -28.47
N LEU C 103 1.18 14.49 -28.13
CA LEU C 103 0.65 13.18 -28.49
C LEU C 103 -0.68 12.90 -27.81
N TYR C 104 -0.80 13.28 -26.54
CA TYR C 104 -2.02 13.12 -25.76
C TYR C 104 -3.18 13.88 -26.40
N ALA C 105 -2.91 15.12 -26.83
CA ALA C 105 -3.92 15.92 -27.51
C ALA C 105 -4.46 15.19 -28.74
N ILE C 106 -3.58 14.58 -29.53
CA ILE C 106 -3.96 13.91 -30.77
C ILE C 106 -4.78 12.68 -30.42
N ALA C 107 -4.31 11.92 -29.42
CA ALA C 107 -4.99 10.70 -29.05
C ALA C 107 -6.44 10.96 -28.64
N LYS C 108 -6.68 12.02 -27.87
CA LYS C 108 -8.04 12.35 -27.43
C LYS C 108 -8.93 12.66 -28.62
N THR C 109 -8.37 13.35 -29.61
CA THR C 109 -9.13 13.64 -30.83
C THR C 109 -9.48 12.34 -31.55
N LEU C 110 -8.51 11.41 -31.67
CA LEU C 110 -8.72 10.19 -32.41
C LEU C 110 -9.76 9.30 -31.72
N SER C 111 -9.89 9.45 -30.40
CA SER C 111 -10.88 8.70 -29.62
C SER C 111 -12.30 8.91 -30.14
N TRP C 112 -12.58 10.08 -30.71
CA TRP C 112 -13.90 10.39 -31.24
C TRP C 112 -14.21 9.60 -32.51
N PHE C 113 -13.21 9.35 -33.37
CA PHE C 113 -13.41 8.48 -34.52
C PHE C 113 -13.70 7.05 -34.07
N VAL C 114 -12.91 6.55 -33.12
CA VAL C 114 -13.00 5.17 -32.67
C VAL C 114 -14.38 4.93 -32.08
N ALA C 115 -14.83 5.84 -31.20
CA ALA C 115 -16.10 5.69 -30.49
C ALA C 115 -17.27 5.59 -31.47
N ASN C 116 -17.20 6.37 -32.56
CA ASN C 116 -18.31 6.46 -33.49
C ASN C 116 -18.24 5.37 -34.56
N ILE C 117 -17.08 4.77 -34.81
CA ILE C 117 -16.99 3.58 -35.64
C ILE C 117 -17.66 2.41 -34.92
N LEU C 118 -17.53 2.37 -33.59
CA LEU C 118 -18.03 1.26 -32.80
C LEU C 118 -19.52 1.39 -32.58
N LYS C 119 -19.97 2.61 -32.28
CA LYS C 119 -21.36 2.82 -31.91
C LYS C 119 -21.81 4.19 -32.36
N GLU C 120 -23.03 4.22 -32.92
CA GLU C 120 -23.65 5.46 -33.33
C GLU C 120 -23.77 6.39 -32.13
N GLY C 121 -23.25 7.61 -32.31
CA GLY C 121 -23.29 8.62 -31.26
C GLY C 121 -22.39 8.24 -30.07
N GLY C 122 -21.40 7.36 -30.30
CA GLY C 122 -20.42 7.06 -29.27
C GLY C 122 -19.62 8.32 -28.93
N SER C 123 -19.26 8.46 -27.64
CA SER C 123 -18.49 9.59 -27.16
C SER C 123 -17.02 9.19 -26.99
N GLY C 124 -16.10 9.97 -27.56
CA GLY C 124 -14.69 9.85 -27.29
C GLY C 124 -14.32 10.46 -25.93
N GLN C 125 -13.04 10.77 -25.74
CA GLN C 125 -12.51 11.24 -24.48
C GLN C 125 -12.54 12.76 -24.45
N ARG C 126 -12.66 13.35 -23.24
CA ARG C 126 -12.69 14.80 -23.03
C ARG C 126 -11.39 15.30 -22.41
N LEU C 127 -11.15 16.61 -22.54
CA LEU C 127 -10.01 17.27 -21.90
C LEU C 127 -10.28 17.38 -20.40
N SER C 128 -9.24 17.23 -19.60
CA SER C 128 -9.35 17.34 -18.15
C SER C 128 -9.39 18.79 -17.71
N GLU C 129 -10.31 19.11 -16.79
CA GLU C 129 -10.44 20.45 -16.21
C GLU C 129 -9.27 20.78 -15.29
N MET C 130 -8.63 19.75 -14.74
CA MET C 130 -7.62 19.93 -13.72
C MET C 130 -6.24 20.02 -14.36
N THR C 131 -5.98 19.21 -15.41
CA THR C 131 -4.61 19.04 -15.87
C THR C 131 -4.41 19.66 -17.24
N ASP C 132 -5.47 19.82 -18.04
CA ASP C 132 -5.29 20.14 -19.45
C ASP C 132 -5.35 21.65 -19.68
N ILE C 133 -5.85 22.41 -18.71
CA ILE C 133 -5.95 23.86 -18.86
C ILE C 133 -4.65 24.47 -18.36
N LYS C 134 -4.09 25.38 -19.16
CA LYS C 134 -2.89 26.09 -18.76
C LYS C 134 -3.16 26.84 -17.44
N ASN C 135 -2.21 26.77 -16.49
CA ASN C 135 -2.38 27.32 -15.15
C ASN C 135 -2.66 28.83 -15.13
N ASP C 136 -2.07 29.64 -16.05
CA ASP C 136 -2.21 31.10 -16.05
C ASP C 136 -3.03 31.58 -17.26
N ALA C 137 -3.98 30.75 -17.71
CA ALA C 137 -4.80 31.08 -18.87
C ALA C 137 -5.78 32.18 -18.47
N GLU C 138 -5.73 33.32 -19.17
CA GLU C 138 -6.64 34.42 -18.91
C GLU C 138 -8.08 34.01 -19.21
N ASP C 139 -8.32 33.33 -20.34
CA ASP C 139 -9.66 32.95 -20.77
C ASP C 139 -10.21 31.75 -20.01
N ARG C 140 -9.37 31.01 -19.23
CA ARG C 140 -9.77 29.91 -18.36
C ARG C 140 -10.47 28.80 -19.14
N TYR C 141 -10.02 28.52 -20.36
CA TYR C 141 -10.43 27.35 -21.12
C TYR C 141 -9.25 26.87 -21.96
N SER C 142 -9.36 25.63 -22.49
CA SER C 142 -8.37 25.06 -23.38
C SER C 142 -9.03 24.53 -24.65
N ASP C 143 -8.31 24.66 -25.79
CA ASP C 143 -8.77 24.17 -27.08
C ASP C 143 -7.72 23.32 -27.77
N VAL C 144 -8.17 22.15 -28.27
CA VAL C 144 -7.36 21.30 -29.13
C VAL C 144 -8.09 21.21 -30.47
N SER C 145 -7.51 21.87 -31.49
CA SER C 145 -8.09 21.91 -32.82
C SER C 145 -7.26 21.08 -33.79
N SER C 146 -7.91 20.14 -34.50
CA SER C 146 -7.24 19.24 -35.42
C SER C 146 -7.94 19.27 -36.77
N THR C 147 -7.18 19.17 -37.86
CA THR C 147 -7.74 19.07 -39.19
C THR C 147 -7.22 17.81 -39.87
N PHE C 148 -8.14 16.95 -40.32
CA PHE C 148 -7.81 15.69 -40.98
C PHE C 148 -8.09 15.79 -42.46
N PHE C 149 -7.43 14.91 -43.23
CA PHE C 149 -7.58 14.85 -44.67
C PHE C 149 -8.02 13.44 -45.03
N PHE C 150 -9.01 13.33 -45.95
CA PHE C 150 -9.41 12.05 -46.51
C PHE C 150 -9.69 12.13 -48.00
N GLY C 151 -8.62 12.09 -48.80
CA GLY C 151 -8.69 12.17 -50.24
C GLY C 151 -9.18 13.53 -50.73
N LYS C 152 -9.23 13.69 -52.05
CA LYS C 152 -9.61 14.97 -52.65
C LYS C 152 -11.10 15.25 -52.47
N GLY C 153 -11.92 14.20 -52.27
CA GLY C 153 -13.33 14.35 -51.97
C GLY C 153 -13.62 15.02 -50.63
N LEU C 154 -12.70 14.86 -49.65
CA LEU C 154 -12.88 15.38 -48.30
C LEU C 154 -11.56 15.94 -47.75
N LYS C 155 -11.22 17.13 -48.24
CA LYS C 155 -9.91 17.72 -48.04
C LYS C 155 -9.73 18.25 -46.63
N SER C 156 -10.83 18.53 -45.91
CA SER C 156 -10.72 19.11 -44.59
C SER C 156 -11.80 18.54 -43.68
N VAL C 157 -11.36 17.86 -42.62
CA VAL C 157 -12.23 17.39 -41.56
C VAL C 157 -11.79 18.06 -40.25
N PRO C 158 -12.33 19.26 -39.90
CA PRO C 158 -11.93 19.97 -38.68
C PRO C 158 -12.62 19.46 -37.42
N ILE C 159 -11.86 19.28 -36.34
CA ILE C 159 -12.39 18.85 -35.04
C ILE C 159 -11.82 19.76 -33.96
N ARG C 160 -12.64 20.12 -32.97
CA ARG C 160 -12.16 20.89 -31.84
C ARG C 160 -12.65 20.29 -30.53
N LEU C 161 -11.72 20.02 -29.63
CA LEU C 161 -12.03 19.64 -28.26
C LEU C 161 -11.80 20.84 -27.36
N SER C 162 -12.79 21.12 -26.52
CA SER C 162 -12.73 22.28 -25.67
C SER C 162 -13.11 21.91 -24.24
N ARG C 163 -12.48 22.60 -23.29
CA ARG C 163 -12.85 22.45 -21.90
C ARG C 163 -12.63 23.76 -21.16
N SER C 164 -13.66 24.15 -20.38
CA SER C 164 -13.60 25.36 -19.56
C SER C 164 -13.20 24.97 -18.14
N ALA C 165 -12.53 25.91 -17.46
CA ALA C 165 -12.16 25.73 -16.07
C ALA C 165 -13.40 25.72 -15.18
N LEU C 166 -13.22 25.26 -13.94
CA LEU C 166 -14.29 24.97 -12.98
C LEU C 166 -15.25 26.14 -12.71
N GLY C 167 -14.75 27.39 -12.64
CA GLY C 167 -15.52 28.55 -12.21
C GLY C 167 -16.62 28.99 -13.19
N THR C 168 -16.47 28.62 -14.48
CA THR C 168 -17.51 28.62 -15.52
C THR C 168 -18.26 29.96 -15.62
N ALA C 169 -17.65 30.94 -16.33
CA ALA C 169 -18.34 32.15 -16.77
C ALA C 169 -19.20 31.83 -18.00
N GLU C 170 -18.64 31.07 -18.95
CA GLU C 170 -19.36 30.55 -20.11
C GLU C 170 -18.82 29.16 -20.44
N ARG C 171 -19.70 28.24 -20.84
CA ARG C 171 -19.31 26.90 -21.27
C ARG C 171 -18.84 26.96 -22.72
N ARG C 172 -17.64 26.41 -22.99
CA ARG C 172 -17.11 26.24 -24.34
C ARG C 172 -17.31 24.79 -24.74
N ASP C 173 -18.11 24.57 -25.80
CA ASP C 173 -18.44 23.22 -26.21
C ASP C 173 -17.46 22.75 -27.28
N SER C 174 -17.15 21.45 -27.22
CA SER C 174 -16.37 20.78 -28.26
C SER C 174 -17.18 20.70 -29.55
N GLU C 175 -16.50 20.80 -30.70
CA GLU C 175 -17.11 20.63 -32.01
C GLU C 175 -16.58 19.35 -32.68
N VAL C 176 -17.35 18.25 -32.57
CA VAL C 176 -16.88 16.92 -32.93
C VAL C 176 -17.73 16.31 -34.05
N LYS C 177 -18.68 17.08 -34.59
CA LYS C 177 -19.67 16.56 -35.53
C LYS C 177 -18.96 16.01 -36.77
N PRO C 178 -17.98 16.73 -37.37
CA PRO C 178 -17.30 16.15 -38.53
C PRO C 178 -16.64 14.79 -38.29
N ALA C 179 -16.04 14.59 -37.10
CA ALA C 179 -15.48 13.29 -36.74
C ALA C 179 -16.56 12.23 -36.75
N LYS C 180 -17.71 12.57 -36.15
CA LYS C 180 -18.84 11.65 -36.03
C LYS C 180 -19.37 11.32 -37.42
N ASP C 181 -19.50 12.34 -38.27
CA ASP C 181 -20.04 12.16 -39.60
C ASP C 181 -19.17 11.20 -40.41
N LEU C 182 -17.85 11.42 -40.36
CA LEU C 182 -16.95 10.57 -41.10
C LEU C 182 -16.98 9.13 -40.56
N ALA C 183 -16.93 9.00 -39.24
CA ALA C 183 -16.96 7.69 -38.61
C ALA C 183 -18.25 6.94 -38.95
N ASP C 184 -19.37 7.67 -39.05
CA ASP C 184 -20.65 7.10 -39.43
C ASP C 184 -20.58 6.45 -40.81
N ILE C 185 -19.88 7.11 -41.75
CA ILE C 185 -19.73 6.57 -43.10
C ILE C 185 -19.05 5.20 -43.01
N TRP C 186 -17.92 5.12 -42.28
CA TRP C 186 -17.19 3.87 -42.12
C TRP C 186 -18.08 2.80 -41.50
N ARG C 187 -18.81 3.17 -40.44
CA ARG C 187 -19.64 2.23 -39.69
C ARG C 187 -20.74 1.66 -40.58
N VAL C 188 -21.50 2.54 -41.26
CA VAL C 188 -22.71 2.16 -41.98
C VAL C 188 -22.33 1.33 -43.21
N ILE C 189 -21.31 1.77 -43.96
CA ILE C 189 -20.93 1.05 -45.16
C ILE C 189 -20.38 -0.32 -44.77
N ASN C 190 -19.62 -0.39 -43.66
CA ASN C 190 -19.09 -1.66 -43.19
C ASN C 190 -20.20 -2.63 -42.81
N GLU C 191 -21.30 -2.11 -42.22
CA GLU C 191 -22.44 -2.93 -41.83
C GLU C 191 -23.03 -3.65 -43.04
N VAL C 192 -23.09 -2.98 -44.19
CA VAL C 192 -23.73 -3.51 -45.40
C VAL C 192 -22.74 -4.47 -46.05
N ASN C 193 -21.51 -3.98 -46.28
CA ASN C 193 -20.47 -4.77 -46.89
C ASN C 193 -19.15 -4.50 -46.20
N THR C 194 -18.44 -5.59 -45.85
CA THR C 194 -17.19 -5.47 -45.13
C THR C 194 -16.23 -4.60 -45.93
N ILE C 195 -15.61 -3.62 -45.26
CA ILE C 195 -14.61 -2.73 -45.83
C ILE C 195 -13.38 -2.77 -44.93
N ASN C 196 -12.22 -2.28 -45.43
CA ASN C 196 -11.06 -2.09 -44.57
C ASN C 196 -11.25 -0.85 -43.70
N LEU C 197 -10.75 -0.88 -42.45
CA LEU C 197 -10.94 0.22 -41.51
C LEU C 197 -9.63 0.80 -41.04
N PRO C 198 -9.59 2.12 -40.68
CA PRO C 198 -8.34 2.72 -40.23
C PRO C 198 -7.91 2.27 -38.84
N THR C 199 -6.60 2.10 -38.64
CA THR C 199 -6.05 1.76 -37.33
C THR C 199 -5.61 3.04 -36.61
N PHE C 200 -6.04 3.20 -35.36
CA PHE C 200 -5.59 4.29 -34.50
C PHE C 200 -4.97 3.72 -33.25
N ALA C 201 -3.72 4.10 -32.93
CA ALA C 201 -3.08 3.55 -31.74
C ALA C 201 -2.11 4.55 -31.12
N LEU C 202 -2.07 4.53 -29.80
CA LEU C 202 -1.10 5.27 -29.04
C LEU C 202 -0.24 4.31 -28.23
N TYR C 203 1.10 4.42 -28.38
CA TYR C 203 2.05 3.69 -27.56
C TYR C 203 2.86 4.69 -26.75
N ASN C 204 2.51 4.89 -25.49
CA ASN C 204 3.23 5.83 -24.63
C ASN C 204 4.25 5.03 -23.83
N VAL C 205 4.87 5.66 -22.82
CA VAL C 205 5.90 5.01 -22.02
C VAL C 205 5.28 3.93 -21.13
N GLU C 206 3.93 3.91 -20.93
CA GLU C 206 3.27 2.82 -20.22
C GLU C 206 3.41 1.46 -20.92
N ARG C 207 3.84 1.41 -22.19
CA ARG C 207 4.07 0.14 -22.85
C ARG C 207 5.14 -0.71 -22.15
N SER C 208 6.03 -0.07 -21.38
CA SER C 208 7.04 -0.75 -20.59
C SER C 208 6.40 -1.22 -19.28
N GLN C 209 6.05 -2.52 -19.21
CA GLN C 209 5.38 -3.11 -18.05
C GLN C 209 5.70 -4.60 -17.97
N PRO C 210 5.64 -5.28 -16.79
CA PRO C 210 6.03 -6.67 -16.72
C PRO C 210 5.01 -7.59 -17.39
N PHE C 211 5.48 -8.75 -17.85
CA PHE C 211 4.63 -9.74 -18.47
C PHE C 211 4.03 -10.62 -17.38
N ASN C 212 2.70 -10.74 -17.37
CA ASN C 212 2.01 -11.77 -16.60
C ASN C 212 2.02 -13.04 -17.44
N ARG C 213 2.58 -14.14 -16.90
CA ARG C 213 2.55 -15.44 -17.56
C ARG C 213 1.13 -16.02 -17.64
N ASN C 214 0.19 -15.56 -16.80
CA ASN C 214 -1.08 -16.24 -16.63
C ASN C 214 -2.00 -15.87 -17.79
N ILE C 215 -1.90 -16.65 -18.87
CA ILE C 215 -2.62 -16.38 -20.12
C ILE C 215 -4.06 -16.85 -19.90
N LYS C 216 -5.01 -15.97 -20.24
CA LYS C 216 -6.38 -16.05 -19.73
C LYS C 216 -7.25 -16.91 -20.67
N ASP C 217 -8.43 -17.30 -20.15
CA ASP C 217 -9.59 -17.81 -20.88
C ASP C 217 -9.64 -17.38 -22.35
N ASN C 218 -9.99 -18.33 -23.23
CA ASN C 218 -10.58 -18.03 -24.55
C ASN C 218 -12.08 -17.79 -24.36
N THR C 219 -12.43 -16.63 -23.76
CA THR C 219 -13.81 -16.18 -23.61
C THR C 219 -14.45 -15.93 -24.99
N GLY C 220 -13.61 -15.66 -26.02
CA GLY C 220 -14.06 -15.59 -27.40
C GLY C 220 -14.18 -14.15 -27.87
N ARG C 221 -13.85 -13.15 -27.02
CA ARG C 221 -13.98 -11.75 -27.39
C ARG C 221 -12.79 -11.27 -28.23
N ARG C 222 -11.66 -11.99 -28.17
CA ARG C 222 -10.45 -11.62 -28.89
C ARG C 222 -10.58 -11.93 -30.37
N GLU C 223 -11.58 -12.74 -30.77
CA GLU C 223 -11.73 -13.12 -32.16
C GLU C 223 -12.65 -12.12 -32.85
N GLU C 224 -13.31 -11.25 -32.09
CA GLU C 224 -14.26 -10.32 -32.68
C GLU C 224 -13.50 -9.18 -33.35
N ARG C 225 -13.86 -8.83 -34.59
CA ARG C 225 -13.12 -7.89 -35.41
C ARG C 225 -12.90 -6.57 -34.67
N PHE C 226 -13.91 -6.06 -33.96
CA PHE C 226 -13.85 -4.73 -33.38
C PHE C 226 -13.16 -4.74 -32.02
N ASP C 227 -12.76 -5.92 -31.55
CA ASP C 227 -11.77 -5.99 -30.49
C ASP C 227 -10.47 -5.27 -30.86
N ALA C 228 -10.17 -5.14 -32.16
CA ALA C 228 -9.05 -4.34 -32.63
C ALA C 228 -9.09 -2.91 -32.12
N TYR C 229 -10.26 -2.36 -31.78
CA TYR C 229 -10.37 -1.00 -31.28
C TYR C 229 -10.32 -0.95 -29.76
N SER C 230 -10.25 -2.12 -29.10
CA SER C 230 -10.27 -2.17 -27.64
C SER C 230 -8.96 -1.63 -27.09
N GLN C 231 -9.04 -0.53 -26.32
CA GLN C 231 -7.93 0.07 -25.61
C GLN C 231 -6.79 0.46 -26.56
N THR C 232 -7.13 0.85 -27.80
CA THR C 232 -6.13 1.26 -28.77
C THR C 232 -5.42 2.55 -28.38
N LEU C 233 -6.11 3.46 -27.67
CA LEU C 233 -5.57 4.77 -27.34
C LEU C 233 -5.28 4.86 -25.85
N GLY C 234 -5.14 3.70 -25.18
CA GLY C 234 -4.86 3.64 -23.76
C GLY C 234 -3.38 3.84 -23.43
N GLY C 235 -2.50 3.64 -24.41
CA GLY C 235 -1.10 3.95 -24.23
C GLY C 235 -0.19 2.72 -24.11
N ALA C 236 -0.70 1.56 -23.66
CA ALA C 236 0.13 0.38 -23.40
C ALA C 236 0.06 -0.67 -24.50
N GLY C 237 -0.91 -0.60 -25.42
CA GLY C 237 -1.33 -1.77 -26.19
C GLY C 237 -2.15 -2.74 -25.32
N ARG C 238 -2.38 -3.97 -25.81
CA ARG C 238 -2.80 -5.10 -25.01
C ARG C 238 -2.06 -6.35 -25.49
N PHE C 239 -0.81 -6.49 -25.02
CA PHE C 239 0.03 -7.59 -25.45
C PHE C 239 -0.55 -8.92 -24.98
N ASP C 240 -1.17 -8.96 -23.81
CA ASP C 240 -1.89 -10.13 -23.34
C ASP C 240 -2.98 -10.58 -24.30
N HIS C 241 -3.72 -9.63 -24.91
CA HIS C 241 -4.73 -9.96 -25.91
C HIS C 241 -4.08 -10.59 -27.13
N PHE C 242 -2.89 -10.12 -27.51
CA PHE C 242 -2.18 -10.71 -28.62
C PHE C 242 -1.89 -12.18 -28.35
N VAL C 243 -1.37 -12.47 -27.16
CA VAL C 243 -0.94 -13.81 -26.83
C VAL C 243 -2.14 -14.75 -26.90
N GLU C 244 -3.25 -14.35 -26.29
CA GLU C 244 -4.48 -15.12 -26.31
C GLU C 244 -4.94 -15.37 -27.74
N TRP C 245 -4.96 -14.31 -28.54
CA TRP C 245 -5.41 -14.40 -29.92
C TRP C 245 -4.48 -15.31 -30.73
N TYR C 246 -3.18 -15.20 -30.49
CA TYR C 246 -2.22 -15.97 -31.26
C TYR C 246 -2.31 -17.45 -30.96
N ILE C 247 -2.50 -17.81 -29.68
CA ILE C 247 -2.68 -19.20 -29.29
C ILE C 247 -3.96 -19.74 -29.92
N TYR C 248 -5.03 -18.93 -29.85
CA TYR C 248 -6.29 -19.27 -30.49
C TYR C 248 -6.07 -19.60 -31.97
N LEU C 249 -5.34 -18.74 -32.68
CA LEU C 249 -5.09 -18.96 -34.10
C LEU C 249 -4.39 -20.29 -34.32
N HIS C 250 -3.43 -20.62 -33.45
CA HIS C 250 -2.68 -21.85 -33.55
C HIS C 250 -3.60 -23.06 -33.42
N LYS C 251 -4.48 -23.05 -32.42
CA LYS C 251 -5.37 -24.17 -32.15
C LYS C 251 -6.30 -24.41 -33.34
N ARG C 252 -6.76 -23.32 -33.95
CA ARG C 252 -7.66 -23.41 -35.09
C ARG C 252 -6.94 -23.90 -36.33
N THR C 253 -5.65 -23.56 -36.46
CA THR C 253 -4.88 -24.04 -37.60
C THR C 253 -4.69 -25.54 -37.49
N VAL C 254 -4.41 -26.05 -36.27
CA VAL C 254 -4.16 -27.48 -36.10
C VAL C 254 -5.49 -28.24 -36.21
N SER C 255 -6.64 -27.60 -35.87
CA SER C 255 -7.96 -28.22 -35.98
C SER C 255 -8.94 -27.37 -36.80
N ASP C 256 -9.19 -27.76 -38.07
CA ASP C 256 -10.10 -27.05 -38.97
C ASP C 256 -11.56 -27.30 -38.56
N ILE C 257 -12.42 -26.30 -38.82
CA ILE C 257 -13.80 -26.23 -38.32
C ILE C 257 -14.73 -27.10 -39.19
N SER C 258 -14.43 -27.22 -40.49
CA SER C 258 -15.25 -27.96 -41.45
C SER C 258 -15.18 -29.47 -41.19
N SER C 259 -14.00 -29.98 -40.83
CA SER C 259 -13.86 -31.37 -40.40
C SER C 259 -14.69 -31.62 -39.15
N SER C 260 -14.66 -30.66 -38.22
CA SER C 260 -15.53 -30.71 -37.04
C SER C 260 -16.99 -30.69 -37.48
N ILE C 261 -17.32 -29.87 -38.50
CA ILE C 261 -18.68 -29.84 -39.06
C ILE C 261 -18.97 -31.18 -39.72
N LYS C 262 -18.03 -31.69 -40.51
CA LYS C 262 -18.21 -32.98 -41.15
C LYS C 262 -18.35 -34.08 -40.10
N GLU C 263 -17.50 -34.04 -39.08
CA GLU C 263 -17.59 -34.98 -37.97
C GLU C 263 -18.91 -34.80 -37.23
N LEU C 264 -19.30 -33.55 -36.97
CA LEU C 264 -20.56 -33.27 -36.30
C LEU C 264 -21.73 -33.69 -37.18
N GLU C 265 -21.65 -33.44 -38.50
CA GLU C 265 -22.66 -33.88 -39.44
C GLU C 265 -22.80 -35.40 -39.40
N GLN C 266 -21.66 -36.11 -39.33
CA GLN C 266 -21.66 -37.56 -39.26
C GLN C 266 -22.27 -38.03 -37.94
N GLN C 267 -21.94 -37.37 -36.82
CA GLN C 267 -22.50 -37.71 -35.52
C GLN C 267 -24.01 -37.48 -35.48
N VAL C 268 -24.47 -36.36 -36.07
CA VAL C 268 -25.89 -36.04 -36.13
C VAL C 268 -26.60 -37.12 -36.96
N ASN C 269 -26.00 -37.51 -38.10
CA ASN C 269 -26.56 -38.54 -38.95
C ASN C 269 -26.64 -39.89 -38.24
N ASP C 270 -25.59 -40.26 -37.49
CA ASP C 270 -25.57 -41.50 -36.74
C ASP C 270 -26.64 -41.49 -35.63
N LEU C 271 -26.76 -40.35 -34.92
CA LEU C 271 -27.74 -40.21 -33.86
C LEU C 271 -29.17 -40.22 -34.41
N GLN C 272 -29.39 -39.64 -35.61
CA GLN C 272 -30.70 -39.63 -36.25
C GLN C 272 -31.13 -41.06 -36.61
N ARG C 273 -30.16 -41.89 -37.06
CA ARG C 273 -30.43 -43.28 -37.39
C ARG C 273 -30.83 -44.08 -36.16
N THR C 274 -30.19 -43.79 -35.02
CA THR C 274 -30.49 -44.45 -33.76
C THR C 274 -31.91 -44.08 -33.30
N VAL C 275 -32.29 -42.81 -33.44
CA VAL C 275 -33.63 -42.34 -33.07
C VAL C 275 -34.68 -42.97 -33.98
N ASP C 276 -34.37 -43.10 -35.28
CA ASP C 276 -35.26 -43.74 -36.24
C ASP C 276 -35.40 -45.24 -35.97
N GLY C 277 -34.38 -45.85 -35.34
CA GLY C 277 -34.39 -47.26 -34.96
C GLY C 277 -35.14 -47.58 -33.67
N GLY C 278 -35.76 -46.59 -32.98
CA GLY C 278 -36.64 -46.83 -31.84
C GLY C 278 -36.05 -46.43 -30.49
N MET C 279 -34.80 -45.92 -30.43
CA MET C 279 -34.15 -45.50 -29.20
C MET C 279 -34.51 -44.03 -28.93
N VAL C 280 -35.67 -43.79 -28.29
CA VAL C 280 -36.23 -42.46 -28.01
C VAL C 280 -35.40 -41.74 -26.93
N SER C 281 -34.60 -42.48 -26.12
CA SER C 281 -33.78 -41.93 -25.04
C SER C 281 -32.67 -41.00 -25.54
N VAL C 282 -32.24 -41.14 -26.81
CA VAL C 282 -31.14 -40.35 -27.36
C VAL C 282 -31.66 -39.14 -28.15
N LYS C 283 -32.98 -38.85 -28.11
CA LYS C 283 -33.57 -37.74 -28.85
C LYS C 283 -33.07 -36.41 -28.30
N SER C 284 -32.95 -36.30 -26.97
CA SER C 284 -32.43 -35.11 -26.32
C SER C 284 -30.99 -34.82 -26.78
N LEU C 285 -30.15 -35.86 -26.87
CA LEU C 285 -28.78 -35.74 -27.33
C LEU C 285 -28.73 -35.30 -28.81
N LEU C 286 -29.59 -35.86 -29.68
CA LEU C 286 -29.68 -35.48 -31.08
C LEU C 286 -29.97 -33.98 -31.22
N GLU C 287 -30.95 -33.47 -30.46
CA GLU C 287 -31.33 -32.06 -30.51
C GLU C 287 -30.16 -31.17 -30.11
N GLN C 288 -29.41 -31.58 -29.07
CA GLN C 288 -28.22 -30.85 -28.64
C GLN C 288 -27.16 -30.82 -29.75
N MET C 289 -26.94 -31.96 -30.41
CA MET C 289 -25.91 -32.08 -31.43
C MET C 289 -26.31 -31.28 -32.68
N LYS C 290 -27.60 -31.29 -33.05
CA LYS C 290 -28.10 -30.47 -34.15
C LYS C 290 -27.88 -28.99 -33.90
N PHE C 291 -28.10 -28.57 -32.64
CA PHE C 291 -27.84 -27.20 -32.23
C PHE C 291 -26.36 -26.88 -32.40
N LYS C 292 -25.48 -27.76 -31.91
CA LYS C 292 -24.04 -27.57 -32.03
C LYS C 292 -23.62 -27.48 -33.50
N LEU C 293 -24.18 -28.35 -34.35
CA LEU C 293 -23.90 -28.33 -35.78
C LEU C 293 -24.30 -27.00 -36.41
N SER C 294 -25.54 -26.53 -36.13
CA SER C 294 -26.05 -25.28 -36.65
C SER C 294 -25.16 -24.10 -36.23
N GLU C 295 -24.68 -24.14 -34.99
CA GLU C 295 -23.81 -23.09 -34.47
C GLU C 295 -22.48 -23.11 -35.21
N ALA C 296 -21.92 -24.31 -35.42
CA ALA C 296 -20.66 -24.48 -36.13
C ALA C 296 -20.78 -23.98 -37.57
N ILE C 297 -21.89 -24.30 -38.24
CA ILE C 297 -22.14 -23.86 -39.62
C ILE C 297 -22.25 -22.34 -39.63
N GLU C 298 -22.98 -21.78 -38.66
CA GLU C 298 -23.16 -20.34 -38.57
C GLU C 298 -21.82 -19.63 -38.38
N ARG C 299 -20.99 -20.15 -37.47
CA ARG C 299 -19.66 -19.60 -37.26
C ARG C 299 -18.84 -19.68 -38.54
N ASN C 300 -18.92 -20.85 -39.19
CA ASN C 300 -18.25 -21.04 -40.46
C ASN C 300 -18.79 -20.05 -41.48
N ASP C 301 -20.11 -19.90 -41.55
CA ASP C 301 -20.75 -18.98 -42.48
C ASP C 301 -20.38 -17.54 -42.14
N ALA C 302 -20.42 -17.19 -40.85
CA ALA C 302 -20.04 -15.85 -40.42
C ALA C 302 -18.59 -15.58 -40.79
N ALA C 303 -17.72 -16.59 -40.56
CA ALA C 303 -16.34 -16.50 -40.98
C ALA C 303 -16.27 -16.35 -42.51
N VAL C 304 -17.08 -17.15 -43.22
CA VAL C 304 -17.18 -17.08 -44.66
C VAL C 304 -17.78 -15.72 -45.03
N SER C 305 -18.83 -15.30 -44.30
CA SER C 305 -19.55 -14.07 -44.55
C SER C 305 -18.67 -12.85 -44.28
N SER C 306 -17.76 -12.95 -43.29
CA SER C 306 -16.82 -11.87 -43.02
C SER C 306 -15.71 -11.78 -44.10
N ARG C 307 -15.66 -12.67 -45.12
CA ARG C 307 -14.71 -12.64 -46.24
C ARG C 307 -13.26 -12.58 -45.72
N VAL C 308 -13.00 -13.25 -44.59
CA VAL C 308 -11.83 -12.98 -43.77
C VAL C 308 -10.66 -13.82 -44.30
N LEU C 309 -9.44 -13.33 -44.10
CA LEU C 309 -8.20 -14.09 -44.26
C LEU C 309 -8.28 -15.37 -43.43
N THR C 310 -7.77 -16.49 -43.96
CA THR C 310 -7.79 -17.74 -43.20
C THR C 310 -6.91 -17.55 -41.97
N GLU C 311 -7.21 -18.31 -40.92
CA GLU C 311 -6.47 -18.25 -39.67
C GLU C 311 -4.99 -18.57 -39.90
N SER C 312 -4.69 -19.52 -40.79
CA SER C 312 -3.32 -19.88 -41.15
C SER C 312 -2.56 -18.71 -41.74
N VAL C 313 -3.23 -17.96 -42.62
CA VAL C 313 -2.61 -16.86 -43.32
C VAL C 313 -2.36 -15.72 -42.31
N GLN C 314 -3.36 -15.46 -41.47
CA GLN C 314 -3.25 -14.43 -40.46
C GLN C 314 -2.02 -14.68 -39.58
N LYS C 315 -1.90 -15.93 -39.13
CA LYS C 315 -0.80 -16.31 -38.27
C LYS C 315 0.53 -16.04 -38.98
N SER C 316 0.62 -16.44 -40.24
CA SER C 316 1.86 -16.31 -40.99
C SER C 316 2.26 -14.85 -41.16
N ILE C 317 1.30 -13.97 -41.42
CA ILE C 317 1.53 -12.55 -41.66
C ILE C 317 2.16 -11.94 -40.42
N VAL C 318 1.56 -12.24 -39.27
CA VAL C 318 1.97 -11.65 -38.02
C VAL C 318 3.38 -12.14 -37.68
N GLU C 319 3.62 -13.44 -37.87
CA GLU C 319 4.92 -14.01 -37.57
C GLU C 319 6.00 -13.34 -38.41
N LYS C 320 5.70 -13.11 -39.68
CA LYS C 320 6.68 -12.52 -40.58
C LYS C 320 6.97 -11.09 -40.14
N ALA C 321 5.92 -10.35 -39.79
CA ALA C 321 6.05 -8.98 -39.36
C ALA C 321 6.96 -8.89 -38.14
N ILE C 322 6.71 -9.74 -37.16
CA ILE C 322 7.46 -9.70 -35.92
C ILE C 322 8.92 -9.98 -36.22
N CYS C 323 9.19 -11.04 -36.98
CA CYS C 323 10.56 -11.46 -37.22
C CYS C 323 11.31 -10.44 -38.05
N SER C 324 10.59 -9.73 -38.93
CA SER C 324 11.23 -8.73 -39.79
C SER C 324 11.58 -7.47 -39.01
N VAL C 325 10.73 -7.08 -38.05
CA VAL C 325 10.88 -5.79 -37.39
C VAL C 325 11.76 -5.95 -36.16
N VAL C 326 11.68 -7.10 -35.47
CA VAL C 326 12.38 -7.26 -34.20
C VAL C 326 13.69 -8.01 -34.46
N PRO C 327 14.89 -7.35 -34.37
CA PRO C 327 16.13 -7.95 -34.88
C PRO C 327 16.59 -9.23 -34.17
N SER C 328 16.37 -9.34 -32.85
CA SER C 328 16.82 -10.51 -32.11
C SER C 328 15.93 -11.73 -32.32
N ILE C 329 14.73 -11.56 -32.93
CA ILE C 329 13.76 -12.64 -33.03
C ILE C 329 13.77 -13.20 -34.45
N SER C 330 14.09 -14.49 -34.58
CA SER C 330 14.13 -15.15 -35.88
C SER C 330 12.92 -16.06 -36.07
N ASN C 331 12.28 -16.47 -34.95
CA ASN C 331 11.14 -17.37 -35.05
C ASN C 331 10.23 -17.22 -33.84
N ILE C 332 8.93 -17.42 -34.04
CA ILE C 332 7.94 -17.41 -32.97
C ILE C 332 6.92 -18.50 -33.25
N TRP C 333 6.57 -19.29 -32.22
CA TRP C 333 5.64 -20.39 -32.38
C TRP C 333 4.97 -20.77 -31.06
N VAL C 334 3.90 -21.59 -31.14
CA VAL C 334 3.17 -22.04 -29.97
C VAL C 334 3.55 -23.50 -29.73
N GLU C 335 4.03 -23.80 -28.52
CA GLU C 335 4.21 -25.19 -28.10
C GLU C 335 3.10 -25.60 -27.13
N MET C 336 2.58 -26.83 -27.28
CA MET C 336 1.89 -27.50 -26.17
C MET C 336 2.95 -28.19 -25.31
N ILE C 337 3.26 -27.59 -24.16
CA ILE C 337 4.08 -28.19 -23.12
C ILE C 337 3.17 -28.58 -21.96
N THR C 338 3.42 -29.76 -21.34
CA THR C 338 2.62 -30.35 -20.27
C THR C 338 1.14 -30.33 -20.69
N GLY C 339 0.28 -29.46 -20.10
CA GLY C 339 -1.12 -29.31 -20.47
C GLY C 339 -1.50 -27.83 -20.58
N SER C 340 -0.66 -27.05 -21.27
CA SER C 340 -0.78 -25.60 -21.35
C SER C 340 -0.08 -25.09 -22.62
N ASP C 341 -0.70 -24.11 -23.31
CA ASP C 341 -0.12 -23.51 -24.50
C ASP C 341 0.82 -22.37 -24.12
N LEU C 342 2.02 -22.41 -24.70
CA LEU C 342 3.12 -21.51 -24.38
C LEU C 342 3.64 -20.95 -25.69
N VAL C 343 3.81 -19.62 -25.76
CA VAL C 343 4.41 -18.98 -26.93
C VAL C 343 5.91 -19.00 -26.72
N LYS C 344 6.65 -19.51 -27.72
CA LYS C 344 8.10 -19.53 -27.67
C LYS C 344 8.67 -18.74 -28.84
N VAL C 345 9.91 -18.29 -28.64
CA VAL C 345 10.59 -17.45 -29.60
C VAL C 345 12.01 -17.98 -29.72
N THR C 346 12.60 -17.86 -30.92
CA THR C 346 14.04 -17.99 -31.07
C THR C 346 14.67 -16.61 -31.00
N ASN C 347 15.34 -16.34 -29.87
CA ASN C 347 15.92 -15.06 -29.56
C ASN C 347 17.43 -15.19 -29.52
N ASP C 348 18.12 -14.51 -30.44
CA ASP C 348 19.58 -14.57 -30.55
C ASP C 348 20.03 -16.02 -30.74
N GLY C 349 19.27 -16.81 -31.53
CA GLY C 349 19.63 -18.19 -31.84
C GLY C 349 19.22 -19.20 -30.77
N HIS C 350 18.62 -18.76 -29.64
CA HIS C 350 18.22 -19.66 -28.56
C HIS C 350 16.72 -19.61 -28.34
N ASP C 351 16.10 -20.78 -28.10
CA ASP C 351 14.66 -20.88 -27.89
C ASP C 351 14.34 -20.53 -26.43
N VAL C 352 13.42 -19.59 -26.23
CA VAL C 352 13.10 -19.07 -24.90
C VAL C 352 11.61 -18.79 -24.85
N THR C 353 11.07 -18.61 -23.65
CA THR C 353 9.70 -18.15 -23.46
C THR C 353 9.69 -16.62 -23.52
N ILE C 354 8.50 -16.05 -23.70
CA ILE C 354 8.35 -14.60 -23.72
C ILE C 354 8.86 -13.99 -22.41
N ASP C 355 8.61 -14.66 -21.29
CA ASP C 355 9.01 -14.15 -19.98
C ASP C 355 10.52 -14.14 -19.82
N GLN C 356 11.24 -14.88 -20.66
CA GLN C 356 12.69 -14.89 -20.61
C GLN C 356 13.29 -13.80 -21.46
N LEU C 357 12.53 -13.05 -22.25
CA LEU C 357 13.10 -11.99 -23.05
C LEU C 357 13.51 -10.82 -22.18
N SER C 358 14.54 -10.10 -22.63
CA SER C 358 14.94 -8.85 -22.01
C SER C 358 13.79 -7.85 -22.10
N ASP C 359 13.78 -6.85 -21.23
CA ASP C 359 12.76 -5.82 -21.23
C ASP C 359 12.74 -5.06 -22.55
N GLY C 360 13.90 -4.71 -23.09
CA GLY C 360 13.95 -4.03 -24.38
C GLY C 360 13.32 -4.84 -25.52
N GLN C 361 13.62 -6.14 -25.58
CA GLN C 361 13.09 -7.01 -26.61
C GLN C 361 11.60 -7.19 -26.45
N ARG C 362 11.16 -7.37 -25.21
CA ARG C 362 9.77 -7.60 -24.95
C ARG C 362 8.95 -6.36 -25.31
N VAL C 363 9.43 -5.17 -24.92
CA VAL C 363 8.69 -3.95 -25.11
C VAL C 363 8.49 -3.73 -26.60
N PHE C 364 9.54 -3.99 -27.37
CA PHE C 364 9.45 -3.70 -28.79
C PHE C 364 8.58 -4.76 -29.47
N LEU C 365 8.78 -6.04 -29.10
CA LEU C 365 7.93 -7.11 -29.58
C LEU C 365 6.47 -6.77 -29.32
N SER C 366 6.16 -6.31 -28.11
CA SER C 366 4.80 -6.00 -27.71
C SER C 366 4.19 -4.97 -28.66
N LEU C 367 4.95 -3.92 -28.97
CA LEU C 367 4.44 -2.85 -29.82
C LEU C 367 4.07 -3.39 -31.19
N VAL C 368 5.00 -4.13 -31.79
CA VAL C 368 4.84 -4.59 -33.17
C VAL C 368 3.74 -5.63 -33.23
N ALA C 369 3.73 -6.57 -32.27
CA ALA C 369 2.74 -7.63 -32.23
C ALA C 369 1.33 -7.04 -32.12
N ASP C 370 1.16 -6.10 -31.21
CA ASP C 370 -0.14 -5.49 -30.99
C ASP C 370 -0.60 -4.80 -32.27
N LEU C 371 0.29 -4.00 -32.86
CA LEU C 371 -0.05 -3.25 -34.05
C LEU C 371 -0.41 -4.20 -35.19
N ALA C 372 0.38 -5.25 -35.39
CA ALA C 372 0.11 -6.19 -36.46
C ALA C 372 -1.24 -6.88 -36.27
N ARG C 373 -1.54 -7.29 -35.03
CA ARG C 373 -2.80 -7.93 -34.73
C ARG C 373 -3.95 -7.03 -35.17
N ARG C 374 -3.88 -5.76 -34.80
CA ARG C 374 -4.97 -4.85 -35.06
C ARG C 374 -5.12 -4.65 -36.57
N MET C 375 -4.00 -4.56 -37.28
CA MET C 375 -4.05 -4.31 -38.71
C MET C 375 -4.66 -5.50 -39.44
N VAL C 376 -4.29 -6.72 -39.03
CA VAL C 376 -4.83 -7.93 -39.63
C VAL C 376 -6.34 -7.97 -39.44
N MET C 377 -6.80 -7.60 -38.25
CA MET C 377 -8.21 -7.65 -37.93
C MET C 377 -8.98 -6.59 -38.70
N LEU C 378 -8.39 -5.42 -38.97
CA LEU C 378 -9.15 -4.31 -39.52
C LEU C 378 -9.03 -4.24 -41.05
N ASN C 379 -8.15 -5.04 -41.65
CA ASN C 379 -7.91 -4.97 -43.08
C ASN C 379 -8.03 -6.36 -43.69
N PRO C 380 -9.22 -7.01 -43.60
CA PRO C 380 -9.39 -8.37 -44.08
C PRO C 380 -9.40 -8.51 -45.61
N LEU C 381 -9.63 -7.40 -46.33
CA LEU C 381 -9.77 -7.45 -47.78
C LEU C 381 -8.45 -7.20 -48.49
N LEU C 382 -7.41 -6.79 -47.77
CA LEU C 382 -6.12 -6.55 -48.41
C LEU C 382 -5.33 -7.85 -48.47
N GLU C 383 -4.58 -8.03 -49.57
CA GLU C 383 -3.66 -9.15 -49.69
C GLU C 383 -2.61 -9.06 -48.59
N ASN C 384 -2.04 -7.86 -48.38
CA ASN C 384 -1.20 -7.61 -47.22
C ASN C 384 -1.94 -6.65 -46.29
N PRO C 385 -2.53 -7.15 -45.17
CA PRO C 385 -3.30 -6.30 -44.27
C PRO C 385 -2.47 -5.23 -43.59
N LEU C 386 -1.13 -5.36 -43.58
CA LEU C 386 -0.27 -4.37 -42.95
C LEU C 386 -0.08 -3.14 -43.82
N GLU C 387 -0.59 -3.19 -45.07
CA GLU C 387 -0.61 -2.05 -45.98
C GLU C 387 -1.90 -1.23 -45.82
N GLY C 388 -2.66 -1.43 -44.72
CA GLY C 388 -3.80 -0.61 -44.42
C GLY C 388 -3.45 0.80 -43.96
N ARG C 389 -4.51 1.62 -43.82
CA ARG C 389 -4.46 3.01 -43.40
C ARG C 389 -4.49 3.11 -41.87
N GLY C 390 -3.93 4.20 -41.32
CA GLY C 390 -4.10 4.51 -39.92
C GLY C 390 -3.10 5.56 -39.42
N ILE C 391 -3.29 5.94 -38.16
CA ILE C 391 -2.44 6.91 -37.50
C ILE C 391 -1.93 6.27 -36.22
N VAL C 392 -0.60 6.19 -36.08
CA VAL C 392 0.00 5.57 -34.91
C VAL C 392 0.92 6.58 -34.21
N LEU C 393 0.72 6.76 -32.90
CA LEU C 393 1.51 7.65 -32.07
C LEU C 393 2.46 6.84 -31.20
N ILE C 394 3.76 7.20 -31.19
CA ILE C 394 4.74 6.49 -30.37
C ILE C 394 5.58 7.50 -29.60
N ASP C 395 5.50 7.40 -28.27
CA ASP C 395 6.30 8.25 -27.42
C ASP C 395 7.62 7.56 -27.10
N GLU C 396 8.76 8.30 -27.20
CA GLU C 396 10.09 7.81 -26.89
C GLU C 396 10.37 6.48 -27.58
N ILE C 397 10.48 6.51 -28.91
CA ILE C 397 10.69 5.31 -29.72
C ILE C 397 11.97 4.55 -29.30
N GLU C 398 13.00 5.26 -28.80
CA GLU C 398 14.26 4.64 -28.42
C GLU C 398 14.18 3.95 -27.06
N LEU C 399 13.01 3.94 -26.39
CA LEU C 399 12.86 3.36 -25.06
C LEU C 399 13.47 1.97 -24.99
N HIS C 400 14.52 1.80 -24.17
CA HIS C 400 15.21 0.55 -23.85
C HIS C 400 16.09 0.02 -24.98
N LEU C 401 16.27 0.76 -26.09
CA LEU C 401 16.98 0.24 -27.25
C LEU C 401 18.45 0.62 -27.20
N HIS C 402 19.31 -0.36 -27.46
CA HIS C 402 20.72 -0.10 -27.67
C HIS C 402 20.93 0.74 -28.95
N PRO C 403 22.00 1.59 -29.04
CA PRO C 403 22.32 2.35 -30.25
C PRO C 403 22.28 1.59 -31.56
N LYS C 404 22.75 0.34 -31.57
CA LYS C 404 22.67 -0.49 -32.75
C LYS C 404 21.22 -0.67 -33.23
N TRP C 405 20.29 -0.88 -32.31
CA TRP C 405 18.88 -1.01 -32.69
C TRP C 405 18.27 0.31 -33.10
N GLN C 406 18.70 1.39 -32.44
CA GLN C 406 18.21 2.71 -32.77
C GLN C 406 18.49 3.07 -34.22
N GLN C 407 19.60 2.56 -34.78
CA GLN C 407 19.91 2.78 -36.19
C GLN C 407 18.96 2.07 -37.15
N GLU C 408 18.17 1.07 -36.70
CA GLU C 408 17.33 0.27 -37.59
C GLU C 408 15.83 0.49 -37.40
N VAL C 409 15.41 1.00 -36.25
CA VAL C 409 14.05 0.87 -35.79
C VAL C 409 13.05 1.58 -36.72
N ILE C 410 13.33 2.81 -37.16
CA ILE C 410 12.40 3.60 -37.98
C ILE C 410 12.30 2.94 -39.35
N LEU C 411 13.43 2.50 -39.91
CA LEU C 411 13.45 1.87 -41.22
C LEU C 411 12.58 0.62 -41.22
N ASN C 412 12.71 -0.21 -40.17
CA ASN C 412 11.95 -1.44 -40.07
C ASN C 412 10.46 -1.15 -39.94
N LEU C 413 10.08 -0.20 -39.09
CA LEU C 413 8.68 0.11 -38.89
C LEU C 413 8.03 0.62 -40.17
N ARG C 414 8.71 1.51 -40.89
CA ARG C 414 8.12 2.10 -42.08
C ARG C 414 8.01 1.08 -43.20
N SER C 415 8.93 0.12 -43.23
CA SER C 415 8.91 -0.93 -44.23
C SER C 415 7.74 -1.87 -43.97
N ALA C 416 7.51 -2.24 -42.71
CA ALA C 416 6.43 -3.16 -42.36
C ALA C 416 5.04 -2.51 -42.47
N PHE C 417 4.91 -1.21 -42.14
CA PHE C 417 3.62 -0.54 -42.16
C PHE C 417 3.71 0.69 -43.07
N PRO C 418 3.70 0.50 -44.42
CA PRO C 418 3.99 1.58 -45.35
C PRO C 418 2.97 2.70 -45.43
N ASN C 419 1.70 2.47 -45.05
CA ASN C 419 0.66 3.48 -45.23
C ASN C 419 0.20 4.07 -43.89
N ILE C 420 0.91 3.80 -42.79
CA ILE C 420 0.58 4.35 -41.49
C ILE C 420 1.27 5.71 -41.37
N GLN C 421 0.53 6.71 -40.87
CA GLN C 421 1.14 7.97 -40.47
C GLN C 421 1.71 7.81 -39.06
N PHE C 422 3.05 7.88 -38.94
CA PHE C 422 3.70 7.77 -37.65
C PHE C 422 3.98 9.16 -37.10
N ILE C 423 3.54 9.42 -35.88
CA ILE C 423 3.92 10.63 -35.16
C ILE C 423 4.67 10.20 -33.92
N ILE C 424 5.99 10.49 -33.88
CA ILE C 424 6.84 9.90 -32.86
C ILE C 424 7.62 11.01 -32.12
N THR C 425 8.06 10.71 -30.90
CA THR C 425 8.92 11.57 -30.11
C THR C 425 10.21 10.81 -29.82
N THR C 426 11.38 11.50 -29.79
CA THR C 426 12.67 10.86 -29.51
C THR C 426 13.64 11.83 -28.82
N HIS C 427 14.59 11.27 -28.06
CA HIS C 427 15.77 11.96 -27.54
C HIS C 427 17.05 11.44 -28.17
N SER C 428 16.95 10.65 -29.25
CA SER C 428 18.11 9.94 -29.74
C SER C 428 18.66 10.61 -31.00
N PRO C 429 19.93 11.07 -31.02
CA PRO C 429 20.54 11.52 -32.26
C PRO C 429 20.76 10.41 -33.29
N ILE C 430 20.90 9.17 -32.81
CA ILE C 430 21.13 8.02 -33.68
C ILE C 430 19.83 7.76 -34.48
N VAL C 431 18.68 7.92 -33.83
CA VAL C 431 17.41 7.78 -34.53
C VAL C 431 17.31 8.88 -35.58
N LEU C 432 17.70 10.11 -35.22
CA LEU C 432 17.56 11.25 -36.11
C LEU C 432 18.45 11.13 -37.33
N SER C 433 19.57 10.40 -37.21
CA SER C 433 20.45 10.17 -38.34
C SER C 433 19.80 9.35 -39.45
N THR C 434 18.62 8.75 -39.21
CA THR C 434 17.96 7.89 -40.19
C THR C 434 16.73 8.59 -40.77
N ILE C 435 16.54 9.89 -40.47
CA ILE C 435 15.31 10.57 -40.80
C ILE C 435 15.66 11.86 -41.52
N GLU C 436 14.83 12.26 -42.49
CA GLU C 436 15.01 13.50 -43.21
C GLU C 436 14.61 14.69 -42.34
N LYS C 437 15.29 15.83 -42.50
CA LYS C 437 15.04 17.02 -41.69
C LYS C 437 13.61 17.51 -41.85
N ARG C 438 12.97 17.33 -43.03
CA ARG C 438 11.58 17.72 -43.24
C ARG C 438 10.62 17.04 -42.26
N CYS C 439 10.98 15.84 -41.75
CA CYS C 439 10.12 15.09 -40.85
C CYS C 439 10.32 15.53 -39.41
N ILE C 440 11.31 16.40 -39.14
CA ILE C 440 11.69 16.72 -37.78
C ILE C 440 11.05 18.06 -37.41
N ARG C 441 10.46 18.12 -36.21
CA ARG C 441 9.95 19.35 -35.62
C ARG C 441 10.61 19.58 -34.27
N GLU C 442 11.37 20.67 -34.15
CA GLU C 442 12.18 20.91 -32.97
C GLU C 442 11.66 22.11 -32.22
N PHE C 443 11.62 21.97 -30.88
CA PHE C 443 11.41 23.09 -29.98
C PHE C 443 12.71 23.86 -29.81
N GLU C 444 12.59 25.18 -29.66
CA GLU C 444 13.75 26.00 -29.33
C GLU C 444 14.21 25.66 -27.91
N PRO C 445 15.53 25.62 -27.62
CA PRO C 445 15.99 25.25 -26.29
C PRO C 445 15.52 26.19 -25.18
N ASN C 446 15.41 27.51 -25.45
CA ASN C 446 14.99 28.49 -24.44
C ASN C 446 13.55 28.94 -24.73
N ASP C 447 12.69 27.94 -24.94
CA ASP C 447 11.26 28.16 -25.13
C ASP C 447 10.65 28.32 -23.73
N ASP C 448 10.04 29.50 -23.46
CA ASP C 448 9.24 29.70 -22.26
C ASP C 448 7.75 29.57 -22.59
N GLY C 449 7.38 28.58 -23.42
CA GLY C 449 5.99 28.22 -23.67
C GLY C 449 5.26 29.10 -24.70
N ASP C 450 5.86 30.21 -25.18
CA ASP C 450 5.18 31.16 -26.05
C ASP C 450 5.59 30.98 -27.52
N GLN C 451 6.36 29.91 -27.85
CA GLN C 451 6.66 29.53 -29.21
C GLN C 451 5.36 29.19 -29.95
N SER C 452 5.17 29.80 -31.13
CA SER C 452 3.96 29.67 -31.93
C SER C 452 4.05 28.53 -32.94
N PHE C 453 5.25 28.25 -33.49
CA PHE C 453 5.43 27.20 -34.48
C PHE C 453 6.63 26.35 -34.11
N LEU C 454 6.50 25.03 -34.27
CA LEU C 454 7.61 24.09 -34.21
C LEU C 454 8.25 24.06 -35.58
N ASP C 455 9.60 23.99 -35.65
CA ASP C 455 10.30 24.18 -36.89
C ASP C 455 11.27 23.05 -37.19
N SER C 456 11.62 22.91 -38.48
CA SER C 456 12.58 21.92 -38.92
C SER C 456 14.00 22.40 -38.61
N PRO C 457 14.97 21.49 -38.31
CA PRO C 457 16.36 21.91 -38.15
C PRO C 457 16.95 22.42 -39.46
N ASP C 458 18.04 23.19 -39.36
CA ASP C 458 18.68 23.72 -40.55
C ASP C 458 19.54 22.66 -41.22
N MET C 459 20.16 21.76 -40.45
CA MET C 459 21.04 20.75 -41.03
C MET C 459 20.21 19.55 -41.49
N GLN C 460 20.63 18.91 -42.60
CA GLN C 460 20.10 17.62 -43.02
C GLN C 460 20.59 16.55 -42.06
N THR C 461 19.66 15.77 -41.48
CA THR C 461 20.03 14.80 -40.46
C THR C 461 20.27 13.44 -41.10
N LYS C 462 19.49 13.07 -42.12
CA LYS C 462 19.56 11.75 -42.73
C LYS C 462 20.95 11.50 -43.32
N GLY C 463 21.67 10.50 -42.79
CA GLY C 463 23.01 10.14 -43.25
C GLY C 463 24.11 11.00 -42.63
N SER C 464 23.80 11.86 -41.65
CA SER C 464 24.79 12.72 -41.01
C SER C 464 25.39 11.99 -39.81
N GLU C 465 26.57 12.48 -39.39
CA GLU C 465 27.28 11.93 -38.26
C GLU C 465 26.55 12.28 -36.96
N ASN C 466 26.54 11.34 -36.02
CA ASN C 466 25.81 11.50 -34.77
C ASN C 466 26.33 12.69 -33.97
N ALA C 467 27.66 12.84 -33.92
CA ALA C 467 28.29 13.94 -33.20
C ALA C 467 27.80 15.29 -33.71
N GLN C 468 27.59 15.42 -35.02
CA GLN C 468 27.07 16.65 -35.59
C GLN C 468 25.64 16.90 -35.17
N ILE C 469 24.83 15.84 -35.13
CA ILE C 469 23.43 15.98 -34.76
C ILE C 469 23.36 16.42 -33.30
N LEU C 470 24.20 15.83 -32.43
CA LEU C 470 24.27 16.24 -31.04
C LEU C 470 24.44 17.76 -30.91
N GLU C 471 25.40 18.30 -31.65
CA GLU C 471 25.79 19.68 -31.47
C GLU C 471 24.82 20.59 -32.22
N GLN C 472 24.48 20.23 -33.47
CA GLN C 472 23.78 21.16 -34.34
C GLN C 472 22.27 21.08 -34.15
N VAL C 473 21.75 19.95 -33.66
CA VAL C 473 20.29 19.78 -33.56
C VAL C 473 19.90 19.66 -32.09
N MET C 474 20.65 18.92 -31.27
CA MET C 474 20.26 18.66 -29.88
C MET C 474 20.91 19.65 -28.89
N ASN C 475 21.86 20.48 -29.36
CA ASN C 475 22.46 21.56 -28.58
C ASN C 475 23.27 21.00 -27.41
N VAL C 476 24.05 19.93 -27.67
CA VAL C 476 24.85 19.27 -26.64
C VAL C 476 26.27 19.13 -27.17
N HIS C 477 27.24 19.46 -26.32
CA HIS C 477 28.64 19.31 -26.66
C HIS C 477 28.96 17.85 -26.92
N SER C 478 29.78 17.60 -27.95
CA SER C 478 30.22 16.26 -28.25
C SER C 478 31.18 15.72 -27.17
N THR C 479 31.83 16.60 -26.38
CA THR C 479 32.74 16.20 -25.31
C THR C 479 32.22 16.78 -23.99
N PRO C 480 32.20 16.03 -22.85
CA PRO C 480 31.54 16.50 -21.65
C PRO C 480 32.26 17.69 -21.01
N PRO C 481 31.64 18.88 -20.97
CA PRO C 481 32.36 20.06 -20.50
C PRO C 481 32.70 20.04 -19.01
N GLY C 482 31.94 19.27 -18.21
CA GLY C 482 32.17 19.16 -16.78
C GLY C 482 33.25 18.15 -16.39
N ILE C 483 34.11 17.71 -17.33
CA ILE C 483 35.23 16.84 -17.04
C ILE C 483 36.51 17.59 -17.40
N ALA C 484 37.47 17.70 -16.47
CA ALA C 484 38.69 18.48 -16.65
C ALA C 484 39.51 17.99 -17.86
N GLU C 485 39.58 16.66 -18.01
CA GLU C 485 40.34 16.03 -19.06
C GLU C 485 39.85 16.44 -20.44
N SER C 486 38.57 16.83 -20.53
CA SER C 486 38.02 17.31 -21.78
C SER C 486 38.66 18.63 -22.23
N HIS C 487 39.35 19.37 -21.33
CA HIS C 487 39.93 20.67 -21.67
C HIS C 487 41.44 20.61 -21.89
N TRP C 488 42.07 19.46 -21.62
CA TRP C 488 43.53 19.36 -21.59
C TRP C 488 44.15 19.70 -22.94
N LEU C 489 43.54 19.26 -24.03
CA LEU C 489 44.12 19.51 -25.34
C LEU C 489 44.10 21.00 -25.66
N GLY C 490 42.99 21.67 -25.34
CA GLY C 490 42.91 23.11 -25.48
C GLY C 490 43.98 23.83 -24.68
N ASN C 491 44.14 23.43 -23.41
CA ASN C 491 45.13 24.03 -22.52
C ASN C 491 46.53 23.76 -23.04
N PHE C 492 46.76 22.52 -23.50
CA PHE C 492 48.04 22.15 -24.07
C PHE C 492 48.38 23.06 -25.24
N GLU C 493 47.42 23.28 -26.14
CA GLU C 493 47.66 24.11 -27.30
C GLU C 493 48.03 25.53 -26.88
N LEU C 494 47.32 26.08 -25.89
CA LEU C 494 47.56 27.43 -25.44
C LEU C 494 48.97 27.56 -24.87
N LEU C 495 49.43 26.57 -24.09
CA LEU C 495 50.78 26.56 -23.53
C LEU C 495 51.83 26.54 -24.63
N LEU C 496 51.58 25.74 -25.67
CA LEU C 496 52.52 25.63 -26.78
C LEU C 496 52.63 26.98 -27.48
N LEU C 497 51.51 27.68 -27.64
CA LEU C 497 51.52 28.96 -28.34
C LEU C 497 52.14 30.07 -27.49
N ASP C 498 52.05 29.95 -26.16
CA ASP C 498 52.67 30.92 -25.25
C ASP C 498 54.20 30.84 -25.27
N ASN C 499 54.79 29.65 -25.53
CA ASN C 499 56.24 29.44 -25.46
C ASN C 499 56.83 29.32 -26.87
N SER C 500 56.35 30.11 -27.84
CA SER C 500 56.82 30.12 -29.23
C SER C 500 56.93 28.72 -29.83
N GLY C 501 56.00 27.81 -29.49
CA GLY C 501 55.92 26.49 -30.09
C GLY C 501 56.84 25.44 -29.48
N GLU C 502 57.67 25.78 -28.49
CA GLU C 502 58.58 24.80 -27.91
C GLU C 502 57.93 24.20 -26.67
N LEU C 503 58.11 22.89 -26.52
CA LEU C 503 57.71 22.18 -25.32
C LEU C 503 58.54 22.69 -24.15
N ASP C 504 57.93 23.49 -23.28
CA ASP C 504 58.55 23.85 -22.01
C ASP C 504 58.20 22.79 -20.96
N ASN C 505 58.72 23.00 -19.74
CA ASN C 505 58.44 22.11 -18.62
C ASN C 505 56.94 21.94 -18.41
N HIS C 506 56.15 23.02 -18.46
CA HIS C 506 54.72 22.97 -18.18
C HIS C 506 53.97 22.21 -19.27
N SER C 507 54.29 22.51 -20.54
CA SER C 507 53.68 21.84 -21.68
C SER C 507 54.04 20.35 -21.70
N GLN C 508 55.27 20.00 -21.31
CA GLN C 508 55.70 18.61 -21.27
C GLN C 508 54.93 17.83 -20.21
N VAL C 509 54.70 18.45 -19.05
CA VAL C 509 53.96 17.81 -17.97
C VAL C 509 52.55 17.47 -18.44
N LEU C 510 51.90 18.44 -19.09
CA LEU C 510 50.55 18.24 -19.55
C LEU C 510 50.52 17.20 -20.66
N TYR C 511 51.50 17.24 -21.56
CA TYR C 511 51.63 16.22 -22.59
C TYR C 511 51.67 14.83 -21.96
N ASP C 512 52.49 14.69 -20.92
CA ASP C 512 52.64 13.40 -20.25
C ASP C 512 51.34 12.99 -19.57
N GLN C 513 50.60 13.96 -19.04
CA GLN C 513 49.30 13.69 -18.45
C GLN C 513 48.31 13.18 -19.51
N ILE C 514 48.31 13.82 -20.68
CA ILE C 514 47.44 13.42 -21.77
C ILE C 514 47.81 12.00 -22.19
N LYS C 515 49.10 11.74 -22.37
CA LYS C 515 49.58 10.42 -22.75
C LYS C 515 49.15 9.39 -21.71
N ALA C 516 49.37 9.71 -20.42
CA ALA C 516 49.08 8.77 -19.35
C ALA C 516 47.59 8.47 -19.27
N HIS C 517 46.75 9.50 -19.46
CA HIS C 517 45.31 9.36 -19.27
C HIS C 517 44.65 8.70 -20.47
N PHE C 518 44.91 9.19 -21.69
CA PHE C 518 44.19 8.74 -22.87
C PHE C 518 44.88 7.55 -23.54
N GLY C 519 46.20 7.42 -23.35
CA GLY C 519 46.95 6.30 -23.90
C GLY C 519 47.75 6.71 -25.12
N ILE C 520 48.72 5.85 -25.47
CA ILE C 520 49.71 6.08 -26.52
C ILE C 520 49.04 6.10 -27.89
N ASP C 521 47.92 5.37 -28.05
CA ASP C 521 47.27 5.22 -29.34
C ASP C 521 46.00 6.05 -29.42
N SER C 522 45.85 7.02 -28.52
CA SER C 522 44.62 7.78 -28.44
C SER C 522 44.62 8.86 -29.51
N ILE C 523 43.41 9.21 -29.96
CA ILE C 523 43.20 10.28 -30.93
C ILE C 523 43.68 11.60 -30.31
N GLU C 524 43.49 11.76 -29.00
CA GLU C 524 43.87 12.98 -28.31
C GLU C 524 45.38 13.17 -28.34
N LEU C 525 46.13 12.09 -28.11
CA LEU C 525 47.57 12.18 -28.13
C LEU C 525 48.06 12.46 -29.54
N LYS C 526 47.44 11.83 -30.54
CA LYS C 526 47.79 12.08 -31.93
C LYS C 526 47.59 13.55 -32.29
N LYS C 527 46.50 14.15 -31.79
CA LYS C 527 46.24 15.57 -32.00
C LYS C 527 47.33 16.41 -31.37
N ALA C 528 47.74 16.04 -30.14
CA ALA C 528 48.79 16.74 -29.44
C ALA C 528 50.09 16.65 -30.25
N ASP C 529 50.41 15.44 -30.72
CA ASP C 529 51.61 15.23 -31.51
C ASP C 529 51.58 16.09 -32.75
N SER C 530 50.42 16.11 -33.41
CA SER C 530 50.24 16.93 -34.58
C SER C 530 50.51 18.39 -34.27
N LEU C 531 49.99 18.89 -33.14
CA LEU C 531 50.15 20.28 -32.75
C LEU C 531 51.63 20.61 -32.57
N ILE C 532 52.37 19.70 -31.95
CA ILE C 532 53.79 19.88 -31.70
C ILE C 532 54.49 20.03 -33.04
N ARG C 533 54.22 19.10 -33.96
CA ARG C 533 54.91 19.04 -35.23
C ARG C 533 54.66 20.34 -36.00
N ILE C 534 53.40 20.76 -36.05
CA ILE C 534 53.02 21.91 -36.87
C ILE C 534 53.65 23.17 -36.27
N ASN C 535 53.54 23.32 -34.95
CA ASN C 535 54.03 24.53 -34.30
C ASN C 535 55.54 24.64 -34.38
N LYS C 536 56.26 23.51 -34.26
CA LYS C 536 57.71 23.48 -34.41
C LYS C 536 58.10 23.95 -35.80
N MET C 537 57.37 23.46 -36.82
CA MET C 537 57.67 23.81 -38.20
C MET C 537 57.36 25.28 -38.45
N LYS C 538 56.27 25.79 -37.89
CA LYS C 538 55.92 27.21 -38.03
C LYS C 538 57.01 28.09 -37.42
N ASN C 539 57.52 27.67 -36.25
CA ASN C 539 58.53 28.44 -35.54
C ASN C 539 59.84 28.43 -36.32
N LYS C 540 60.21 27.29 -36.91
CA LYS C 540 61.41 27.19 -37.73
C LYS C 540 61.33 28.17 -38.89
N LEU C 541 60.17 28.24 -39.54
CA LEU C 541 59.95 29.19 -40.62
C LEU C 541 60.13 30.61 -40.09
N ASN C 542 59.59 30.91 -38.92
CA ASN C 542 59.68 32.25 -38.36
C ASN C 542 61.14 32.63 -38.10
N LYS C 543 61.95 31.68 -37.63
CA LYS C 543 63.36 31.92 -37.34
C LYS C 543 64.15 32.17 -38.62
N ILE C 544 63.84 31.41 -39.68
CA ILE C 544 64.49 31.59 -40.97
C ILE C 544 64.22 33.01 -41.46
N ARG C 545 62.97 33.48 -41.32
CA ARG C 545 62.59 34.83 -41.69
C ARG C 545 63.31 35.86 -40.78
N THR D 2 6.35 -47.17 22.16
CA THR D 2 7.19 -47.82 23.22
C THR D 2 6.26 -48.34 24.32
N LYS D 3 6.81 -49.00 25.36
CA LYS D 3 6.04 -49.49 26.48
C LYS D 3 5.40 -48.34 27.27
N GLN D 4 6.09 -47.20 27.38
CA GLN D 4 5.58 -46.04 28.11
C GLN D 4 4.34 -45.48 27.39
N TYR D 5 4.41 -45.31 26.06
CA TYR D 5 3.28 -44.83 25.28
C TYR D 5 2.09 -45.77 25.40
N GLU D 6 2.38 -47.09 25.38
CA GLU D 6 1.35 -48.11 25.51
C GLU D 6 0.60 -47.97 26.83
N ARG D 7 1.35 -47.74 27.92
CA ARG D 7 0.77 -47.61 29.25
C ARG D 7 -0.11 -46.36 29.32
N LYS D 8 0.39 -45.22 28.80
CA LYS D 8 -0.34 -43.97 28.83
C LYS D 8 -1.60 -44.07 27.97
N ALA D 9 -1.46 -44.70 26.80
CA ALA D 9 -2.58 -44.89 25.89
C ALA D 9 -3.65 -45.75 26.56
N LYS D 10 -3.25 -46.87 27.20
CA LYS D 10 -4.19 -47.72 27.91
C LYS D 10 -4.81 -47.00 29.11
N GLY D 11 -4.06 -46.03 29.69
CA GLY D 11 -4.57 -45.13 30.71
C GLY D 11 -5.56 -44.09 30.18
N GLY D 12 -5.73 -43.95 28.85
CA GLY D 12 -6.72 -43.08 28.25
C GLY D 12 -6.13 -41.80 27.64
N ASN D 13 -4.79 -41.73 27.49
CA ASN D 13 -4.15 -40.57 26.89
C ASN D 13 -4.30 -40.64 25.37
N LEU D 14 -4.95 -39.62 24.78
CA LEU D 14 -5.31 -39.63 23.37
C LEU D 14 -4.07 -39.49 22.47
N LEU D 15 -3.14 -38.60 22.84
CA LEU D 15 -1.97 -38.32 22.03
C LEU D 15 -1.07 -39.55 21.93
N SER D 16 -0.90 -40.27 23.05
CA SER D 16 -0.10 -41.49 23.08
C SER D 16 -0.71 -42.57 22.18
N ALA D 17 -2.04 -42.72 22.26
CA ALA D 17 -2.75 -43.68 21.41
C ALA D 17 -2.54 -43.35 19.94
N PHE D 18 -2.60 -42.08 19.60
CA PHE D 18 -2.46 -41.65 18.22
C PHE D 18 -1.02 -41.86 17.73
N GLU D 19 -0.03 -41.55 18.57
CA GLU D 19 1.37 -41.74 18.21
C GLU D 19 1.64 -43.21 17.88
N LEU D 20 1.08 -44.14 18.68
CA LEU D 20 1.20 -45.56 18.44
C LEU D 20 0.53 -45.96 17.13
N TYR D 21 -0.62 -45.34 16.84
CA TYR D 21 -1.30 -45.56 15.57
C TYR D 21 -0.42 -45.16 14.39
N GLN D 22 0.22 -43.99 14.48
CA GLN D 22 1.00 -43.45 13.37
C GLN D 22 2.26 -44.27 13.12
N ARG D 23 2.93 -44.74 14.18
CA ARG D 23 4.19 -45.47 14.06
C ARG D 23 3.98 -46.86 13.45
N ASN D 24 2.87 -47.52 13.83
CA ASN D 24 2.59 -48.88 13.38
C ASN D 24 2.04 -48.89 11.97
N SER D 25 1.41 -47.78 11.54
CA SER D 25 0.93 -47.63 10.17
C SER D 25 2.11 -47.53 9.18
N LEU D 35 -1.89 -54.49 16.38
CA LEU D 35 -2.54 -53.51 17.31
C LEU D 35 -2.71 -52.11 16.67
N VAL D 36 -2.45 -51.93 15.36
CA VAL D 36 -2.75 -50.67 14.68
C VAL D 36 -4.26 -50.41 14.71
N GLY D 37 -5.09 -51.43 14.46
CA GLY D 37 -6.53 -51.29 14.46
C GLY D 37 -7.07 -50.94 15.84
N GLU D 38 -6.46 -51.51 16.89
CA GLU D 38 -6.87 -51.26 18.26
C GLU D 38 -6.66 -49.80 18.63
N TRP D 39 -5.51 -49.23 18.27
CA TRP D 39 -5.19 -47.85 18.62
C TRP D 39 -6.09 -46.87 17.86
N PHE D 40 -6.34 -47.17 16.59
CA PHE D 40 -7.27 -46.39 15.81
C PHE D 40 -8.64 -46.34 16.49
N GLU D 41 -9.15 -47.52 16.88
CA GLU D 41 -10.44 -47.64 17.52
C GLU D 41 -10.48 -46.83 18.81
N MET D 42 -9.37 -46.83 19.55
CA MET D 42 -9.29 -46.10 20.80
C MET D 42 -9.42 -44.60 20.55
N CYS D 43 -8.70 -44.09 19.53
CA CYS D 43 -8.78 -42.69 19.16
C CYS D 43 -10.19 -42.33 18.73
N ARG D 44 -10.77 -43.17 17.87
CA ARG D 44 -12.10 -42.92 17.35
C ARG D 44 -13.13 -42.92 18.48
N ASP D 45 -13.02 -43.85 19.43
CA ASP D 45 -13.95 -43.93 20.55
C ASP D 45 -13.82 -42.72 21.46
N TYR D 46 -12.59 -42.23 21.68
CA TYR D 46 -12.39 -41.03 22.49
C TYR D 46 -13.15 -39.83 21.91
N ILE D 47 -13.16 -39.73 20.58
CA ILE D 47 -13.78 -38.61 19.89
C ILE D 47 -15.29 -38.83 19.83
N GLN D 48 -15.76 -40.07 19.63
CA GLN D 48 -17.14 -40.34 19.26
C GLN D 48 -18.01 -40.75 20.44
N ASP D 49 -17.40 -41.29 21.51
CA ASP D 49 -18.20 -41.82 22.60
C ASP D 49 -18.91 -40.69 23.33
N GLY D 50 -20.14 -40.98 23.75
CA GLY D 50 -20.96 -40.05 24.48
C GLY D 50 -22.20 -40.75 25.01
N HIS D 51 -23.04 -40.01 25.75
CA HIS D 51 -24.25 -40.59 26.33
C HIS D 51 -25.40 -39.60 26.22
N VAL D 52 -26.61 -40.14 26.32
CA VAL D 52 -27.82 -39.34 26.32
C VAL D 52 -28.21 -39.13 27.78
N ASP D 53 -28.33 -37.88 28.20
CA ASP D 53 -28.61 -37.54 29.59
C ASP D 53 -30.12 -37.77 29.85
N GLU D 54 -30.55 -37.41 31.07
CA GLU D 54 -31.94 -37.60 31.50
C GLU D 54 -32.91 -36.77 30.67
N SER D 55 -32.44 -35.62 30.16
CA SER D 55 -33.26 -34.73 29.34
C SER D 55 -33.32 -35.19 27.89
N GLY D 56 -32.64 -36.29 27.52
CA GLY D 56 -32.70 -36.79 26.17
C GLY D 56 -31.70 -36.08 25.25
N ILE D 57 -30.71 -35.40 25.83
CA ILE D 57 -29.74 -34.65 25.03
C ILE D 57 -28.45 -35.46 25.00
N PHE D 58 -27.86 -35.60 23.83
CA PHE D 58 -26.57 -36.26 23.69
C PHE D 58 -25.47 -35.38 24.28
N ARG D 59 -24.61 -36.02 25.09
CA ARG D 59 -23.47 -35.37 25.71
C ARG D 59 -22.19 -36.13 25.42
N PRO D 60 -21.20 -35.51 24.73
CA PRO D 60 -19.94 -36.19 24.51
C PRO D 60 -19.24 -36.49 25.83
N ASP D 61 -18.61 -37.66 25.92
CA ASP D 61 -17.84 -38.02 27.10
C ASP D 61 -16.65 -37.08 27.25
N ASN D 62 -16.06 -36.66 26.13
CA ASN D 62 -14.91 -35.76 26.14
C ASN D 62 -15.29 -34.41 25.51
N ALA D 63 -15.60 -33.42 26.36
CA ALA D 63 -16.00 -32.08 25.93
C ALA D 63 -14.80 -31.26 25.41
N PHE D 64 -15.06 -30.31 24.50
CA PHE D 64 -14.04 -29.43 23.96
C PHE D 64 -14.43 -27.97 24.19
N TYR D 65 -13.63 -27.20 24.93
CA TYR D 65 -13.93 -25.79 25.15
C TYR D 65 -12.67 -25.00 25.48
N LEU D 66 -12.75 -23.68 25.32
CA LEU D 66 -11.68 -22.78 25.70
C LEU D 66 -11.79 -22.47 27.19
N ARG D 67 -10.71 -22.74 27.93
CA ARG D 67 -10.70 -22.60 29.36
C ARG D 67 -10.22 -21.21 29.76
N ARG D 68 -9.10 -20.77 29.15
CA ARG D 68 -8.42 -19.58 29.61
C ARG D 68 -7.81 -18.82 28.44
N LEU D 69 -7.77 -17.49 28.58
CA LEU D 69 -7.14 -16.62 27.60
C LEU D 69 -6.30 -15.57 28.32
N THR D 70 -5.09 -15.33 27.82
CA THR D 70 -4.20 -14.33 28.38
C THR D 70 -3.69 -13.44 27.25
N LEU D 71 -3.78 -12.12 27.44
CA LEU D 71 -3.27 -11.15 26.49
C LEU D 71 -2.13 -10.36 27.11
N LYS D 72 -0.95 -10.38 26.48
CA LYS D 72 0.20 -9.67 27.00
C LYS D 72 0.69 -8.65 25.97
N ASP D 73 0.77 -7.38 26.37
CA ASP D 73 1.15 -6.27 25.49
C ASP D 73 0.40 -6.33 24.16
N PHE D 74 -0.89 -6.57 24.23
CA PHE D 74 -1.73 -6.71 23.05
C PHE D 74 -2.66 -5.51 23.00
N ARG D 75 -2.53 -4.68 21.96
CA ARG D 75 -3.36 -3.49 21.80
C ARG D 75 -3.26 -2.61 23.07
N ARG D 76 -4.36 -2.38 23.81
N ARG D 76 -4.36 -2.36 23.81
CA ARG D 76 -4.32 -1.49 24.97
CA ARG D 76 -4.28 -1.48 24.98
C ARG D 76 -3.91 -2.27 26.24
C ARG D 76 -3.93 -2.28 26.25
N PHE D 77 -3.78 -3.62 26.16
CA PHE D 77 -3.60 -4.47 27.34
C PHE D 77 -2.12 -4.73 27.56
N SER D 78 -1.64 -4.40 28.75
CA SER D 78 -0.32 -4.83 29.22
C SER D 78 -0.36 -6.30 29.60
N LEU D 79 -1.35 -6.67 30.41
CA LEU D 79 -1.59 -8.06 30.74
C LEU D 79 -3.06 -8.23 31.11
N LEU D 80 -3.77 -9.16 30.45
CA LEU D 80 -5.15 -9.44 30.77
C LEU D 80 -5.37 -10.95 30.79
N GLU D 81 -6.07 -11.43 31.82
CA GLU D 81 -6.36 -12.84 31.96
C GLU D 81 -7.88 -13.04 32.08
N ILE D 82 -8.43 -13.98 31.30
CA ILE D 82 -9.85 -14.26 31.33
C ILE D 82 -10.05 -15.76 31.50
N LYS D 83 -10.85 -16.16 32.49
CA LYS D 83 -11.29 -17.53 32.64
C LYS D 83 -12.68 -17.64 32.03
N LEU D 84 -12.89 -18.64 31.18
CA LEU D 84 -14.14 -18.75 30.45
C LEU D 84 -14.91 -19.93 30.97
N GLU D 85 -16.24 -19.83 30.89
CA GLU D 85 -17.13 -20.92 31.27
C GLU D 85 -17.26 -21.90 30.12
N GLU D 86 -17.55 -23.16 30.47
CA GLU D 86 -17.64 -24.27 29.53
C GLU D 86 -18.84 -24.06 28.61
N ASP D 87 -19.89 -23.39 29.12
CA ASP D 87 -21.16 -23.25 28.41
C ASP D 87 -21.31 -21.84 27.86
N LEU D 88 -21.32 -20.81 28.74
CA LEU D 88 -21.69 -19.46 28.35
C LEU D 88 -20.88 -18.44 29.14
N THR D 89 -20.24 -17.52 28.41
CA THR D 89 -19.57 -16.39 29.02
C THR D 89 -20.05 -15.12 28.34
N VAL D 90 -20.50 -14.15 29.14
CA VAL D 90 -21.00 -12.89 28.62
C VAL D 90 -20.11 -11.76 29.13
N ILE D 91 -19.60 -10.93 28.19
CA ILE D 91 -18.68 -9.85 28.51
C ILE D 91 -19.46 -8.55 28.42
N ILE D 92 -19.43 -7.75 29.50
CA ILE D 92 -20.18 -6.50 29.54
C ILE D 92 -19.24 -5.35 29.88
N GLY D 93 -19.62 -4.13 29.51
CA GLY D 93 -18.84 -2.92 29.72
C GLY D 93 -19.20 -1.85 28.70
N ASN D 94 -18.97 -0.59 29.05
CA ASN D 94 -19.21 0.51 28.11
C ASN D 94 -18.18 0.46 26.99
N ASN D 95 -16.90 0.25 27.35
CA ASN D 95 -15.81 0.25 26.39
C ASN D 95 -15.97 -0.97 25.46
N GLY D 96 -16.62 -0.75 24.30
CA GLY D 96 -16.89 -1.80 23.33
C GLY D 96 -15.68 -2.14 22.46
N LYS D 97 -14.68 -1.24 22.41
CA LYS D 97 -13.53 -1.43 21.54
C LYS D 97 -12.50 -2.38 22.19
N GLY D 98 -12.59 -2.60 23.51
CA GLY D 98 -11.84 -3.66 24.18
C GLY D 98 -12.54 -5.02 24.13
N LYS D 99 -13.88 -5.02 24.23
CA LYS D 99 -14.67 -6.24 24.13
C LYS D 99 -14.43 -6.90 22.78
N THR D 100 -14.38 -6.08 21.73
CA THR D 100 -14.18 -6.57 20.37
C THR D 100 -12.76 -7.13 20.22
N SER D 101 -11.74 -6.47 20.80
CA SER D 101 -10.38 -7.00 20.83
C SER D 101 -10.32 -8.42 21.38
N ILE D 102 -11.08 -8.69 22.44
CA ILE D 102 -11.07 -10.00 23.06
C ILE D 102 -11.58 -11.04 22.06
N LEU D 103 -12.69 -10.75 21.39
CA LEU D 103 -13.29 -11.70 20.47
C LEU D 103 -12.35 -11.97 19.30
N TYR D 104 -11.70 -10.92 18.79
CA TYR D 104 -10.73 -11.03 17.69
C TYR D 104 -9.57 -11.95 18.07
N ALA D 105 -9.03 -11.76 19.29
CA ALA D 105 -7.94 -12.60 19.77
C ALA D 105 -8.34 -14.08 19.76
N ILE D 106 -9.57 -14.38 20.18
CA ILE D 106 -10.05 -15.77 20.23
C ILE D 106 -10.21 -16.28 18.80
N ALA D 107 -10.79 -15.45 17.93
CA ALA D 107 -11.01 -15.86 16.56
C ALA D 107 -9.70 -16.25 15.88
N LYS D 108 -8.63 -15.47 16.10
CA LYS D 108 -7.34 -15.77 15.48
C LYS D 108 -6.79 -17.10 15.96
N THR D 109 -6.96 -17.37 17.25
CA THR D 109 -6.54 -18.65 17.79
C THR D 109 -7.33 -19.79 17.15
N LEU D 110 -8.65 -19.64 17.00
CA LEU D 110 -9.49 -20.69 16.45
C LEU D 110 -9.17 -20.96 14.99
N SER D 111 -8.68 -19.95 14.26
CA SER D 111 -8.27 -20.13 12.88
C SER D 111 -7.26 -21.26 12.71
N TRP D 112 -6.41 -21.50 13.74
CA TRP D 112 -5.37 -22.52 13.66
C TRP D 112 -5.97 -23.93 13.68
N PHE D 113 -7.04 -24.14 14.44
CA PHE D 113 -7.71 -25.44 14.42
C PHE D 113 -8.34 -25.69 13.06
N VAL D 114 -9.05 -24.67 12.54
CA VAL D 114 -9.78 -24.80 11.28
C VAL D 114 -8.79 -25.15 10.16
N ALA D 115 -7.68 -24.41 10.06
CA ALA D 115 -6.70 -24.57 9.01
C ALA D 115 -6.15 -26.00 8.97
N ASN D 116 -5.93 -26.58 10.15
CA ASN D 116 -5.27 -27.86 10.25
C ASN D 116 -6.25 -29.02 10.15
N ILE D 117 -7.53 -28.79 10.43
CA ILE D 117 -8.56 -29.78 10.13
C ILE D 117 -8.72 -29.91 8.61
N LEU D 118 -8.60 -28.79 7.88
CA LEU D 118 -8.79 -28.75 6.44
C LEU D 118 -7.59 -29.36 5.72
N LYS D 119 -6.39 -28.98 6.16
CA LYS D 119 -5.18 -29.35 5.44
C LYS D 119 -4.05 -29.55 6.42
N GLU D 120 -3.31 -30.64 6.21
CA GLU D 120 -2.07 -30.89 6.91
C GLU D 120 -1.13 -29.71 6.69
N GLY D 121 -0.60 -29.18 7.80
CA GLY D 121 0.32 -28.06 7.69
C GLY D 121 -0.41 -26.76 7.34
N GLY D 122 -1.75 -26.71 7.51
CA GLY D 122 -2.46 -25.48 7.25
C GLY D 122 -2.08 -24.40 8.27
N SER D 123 -2.01 -23.14 7.81
CA SER D 123 -1.67 -22.01 8.65
C SER D 123 -2.93 -21.21 8.99
N GLY D 124 -3.12 -20.92 10.28
CA GLY D 124 -4.13 -19.98 10.72
C GLY D 124 -3.64 -18.53 10.56
N GLN D 125 -4.23 -17.61 11.32
CA GLN D 125 -3.98 -16.18 11.16
C GLN D 125 -2.87 -15.73 12.12
N ARG D 126 -2.10 -14.70 11.74
CA ARG D 126 -1.03 -14.16 12.59
C ARG D 126 -1.39 -12.78 13.13
N LEU D 127 -0.75 -12.41 14.25
CA LEU D 127 -0.87 -11.09 14.82
C LEU D 127 -0.12 -10.08 13.93
N SER D 128 -0.65 -8.87 13.88
CA SER D 128 -0.07 -7.79 13.09
C SER D 128 0.99 -7.04 13.89
N GLU D 129 2.14 -6.72 13.25
CA GLU D 129 3.18 -5.91 13.87
C GLU D 129 2.72 -4.46 14.07
N MET D 130 1.76 -4.01 13.25
CA MET D 130 1.38 -2.61 13.23
C MET D 130 0.25 -2.37 14.24
N THR D 131 -0.74 -3.27 14.29
CA THR D 131 -1.96 -2.96 15.04
C THR D 131 -2.05 -3.76 16.34
N ASP D 132 -1.38 -4.91 16.46
CA ASP D 132 -1.66 -5.81 17.56
C ASP D 132 -0.70 -5.59 18.71
N ILE D 133 0.43 -4.91 18.50
CA ILE D 133 1.41 -4.74 19.56
C ILE D 133 1.10 -3.44 20.27
N LYS D 134 1.08 -3.49 21.59
CA LYS D 134 0.85 -2.28 22.38
C LYS D 134 1.94 -1.24 22.06
N ASN D 135 1.53 0.02 21.83
CA ASN D 135 2.43 1.09 21.36
C ASN D 135 3.58 1.38 22.34
N ASP D 136 3.37 1.29 23.67
CA ASP D 136 4.38 1.62 24.67
C ASP D 136 4.91 0.37 25.38
N ALA D 137 4.91 -0.78 24.67
CA ALA D 137 5.38 -2.04 25.23
C ALA D 137 6.90 -1.95 25.38
N GLU D 138 7.40 -2.13 26.61
CA GLU D 138 8.83 -2.11 26.85
C GLU D 138 9.52 -3.28 26.12
N ASP D 139 8.91 -4.47 26.12
CA ASP D 139 9.51 -5.66 25.53
C ASP D 139 9.36 -5.71 24.00
N ARG D 140 8.51 -4.84 23.41
CA ARG D 140 8.33 -4.70 21.97
C ARG D 140 7.87 -6.02 21.31
N TYR D 141 7.05 -6.81 22.01
CA TYR D 141 6.36 -7.95 21.42
C TYR D 141 4.98 -8.13 22.07
N SER D 142 4.11 -8.90 21.40
CA SER D 142 2.77 -9.20 21.89
C SER D 142 2.55 -10.71 21.94
N ASP D 143 1.77 -11.17 22.94
CA ASP D 143 1.40 -12.59 23.08
C ASP D 143 -0.10 -12.76 23.31
N VAL D 144 -0.70 -13.71 22.59
CA VAL D 144 -2.04 -14.16 22.85
C VAL D 144 -1.95 -15.65 23.20
N SER D 145 -2.17 -15.97 24.48
CA SER D 145 -2.06 -17.33 24.97
C SER D 145 -3.44 -17.89 25.32
N SER D 146 -3.76 -19.06 24.78
CA SER D 146 -5.03 -19.72 25.01
C SER D 146 -4.79 -21.15 25.49
N THR D 147 -5.63 -21.63 26.41
CA THR D 147 -5.58 -23.02 26.84
C THR D 147 -6.93 -23.67 26.59
N PHE D 148 -6.93 -24.79 25.86
CA PHE D 148 -8.14 -25.51 25.51
C PHE D 148 -8.19 -26.80 26.31
N PHE D 149 -9.41 -27.31 26.48
CA PHE D 149 -9.64 -28.56 27.17
C PHE D 149 -10.33 -29.55 26.23
N PHE D 150 -9.86 -30.81 26.23
CA PHE D 150 -10.50 -31.87 25.47
C PHE D 150 -10.55 -33.18 26.27
N GLY D 151 -11.49 -33.26 27.19
CA GLY D 151 -11.68 -34.44 28.03
C GLY D 151 -10.53 -34.66 29.00
N LYS D 152 -10.65 -35.69 29.84
CA LYS D 152 -9.67 -35.96 30.90
C LYS D 152 -8.35 -36.48 30.32
N GLY D 153 -8.39 -37.07 29.11
CA GLY D 153 -7.19 -37.51 28.42
C GLY D 153 -6.31 -36.36 27.92
N LEU D 154 -6.90 -35.16 27.70
CA LEU D 154 -6.18 -33.99 27.20
C LEU D 154 -6.68 -32.72 27.89
N LYS D 155 -6.23 -32.56 29.15
CA LYS D 155 -6.74 -31.52 30.03
C LYS D 155 -6.23 -30.15 29.61
N SER D 156 -5.12 -30.09 28.87
CA SER D 156 -4.52 -28.82 28.54
C SER D 156 -3.95 -28.85 27.12
N VAL D 157 -4.51 -27.99 26.26
CA VAL D 157 -3.97 -27.78 24.92
C VAL D 157 -3.58 -26.30 24.83
N PRO D 158 -2.31 -25.94 25.15
CA PRO D 158 -1.88 -24.54 25.12
C PRO D 158 -1.53 -24.07 23.71
N ILE D 159 -1.96 -22.86 23.35
CA ILE D 159 -1.50 -22.27 22.09
C ILE D 159 -1.12 -20.82 22.36
N ARG D 160 0.00 -20.39 21.76
CA ARG D 160 0.44 -19.01 21.86
C ARG D 160 0.65 -18.42 20.47
N LEU D 161 -0.01 -17.30 20.20
CA LEU D 161 0.29 -16.49 19.04
C LEU D 161 1.14 -15.31 19.46
N SER D 162 2.25 -15.07 18.77
CA SER D 162 3.20 -14.07 19.18
C SER D 162 3.62 -13.22 18.00
N ARG D 163 4.09 -11.99 18.27
CA ARG D 163 4.71 -11.18 17.25
C ARG D 163 5.63 -10.15 17.88
N SER D 164 6.85 -10.00 17.33
CA SER D 164 7.80 -8.96 17.77
C SER D 164 7.81 -7.80 16.79
N ALA D 165 8.23 -6.62 17.28
CA ALA D 165 8.44 -5.45 16.45
C ALA D 165 9.62 -5.67 15.51
N LEU D 166 9.66 -4.92 14.41
CA LEU D 166 10.76 -4.98 13.46
C LEU D 166 12.04 -4.49 14.12
N GLY D 167 13.14 -5.21 13.84
CA GLY D 167 14.46 -4.80 14.26
C GLY D 167 14.76 -5.18 15.70
N THR D 168 13.89 -5.94 16.38
CA THR D 168 14.20 -6.36 17.74
C THR D 168 15.34 -7.38 17.65
N ALA D 169 16.16 -7.49 18.70
CA ALA D 169 17.31 -8.38 18.73
C ALA D 169 16.90 -9.85 18.65
N GLU D 170 15.72 -10.21 19.21
CA GLU D 170 15.24 -11.58 19.24
C GLU D 170 13.84 -11.66 18.63
N ARG D 171 13.60 -12.71 17.81
CA ARG D 171 12.27 -13.00 17.31
C ARG D 171 11.43 -13.61 18.41
N ARG D 172 10.13 -13.30 18.41
CA ARG D 172 9.17 -14.02 19.23
C ARG D 172 8.27 -14.82 18.29
N ASP D 173 8.40 -16.16 18.26
CA ASP D 173 7.60 -16.97 17.36
C ASP D 173 6.40 -17.55 18.09
N SER D 174 5.33 -17.82 17.32
CA SER D 174 4.13 -18.46 17.82
C SER D 174 4.43 -19.91 18.17
N GLU D 175 3.69 -20.48 19.13
CA GLU D 175 3.82 -21.87 19.54
C GLU D 175 2.48 -22.57 19.32
N VAL D 176 2.34 -23.32 18.23
CA VAL D 176 1.03 -23.75 17.74
C VAL D 176 0.96 -25.27 17.63
N LYS D 177 2.03 -25.99 18.00
CA LYS D 177 2.12 -27.42 17.73
C LYS D 177 0.97 -28.19 18.40
N PRO D 178 0.65 -27.96 19.70
CA PRO D 178 -0.47 -28.69 20.30
C PRO D 178 -1.79 -28.56 19.53
N ALA D 179 -2.12 -27.36 19.05
CA ALA D 179 -3.33 -27.16 18.27
C ALA D 179 -3.26 -27.98 17.00
N LYS D 180 -2.10 -27.97 16.34
CA LYS D 180 -1.93 -28.70 15.11
C LYS D 180 -2.05 -30.19 15.35
N ASP D 181 -1.44 -30.67 16.44
CA ASP D 181 -1.49 -32.08 16.78
C ASP D 181 -2.92 -32.55 17.00
N LEU D 182 -3.69 -31.77 17.76
CA LEU D 182 -5.07 -32.13 18.00
C LEU D 182 -5.87 -32.12 16.69
N ALA D 183 -5.72 -31.05 15.89
CA ALA D 183 -6.43 -30.93 14.62
C ALA D 183 -6.06 -32.07 13.67
N ASP D 184 -4.80 -32.52 13.72
CA ASP D 184 -4.35 -33.67 12.95
C ASP D 184 -5.08 -34.96 13.34
N ILE D 185 -5.31 -35.19 14.64
CA ILE D 185 -6.11 -36.33 15.09
C ILE D 185 -7.47 -36.29 14.38
N TRP D 186 -8.19 -35.16 14.47
CA TRP D 186 -9.49 -35.04 13.85
C TRP D 186 -9.41 -35.32 12.36
N ARG D 187 -8.43 -34.73 11.69
CA ARG D 187 -8.33 -34.85 10.25
C ARG D 187 -8.05 -36.30 9.83
N VAL D 188 -7.07 -36.96 10.45
CA VAL D 188 -6.58 -38.26 10.03
C VAL D 188 -7.64 -39.32 10.35
N ILE D 189 -8.22 -39.28 11.55
CA ILE D 189 -9.23 -40.25 11.93
C ILE D 189 -10.45 -40.11 11.01
N ASN D 190 -10.84 -38.88 10.71
CA ASN D 190 -11.97 -38.62 9.84
C ASN D 190 -11.72 -39.18 8.44
N GLU D 191 -10.48 -39.10 7.95
CA GLU D 191 -10.14 -39.58 6.62
C GLU D 191 -10.42 -41.08 6.50
N VAL D 192 -10.16 -41.83 7.57
CA VAL D 192 -10.28 -43.28 7.55
C VAL D 192 -11.77 -43.62 7.75
N ASN D 193 -12.37 -43.05 8.81
CA ASN D 193 -13.76 -43.31 9.13
C ASN D 193 -14.41 -42.01 9.59
N THR D 194 -15.56 -41.69 8.99
CA THR D 194 -16.21 -40.42 9.22
C THR D 194 -16.47 -40.26 10.72
N ILE D 195 -16.14 -39.07 11.26
CA ILE D 195 -16.42 -38.70 12.65
C ILE D 195 -17.13 -37.34 12.66
N ASN D 196 -17.71 -36.97 13.80
CA ASN D 196 -18.26 -35.64 13.99
C ASN D 196 -17.15 -34.62 14.28
N LEU D 197 -17.27 -33.39 13.74
CA LEU D 197 -16.22 -32.39 13.84
C LEU D 197 -16.69 -31.13 14.54
N PRO D 198 -15.78 -30.38 15.23
CA PRO D 198 -16.21 -29.20 15.97
C PRO D 198 -16.55 -28.02 15.05
N THR D 199 -17.54 -27.21 15.46
CA THR D 199 -17.91 -26.00 14.74
C THR D 199 -17.23 -24.79 15.40
N PHE D 200 -16.62 -23.92 14.60
CA PHE D 200 -16.06 -22.65 15.07
C PHE D 200 -16.65 -21.51 14.27
N ALA D 201 -17.23 -20.50 14.95
CA ALA D 201 -17.85 -19.39 14.23
C ALA D 201 -17.75 -18.08 15.01
N LEU D 202 -17.56 -16.98 14.26
CA LEU D 202 -17.63 -15.63 14.80
C LEU D 202 -18.74 -14.85 14.09
N TYR D 203 -19.64 -14.22 14.87
CA TYR D 203 -20.67 -13.32 14.35
C TYR D 203 -20.47 -11.93 14.94
N ASN D 204 -19.84 -11.04 14.16
CA ASN D 204 -19.62 -9.64 14.49
C ASN D 204 -20.86 -8.79 14.21
N VAL D 205 -20.77 -7.46 14.42
CA VAL D 205 -21.83 -6.53 14.06
C VAL D 205 -21.98 -6.44 12.53
N GLU D 206 -20.94 -6.84 11.76
CA GLU D 206 -20.98 -6.97 10.30
C GLU D 206 -22.11 -7.88 9.80
N ARG D 207 -22.64 -8.79 10.64
CA ARG D 207 -23.72 -9.67 10.24
C ARG D 207 -24.95 -8.89 9.79
N SER D 208 -25.10 -7.63 10.23
CA SER D 208 -26.17 -6.75 9.79
C SER D 208 -25.74 -6.10 8.47
N GLN D 209 -26.32 -6.58 7.36
CA GLN D 209 -25.95 -6.18 6.01
C GLN D 209 -27.13 -6.51 5.10
N PRO D 210 -27.36 -5.82 3.95
CA PRO D 210 -28.51 -6.13 3.10
C PRO D 210 -28.35 -7.48 2.38
N PHE D 211 -29.50 -8.04 1.95
CA PHE D 211 -29.57 -9.35 1.34
C PHE D 211 -29.74 -9.19 -0.17
N ASN D 212 -28.75 -9.69 -0.93
CA ASN D 212 -28.87 -9.81 -2.37
C ASN D 212 -29.81 -10.97 -2.70
N ARG D 213 -30.97 -10.64 -3.27
CA ARG D 213 -31.93 -11.59 -3.83
C ARG D 213 -31.31 -12.44 -4.95
N ASN D 214 -30.37 -11.85 -5.73
CA ASN D 214 -29.90 -12.42 -6.98
C ASN D 214 -28.93 -13.55 -6.69
N ILE D 215 -29.48 -14.77 -6.50
CA ILE D 215 -28.76 -15.90 -5.91
C ILE D 215 -28.06 -16.69 -7.02
N LYS D 216 -26.87 -17.24 -6.69
CA LYS D 216 -25.90 -17.76 -7.65
C LYS D 216 -26.18 -19.23 -7.98
N ASP D 217 -25.76 -19.65 -9.19
CA ASP D 217 -25.99 -21.01 -9.69
C ASP D 217 -25.07 -22.00 -8.98
N ASN D 218 -25.60 -23.23 -8.74
CA ASN D 218 -24.94 -24.27 -7.97
C ASN D 218 -23.73 -24.78 -8.77
N THR D 219 -22.54 -24.22 -8.47
CA THR D 219 -21.26 -24.77 -8.92
C THR D 219 -21.04 -26.16 -8.30
N GLY D 220 -21.51 -26.40 -7.06
CA GLY D 220 -21.34 -27.67 -6.37
C GLY D 220 -20.33 -27.60 -5.22
N ARG D 221 -19.85 -26.39 -4.84
CA ARG D 221 -18.93 -26.23 -3.71
C ARG D 221 -19.69 -26.30 -2.38
N ARG D 222 -20.96 -25.85 -2.40
CA ARG D 222 -21.76 -25.68 -1.19
C ARG D 222 -22.19 -27.03 -0.64
N GLU D 223 -22.05 -28.09 -1.43
CA GLU D 223 -22.52 -29.42 -1.08
C GLU D 223 -21.39 -30.14 -0.34
N GLU D 224 -20.15 -29.63 -0.46
CA GLU D 224 -19.01 -30.33 0.08
C GLU D 224 -18.97 -30.11 1.58
N ARG D 225 -18.70 -31.17 2.35
CA ARG D 225 -18.77 -31.14 3.81
C ARG D 225 -17.93 -30.02 4.39
N PHE D 226 -16.72 -29.79 3.86
CA PHE D 226 -15.77 -28.88 4.47
C PHE D 226 -15.98 -27.45 4.00
N ASP D 227 -16.98 -27.24 3.13
CA ASP D 227 -17.51 -25.92 2.93
C ASP D 227 -18.08 -25.32 4.22
N ALA D 228 -18.47 -26.17 5.19
CA ALA D 228 -18.84 -25.73 6.53
C ALA D 228 -17.76 -24.88 7.19
N TYR D 229 -16.47 -25.03 6.84
CA TYR D 229 -15.40 -24.22 7.42
C TYR D 229 -15.11 -22.99 6.58
N SER D 230 -15.81 -22.79 5.44
CA SER D 230 -15.53 -21.65 4.57
C SER D 230 -16.02 -20.36 5.22
N GLN D 231 -15.11 -19.38 5.39
CA GLN D 231 -15.41 -18.06 5.91
C GLN D 231 -16.09 -18.14 7.29
N THR D 232 -15.81 -19.19 8.08
CA THR D 232 -16.52 -19.44 9.32
C THR D 232 -16.12 -18.41 10.39
N LEU D 233 -14.90 -17.85 10.33
CA LEU D 233 -14.43 -16.89 11.31
C LEU D 233 -14.30 -15.49 10.71
N GLY D 234 -15.05 -15.23 9.62
CA GLY D 234 -14.97 -13.97 8.91
C GLY D 234 -15.75 -12.85 9.63
N GLY D 235 -16.78 -13.22 10.41
CA GLY D 235 -17.55 -12.23 11.15
C GLY D 235 -18.98 -12.08 10.67
N ALA D 236 -19.30 -12.28 9.37
CA ALA D 236 -20.64 -12.03 8.85
C ALA D 236 -21.47 -13.31 8.67
N GLY D 237 -20.89 -14.51 8.82
CA GLY D 237 -21.49 -15.71 8.26
C GLY D 237 -21.47 -15.68 6.72
N ARG D 238 -22.14 -16.66 6.09
CA ARG D 238 -22.41 -16.66 4.65
C ARG D 238 -23.85 -17.10 4.43
N PHE D 239 -24.78 -16.17 4.66
CA PHE D 239 -26.19 -16.46 4.51
C PHE D 239 -26.54 -16.80 3.05
N ASP D 240 -25.87 -16.16 2.09
CA ASP D 240 -25.95 -16.52 0.69
C ASP D 240 -25.64 -18.00 0.44
N HIS D 241 -24.60 -18.53 1.10
CA HIS D 241 -24.26 -19.95 0.97
C HIS D 241 -25.37 -20.82 1.52
N PHE D 242 -26.03 -20.38 2.60
CA PHE D 242 -27.16 -21.12 3.13
C PHE D 242 -28.26 -21.24 2.09
N VAL D 243 -28.61 -20.11 1.47
CA VAL D 243 -29.75 -20.09 0.57
C VAL D 243 -29.47 -21.03 -0.60
N GLU D 244 -28.27 -20.93 -1.18
CA GLU D 244 -27.87 -21.82 -2.26
C GLU D 244 -27.95 -23.27 -1.84
N TRP D 245 -27.42 -23.59 -0.66
CA TRP D 245 -27.40 -24.95 -0.15
C TRP D 245 -28.81 -25.45 0.10
N TYR D 246 -29.66 -24.59 0.63
CA TYR D 246 -31.02 -24.96 0.98
C TYR D 246 -31.85 -25.26 -0.27
N ILE D 247 -31.69 -24.44 -1.31
CA ILE D 247 -32.39 -24.66 -2.57
C ILE D 247 -31.89 -25.96 -3.19
N TYR D 248 -30.57 -26.15 -3.17
CA TYR D 248 -29.98 -27.38 -3.63
C TYR D 248 -30.63 -28.58 -2.94
N LEU D 249 -30.75 -28.55 -1.61
CA LEU D 249 -31.34 -29.65 -0.87
C LEU D 249 -32.75 -29.92 -1.36
N HIS D 250 -33.51 -28.85 -1.62
CA HIS D 250 -34.88 -28.97 -2.06
C HIS D 250 -34.98 -29.68 -3.40
N LYS D 251 -34.14 -29.26 -4.36
CA LYS D 251 -34.14 -29.83 -5.71
C LYS D 251 -33.84 -31.33 -5.65
N ARG D 252 -32.91 -31.72 -4.77
CA ARG D 252 -32.50 -33.10 -4.66
C ARG D 252 -33.59 -33.94 -4.02
N THR D 253 -34.34 -33.32 -3.10
CA THR D 253 -35.42 -34.02 -2.43
C THR D 253 -36.55 -34.28 -3.43
N VAL D 254 -36.86 -33.31 -4.30
CA VAL D 254 -37.97 -33.45 -5.25
C VAL D 254 -37.54 -34.42 -6.35
N SER D 255 -36.24 -34.42 -6.71
CA SER D 255 -35.72 -35.37 -7.68
C SER D 255 -35.60 -36.76 -7.04
N ASP D 256 -35.76 -37.82 -7.87
CA ASP D 256 -35.49 -39.20 -7.46
C ASP D 256 -33.98 -39.41 -7.35
N ILE D 257 -33.57 -40.35 -6.46
CA ILE D 257 -32.17 -40.64 -6.14
C ILE D 257 -31.69 -41.72 -7.11
N SER D 258 -30.52 -41.49 -7.75
CA SER D 258 -29.90 -42.34 -8.77
C SER D 258 -30.78 -42.53 -10.03
N SER D 259 -31.78 -41.66 -10.24
CA SER D 259 -32.56 -41.68 -11.47
C SER D 259 -31.68 -41.23 -12.62
N SER D 260 -30.85 -40.19 -12.37
CA SER D 260 -29.82 -39.77 -13.30
C SER D 260 -28.85 -40.92 -13.58
N ILE D 261 -28.48 -41.68 -12.52
CA ILE D 261 -27.61 -42.85 -12.68
C ILE D 261 -28.38 -43.90 -13.48
N LYS D 262 -29.64 -44.15 -13.13
CA LYS D 262 -30.45 -45.11 -13.87
C LYS D 262 -30.62 -44.66 -15.32
N GLU D 263 -30.90 -43.37 -15.52
CA GLU D 263 -31.00 -42.82 -16.86
C GLU D 263 -29.65 -42.92 -17.58
N LEU D 264 -28.56 -42.57 -16.87
CA LEU D 264 -27.22 -42.68 -17.44
C LEU D 264 -26.87 -44.13 -17.74
N GLU D 265 -27.24 -45.05 -16.82
CA GLU D 265 -27.06 -46.49 -17.01
C GLU D 265 -27.79 -46.93 -18.28
N GLN D 266 -29.02 -46.43 -18.47
CA GLN D 266 -29.82 -46.77 -19.64
C GLN D 266 -29.16 -46.22 -20.91
N GLN D 267 -28.67 -44.97 -20.85
CA GLN D 267 -28.01 -44.34 -21.99
C GLN D 267 -26.71 -45.07 -22.35
N VAL D 268 -25.92 -45.49 -21.34
CA VAL D 268 -24.68 -46.21 -21.60
C VAL D 268 -25.03 -47.57 -22.21
N ASN D 269 -26.10 -48.22 -21.73
CA ASN D 269 -26.54 -49.51 -22.29
C ASN D 269 -26.98 -49.36 -23.74
N ASP D 270 -27.73 -48.29 -24.06
CA ASP D 270 -28.17 -48.01 -25.42
C ASP D 270 -26.99 -47.73 -26.34
N LEU D 271 -26.01 -46.94 -25.84
CA LEU D 271 -24.82 -46.58 -26.60
C LEU D 271 -23.94 -47.83 -26.84
N GLN D 272 -23.85 -48.72 -25.84
CA GLN D 272 -23.09 -49.96 -25.94
C GLN D 272 -23.68 -50.86 -27.05
N ARG D 273 -25.02 -50.91 -27.13
CA ARG D 273 -25.70 -51.68 -28.16
C ARG D 273 -25.40 -51.13 -29.56
N THR D 274 -25.32 -49.81 -29.69
CA THR D 274 -25.01 -49.15 -30.95
C THR D 274 -23.58 -49.48 -31.39
N VAL D 275 -22.62 -49.47 -30.44
CA VAL D 275 -21.22 -49.77 -30.76
C VAL D 275 -21.11 -51.26 -31.12
N ASP D 276 -21.87 -52.14 -30.46
CA ASP D 276 -21.88 -53.57 -30.77
C ASP D 276 -22.52 -53.84 -32.13
N GLY D 277 -23.42 -52.94 -32.58
CA GLY D 277 -24.07 -53.03 -33.88
C GLY D 277 -23.22 -52.53 -35.06
N GLY D 278 -21.96 -52.08 -34.86
CA GLY D 278 -21.04 -51.76 -35.93
C GLY D 278 -20.79 -50.25 -36.12
N MET D 279 -21.44 -49.37 -35.32
CA MET D 279 -21.24 -47.93 -35.40
C MET D 279 -20.05 -47.53 -34.51
N VAL D 280 -18.82 -47.64 -35.06
CA VAL D 280 -17.57 -47.37 -34.35
C VAL D 280 -17.38 -45.85 -34.13
N SER D 281 -18.10 -45.00 -34.89
CA SER D 281 -18.02 -43.53 -34.80
C SER D 281 -18.50 -42.99 -33.45
N VAL D 282 -19.30 -43.77 -32.70
CA VAL D 282 -19.93 -43.29 -31.48
C VAL D 282 -19.15 -43.83 -30.26
N LYS D 283 -18.00 -44.50 -30.47
CA LYS D 283 -17.16 -45.04 -29.42
C LYS D 283 -16.65 -43.93 -28.50
N SER D 284 -16.24 -42.79 -29.09
CA SER D 284 -15.78 -41.65 -28.31
C SER D 284 -16.87 -41.15 -27.36
N LEU D 285 -18.11 -41.06 -27.85
CA LEU D 285 -19.25 -40.62 -27.05
C LEU D 285 -19.56 -41.62 -25.93
N LEU D 286 -19.49 -42.93 -26.21
CA LEU D 286 -19.69 -43.99 -25.23
C LEU D 286 -18.69 -43.84 -24.07
N GLU D 287 -17.40 -43.62 -24.39
CA GLU D 287 -16.35 -43.47 -23.39
C GLU D 287 -16.63 -42.27 -22.48
N GLN D 288 -17.07 -41.15 -23.08
CA GLN D 288 -17.44 -39.97 -22.32
C GLN D 288 -18.60 -40.26 -21.37
N MET D 289 -19.63 -40.97 -21.85
CA MET D 289 -20.82 -41.26 -21.06
C MET D 289 -20.50 -42.25 -19.94
N LYS D 290 -19.65 -43.25 -20.22
CA LYS D 290 -19.18 -44.20 -19.22
C LYS D 290 -18.44 -43.48 -18.09
N PHE D 291 -17.64 -42.48 -18.46
CA PHE D 291 -16.93 -41.67 -17.49
C PHE D 291 -17.93 -40.92 -16.63
N LYS D 292 -18.94 -40.28 -17.25
CA LYS D 292 -19.98 -39.57 -16.52
C LYS D 292 -20.72 -40.49 -15.55
N LEU D 293 -21.06 -41.70 -16.01
CA LEU D 293 -21.75 -42.69 -15.19
C LEU D 293 -20.89 -43.08 -13.98
N SER D 294 -19.60 -43.38 -14.22
CA SER D 294 -18.66 -43.78 -13.18
C SER D 294 -18.52 -42.68 -12.14
N GLU D 295 -18.46 -41.42 -12.61
CA GLU D 295 -18.38 -40.27 -11.72
C GLU D 295 -19.61 -40.17 -10.85
N ALA D 296 -20.80 -40.32 -11.46
CA ALA D 296 -22.06 -40.25 -10.74
C ALA D 296 -22.15 -41.34 -9.66
N ILE D 297 -21.74 -42.56 -10.02
CA ILE D 297 -21.74 -43.70 -9.10
C ILE D 297 -20.75 -43.41 -7.97
N GLU D 298 -19.57 -42.90 -8.32
CA GLU D 298 -18.53 -42.61 -7.33
C GLU D 298 -19.01 -41.56 -6.35
N ARG D 299 -19.67 -40.51 -6.86
CA ARG D 299 -20.21 -39.47 -6.01
C ARG D 299 -21.27 -40.06 -5.10
N ASN D 300 -22.13 -40.89 -5.70
CA ASN D 300 -23.14 -41.59 -4.92
C ASN D 300 -22.47 -42.48 -3.87
N ASP D 301 -21.44 -43.22 -4.27
CA ASP D 301 -20.71 -44.10 -3.36
C ASP D 301 -19.97 -43.31 -2.29
N ALA D 302 -19.34 -42.20 -2.70
CA ALA D 302 -18.65 -41.32 -1.76
C ALA D 302 -19.66 -40.76 -0.76
N ALA D 303 -20.82 -40.33 -1.28
CA ALA D 303 -21.91 -39.88 -0.43
C ALA D 303 -22.33 -41.02 0.49
N VAL D 304 -22.45 -42.24 -0.09
CA VAL D 304 -22.77 -43.44 0.68
C VAL D 304 -21.62 -43.72 1.65
N SER D 305 -20.36 -43.60 1.16
CA SER D 305 -19.19 -43.87 1.98
C SER D 305 -19.06 -42.85 3.10
N SER D 306 -19.42 -41.59 2.83
CA SER D 306 -19.29 -40.54 3.84
C SER D 306 -20.36 -40.62 4.93
N ARG D 307 -21.32 -41.58 4.90
CA ARG D 307 -22.23 -41.89 6.00
C ARG D 307 -23.10 -40.66 6.34
N VAL D 308 -23.44 -39.85 5.32
CA VAL D 308 -24.03 -38.54 5.52
C VAL D 308 -25.56 -38.70 5.54
N LEU D 309 -26.24 -37.75 6.21
CA LEU D 309 -27.69 -37.70 6.35
C LEU D 309 -28.34 -37.47 4.98
N THR D 310 -29.55 -38.00 4.76
CA THR D 310 -30.24 -37.75 3.50
C THR D 310 -30.58 -36.25 3.45
N GLU D 311 -30.67 -35.72 2.23
CA GLU D 311 -31.02 -34.34 2.01
C GLU D 311 -32.37 -33.99 2.67
N SER D 312 -33.34 -34.92 2.64
CA SER D 312 -34.64 -34.72 3.27
C SER D 312 -34.50 -34.48 4.77
N VAL D 313 -33.63 -35.27 5.41
CA VAL D 313 -33.46 -35.19 6.85
C VAL D 313 -32.74 -33.90 7.20
N GLN D 314 -31.71 -33.56 6.42
CA GLN D 314 -30.96 -32.34 6.65
C GLN D 314 -31.90 -31.14 6.60
N LYS D 315 -32.75 -31.11 5.57
CA LYS D 315 -33.72 -30.06 5.40
C LYS D 315 -34.58 -29.92 6.66
N SER D 316 -35.12 -31.04 7.14
CA SER D 316 -36.03 -31.03 8.26
C SER D 316 -35.38 -30.44 9.50
N ILE D 317 -34.11 -30.80 9.74
CA ILE D 317 -33.40 -30.43 10.95
C ILE D 317 -33.24 -28.91 10.97
N VAL D 318 -32.83 -28.37 9.84
CA VAL D 318 -32.55 -26.96 9.73
C VAL D 318 -33.84 -26.17 9.89
N GLU D 319 -34.91 -26.63 9.23
CA GLU D 319 -36.19 -25.93 9.28
C GLU D 319 -36.68 -25.86 10.73
N LYS D 320 -36.55 -26.97 11.45
CA LYS D 320 -37.01 -27.02 12.82
C LYS D 320 -36.20 -26.06 13.68
N ALA D 321 -34.87 -26.03 13.45
CA ALA D 321 -33.99 -25.17 14.20
C ALA D 321 -34.39 -23.72 14.03
N ILE D 322 -34.63 -23.31 12.78
CA ILE D 322 -34.92 -21.93 12.48
C ILE D 322 -36.23 -21.55 13.15
N CYS D 323 -37.24 -22.40 13.00
CA CYS D 323 -38.56 -22.09 13.51
C CYS D 323 -38.56 -22.06 15.04
N SER D 324 -37.71 -22.88 15.67
CA SER D 324 -37.65 -22.95 17.12
C SER D 324 -36.95 -21.73 17.71
N VAL D 325 -35.93 -21.22 17.03
CA VAL D 325 -35.10 -20.18 17.62
C VAL D 325 -35.64 -18.81 17.24
N VAL D 326 -36.19 -18.67 16.03
CA VAL D 326 -36.62 -17.38 15.53
C VAL D 326 -38.12 -17.26 15.80
N PRO D 327 -38.58 -16.46 16.80
CA PRO D 327 -39.98 -16.51 17.24
C PRO D 327 -41.02 -16.14 16.17
N SER D 328 -40.71 -15.19 15.28
CA SER D 328 -41.66 -14.72 14.29
C SER D 328 -41.84 -15.71 13.13
N ILE D 329 -40.95 -16.71 12.99
CA ILE D 329 -40.95 -17.61 11.83
C ILE D 329 -41.54 -18.95 12.25
N SER D 330 -42.64 -19.35 11.61
CA SER D 330 -43.29 -20.61 11.90
C SER D 330 -43.01 -21.65 10.81
N ASN D 331 -42.63 -21.20 9.61
CA ASN D 331 -42.35 -22.12 8.53
C ASN D 331 -41.38 -21.50 7.54
N ILE D 332 -40.58 -22.36 6.88
CA ILE D 332 -39.67 -21.95 5.83
C ILE D 332 -39.72 -23.02 4.75
N TRP D 333 -39.80 -22.59 3.47
CA TRP D 333 -39.89 -23.54 2.37
C TRP D 333 -39.39 -22.92 1.08
N VAL D 334 -39.14 -23.78 0.06
CA VAL D 334 -38.67 -23.33 -1.24
C VAL D 334 -39.87 -23.40 -2.18
N GLU D 335 -40.17 -22.26 -2.83
CA GLU D 335 -41.16 -22.21 -3.87
C GLU D 335 -40.48 -22.20 -5.24
N MET D 336 -40.91 -23.10 -6.13
CA MET D 336 -40.43 -23.12 -7.51
C MET D 336 -41.40 -22.29 -8.35
N ILE D 337 -41.07 -21.01 -8.63
CA ILE D 337 -41.94 -20.17 -9.47
C ILE D 337 -41.11 -19.55 -10.61
N THR D 338 -41.77 -19.27 -11.76
CA THR D 338 -41.30 -18.41 -12.85
C THR D 338 -39.81 -18.63 -13.20
N GLY D 339 -39.36 -19.90 -13.22
CA GLY D 339 -37.97 -20.28 -13.50
C GLY D 339 -36.93 -19.62 -12.60
N SER D 340 -37.25 -19.42 -11.31
CA SER D 340 -36.32 -18.91 -10.31
C SER D 340 -36.78 -19.38 -8.93
N ASP D 341 -35.90 -20.08 -8.18
CA ASP D 341 -36.27 -20.65 -6.89
C ASP D 341 -36.21 -19.58 -5.80
N LEU D 342 -37.28 -19.49 -5.01
CA LEU D 342 -37.37 -18.51 -3.94
C LEU D 342 -37.57 -19.25 -2.62
N VAL D 343 -36.83 -18.82 -1.59
CA VAL D 343 -37.04 -19.28 -0.23
C VAL D 343 -38.09 -18.37 0.38
N LYS D 344 -39.18 -18.98 0.91
CA LYS D 344 -40.25 -18.24 1.55
C LYS D 344 -40.36 -18.66 3.01
N VAL D 345 -40.91 -17.75 3.80
CA VAL D 345 -41.10 -18.01 5.22
C VAL D 345 -42.50 -17.57 5.59
N THR D 346 -43.08 -18.23 6.61
CA THR D 346 -44.29 -17.72 7.25
C THR D 346 -43.87 -16.89 8.45
N ASN D 347 -43.99 -15.56 8.32
CA ASN D 347 -43.56 -14.61 9.32
C ASN D 347 -44.78 -13.92 9.91
N ASP D 348 -45.01 -14.12 11.22
CA ASP D 348 -46.16 -13.57 11.91
C ASP D 348 -47.45 -13.96 11.19
N GLY D 349 -47.55 -15.22 10.73
CA GLY D 349 -48.75 -15.73 10.08
C GLY D 349 -48.88 -15.35 8.60
N HIS D 350 -47.92 -14.61 8.02
CA HIS D 350 -48.01 -14.20 6.62
C HIS D 350 -46.82 -14.74 5.83
N ASP D 351 -47.09 -15.26 4.61
CA ASP D 351 -46.06 -15.83 3.77
C ASP D 351 -45.33 -14.71 3.04
N VAL D 352 -44.01 -14.63 3.23
CA VAL D 352 -43.22 -13.53 2.69
C VAL D 352 -41.92 -14.11 2.16
N THR D 353 -41.23 -13.33 1.33
CA THR D 353 -39.88 -13.69 0.91
C THR D 353 -38.89 -13.21 1.97
N ILE D 354 -37.67 -13.72 1.89
CA ILE D 354 -36.60 -13.36 2.82
C ILE D 354 -36.36 -11.86 2.75
N ASP D 355 -36.40 -11.26 1.56
CA ASP D 355 -36.13 -9.85 1.40
C ASP D 355 -37.24 -8.97 1.97
N GLN D 356 -38.41 -9.56 2.24
CA GLN D 356 -39.49 -8.83 2.87
C GLN D 356 -39.38 -8.83 4.39
N LEU D 357 -38.44 -9.56 4.99
CA LEU D 357 -38.33 -9.59 6.43
C LEU D 357 -37.79 -8.27 6.97
N SER D 358 -38.20 -7.93 8.20
CA SER D 358 -37.59 -6.82 8.92
C SER D 358 -36.10 -7.08 9.12
N ASP D 359 -35.31 -6.03 9.30
CA ASP D 359 -33.88 -6.17 9.49
C ASP D 359 -33.57 -7.01 10.73
N GLY D 360 -34.28 -6.77 11.83
CA GLY D 360 -34.09 -7.57 13.03
C GLY D 360 -34.26 -9.06 12.80
N GLN D 361 -35.34 -9.43 12.12
CA GLN D 361 -35.68 -10.82 11.86
C GLN D 361 -34.67 -11.44 10.90
N ARG D 362 -34.29 -10.68 9.88
CA ARG D 362 -33.39 -11.19 8.89
C ARG D 362 -32.03 -11.48 9.50
N VAL D 363 -31.51 -10.54 10.28
CA VAL D 363 -30.18 -10.68 10.82
C VAL D 363 -30.14 -11.89 11.74
N PHE D 364 -31.18 -12.04 12.56
CA PHE D 364 -31.18 -13.14 13.49
C PHE D 364 -31.36 -14.46 12.76
N LEU D 365 -32.27 -14.50 11.79
CA LEU D 365 -32.44 -15.67 10.93
C LEU D 365 -31.11 -16.07 10.32
N SER D 366 -30.37 -15.09 9.79
CA SER D 366 -29.12 -15.36 9.12
C SER D 366 -28.13 -16.04 10.07
N LEU D 367 -28.07 -15.58 11.32
CA LEU D 367 -27.15 -16.14 12.28
C LEU D 367 -27.48 -17.61 12.52
N VAL D 368 -28.75 -17.90 12.80
CA VAL D 368 -29.16 -19.23 13.21
C VAL D 368 -29.06 -20.17 12.01
N ALA D 369 -29.50 -19.71 10.84
CA ALA D 369 -29.47 -20.54 9.64
C ALA D 369 -28.05 -20.94 9.31
N ASP D 370 -27.13 -19.97 9.33
CA ASP D 370 -25.74 -20.26 9.04
C ASP D 370 -25.19 -21.30 10.01
N LEU D 371 -25.43 -21.06 11.30
CA LEU D 371 -24.91 -21.94 12.33
C LEU D 371 -25.48 -23.35 12.13
N ALA D 372 -26.78 -23.46 11.91
CA ALA D 372 -27.43 -24.76 11.76
C ALA D 372 -26.87 -25.51 10.56
N ARG D 373 -26.68 -24.81 9.44
CA ARG D 373 -26.13 -25.41 8.24
C ARG D 373 -24.78 -26.06 8.57
N ARG D 374 -23.91 -25.31 9.24
CA ARG D 374 -22.58 -25.79 9.51
C ARG D 374 -22.63 -27.00 10.44
N MET D 375 -23.54 -26.97 11.43
CA MET D 375 -23.61 -28.05 12.40
C MET D 375 -24.10 -29.33 11.74
N VAL D 376 -25.06 -29.21 10.83
CA VAL D 376 -25.61 -30.35 10.12
C VAL D 376 -24.52 -30.98 9.27
N MET D 377 -23.73 -30.13 8.61
CA MET D 377 -22.68 -30.62 7.73
C MET D 377 -21.56 -31.29 8.52
N LEU D 378 -21.28 -30.85 9.74
CA LEU D 378 -20.11 -31.32 10.46
C LEU D 378 -20.44 -32.45 11.42
N ASN D 379 -21.74 -32.72 11.67
CA ASN D 379 -22.12 -33.72 12.64
C ASN D 379 -23.08 -34.73 12.00
N PRO D 380 -22.65 -35.46 10.94
CA PRO D 380 -23.55 -36.37 10.25
C PRO D 380 -23.95 -37.61 11.03
N LEU D 381 -23.17 -37.98 12.05
CA LEU D 381 -23.37 -39.23 12.76
C LEU D 381 -24.26 -39.05 13.97
N LEU D 382 -24.56 -37.81 14.36
CA LEU D 382 -25.44 -37.58 15.49
C LEU D 382 -26.89 -37.66 15.04
N GLU D 383 -27.73 -38.21 15.92
CA GLU D 383 -29.16 -38.24 15.69
C GLU D 383 -29.69 -36.81 15.58
N ASN D 384 -29.27 -35.93 16.52
CA ASN D 384 -29.49 -34.50 16.38
C ASN D 384 -28.15 -33.81 16.13
N PRO D 385 -27.84 -33.40 14.88
CA PRO D 385 -26.56 -32.77 14.58
C PRO D 385 -26.29 -31.47 15.32
N LEU D 386 -27.35 -30.83 15.85
CA LEU D 386 -27.20 -29.57 16.56
C LEU D 386 -26.71 -29.80 17.98
N GLU D 387 -26.58 -31.07 18.41
CA GLU D 387 -25.98 -31.42 19.69
C GLU D 387 -24.46 -31.63 19.55
N GLY D 388 -23.86 -31.21 18.41
CA GLY D 388 -22.42 -31.28 18.22
C GLY D 388 -21.65 -30.28 19.10
N ARG D 389 -20.33 -30.43 19.07
CA ARG D 389 -19.39 -29.60 19.81
C ARG D 389 -19.01 -28.37 18.99
N GLY D 390 -18.57 -27.31 19.69
CA GLY D 390 -17.95 -26.18 19.03
C GLY D 390 -17.89 -24.93 19.91
N ILE D 391 -17.27 -23.89 19.37
CA ILE D 391 -17.13 -22.60 20.06
C ILE D 391 -17.70 -21.53 19.13
N VAL D 392 -18.67 -20.75 19.64
CA VAL D 392 -19.30 -19.72 18.83
C VAL D 392 -19.17 -18.37 19.54
N LEU D 393 -18.68 -17.35 18.81
CA LEU D 393 -18.50 -15.99 19.33
C LEU D 393 -19.56 -15.08 18.74
N ILE D 394 -20.28 -14.31 19.57
CA ILE D 394 -21.31 -13.39 19.09
C ILE D 394 -21.10 -12.02 19.72
N ASP D 395 -20.89 -11.03 18.87
CA ASP D 395 -20.78 -9.66 19.32
C ASP D 395 -22.16 -8.98 19.32
N GLU D 396 -22.49 -8.25 20.40
CA GLU D 396 -23.74 -7.49 20.52
C GLU D 396 -24.96 -8.32 20.14
N ILE D 397 -25.26 -9.33 20.95
CA ILE D 397 -26.32 -10.28 20.65
C ILE D 397 -27.69 -9.60 20.55
N GLU D 398 -27.91 -8.51 21.29
CA GLU D 398 -29.20 -7.82 21.31
C GLU D 398 -29.39 -6.90 20.08
N LEU D 399 -28.42 -6.85 19.15
CA LEU D 399 -28.52 -6.04 17.95
C LEU D 399 -29.90 -6.19 17.26
N HIS D 400 -30.66 -5.08 17.18
CA HIS D 400 -31.95 -4.95 16.49
C HIS D 400 -33.10 -5.69 17.19
N LEU D 401 -32.91 -6.18 18.42
CA LEU D 401 -33.93 -7.02 19.06
C LEU D 401 -34.79 -6.18 19.99
N HIS D 402 -36.12 -6.36 19.95
CA HIS D 402 -37.04 -5.74 20.88
CA HIS D 402 -36.99 -5.69 20.90
C HIS D 402 -36.88 -6.39 22.27
N PRO D 403 -37.14 -5.70 23.42
CA PRO D 403 -37.12 -6.30 24.76
C PRO D 403 -37.72 -7.69 24.92
N LYS D 404 -38.87 -7.95 24.30
CA LYS D 404 -39.48 -9.27 24.38
C LYS D 404 -38.54 -10.34 23.83
N TRP D 405 -37.88 -10.08 22.69
CA TRP D 405 -36.94 -11.03 22.14
C TRP D 405 -35.68 -11.15 22.97
N GLN D 406 -35.24 -10.06 23.56
CA GLN D 406 -34.07 -10.08 24.41
C GLN D 406 -34.26 -11.03 25.59
N GLN D 407 -35.50 -11.16 26.10
CA GLN D 407 -35.78 -12.08 27.18
C GLN D 407 -35.73 -13.54 26.75
N GLU D 408 -35.75 -13.85 25.44
CA GLU D 408 -35.83 -15.23 24.99
C GLU D 408 -34.56 -15.70 24.26
N VAL D 409 -33.74 -14.77 23.79
CA VAL D 409 -32.73 -15.07 22.77
C VAL D 409 -31.70 -16.09 23.29
N ILE D 410 -31.18 -15.90 24.52
CA ILE D 410 -30.11 -16.76 25.05
C ILE D 410 -30.70 -18.11 25.34
N LEU D 411 -31.92 -18.16 25.87
CA LEU D 411 -32.55 -19.42 26.23
C LEU D 411 -32.80 -20.24 24.99
N ASN D 412 -33.24 -19.60 23.90
CA ASN D 412 -33.49 -20.30 22.65
C ASN D 412 -32.20 -20.84 22.06
N LEU D 413 -31.15 -20.02 22.04
CA LEU D 413 -29.89 -20.45 21.48
C LEU D 413 -29.31 -21.64 22.23
N ARG D 414 -29.34 -21.60 23.56
CA ARG D 414 -28.75 -22.64 24.38
C ARG D 414 -29.59 -23.91 24.28
N SER D 415 -30.91 -23.79 24.06
CA SER D 415 -31.77 -24.95 23.92
C SER D 415 -31.49 -25.65 22.59
N ALA D 416 -31.32 -24.86 21.52
CA ALA D 416 -31.11 -25.42 20.19
C ALA D 416 -29.69 -25.99 20.05
N PHE D 417 -28.68 -25.37 20.69
CA PHE D 417 -27.29 -25.78 20.56
C PHE D 417 -26.71 -26.06 21.94
N PRO D 418 -27.10 -27.21 22.57
CA PRO D 418 -26.77 -27.45 23.98
C PRO D 418 -25.28 -27.67 24.31
N ASN D 419 -24.45 -28.06 23.34
CA ASN D 419 -23.06 -28.39 23.62
C ASN D 419 -22.10 -27.34 23.03
N ILE D 420 -22.59 -26.22 22.47
CA ILE D 420 -21.74 -25.14 21.99
C ILE D 420 -21.31 -24.27 23.16
N GLN D 421 -20.02 -23.89 23.21
CA GLN D 421 -19.56 -22.87 24.12
C GLN D 421 -19.83 -21.51 23.49
N PHE D 422 -20.73 -20.71 24.10
CA PHE D 422 -21.02 -19.37 23.60
C PHE D 422 -20.20 -18.33 24.36
N ILE D 423 -19.50 -17.46 23.64
CA ILE D 423 -18.83 -16.31 24.21
C ILE D 423 -19.43 -15.06 23.57
N ILE D 424 -20.16 -14.27 24.36
CA ILE D 424 -20.99 -13.22 23.80
C ILE D 424 -20.70 -11.87 24.47
N THR D 425 -21.02 -10.77 23.77
CA THR D 425 -21.00 -9.43 24.36
C THR D 425 -22.40 -8.83 24.28
N THR D 426 -22.80 -8.03 25.30
CA THR D 426 -24.12 -7.38 25.34
C THR D 426 -24.05 -6.07 26.15
N HIS D 427 -24.97 -5.11 25.89
CA HIS D 427 -25.21 -4.01 26.81
CA HIS D 427 -25.25 -3.96 26.73
C HIS D 427 -26.68 -4.04 27.25
N SER D 428 -27.29 -5.24 27.25
CA SER D 428 -28.71 -5.31 27.56
C SER D 428 -28.91 -5.87 28.97
N PRO D 429 -29.55 -5.10 29.90
CA PRO D 429 -29.93 -5.66 31.19
C PRO D 429 -30.98 -6.76 31.10
N ILE D 430 -31.82 -6.71 30.07
CA ILE D 430 -32.88 -7.71 29.88
C ILE D 430 -32.24 -9.05 29.55
N VAL D 431 -31.17 -9.03 28.73
CA VAL D 431 -30.44 -10.25 28.43
C VAL D 431 -29.79 -10.79 29.71
N LEU D 432 -29.20 -9.91 30.52
CA LEU D 432 -28.51 -10.31 31.72
C LEU D 432 -29.45 -10.94 32.74
N SER D 433 -30.73 -10.55 32.73
CA SER D 433 -31.70 -11.14 33.63
C SER D 433 -31.92 -12.63 33.38
N THR D 434 -31.39 -13.20 32.28
CA THR D 434 -31.62 -14.60 31.94
C THR D 434 -30.35 -15.41 32.18
N ILE D 435 -29.30 -14.80 32.74
CA ILE D 435 -27.99 -15.42 32.81
C ILE D 435 -27.52 -15.39 34.26
N GLU D 436 -26.80 -16.45 34.66
CA GLU D 436 -26.23 -16.53 36.00
C GLU D 436 -25.03 -15.61 36.13
N LYS D 437 -24.79 -15.05 37.32
CA LYS D 437 -23.73 -14.09 37.52
C LYS D 437 -22.34 -14.69 37.25
N ARG D 438 -22.16 -16.00 37.48
CA ARG D 438 -20.89 -16.68 37.23
C ARG D 438 -20.47 -16.60 35.75
N CYS D 439 -21.45 -16.44 34.84
CA CYS D 439 -21.21 -16.36 33.41
C CYS D 439 -20.84 -14.95 32.97
N ILE D 440 -20.93 -13.97 33.87
CA ILE D 440 -20.81 -12.58 33.49
C ILE D 440 -19.40 -12.13 33.85
N ARG D 441 -18.74 -11.44 32.91
CA ARG D 441 -17.46 -10.79 33.14
C ARG D 441 -17.58 -9.30 32.85
N GLU D 442 -17.20 -8.46 33.82
CA GLU D 442 -17.34 -7.01 33.69
C GLU D 442 -15.98 -6.39 33.33
N PHE D 443 -16.02 -5.46 32.38
CA PHE D 443 -14.86 -4.88 31.74
C PHE D 443 -14.90 -3.38 32.00
N GLU D 444 -14.37 -2.96 33.16
CA GLU D 444 -14.16 -1.55 33.48
C GLU D 444 -12.64 -1.32 33.39
N PRO D 445 -12.06 -0.88 32.24
CA PRO D 445 -10.65 -0.49 32.22
C PRO D 445 -10.41 0.91 32.78
N ASN D 446 -9.13 1.24 33.00
CA ASN D 446 -8.71 2.56 33.48
C ASN D 446 -8.80 3.57 32.33
N ASP D 447 -8.34 4.82 32.56
CA ASP D 447 -8.27 5.84 31.52
C ASP D 447 -7.25 5.50 30.42
N ASP D 448 -6.25 4.64 30.71
CA ASP D 448 -5.30 4.15 29.70
C ASP D 448 -5.85 2.93 28.95
N GLY D 449 -7.09 2.50 29.26
CA GLY D 449 -7.72 1.38 28.57
C GLY D 449 -7.15 0.02 29.00
N ASP D 450 -6.48 -0.05 30.17
CA ASP D 450 -5.86 -1.30 30.63
C ASP D 450 -6.58 -1.83 31.86
N GLN D 451 -6.79 -3.17 31.89
CA GLN D 451 -7.36 -3.88 33.03
C GLN D 451 -6.61 -5.20 33.22
N SER D 452 -6.56 -5.69 34.47
CA SER D 452 -5.79 -6.89 34.82
C SER D 452 -6.68 -8.14 34.84
N PHE D 453 -7.84 -8.08 35.51
CA PHE D 453 -8.78 -9.20 35.61
C PHE D 453 -10.19 -8.69 35.35
N LEU D 454 -11.09 -9.60 34.95
CA LEU D 454 -12.49 -9.28 34.72
C LEU D 454 -13.32 -9.94 35.82
N ASP D 455 -14.20 -9.15 36.45
CA ASP D 455 -14.93 -9.60 37.64
C ASP D 455 -16.38 -9.96 37.29
N SER D 456 -16.93 -10.92 38.05
CA SER D 456 -18.34 -11.20 38.07
C SER D 456 -19.06 -10.16 38.91
N PRO D 457 -20.33 -9.78 38.59
CA PRO D 457 -21.07 -8.86 39.45
C PRO D 457 -21.36 -9.47 40.81
N ASP D 458 -21.61 -8.63 41.82
CA ASP D 458 -21.91 -9.12 43.16
C ASP D 458 -23.35 -9.65 43.25
N MET D 459 -24.26 -9.03 42.49
CA MET D 459 -25.68 -9.41 42.47
C MET D 459 -25.89 -10.65 41.59
N GLN D 460 -26.77 -11.57 42.00
CA GLN D 460 -27.28 -12.64 41.13
C GLN D 460 -28.23 -12.03 40.10
N THR D 461 -27.96 -12.23 38.81
CA THR D 461 -28.72 -11.54 37.77
C THR D 461 -29.88 -12.41 37.32
N LYS D 462 -29.68 -13.74 37.22
CA LYS D 462 -30.68 -14.65 36.70
C LYS D 462 -31.96 -14.59 37.54
N GLY D 463 -33.07 -14.18 36.92
CA GLY D 463 -34.36 -14.04 37.59
C GLY D 463 -34.53 -12.72 38.34
N SER D 464 -33.60 -11.77 38.20
CA SER D 464 -33.69 -10.49 38.89
C SER D 464 -34.43 -9.49 38.02
N GLU D 465 -34.93 -8.43 38.64
CA GLU D 465 -35.64 -7.40 37.92
C GLU D 465 -34.67 -6.60 37.03
N ASN D 466 -35.18 -6.16 35.87
N ASN D 466 -35.13 -6.30 35.80
CA ASN D 466 -34.42 -5.42 34.87
CA ASN D 466 -34.45 -5.40 34.85
C ASN D 466 -33.93 -4.08 35.45
C ASN D 466 -33.89 -4.15 35.54
N ALA D 467 -34.71 -3.46 36.34
CA ALA D 467 -34.37 -2.17 36.93
C ALA D 467 -33.20 -2.28 37.90
N GLN D 468 -33.16 -3.37 38.65
CA GLN D 468 -32.06 -3.62 39.57
C GLN D 468 -30.75 -3.86 38.83
N ILE D 469 -30.81 -4.59 37.71
CA ILE D 469 -29.61 -4.86 36.94
C ILE D 469 -29.08 -3.54 36.35
N LEU D 470 -29.95 -2.65 35.87
CA LEU D 470 -29.54 -1.35 35.39
C LEU D 470 -28.70 -0.61 36.44
N GLU D 471 -29.18 -0.59 37.67
CA GLU D 471 -28.55 0.21 38.71
C GLU D 471 -27.36 -0.55 39.28
N GLN D 472 -27.51 -1.84 39.56
CA GLN D 472 -26.52 -2.57 40.34
C GLN D 472 -25.40 -3.13 39.47
N VAL D 473 -25.66 -3.36 38.19
CA VAL D 473 -24.66 -3.98 37.34
C VAL D 473 -24.20 -2.99 36.27
N MET D 474 -25.08 -2.16 35.73
CA MET D 474 -24.74 -1.32 34.59
C MET D 474 -24.55 0.14 34.99
N ASN D 475 -24.78 0.49 36.27
CA ASN D 475 -24.53 1.82 36.81
C ASN D 475 -25.35 2.88 36.08
N VAL D 476 -26.64 2.61 35.88
CA VAL D 476 -27.54 3.55 35.24
C VAL D 476 -28.76 3.74 36.13
N HIS D 477 -29.16 5.00 36.32
CA HIS D 477 -30.35 5.31 37.09
C HIS D 477 -31.59 4.70 36.44
N SER D 478 -32.48 4.20 37.27
CA SER D 478 -33.76 3.69 36.80
C SER D 478 -34.66 4.80 36.27
N THR D 479 -34.51 6.05 36.75
CA THR D 479 -35.24 7.19 36.21
C THR D 479 -34.29 8.20 35.58
N PRO D 480 -34.68 8.89 34.48
CA PRO D 480 -33.75 9.77 33.79
C PRO D 480 -33.43 11.01 34.62
N PRO D 481 -32.18 11.21 35.09
CA PRO D 481 -31.89 12.33 35.97
C PRO D 481 -32.01 13.69 35.28
N GLY D 482 -31.88 13.73 33.94
CA GLY D 482 -31.97 14.95 33.17
C GLY D 482 -33.40 15.45 32.92
N ILE D 483 -34.43 14.82 33.52
CA ILE D 483 -35.80 15.25 33.39
C ILE D 483 -36.28 15.78 34.74
N ALA D 484 -36.80 17.01 34.79
CA ALA D 484 -37.22 17.66 36.04
C ALA D 484 -38.31 16.87 36.77
N GLU D 485 -39.25 16.32 35.99
CA GLU D 485 -40.36 15.57 36.53
C GLU D 485 -39.88 14.36 37.31
N SER D 486 -38.67 13.86 37.00
CA SER D 486 -38.08 12.76 37.74
C SER D 486 -37.78 13.14 39.19
N HIS D 487 -37.69 14.44 39.52
CA HIS D 487 -37.32 14.89 40.85
C HIS D 487 -38.52 15.40 41.66
N TRP D 488 -39.71 15.48 41.05
CA TRP D 488 -40.86 16.12 41.68
C TRP D 488 -41.27 15.41 42.96
N LEU D 489 -41.23 14.08 42.98
CA LEU D 489 -41.64 13.35 44.17
C LEU D 489 -40.68 13.63 45.32
N GLY D 490 -39.37 13.63 45.02
CA GLY D 490 -38.36 13.99 46.00
C GLY D 490 -38.60 15.38 46.58
N ASN D 491 -38.83 16.36 45.70
CA ASN D 491 -39.08 17.74 46.09
C ASN D 491 -40.36 17.84 46.90
N PHE D 492 -41.39 17.11 46.45
CA PHE D 492 -42.66 17.08 47.15
C PHE D 492 -42.46 16.59 48.57
N GLU D 493 -41.70 15.51 48.74
CA GLU D 493 -41.46 14.96 50.07
C GLU D 493 -40.77 15.98 50.96
N LEU D 494 -39.76 16.68 50.43
CA LEU D 494 -39.02 17.66 51.19
C LEU D 494 -39.93 18.78 51.66
N LEU D 495 -40.83 19.26 50.78
CA LEU D 495 -41.77 20.32 51.13
C LEU D 495 -42.71 19.88 52.24
N LEU D 496 -43.17 18.63 52.18
CA LEU D 496 -44.07 18.09 53.18
C LEU D 496 -43.37 18.06 54.54
N LEU D 497 -42.09 17.68 54.54
CA LEU D 497 -41.33 17.57 55.78
C LEU D 497 -40.99 18.94 56.34
N ASP D 498 -40.83 19.96 55.48
CA ASP D 498 -40.54 21.32 55.91
C ASP D 498 -41.74 21.98 56.62
N ASN D 499 -42.98 21.61 56.26
CA ASN D 499 -44.19 22.25 56.78
C ASN D 499 -44.91 21.33 57.79
N SER D 500 -44.14 20.60 58.63
CA SER D 500 -44.67 19.69 59.65
C SER D 500 -45.76 18.75 59.11
N GLY D 501 -45.61 18.29 57.85
CA GLY D 501 -46.48 17.27 57.27
C GLY D 501 -47.78 17.80 56.67
N GLU D 502 -48.06 19.12 56.76
CA GLU D 502 -49.31 19.66 56.24
C GLU D 502 -49.07 20.18 54.83
N LEU D 503 -50.06 19.94 53.98
CA LEU D 503 -50.05 20.47 52.63
C LEU D 503 -50.19 21.99 52.71
N ASP D 504 -49.09 22.70 52.45
CA ASP D 504 -49.13 24.14 52.28
C ASP D 504 -49.43 24.47 50.81
N ASN D 505 -49.54 25.77 50.50
CA ASN D 505 -49.77 26.25 49.15
C ASN D 505 -48.74 25.65 48.17
N HIS D 506 -47.45 25.64 48.54
CA HIS D 506 -46.39 25.19 47.65
C HIS D 506 -46.47 23.68 47.41
N SER D 507 -46.66 22.91 48.48
CA SER D 507 -46.80 21.46 48.38
C SER D 507 -48.04 21.08 47.58
N GLN D 508 -49.15 21.82 47.74
CA GLN D 508 -50.37 21.55 47.02
C GLN D 508 -50.19 21.79 45.52
N VAL D 509 -49.47 22.86 45.16
CA VAL D 509 -49.21 23.18 43.76
C VAL D 509 -48.45 22.03 43.11
N LEU D 510 -47.41 21.56 43.79
CA LEU D 510 -46.59 20.49 43.26
C LEU D 510 -47.39 19.20 43.17
N TYR D 511 -48.19 18.92 44.20
CA TYR D 511 -49.08 17.77 44.18
C TYR D 511 -49.96 17.82 42.93
N ASP D 512 -50.54 18.98 42.65
CA ASP D 512 -51.42 19.14 41.51
C ASP D 512 -50.65 18.95 40.20
N GLN D 513 -49.39 19.40 40.18
CA GLN D 513 -48.54 19.21 39.01
C GLN D 513 -48.27 17.73 38.78
N ILE D 514 -47.99 17.00 39.87
CA ILE D 514 -47.74 15.57 39.78
C ILE D 514 -49.01 14.89 39.26
N LYS D 515 -50.15 15.22 39.85
CA LYS D 515 -51.42 14.65 39.43
C LYS D 515 -51.67 14.94 37.95
N ALA D 516 -51.49 16.21 37.55
CA ALA D 516 -51.78 16.62 36.19
C ALA D 516 -50.85 15.93 35.20
N HIS D 517 -49.57 15.77 35.55
CA HIS D 517 -48.58 15.25 34.64
C HIS D 517 -48.64 13.73 34.54
N PHE D 518 -48.66 13.01 35.67
CA PHE D 518 -48.54 11.55 35.67
C PHE D 518 -49.90 10.88 35.61
N GLY D 519 -50.96 11.56 36.09
CA GLY D 519 -52.30 11.04 36.04
C GLY D 519 -52.77 10.53 37.40
N ILE D 520 -54.09 10.36 37.49
CA ILE D 520 -54.81 10.03 38.72
C ILE D 520 -54.44 8.61 39.19
N ASP D 521 -54.08 7.72 38.25
CA ASP D 521 -53.85 6.32 38.54
C ASP D 521 -52.36 6.00 38.54
N SER D 522 -51.51 7.03 38.57
CA SER D 522 -50.08 6.82 38.41
C SER D 522 -49.49 6.32 39.72
N ILE D 523 -48.40 5.55 39.59
CA ILE D 523 -47.64 5.07 40.74
C ILE D 523 -47.07 6.27 41.50
N GLU D 524 -46.69 7.32 40.77
CA GLU D 524 -46.09 8.49 41.38
C GLU D 524 -47.09 9.19 42.29
N LEU D 525 -48.34 9.32 41.81
CA LEU D 525 -49.37 9.96 42.61
C LEU D 525 -49.70 9.11 43.83
N LYS D 526 -49.74 7.79 43.66
CA LYS D 526 -49.98 6.89 44.79
C LYS D 526 -48.91 7.04 45.86
N LYS D 527 -47.65 7.20 45.43
CA LYS D 527 -46.55 7.42 46.36
C LYS D 527 -46.74 8.75 47.08
N ALA D 528 -47.14 9.80 46.35
CA ALA D 528 -47.41 11.09 46.96
C ALA D 528 -48.54 10.98 47.98
N ASP D 529 -49.61 10.28 47.61
CA ASP D 529 -50.74 10.07 48.51
C ASP D 529 -50.28 9.35 49.76
N SER D 530 -49.46 8.32 49.56
CA SER D 530 -48.93 7.57 50.68
C SER D 530 -48.14 8.49 51.60
N LEU D 531 -47.29 9.36 51.03
CA LEU D 531 -46.47 10.26 51.82
C LEU D 531 -47.35 11.17 52.67
N ILE D 532 -48.44 11.66 52.08
CA ILE D 532 -49.36 12.56 52.77
C ILE D 532 -49.95 11.82 53.97
N ARG D 533 -50.44 10.60 53.73
CA ARG D 533 -51.11 9.84 54.76
C ARG D 533 -50.16 9.58 55.92
N ILE D 534 -48.93 9.17 55.61
CA ILE D 534 -47.97 8.77 56.63
C ILE D 534 -47.58 10.01 57.43
N ASN D 535 -47.27 11.09 56.72
CA ASN D 535 -46.77 12.29 57.38
C ASN D 535 -47.85 12.93 58.25
N LYS D 536 -49.11 12.92 57.80
CA LYS D 536 -50.23 13.44 58.58
C LYS D 536 -50.35 12.65 59.88
N MET D 537 -50.23 11.32 59.79
CA MET D 537 -50.35 10.46 60.96
C MET D 537 -49.18 10.69 61.91
N LYS D 538 -47.97 10.85 61.37
CA LYS D 538 -46.80 11.11 62.20
C LYS D 538 -46.96 12.42 62.96
N ASN D 539 -47.48 13.45 62.27
CA ASN D 539 -47.66 14.76 62.85
C ASN D 539 -48.71 14.70 63.97
N LYS D 540 -49.81 13.97 63.74
CA LYS D 540 -50.84 13.83 64.75
C LYS D 540 -50.26 13.22 66.01
N LEU D 541 -49.42 12.19 65.85
CA LEU D 541 -48.78 11.56 66.98
C LEU D 541 -47.88 12.57 67.70
N ASN D 542 -47.14 13.37 66.95
CA ASN D 542 -46.24 14.35 67.52
C ASN D 542 -47.02 15.38 68.35
N LYS D 543 -48.20 15.80 67.87
CA LYS D 543 -49.03 16.78 68.56
C LYS D 543 -49.59 16.21 69.86
N ILE D 544 -50.01 14.93 69.82
CA ILE D 544 -50.53 14.26 71.01
C ILE D 544 -49.43 14.26 72.08
N ARG D 545 -48.19 13.98 71.67
CA ARG D 545 -47.06 13.97 72.58
C ARG D 545 -46.70 15.40 73.05
N GLY E 12 -54.10 35.27 2.10
CA GLY E 12 -52.66 35.18 1.80
C GLY E 12 -52.31 33.84 1.14
N ASN E 13 -52.97 33.55 0.00
CA ASN E 13 -52.78 32.28 -0.69
C ASN E 13 -51.49 32.36 -1.52
N LEU E 14 -50.53 31.48 -1.19
CA LEU E 14 -49.20 31.50 -1.78
C LEU E 14 -49.23 31.07 -3.24
N LEU E 15 -50.00 30.02 -3.58
CA LEU E 15 -50.06 29.50 -4.93
C LEU E 15 -50.60 30.53 -5.91
N SER E 16 -51.65 31.26 -5.50
CA SER E 16 -52.25 32.31 -6.33
C SER E 16 -51.25 33.44 -6.58
N ALA E 17 -50.54 33.86 -5.52
CA ALA E 17 -49.53 34.90 -5.63
C ALA E 17 -48.44 34.48 -6.62
N PHE E 18 -48.04 33.20 -6.55
CA PHE E 18 -46.98 32.69 -7.41
C PHE E 18 -47.45 32.62 -8.85
N GLU E 19 -48.70 32.17 -9.09
CA GLU E 19 -49.26 32.09 -10.43
C GLU E 19 -49.27 33.47 -11.10
N LEU E 20 -49.62 34.51 -10.33
CA LEU E 20 -49.64 35.88 -10.83
C LEU E 20 -48.22 36.34 -11.16
N TYR E 21 -47.26 35.96 -10.32
CA TYR E 21 -45.86 36.26 -10.57
C TYR E 21 -45.41 35.61 -11.88
N GLN E 22 -45.74 34.32 -12.11
CA GLN E 22 -45.28 33.58 -13.28
C GLN E 22 -45.87 34.16 -14.57
N ARG E 23 -47.15 34.55 -14.57
CA ARG E 23 -47.84 35.06 -15.75
C ARG E 23 -47.28 36.42 -16.18
N ASN E 24 -46.96 37.29 -15.20
CA ASN E 24 -46.53 38.65 -15.47
C ASN E 24 -45.01 38.68 -15.69
N VAL E 36 -45.52 42.88 -10.86
CA VAL E 36 -44.73 41.61 -10.84
C VAL E 36 -43.80 41.60 -9.61
N GLY E 37 -43.18 42.74 -9.29
CA GLY E 37 -42.34 42.90 -8.11
C GLY E 37 -43.13 42.69 -6.82
N GLU E 38 -44.38 43.17 -6.79
CA GLU E 38 -45.23 43.04 -5.62
C GLU E 38 -45.50 41.57 -5.29
N TRP E 39 -45.82 40.76 -6.33
CA TRP E 39 -46.18 39.38 -6.12
C TRP E 39 -44.97 38.57 -5.71
N PHE E 40 -43.83 38.86 -6.34
CA PHE E 40 -42.58 38.24 -5.94
C PHE E 40 -42.32 38.49 -4.46
N GLU E 41 -42.47 39.74 -4.03
CA GLU E 41 -42.17 40.13 -2.66
C GLU E 41 -43.11 39.41 -1.70
N MET E 42 -44.37 39.22 -2.10
CA MET E 42 -45.34 38.52 -1.29
C MET E 42 -44.92 37.06 -1.09
N CYS E 43 -44.50 36.41 -2.18
CA CYS E 43 -44.04 35.02 -2.11
C CYS E 43 -42.79 34.93 -1.23
N ARG E 44 -41.84 35.84 -1.45
CA ARG E 44 -40.61 35.82 -0.70
C ARG E 44 -40.88 36.05 0.78
N ASP E 45 -41.77 37.00 1.13
CA ASP E 45 -42.08 37.30 2.51
C ASP E 45 -42.80 36.12 3.19
N TYR E 46 -43.66 35.43 2.44
CA TYR E 46 -44.34 34.25 2.97
C TYR E 46 -43.32 33.20 3.42
N ILE E 47 -42.25 33.03 2.65
CA ILE E 47 -41.25 32.01 2.91
C ILE E 47 -40.29 32.49 4.00
N GLN E 48 -39.97 33.79 4.02
CA GLN E 48 -38.84 34.29 4.79
C GLN E 48 -39.25 34.92 6.11
N ASP E 49 -40.49 35.43 6.21
CA ASP E 49 -40.90 36.13 7.40
C ASP E 49 -40.96 35.16 8.59
N GLY E 50 -40.55 35.68 9.74
CA GLY E 50 -40.62 34.96 11.00
C GLY E 50 -40.39 35.92 12.16
N HIS E 51 -40.37 35.37 13.39
CA HIS E 51 -40.17 36.19 14.56
C HIS E 51 -39.31 35.43 15.57
N VAL E 52 -38.69 36.17 16.49
CA VAL E 52 -37.93 35.58 17.57
C VAL E 52 -38.85 35.52 18.79
N ASP E 53 -39.01 34.31 19.35
CA ASP E 53 -39.91 34.11 20.48
C ASP E 53 -39.24 34.60 21.78
N GLU E 54 -39.97 34.47 22.89
CA GLU E 54 -39.50 34.79 24.24
C GLU E 54 -38.19 34.08 24.63
N SER E 55 -37.97 32.85 24.10
CA SER E 55 -36.77 32.09 24.40
C SER E 55 -35.60 32.49 23.52
N GLY E 56 -35.79 33.45 22.59
CA GLY E 56 -34.71 33.90 21.74
C GLY E 56 -34.52 33.00 20.52
N ILE E 57 -35.53 32.19 20.18
CA ILE E 57 -35.42 31.26 19.08
C ILE E 57 -36.24 31.83 17.92
N PHE E 58 -35.66 31.80 16.73
CA PHE E 58 -36.35 32.20 15.53
C PHE E 58 -37.43 31.18 15.17
N ARG E 59 -38.64 31.71 14.88
CA ARG E 59 -39.77 30.91 14.48
C ARG E 59 -40.33 31.40 13.16
N PRO E 60 -40.35 30.57 12.11
CA PRO E 60 -41.01 30.96 10.88
C PRO E 60 -42.49 31.22 11.09
N ASP E 61 -43.02 32.27 10.45
CA ASP E 61 -44.44 32.55 10.51
C ASP E 61 -45.23 31.42 9.85
N ASN E 62 -44.67 30.87 8.76
CA ASN E 62 -45.32 29.79 8.03
C ASN E 62 -44.48 28.51 8.14
N ALA E 63 -44.88 27.62 9.06
CA ALA E 63 -44.18 26.36 9.31
C ALA E 63 -44.47 25.35 8.22
N PHE E 64 -43.53 24.42 7.96
CA PHE E 64 -43.70 23.32 7.03
C PHE E 64 -43.54 21.98 7.74
N TYR E 65 -44.58 21.15 7.78
CA TYR E 65 -44.45 19.82 8.38
C TYR E 65 -45.45 18.84 7.77
N LEU E 66 -45.17 17.55 7.94
CA LEU E 66 -46.07 16.49 7.54
C LEU E 66 -47.15 16.34 8.60
N ARG E 67 -48.40 16.42 8.15
CA ARG E 67 -49.52 16.45 9.07
C ARG E 67 -50.12 15.06 9.20
N ARG E 68 -50.28 14.37 8.05
CA ARG E 68 -50.95 13.08 8.05
C ARG E 68 -50.35 12.15 7.00
N LEU E 69 -50.40 10.84 7.32
CA LEU E 69 -49.96 9.79 6.41
C LEU E 69 -50.98 8.66 6.40
N THR E 70 -51.34 8.18 5.20
CA THR E 70 -52.25 7.06 5.06
C THR E 70 -51.61 6.00 4.17
N LEU E 71 -51.64 4.74 4.61
CA LEU E 71 -51.09 3.63 3.86
C LEU E 71 -52.19 2.65 3.53
N LYS E 72 -52.36 2.34 2.24
CA LYS E 72 -53.35 1.38 1.81
C LYS E 72 -52.67 0.23 1.07
N ASP E 73 -52.90 -1.02 1.54
CA ASP E 73 -52.32 -2.23 0.97
C ASP E 73 -50.83 -2.07 0.72
N PHE E 74 -50.12 -1.47 1.69
CA PHE E 74 -48.69 -1.22 1.58
C PHE E 74 -47.98 -2.17 2.53
N ARG E 75 -47.18 -3.08 1.97
CA ARG E 75 -46.42 -4.05 2.77
C ARG E 75 -47.38 -4.78 3.71
N ARG E 76 -47.27 -4.64 5.03
CA ARG E 76 -48.12 -5.43 5.91
C ARG E 76 -49.46 -4.73 6.13
N PHE E 77 -49.60 -3.46 5.72
CA PHE E 77 -50.75 -2.66 6.12
C PHE E 77 -51.83 -2.76 5.05
N SER E 78 -53.03 -3.18 5.46
CA SER E 78 -54.20 -3.07 4.60
C SER E 78 -54.68 -1.63 4.57
N LEU E 79 -54.78 -1.01 5.74
CA LEU E 79 -55.10 0.41 5.82
C LEU E 79 -54.56 0.97 7.13
N LEU E 80 -53.72 2.01 7.05
CA LEU E 80 -53.15 2.63 8.24
C LEU E 80 -53.19 4.15 8.11
N GLU E 81 -53.61 4.83 9.17
CA GLU E 81 -53.64 6.28 9.22
C GLU E 81 -52.85 6.78 10.42
N ILE E 82 -51.93 7.73 10.18
CA ILE E 82 -51.11 8.29 11.24
C ILE E 82 -51.22 9.81 11.21
N LYS E 83 -51.49 10.41 12.37
CA LYS E 83 -51.37 11.85 12.57
C LYS E 83 -50.05 12.12 13.28
N LEU E 84 -49.28 13.09 12.79
CA LEU E 84 -47.94 13.32 13.30
C LEU E 84 -47.90 14.60 14.12
N GLU E 85 -46.93 14.68 15.06
CA GLU E 85 -46.71 15.90 15.79
C GLU E 85 -45.82 16.84 14.98
N GLU E 86 -45.94 18.15 15.25
CA GLU E 86 -45.21 19.15 14.49
C GLU E 86 -43.73 19.08 14.86
N ASP E 87 -43.41 18.63 16.08
CA ASP E 87 -42.06 18.65 16.62
C ASP E 87 -41.44 17.26 16.60
N LEU E 88 -42.03 16.29 17.31
CA LEU E 88 -41.43 14.98 17.51
C LEU E 88 -42.52 13.91 17.53
N THR E 89 -42.35 12.87 16.70
CA THR E 89 -43.17 11.68 16.77
C THR E 89 -42.25 10.46 16.88
N VAL E 90 -42.52 9.62 17.86
CA VAL E 90 -41.75 8.40 18.08
C VAL E 90 -42.66 7.22 17.85
N ILE E 91 -42.24 6.31 16.96
CA ILE E 91 -43.03 5.14 16.65
C ILE E 91 -42.40 3.93 17.34
N ILE E 92 -43.23 3.20 18.07
CA ILE E 92 -42.76 2.04 18.82
C ILE E 92 -43.61 0.81 18.49
N GLY E 93 -42.99 -0.35 18.63
CA GLY E 93 -43.63 -1.64 18.40
C GLY E 93 -42.60 -2.75 18.29
N ASN E 94 -43.06 -4.00 18.34
CA ASN E 94 -42.18 -5.13 18.15
C ASN E 94 -41.59 -5.14 16.74
N ASN E 95 -40.53 -5.93 16.58
CA ASN E 95 -40.03 -6.34 15.29
C ASN E 95 -41.18 -6.81 14.39
N GLY E 96 -41.15 -6.34 13.14
CA GLY E 96 -42.07 -6.75 12.11
C GLY E 96 -43.42 -6.05 12.18
N LYS E 97 -43.52 -4.94 12.92
CA LYS E 97 -44.78 -4.22 13.00
C LYS E 97 -44.90 -3.16 11.90
N GLY E 98 -43.80 -2.83 11.21
CA GLY E 98 -43.85 -1.90 10.10
C GLY E 98 -43.35 -0.50 10.44
N LYS E 99 -42.51 -0.35 11.47
CA LYS E 99 -41.96 0.94 11.84
C LYS E 99 -41.05 1.47 10.72
N THR E 100 -40.17 0.61 10.19
CA THR E 100 -39.29 1.00 9.09
C THR E 100 -40.10 1.27 7.83
N SER E 101 -41.12 0.45 7.57
CA SER E 101 -42.01 0.65 6.43
C SER E 101 -42.58 2.08 6.41
N ILE E 102 -42.99 2.57 7.57
CA ILE E 102 -43.55 3.91 7.68
C ILE E 102 -42.50 4.94 7.26
N LEU E 103 -41.26 4.83 7.75
CA LEU E 103 -40.23 5.80 7.42
C LEU E 103 -39.89 5.79 5.93
N TYR E 104 -39.86 4.59 5.35
CA TYR E 104 -39.58 4.40 3.93
C TYR E 104 -40.65 5.09 3.09
N ALA E 105 -41.91 4.88 3.43
CA ALA E 105 -43.02 5.55 2.77
C ALA E 105 -42.83 7.07 2.77
N ILE E 106 -42.47 7.64 3.91
CA ILE E 106 -42.32 9.10 4.02
C ILE E 106 -41.13 9.54 3.18
N ALA E 107 -40.03 8.82 3.26
CA ALA E 107 -38.82 9.23 2.55
C ALA E 107 -39.05 9.30 1.05
N LYS E 108 -39.79 8.32 0.49
CA LYS E 108 -40.09 8.30 -0.94
C LYS E 108 -40.94 9.51 -1.32
N THR E 109 -41.89 9.87 -0.46
CA THR E 109 -42.69 11.06 -0.70
C THR E 109 -41.80 12.30 -0.72
N LEU E 110 -40.89 12.43 0.25
CA LEU E 110 -40.03 13.61 0.37
C LEU E 110 -39.10 13.75 -0.82
N SER E 111 -38.76 12.62 -1.45
CA SER E 111 -37.87 12.61 -2.60
C SER E 111 -38.42 13.45 -3.75
N TRP E 112 -39.75 13.57 -3.85
CA TRP E 112 -40.38 14.39 -4.88
C TRP E 112 -40.16 15.88 -4.66
N PHE E 113 -40.14 16.34 -3.40
CA PHE E 113 -39.79 17.72 -3.11
C PHE E 113 -38.34 18.00 -3.47
N VAL E 114 -37.43 17.11 -3.07
CA VAL E 114 -36.00 17.31 -3.26
C VAL E 114 -35.70 17.40 -4.75
N ALA E 115 -36.23 16.46 -5.54
CA ALA E 115 -35.97 16.38 -6.97
C ALA E 115 -36.39 17.68 -7.68
N ASN E 116 -37.51 18.26 -7.24
CA ASN E 116 -38.08 19.42 -7.92
C ASN E 116 -37.48 20.73 -7.41
N ILE E 117 -36.90 20.75 -6.21
CA ILE E 117 -36.11 21.90 -5.77
C ILE E 117 -34.85 21.99 -6.61
N LEU E 118 -34.29 20.83 -6.98
CA LEU E 118 -33.01 20.78 -7.69
C LEU E 118 -33.22 21.09 -9.17
N LYS E 119 -34.29 20.52 -9.75
CA LYS E 119 -34.50 20.64 -11.18
C LYS E 119 -35.98 20.65 -11.48
N GLU E 120 -36.38 21.58 -12.35
CA GLU E 120 -37.76 21.64 -12.82
C GLU E 120 -38.14 20.32 -13.47
N GLY E 121 -39.28 19.76 -13.01
CA GLY E 121 -39.75 18.49 -13.51
C GLY E 121 -38.87 17.31 -13.07
N GLY E 122 -38.06 17.49 -12.01
CA GLY E 122 -37.26 16.39 -11.48
C GLY E 122 -38.17 15.29 -10.94
N SER E 123 -37.74 14.03 -11.07
CA SER E 123 -38.51 12.88 -10.60
C SER E 123 -37.94 12.35 -9.28
N GLY E 124 -38.83 12.15 -8.30
CA GLY E 124 -38.50 11.48 -7.05
C GLY E 124 -38.52 9.96 -7.22
N GLN E 125 -38.57 9.24 -6.09
CA GLN E 125 -38.48 7.78 -6.04
C GLN E 125 -39.88 7.17 -6.20
N ARG E 126 -39.99 5.83 -6.27
CA ARG E 126 -41.28 5.17 -6.45
C ARG E 126 -41.40 3.83 -5.72
N LEU E 127 -42.64 3.40 -5.46
CA LEU E 127 -42.92 2.18 -4.73
C LEU E 127 -42.54 0.99 -5.61
N SER E 128 -42.02 -0.07 -4.98
CA SER E 128 -41.64 -1.27 -5.69
C SER E 128 -42.87 -2.12 -6.03
N GLU E 129 -42.93 -2.59 -7.29
CA GLU E 129 -44.02 -3.47 -7.73
C GLU E 129 -43.79 -4.90 -7.20
N MET E 130 -42.54 -5.23 -6.85
CA MET E 130 -42.20 -6.57 -6.37
C MET E 130 -42.53 -6.70 -4.87
N THR E 131 -42.20 -5.68 -4.07
CA THR E 131 -42.09 -5.86 -2.63
C THR E 131 -43.08 -4.99 -1.84
N ASP E 132 -43.53 -3.85 -2.39
CA ASP E 132 -44.23 -2.85 -1.60
C ASP E 132 -45.74 -3.06 -1.61
N ILE E 133 -46.26 -3.90 -2.51
CA ILE E 133 -47.68 -4.20 -2.55
C ILE E 133 -47.91 -5.30 -1.52
N LYS E 134 -48.93 -5.15 -0.67
CA LYS E 134 -49.27 -6.19 0.27
C LYS E 134 -49.52 -7.51 -0.46
N ASN E 135 -48.96 -8.62 0.06
CA ASN E 135 -48.97 -9.91 -0.63
C ASN E 135 -50.38 -10.46 -0.89
N ASP E 136 -51.37 -10.25 0.00
CA ASP E 136 -52.72 -10.76 -0.17
C ASP E 136 -53.73 -9.61 -0.34
N ALA E 137 -53.31 -8.53 -1.03
CA ALA E 137 -54.21 -7.44 -1.42
C ALA E 137 -55.09 -7.96 -2.56
N GLU E 138 -56.42 -7.97 -2.35
CA GLU E 138 -57.34 -8.43 -3.39
C GLU E 138 -57.25 -7.51 -4.61
N ASP E 139 -57.31 -6.18 -4.38
CA ASP E 139 -57.02 -5.19 -5.39
C ASP E 139 -55.51 -5.02 -5.36
N ARG E 140 -54.83 -5.41 -6.45
CA ARG E 140 -53.41 -5.68 -6.40
C ARG E 140 -52.64 -4.38 -6.65
N TYR E 141 -52.81 -3.39 -5.76
CA TYR E 141 -52.09 -2.12 -5.84
C TYR E 141 -51.91 -1.53 -4.45
N SER E 142 -50.98 -0.56 -4.33
CA SER E 142 -50.66 0.08 -3.06
C SER E 142 -50.71 1.59 -3.18
N ASP E 143 -51.15 2.27 -2.11
CA ASP E 143 -51.16 3.73 -2.05
C ASP E 143 -50.49 4.27 -0.78
N VAL E 144 -49.64 5.29 -0.97
CA VAL E 144 -49.06 6.07 0.12
C VAL E 144 -49.53 7.51 -0.06
N SER E 145 -50.44 7.94 0.83
CA SER E 145 -51.02 9.27 0.76
C SER E 145 -50.52 10.13 1.90
N SER E 146 -49.92 11.29 1.57
CA SER E 146 -49.36 12.20 2.56
C SER E 146 -49.99 13.56 2.40
N THR E 147 -50.24 14.25 3.52
CA THR E 147 -50.71 15.63 3.49
C THR E 147 -49.74 16.51 4.25
N PHE E 148 -49.20 17.54 3.57
CA PHE E 148 -48.25 18.46 4.17
C PHE E 148 -48.92 19.80 4.43
N PHE E 149 -48.35 20.54 5.38
CA PHE E 149 -48.84 21.85 5.76
C PHE E 149 -47.74 22.89 5.55
N PHE E 150 -48.10 24.03 4.94
CA PHE E 150 -47.19 25.15 4.81
C PHE E 150 -47.88 26.49 5.11
N GLY E 151 -48.05 26.79 6.40
CA GLY E 151 -48.69 28.00 6.87
C GLY E 151 -50.17 28.06 6.51
N LYS E 152 -50.81 29.16 6.92
CA LYS E 152 -52.24 29.35 6.75
C LYS E 152 -52.60 29.56 5.27
N GLY E 153 -51.66 30.07 4.47
CA GLY E 153 -51.85 30.25 3.05
C GLY E 153 -51.97 28.95 2.26
N LEU E 154 -51.33 27.85 2.76
CA LEU E 154 -51.31 26.56 2.10
C LEU E 154 -51.47 25.43 3.12
N LYS E 155 -52.71 25.27 3.58
CA LYS E 155 -53.03 24.41 4.72
C LYS E 155 -52.94 22.94 4.33
N SER E 156 -53.04 22.62 3.03
CA SER E 156 -53.07 21.23 2.63
C SER E 156 -52.31 21.04 1.32
N VAL E 157 -51.24 20.25 1.38
CA VAL E 157 -50.50 19.84 0.19
C VAL E 157 -50.58 18.31 0.10
N PRO E 158 -51.61 17.75 -0.58
CA PRO E 158 -51.77 16.30 -0.66
C PRO E 158 -50.90 15.66 -1.75
N ILE E 159 -50.26 14.53 -1.45
CA ILE E 159 -49.46 13.81 -2.44
C ILE E 159 -49.76 12.32 -2.28
N ARG E 160 -49.84 11.61 -3.41
CA ARG E 160 -50.09 10.20 -3.38
C ARG E 160 -49.10 9.47 -4.30
N LEU E 161 -48.43 8.47 -3.72
CA LEU E 161 -47.64 7.54 -4.49
C LEU E 161 -48.41 6.23 -4.62
N SER E 162 -48.50 5.73 -5.84
CA SER E 162 -49.30 4.55 -6.12
C SER E 162 -48.46 3.59 -6.94
N ARG E 163 -48.70 2.30 -6.76
CA ARG E 163 -48.11 1.31 -7.64
C ARG E 163 -49.02 0.10 -7.76
N SER E 164 -49.15 -0.42 -8.98
CA SER E 164 -49.90 -1.64 -9.23
C SER E 164 -48.93 -2.81 -9.28
N ALA E 165 -49.42 -3.99 -8.86
CA ALA E 165 -48.60 -5.18 -8.84
C ALA E 165 -48.20 -5.55 -10.25
N LEU E 166 -47.09 -6.31 -10.38
CA LEU E 166 -46.58 -6.74 -11.67
C LEU E 166 -47.59 -7.67 -12.34
N GLY E 167 -47.80 -7.45 -13.65
CA GLY E 167 -48.68 -8.29 -14.44
C GLY E 167 -50.16 -7.92 -14.32
N THR E 168 -50.48 -6.82 -13.61
CA THR E 168 -51.85 -6.32 -13.57
C THR E 168 -52.10 -5.54 -14.86
N ALA E 169 -53.30 -5.70 -15.44
CA ALA E 169 -53.67 -5.06 -16.70
C ALA E 169 -53.73 -3.54 -16.54
N GLU E 170 -54.26 -3.09 -15.39
CA GLU E 170 -54.60 -1.70 -15.17
C GLU E 170 -53.58 -1.15 -14.18
N ARG E 171 -52.94 -0.03 -14.56
CA ARG E 171 -51.92 0.62 -13.75
C ARG E 171 -52.60 1.78 -13.01
N ARG E 172 -52.11 2.08 -11.80
CA ARG E 172 -52.63 3.18 -10.99
C ARG E 172 -51.55 4.25 -10.91
N ASP E 173 -51.95 5.50 -11.18
CA ASP E 173 -50.98 6.58 -11.33
C ASP E 173 -50.79 7.28 -9.99
N SER E 174 -49.53 7.63 -9.69
CA SER E 174 -49.15 8.51 -8.61
C SER E 174 -49.62 9.94 -8.90
N GLU E 175 -49.97 10.71 -7.85
CA GLU E 175 -50.41 12.10 -7.97
C GLU E 175 -49.45 13.04 -7.22
N VAL E 176 -48.51 13.66 -7.95
CA VAL E 176 -47.34 14.34 -7.37
C VAL E 176 -47.30 15.83 -7.72
N LYS E 177 -48.28 16.34 -8.48
CA LYS E 177 -48.25 17.71 -8.98
C LYS E 177 -48.17 18.69 -7.82
N PRO E 178 -48.97 18.56 -6.73
CA PRO E 178 -48.83 19.51 -5.63
C PRO E 178 -47.42 19.61 -5.03
N ALA E 179 -46.71 18.48 -4.90
CA ALA E 179 -45.33 18.51 -4.42
C ALA E 179 -44.46 19.31 -5.38
N LYS E 180 -44.66 19.07 -6.67
CA LYS E 180 -43.89 19.76 -7.71
C LYS E 180 -44.17 21.25 -7.68
N ASP E 181 -45.45 21.61 -7.53
CA ASP E 181 -45.85 23.01 -7.50
C ASP E 181 -45.20 23.74 -6.34
N LEU E 182 -45.23 23.14 -5.15
CA LEU E 182 -44.63 23.77 -4.00
C LEU E 182 -43.12 23.88 -4.17
N ALA E 183 -42.47 22.80 -4.60
CA ALA E 183 -41.03 22.78 -4.81
C ALA E 183 -40.62 23.83 -5.85
N ASP E 184 -41.46 24.03 -6.88
CA ASP E 184 -41.23 25.05 -7.89
C ASP E 184 -41.16 26.44 -7.29
N ILE E 185 -42.05 26.74 -6.33
CA ILE E 185 -42.04 28.02 -5.66
C ILE E 185 -40.66 28.22 -5.01
N TRP E 186 -40.19 27.24 -4.21
CA TRP E 186 -38.90 27.33 -3.56
C TRP E 186 -37.78 27.55 -4.57
N ARG E 187 -37.80 26.77 -5.65
CA ARG E 187 -36.73 26.83 -6.63
C ARG E 187 -36.69 28.20 -7.31
N VAL E 188 -37.84 28.69 -7.80
CA VAL E 188 -37.91 29.88 -8.64
C VAL E 188 -37.59 31.11 -7.80
N ILE E 189 -38.17 31.19 -6.61
CA ILE E 189 -37.94 32.35 -5.75
C ILE E 189 -36.48 32.40 -5.34
N ASN E 190 -35.90 31.24 -5.04
CA ASN E 190 -34.49 31.16 -4.67
C ASN E 190 -33.58 31.63 -5.81
N GLU E 191 -33.95 31.30 -7.06
CA GLU E 191 -33.18 31.67 -8.25
C GLU E 191 -33.03 33.18 -8.35
N VAL E 192 -34.08 33.93 -7.99
CA VAL E 192 -34.10 35.37 -8.14
C VAL E 192 -33.39 35.98 -6.94
N ASN E 193 -33.81 35.55 -5.74
CA ASN E 193 -33.24 36.05 -4.51
C ASN E 193 -33.06 34.89 -3.53
N THR E 194 -31.86 34.81 -2.96
CA THR E 194 -31.54 33.72 -2.05
C THR E 194 -32.57 33.69 -0.91
N ILE E 195 -33.08 32.48 -0.63
CA ILE E 195 -33.99 32.23 0.49
C ILE E 195 -33.45 31.04 1.28
N ASN E 196 -33.94 30.84 2.50
CA ASN E 196 -33.64 29.63 3.26
C ASN E 196 -34.47 28.47 2.72
N LEU E 197 -33.90 27.25 2.71
CA LEU E 197 -34.57 26.10 2.12
C LEU E 197 -34.80 24.99 3.14
N PRO E 198 -35.87 24.16 2.99
CA PRO E 198 -36.12 23.11 3.96
C PRO E 198 -35.13 21.97 3.87
N THR E 199 -34.77 21.38 5.03
CA THR E 199 -33.89 20.22 5.07
C THR E 199 -34.73 18.95 5.14
N PHE E 200 -34.42 17.98 4.25
CA PHE E 200 -35.02 16.65 4.28
C PHE E 200 -33.93 15.61 4.42
N ALA E 201 -34.02 14.74 5.44
CA ALA E 201 -33.00 13.72 5.63
C ALA E 201 -33.57 12.45 6.24
N LEU E 202 -33.03 11.32 5.80
CA LEU E 202 -33.33 10.01 6.38
C LEU E 202 -32.04 9.40 6.89
N TYR E 203 -32.03 8.94 8.16
CA TYR E 203 -30.93 8.18 8.73
C TYR E 203 -31.42 6.78 9.11
N ASN E 204 -31.14 5.80 8.24
CA ASN E 204 -31.57 4.42 8.44
C ASN E 204 -30.48 3.64 9.17
N VAL E 205 -30.71 2.32 9.40
CA VAL E 205 -29.78 1.47 10.15
C VAL E 205 -28.46 1.30 9.39
N GLU E 206 -28.43 1.57 8.08
CA GLU E 206 -27.24 1.43 7.28
C GLU E 206 -26.19 2.51 7.60
N ARG E 207 -26.55 3.54 8.39
CA ARG E 207 -25.60 4.55 8.84
C ARG E 207 -24.43 3.92 9.61
N SER E 208 -24.65 2.75 10.23
CA SER E 208 -23.64 2.05 11.02
C SER E 208 -22.59 1.34 10.15
N GLN E 209 -22.91 1.05 8.88
CA GLN E 209 -22.05 0.27 8.01
C GLN E 209 -20.79 1.05 7.68
N PRO E 210 -19.57 0.43 7.72
CA PRO E 210 -18.34 1.10 7.29
C PRO E 210 -18.16 1.13 5.77
N ARG E 221 -13.14 18.95 -7.24
CA ARG E 221 -14.42 19.70 -7.23
C ARG E 221 -14.46 20.64 -6.01
N ARG E 222 -15.19 21.75 -6.14
CA ARG E 222 -15.58 22.60 -5.00
C ARG E 222 -16.97 22.16 -4.52
N GLU E 223 -17.35 22.56 -3.29
CA GLU E 223 -18.67 22.29 -2.73
C GLU E 223 -19.63 23.43 -3.15
N GLU E 224 -20.93 23.07 -3.25
CA GLU E 224 -22.00 23.96 -3.66
C GLU E 224 -23.23 23.70 -2.80
N ARG E 225 -23.99 24.76 -2.51
CA ARG E 225 -25.14 24.79 -1.63
C ARG E 225 -26.03 23.55 -1.76
N PHE E 226 -26.31 23.09 -2.98
CA PHE E 226 -27.28 22.04 -3.23
C PHE E 226 -26.70 20.65 -3.10
N ASP E 227 -25.39 20.57 -2.82
CA ASP E 227 -24.82 19.34 -2.28
C ASP E 227 -25.49 18.93 -0.97
N ALA E 228 -26.10 19.86 -0.24
CA ALA E 228 -26.90 19.54 0.93
C ALA E 228 -28.01 18.54 0.62
N TYR E 229 -28.51 18.46 -0.62
CA TYR E 229 -29.57 17.53 -0.99
C TYR E 229 -29.00 16.22 -1.54
N SER E 230 -27.68 16.10 -1.67
CA SER E 230 -27.07 14.88 -2.19
C SER E 230 -27.14 13.74 -1.15
N GLN E 231 -27.72 12.61 -1.54
CA GLN E 231 -27.83 11.41 -0.70
C GLN E 231 -28.50 11.74 0.64
N THR E 232 -29.39 12.74 0.66
CA THR E 232 -30.07 13.14 1.89
C THR E 232 -31.12 12.10 2.30
N LEU E 233 -31.72 11.39 1.33
CA LEU E 233 -32.74 10.40 1.64
C LEU E 233 -32.21 8.98 1.38
N GLY E 234 -30.88 8.79 1.50
CA GLY E 234 -30.28 7.51 1.82
C GLY E 234 -28.78 7.53 1.52
N GLY E 235 -27.94 7.36 2.57
CA GLY E 235 -26.49 7.54 2.47
C GLY E 235 -25.94 8.63 3.38
N ALA E 236 -26.80 9.43 4.04
CA ALA E 236 -26.37 10.47 4.97
C ALA E 236 -25.80 9.85 6.26
N GLY E 237 -24.92 10.60 6.96
CA GLY E 237 -24.49 10.27 8.30
C GLY E 237 -23.45 9.16 8.29
N ARG E 238 -22.25 9.45 7.74
CA ARG E 238 -21.15 8.50 7.68
C ARG E 238 -19.90 9.17 8.24
N PHE E 239 -19.28 8.50 9.21
CA PHE E 239 -18.24 9.07 10.04
C PHE E 239 -17.04 9.51 9.22
N ASP E 240 -16.66 8.68 8.24
CA ASP E 240 -15.53 8.94 7.39
C ASP E 240 -15.72 10.24 6.61
N HIS E 241 -16.94 10.47 6.08
CA HIS E 241 -17.26 11.71 5.38
CA HIS E 241 -17.24 11.71 5.37
C HIS E 241 -17.01 12.90 6.31
N PHE E 242 -17.41 12.76 7.59
CA PHE E 242 -17.31 13.87 8.52
C PHE E 242 -15.84 14.22 8.75
N VAL E 243 -15.04 13.19 9.06
CA VAL E 243 -13.68 13.42 9.49
C VAL E 243 -12.93 14.11 8.34
N GLU E 244 -13.09 13.58 7.13
CA GLU E 244 -12.45 14.11 5.94
C GLU E 244 -12.84 15.58 5.76
N TRP E 245 -14.15 15.84 5.83
CA TRP E 245 -14.68 17.17 5.66
C TRP E 245 -14.13 18.11 6.72
N TYR E 246 -14.08 17.63 7.96
CA TYR E 246 -13.72 18.46 9.08
C TYR E 246 -12.26 18.89 9.02
N ILE E 247 -11.39 17.94 8.66
CA ILE E 247 -9.96 18.20 8.54
C ILE E 247 -9.76 19.20 7.40
N TYR E 248 -10.47 18.97 6.29
CA TYR E 248 -10.42 19.86 5.16
C TYR E 248 -10.75 21.28 5.59
N LEU E 249 -11.87 21.46 6.31
CA LEU E 249 -12.28 22.79 6.72
C LEU E 249 -11.24 23.40 7.65
N HIS E 250 -10.66 22.59 8.54
CA HIS E 250 -9.65 23.08 9.45
C HIS E 250 -8.44 23.62 8.70
N LYS E 251 -7.93 22.88 7.72
CA LYS E 251 -6.76 23.29 6.98
C LYS E 251 -7.01 24.60 6.24
N ARG E 252 -8.22 24.76 5.70
CA ARG E 252 -8.58 25.96 4.96
C ARG E 252 -8.71 27.16 5.88
N THR E 253 -9.27 26.97 7.08
CA THR E 253 -9.57 28.09 7.95
C THR E 253 -8.37 28.46 8.82
N VAL E 254 -7.29 27.65 8.84
CA VAL E 254 -6.03 28.06 9.47
C VAL E 254 -5.50 29.25 8.67
N SER E 255 -5.23 30.36 9.39
CA SER E 255 -5.28 31.73 8.88
C SER E 255 -6.62 32.02 8.18
N SER E 259 -11.75 41.72 3.80
CA SER E 259 -10.83 42.49 2.93
C SER E 259 -11.38 42.55 1.49
N SER E 260 -11.22 43.71 0.84
CA SER E 260 -11.76 43.94 -0.51
C SER E 260 -10.92 43.20 -1.54
N ILE E 261 -11.53 42.89 -2.71
CA ILE E 261 -10.83 42.22 -3.80
C ILE E 261 -9.75 43.16 -4.32
N LYS E 262 -10.11 44.43 -4.56
CA LYS E 262 -9.14 45.40 -5.04
C LYS E 262 -8.02 45.58 -4.02
N GLU E 263 -8.37 45.67 -2.73
CA GLU E 263 -7.38 45.75 -1.66
C GLU E 263 -6.55 44.47 -1.62
N LEU E 264 -7.21 43.31 -1.73
CA LEU E 264 -6.51 42.03 -1.75
C LEU E 264 -5.62 41.93 -2.99
N GLU E 265 -6.13 42.39 -4.14
CA GLU E 265 -5.36 42.40 -5.38
C GLU E 265 -4.11 43.27 -5.20
N GLN E 266 -4.26 44.42 -4.52
CA GLN E 266 -3.16 45.32 -4.26
C GLN E 266 -2.15 44.66 -3.32
N GLN E 267 -2.63 43.99 -2.26
CA GLN E 267 -1.77 43.29 -1.31
C GLN E 267 -0.99 42.17 -1.98
N VAL E 268 -1.67 41.41 -2.86
CA VAL E 268 -1.04 40.32 -3.60
C VAL E 268 0.05 40.90 -4.50
N ASN E 269 -0.26 42.01 -5.18
CA ASN E 269 0.71 42.66 -6.06
C ASN E 269 1.92 43.16 -5.29
N ASP E 270 1.70 43.76 -4.11
CA ASP E 270 2.79 44.25 -3.27
C ASP E 270 3.66 43.10 -2.77
N LEU E 271 3.01 42.01 -2.34
CA LEU E 271 3.72 40.82 -1.84
C LEU E 271 4.50 40.14 -2.97
N GLN E 272 3.95 40.10 -4.20
CA GLN E 272 4.62 39.52 -5.35
C GLN E 272 5.89 40.29 -5.67
N ARG E 273 5.84 41.63 -5.53
CA ARG E 273 6.98 42.48 -5.83
C ARG E 273 8.11 42.22 -4.81
N THR E 274 7.73 42.01 -3.54
CA THR E 274 8.69 41.71 -2.48
C THR E 274 9.36 40.36 -2.74
N VAL E 275 8.60 39.36 -3.23
CA VAL E 275 9.11 38.03 -3.49
C VAL E 275 10.05 38.09 -4.72
N VAL E 280 12.11 35.54 -0.01
CA VAL E 280 11.87 34.06 0.08
C VAL E 280 10.95 33.77 1.29
N SER E 281 11.16 34.46 2.44
CA SER E 281 10.40 34.23 3.67
C SER E 281 8.92 34.63 3.55
N VAL E 282 8.58 35.50 2.59
CA VAL E 282 7.20 36.00 2.44
C VAL E 282 6.44 35.16 1.40
N LYS E 283 7.04 34.11 0.82
CA LYS E 283 6.43 33.34 -0.25
C LYS E 283 5.20 32.59 0.27
N SER E 284 5.28 32.06 1.50
CA SER E 284 4.15 31.39 2.13
C SER E 284 2.97 32.34 2.29
N LEU E 285 3.24 33.58 2.73
CA LEU E 285 2.20 34.59 2.90
C LEU E 285 1.57 34.97 1.55
N LEU E 286 2.37 35.11 0.48
CA LEU E 286 1.87 35.41 -0.86
C LEU E 286 0.88 34.33 -1.32
N GLU E 287 1.25 33.05 -1.13
CA GLU E 287 0.40 31.94 -1.54
C GLU E 287 -0.93 31.96 -0.80
N GLN E 288 -0.90 32.25 0.50
CA GLN E 288 -2.10 32.38 1.30
C GLN E 288 -3.00 33.50 0.76
N MET E 289 -2.40 34.67 0.45
CA MET E 289 -3.16 35.82 -0.01
C MET E 289 -3.74 35.57 -1.41
N LYS E 290 -2.99 34.90 -2.30
CA LYS E 290 -3.49 34.53 -3.62
C LYS E 290 -4.71 33.61 -3.50
N PHE E 291 -4.65 32.68 -2.55
CA PHE E 291 -5.77 31.79 -2.29
C PHE E 291 -6.98 32.60 -1.83
N LYS E 292 -6.76 33.52 -0.88
CA LYS E 292 -7.84 34.36 -0.37
C LYS E 292 -8.45 35.20 -1.51
N LEU E 293 -7.61 35.77 -2.38
CA LEU E 293 -8.09 36.55 -3.52
C LEU E 293 -8.96 35.69 -4.45
N SER E 294 -8.48 34.49 -4.80
CA SER E 294 -9.21 33.58 -5.68
C SER E 294 -10.57 33.23 -5.10
N GLU E 295 -10.60 33.00 -3.78
CA GLU E 295 -11.82 32.65 -3.08
C GLU E 295 -12.79 33.82 -3.13
N ALA E 296 -12.28 35.04 -2.88
CA ALA E 296 -13.09 36.25 -2.90
C ALA E 296 -13.70 36.47 -4.29
N ILE E 297 -12.90 36.28 -5.35
CA ILE E 297 -13.36 36.41 -6.73
C ILE E 297 -14.46 35.38 -6.99
N GLU E 298 -14.21 34.13 -6.56
CA GLU E 298 -15.15 33.04 -6.75
C GLU E 298 -16.47 33.34 -6.08
N ARG E 299 -16.41 33.83 -4.83
CA ARG E 299 -17.60 34.18 -4.09
C ARG E 299 -18.33 35.31 -4.80
N ASN E 300 -17.56 36.32 -5.24
CA ASN E 300 -18.09 37.40 -6.03
C ASN E 300 -18.75 36.86 -7.29
N ASP E 301 -18.06 35.96 -8.01
CA ASP E 301 -18.58 35.41 -9.26
C ASP E 301 -19.77 34.49 -8.98
N ALA E 302 -19.79 33.77 -7.83
CA ALA E 302 -20.83 32.81 -7.53
C ALA E 302 -22.23 33.45 -7.47
N ALA E 303 -23.24 32.64 -7.81
CA ALA E 303 -24.61 33.11 -8.04
C ALA E 303 -25.34 33.38 -6.73
N VAL E 304 -26.46 34.13 -6.83
CA VAL E 304 -27.36 34.39 -5.70
C VAL E 304 -27.93 33.08 -5.19
N SER E 305 -28.31 32.15 -6.09
CA SER E 305 -28.91 30.89 -5.70
C SER E 305 -27.95 30.03 -4.86
N SER E 306 -26.63 30.19 -5.03
CA SER E 306 -25.62 29.40 -4.31
C SER E 306 -24.94 30.19 -3.19
N ARG E 307 -25.64 31.12 -2.50
CA ARG E 307 -25.03 31.99 -1.51
C ARG E 307 -24.81 31.20 -0.22
N VAL E 308 -23.67 31.44 0.46
CA VAL E 308 -23.08 30.51 1.42
C VAL E 308 -22.28 31.26 2.49
N LEU E 309 -22.30 30.75 3.73
CA LEU E 309 -21.54 31.31 4.85
C LEU E 309 -20.06 30.93 4.74
N THR E 310 -19.20 31.71 5.41
CA THR E 310 -17.76 31.47 5.35
C THR E 310 -17.46 30.12 6.01
N GLU E 311 -16.37 29.50 5.57
CA GLU E 311 -15.94 28.21 6.10
C GLU E 311 -15.70 28.30 7.61
N SER E 312 -15.20 29.44 8.11
CA SER E 312 -14.95 29.62 9.53
C SER E 312 -16.24 29.56 10.34
N VAL E 313 -17.30 30.17 9.80
CA VAL E 313 -18.58 30.22 10.48
C VAL E 313 -19.20 28.83 10.47
N GLN E 314 -19.14 28.18 9.30
CA GLN E 314 -19.68 26.84 9.14
C GLN E 314 -19.06 25.93 10.18
N LYS E 315 -17.74 25.98 10.29
CA LYS E 315 -17.01 25.12 11.22
C LYS E 315 -17.51 25.37 12.63
N SER E 316 -17.64 26.63 13.04
CA SER E 316 -18.03 26.96 14.39
C SER E 316 -19.44 26.43 14.71
N ILE E 317 -20.35 26.52 13.74
CA ILE E 317 -21.74 26.12 13.97
C ILE E 317 -21.81 24.61 14.16
N VAL E 318 -21.09 23.88 13.32
CA VAL E 318 -21.09 22.43 13.40
C VAL E 318 -20.49 21.99 14.73
N GLU E 319 -19.38 22.62 15.13
CA GLU E 319 -18.74 22.28 16.39
C GLU E 319 -19.69 22.51 17.56
N LYS E 320 -20.42 23.64 17.52
CA LYS E 320 -21.37 23.96 18.57
C LYS E 320 -22.46 22.90 18.60
N ALA E 321 -22.95 22.51 17.41
CA ALA E 321 -24.04 21.55 17.33
C ALA E 321 -23.61 20.23 17.95
N ILE E 322 -22.41 19.78 17.62
CA ILE E 322 -21.91 18.50 18.09
C ILE E 322 -21.81 18.54 19.61
N CYS E 323 -21.21 19.61 20.13
CA CYS E 323 -20.97 19.72 21.56
C CYS E 323 -22.28 19.87 22.33
N SER E 324 -23.27 20.51 21.72
CA SER E 324 -24.56 20.71 22.37
C SER E 324 -25.36 19.40 22.41
N VAL E 325 -25.24 18.54 21.39
CA VAL E 325 -26.15 17.43 21.23
C VAL E 325 -25.53 16.15 21.76
N VAL E 326 -24.26 15.87 21.44
CA VAL E 326 -23.71 14.53 21.61
C VAL E 326 -23.40 14.35 23.09
N PRO E 327 -23.95 13.29 23.77
CA PRO E 327 -23.67 13.06 25.18
C PRO E 327 -22.18 12.98 25.50
N SER E 328 -21.72 13.80 26.47
CA SER E 328 -20.41 13.72 27.09
C SER E 328 -19.27 14.16 26.17
N ILE E 329 -19.56 14.77 25.01
CA ILE E 329 -18.56 15.50 24.24
C ILE E 329 -18.73 16.99 24.51
N SER E 330 -17.71 17.63 25.11
CA SER E 330 -17.77 19.05 25.41
C SER E 330 -16.96 19.87 24.42
N ASN E 331 -16.02 19.24 23.72
CA ASN E 331 -15.20 19.95 22.76
C ASN E 331 -14.71 19.02 21.67
N ILE E 332 -14.51 19.56 20.45
CA ILE E 332 -13.96 18.84 19.31
C ILE E 332 -13.00 19.77 18.55
N TRP E 333 -11.82 19.25 18.17
CA TRP E 333 -10.83 20.05 17.44
C TRP E 333 -9.87 19.16 16.64
N VAL E 334 -9.13 19.76 15.68
CA VAL E 334 -8.17 19.03 14.84
C VAL E 334 -6.78 19.33 15.37
N GLU E 335 -5.98 18.28 15.60
CA GLU E 335 -4.58 18.40 15.97
C GLU E 335 -3.71 17.95 14.78
N MET E 336 -2.62 18.69 14.45
CA MET E 336 -1.59 18.21 13.53
C MET E 336 -0.19 18.15 14.17
N ILE E 337 -0.09 18.12 15.51
CA ILE E 337 1.20 18.25 16.21
C ILE E 337 1.99 16.93 16.13
N THR E 338 1.33 15.78 16.24
CA THR E 338 1.98 14.47 16.14
C THR E 338 2.48 14.19 14.72
N GLY E 339 2.08 14.97 13.70
CA GLY E 339 2.53 14.81 12.32
C GLY E 339 1.49 14.15 11.40
N SER E 340 0.38 13.66 11.97
CA SER E 340 -0.78 13.18 11.23
C SER E 340 -2.03 13.93 11.68
N ASP E 341 -3.03 14.09 10.79
CA ASP E 341 -4.25 14.83 11.11
C ASP E 341 -5.12 13.99 12.03
N LEU E 342 -5.40 14.49 13.23
CA LEU E 342 -6.19 13.76 14.21
C LEU E 342 -7.32 14.67 14.66
N VAL E 343 -8.55 14.13 14.66
CA VAL E 343 -9.67 14.81 15.26
C VAL E 343 -9.70 14.38 16.71
N LYS E 344 -9.70 15.36 17.62
CA LYS E 344 -9.75 15.07 19.04
C LYS E 344 -11.00 15.65 19.66
N VAL E 345 -11.39 15.03 20.78
CA VAL E 345 -12.60 15.41 21.48
C VAL E 345 -12.29 15.42 22.97
N THR E 346 -13.01 16.28 23.71
CA THR E 346 -13.02 16.21 25.16
C THR E 346 -14.24 15.38 25.58
N ASN E 347 -13.98 14.13 25.98
CA ASN E 347 -15.02 13.18 26.33
C ASN E 347 -15.02 12.97 27.85
N ASP E 348 -16.10 13.38 28.53
CA ASP E 348 -16.18 13.31 29.99
C ASP E 348 -14.96 13.94 30.66
N GLY E 349 -14.53 15.13 30.16
CA GLY E 349 -13.44 15.88 30.75
C GLY E 349 -12.05 15.43 30.32
N HIS E 350 -11.93 14.35 29.51
CA HIS E 350 -10.64 13.85 29.06
C HIS E 350 -10.46 14.04 27.56
N ASP E 351 -9.31 14.60 27.15
CA ASP E 351 -8.98 14.80 25.75
C ASP E 351 -8.50 13.49 25.13
N VAL E 352 -9.23 13.01 24.12
CA VAL E 352 -8.98 11.71 23.54
C VAL E 352 -9.11 11.83 22.04
N THR E 353 -8.58 10.84 21.31
CA THR E 353 -8.78 10.73 19.88
C THR E 353 -10.19 10.20 19.62
N ILE E 354 -10.77 10.61 18.50
CA ILE E 354 -12.14 10.26 18.14
C ILE E 354 -12.24 8.76 17.91
N ASP E 355 -11.14 8.08 17.55
CA ASP E 355 -11.08 6.64 17.43
C ASP E 355 -11.16 5.93 18.78
N GLN E 356 -10.98 6.66 19.90
CA GLN E 356 -11.23 6.09 21.22
C GLN E 356 -12.72 6.07 21.59
N LEU E 357 -13.59 6.72 20.80
CA LEU E 357 -15.01 6.65 21.08
C LEU E 357 -15.56 5.28 20.66
N SER E 358 -16.67 4.89 21.29
CA SER E 358 -17.40 3.70 20.88
C SER E 358 -17.99 3.92 19.49
N ASP E 359 -18.30 2.82 18.79
CA ASP E 359 -18.98 2.89 17.51
C ASP E 359 -20.36 3.53 17.64
N GLY E 360 -21.10 3.19 18.70
CA GLY E 360 -22.34 3.88 19.00
C GLY E 360 -22.22 5.40 19.08
N GLN E 361 -21.23 5.92 19.82
N GLN E 361 -21.13 5.85 19.72
CA GLN E 361 -21.03 7.37 19.92
CA GLN E 361 -20.85 7.26 19.98
C GLN E 361 -20.60 7.94 18.56
C GLN E 361 -20.49 7.94 18.66
N ARG E 362 -19.70 7.26 17.82
CA ARG E 362 -19.28 7.74 16.50
C ARG E 362 -20.45 7.88 15.52
N VAL E 363 -21.33 6.86 15.48
CA VAL E 363 -22.47 6.86 14.57
C VAL E 363 -23.37 8.05 14.93
N PHE E 364 -23.57 8.30 16.22
CA PHE E 364 -24.44 9.38 16.62
C PHE E 364 -23.80 10.73 16.30
N LEU E 365 -22.50 10.89 16.59
CA LEU E 365 -21.75 12.09 16.21
C LEU E 365 -21.87 12.35 14.70
N SER E 366 -21.71 11.31 13.89
CA SER E 366 -21.83 11.42 12.44
C SER E 366 -23.20 11.95 12.02
N LEU E 367 -24.27 11.43 12.65
CA LEU E 367 -25.62 11.85 12.33
C LEU E 367 -25.78 13.35 12.58
N VAL E 368 -25.36 13.82 13.75
CA VAL E 368 -25.59 15.20 14.14
C VAL E 368 -24.75 16.12 13.26
N ALA E 369 -23.50 15.73 13.02
CA ALA E 369 -22.59 16.51 12.21
C ALA E 369 -23.14 16.68 10.80
N ASP E 370 -23.60 15.58 10.20
CA ASP E 370 -24.17 15.61 8.87
C ASP E 370 -25.37 16.55 8.82
N LEU E 371 -26.29 16.40 9.77
CA LEU E 371 -27.48 17.22 9.80
C LEU E 371 -27.10 18.68 9.91
N ALA E 372 -26.20 19.01 10.84
CA ALA E 372 -25.77 20.40 11.02
C ALA E 372 -25.18 20.95 9.73
N ARG E 373 -24.37 20.14 9.04
CA ARG E 373 -23.73 20.58 7.83
C ARG E 373 -24.77 20.98 6.77
N ARG E 374 -25.78 20.12 6.58
CA ARG E 374 -26.80 20.39 5.60
C ARG E 374 -27.58 21.65 5.97
N MET E 375 -27.86 21.85 7.26
CA MET E 375 -28.66 22.96 7.70
C MET E 375 -27.92 24.27 7.47
N VAL E 376 -26.62 24.27 7.70
CA VAL E 376 -25.82 25.45 7.50
C VAL E 376 -25.82 25.82 6.01
N MET E 377 -25.73 24.83 5.14
CA MET E 377 -25.73 25.08 3.70
C MET E 377 -27.07 25.60 3.22
N LEU E 378 -28.18 25.18 3.82
CA LEU E 378 -29.50 25.49 3.29
C LEU E 378 -30.11 26.72 3.96
N ASN E 379 -29.51 27.22 5.06
CA ASN E 379 -30.10 28.32 5.79
C ASN E 379 -29.06 29.44 5.97
N PRO E 380 -28.54 30.03 4.87
CA PRO E 380 -27.50 31.04 4.97
C PRO E 380 -27.95 32.39 5.54
N LEU E 381 -29.26 32.66 5.51
CA LEU E 381 -29.78 33.97 5.89
C LEU E 381 -30.16 34.02 7.35
N LEU E 382 -30.17 32.87 8.03
CA LEU E 382 -30.54 32.84 9.43
C LEU E 382 -29.32 33.17 10.28
N GLU E 383 -29.55 33.92 11.36
CA GLU E 383 -28.53 34.16 12.36
C GLU E 383 -28.03 32.83 12.91
N ASN E 384 -28.96 31.94 13.28
CA ASN E 384 -28.63 30.57 13.64
C ASN E 384 -29.18 29.62 12.58
N PRO E 385 -28.35 29.10 11.65
CA PRO E 385 -28.85 28.23 10.59
C PRO E 385 -29.51 26.93 11.06
N LEU E 386 -29.26 26.54 12.32
CA LEU E 386 -29.87 25.35 12.89
C LEU E 386 -31.32 25.58 13.28
N GLU E 387 -31.81 26.83 13.21
CA GLU E 387 -33.21 27.16 13.42
C GLU E 387 -33.99 27.10 12.11
N GLY E 388 -33.44 26.48 11.05
CA GLY E 388 -34.17 26.31 9.80
C GLY E 388 -35.24 25.25 9.90
N ARG E 389 -36.08 25.18 8.85
CA ARG E 389 -37.20 24.27 8.73
C ARG E 389 -36.75 22.95 8.11
N GLY E 390 -37.48 21.86 8.39
CA GLY E 390 -37.23 20.61 7.69
C GLY E 390 -37.86 19.40 8.36
N ILE E 391 -37.73 18.26 7.71
CA ILE E 391 -38.26 16.99 8.21
C ILE E 391 -37.11 16.00 8.23
N VAL E 392 -36.82 15.41 9.41
CA VAL E 392 -35.74 14.45 9.56
C VAL E 392 -36.29 13.13 10.10
N LEU E 393 -35.95 12.01 9.42
CA LEU E 393 -36.38 10.67 9.79
C LEU E 393 -35.20 9.89 10.34
N ILE E 394 -35.37 9.24 11.52
CA ILE E 394 -34.28 8.48 12.13
C ILE E 394 -34.81 7.12 12.55
N ASP E 395 -34.22 6.07 11.98
CA ASP E 395 -34.58 4.73 12.34
C ASP E 395 -33.68 4.22 13.47
N GLU E 396 -34.29 3.58 14.50
CA GLU E 396 -33.57 2.98 15.62
C GLU E 396 -32.52 3.93 16.19
N ILE E 397 -32.98 5.03 16.79
CA ILE E 397 -32.09 6.08 17.27
C ILE E 397 -31.06 5.56 18.29
N GLU E 398 -31.45 4.55 19.09
CA GLU E 398 -30.61 3.95 20.12
C GLU E 398 -29.54 3.01 19.54
N LEU E 399 -29.44 2.87 18.21
CA LEU E 399 -28.55 1.91 17.57
C LEU E 399 -27.15 2.01 18.17
N HIS E 400 -26.67 0.92 18.80
CA HIS E 400 -25.32 0.76 19.34
C HIS E 400 -25.05 1.60 20.59
N LEU E 401 -26.09 2.15 21.23
CA LEU E 401 -25.86 3.04 22.35
C LEU E 401 -25.98 2.27 23.65
N HIS E 402 -25.02 2.50 24.54
CA HIS E 402 -25.10 1.99 25.90
C HIS E 402 -26.26 2.68 26.63
N PRO E 403 -26.96 2.01 27.58
CA PRO E 403 -28.04 2.63 28.36
C PRO E 403 -27.77 4.04 28.88
N LYS E 404 -26.55 4.31 29.34
CA LYS E 404 -26.14 5.63 29.80
C LYS E 404 -26.43 6.72 28.75
N TRP E 405 -25.95 6.57 27.51
N TRP E 405 -25.90 6.54 27.53
CA TRP E 405 -26.10 7.60 26.50
CA TRP E 405 -26.05 7.48 26.42
C TRP E 405 -27.48 7.53 25.83
C TRP E 405 -27.51 7.55 25.94
N GLN E 406 -28.25 6.43 26.01
CA GLN E 406 -29.66 6.38 25.64
C GLN E 406 -30.51 7.35 26.47
N GLN E 407 -30.10 7.56 27.72
CA GLN E 407 -30.82 8.42 28.64
C GLN E 407 -30.67 9.89 28.28
N GLU E 408 -29.75 10.25 27.35
CA GLU E 408 -29.44 11.64 27.08
C GLU E 408 -29.79 12.08 25.66
N VAL E 409 -29.88 11.15 24.68
CA VAL E 409 -29.78 11.54 23.27
C VAL E 409 -30.90 12.51 22.87
N ILE E 410 -32.16 12.27 23.23
CA ILE E 410 -33.28 13.10 22.76
C ILE E 410 -33.41 14.38 23.58
N LEU E 411 -32.77 14.51 24.75
CA LEU E 411 -32.79 15.76 25.51
C LEU E 411 -32.49 16.94 24.61
N ASN E 412 -31.38 16.85 23.86
CA ASN E 412 -30.80 18.04 23.25
C ASN E 412 -31.07 18.12 21.76
N LEU E 413 -31.65 17.09 21.12
CA LEU E 413 -31.93 17.14 19.69
C LEU E 413 -32.90 18.28 19.38
N ARG E 414 -33.97 18.36 20.16
CA ARG E 414 -35.02 19.34 19.93
C ARG E 414 -34.56 20.73 20.28
N SER E 415 -33.67 20.86 21.26
CA SER E 415 -33.14 22.16 21.64
C SER E 415 -32.19 22.69 20.56
N ALA E 416 -31.36 21.82 19.96
CA ALA E 416 -30.41 22.23 18.93
C ALA E 416 -31.12 22.52 17.60
N PHE E 417 -32.17 21.76 17.25
CA PHE E 417 -32.87 21.90 15.99
C PHE E 417 -34.34 22.18 16.25
N PRO E 418 -34.71 23.42 16.69
CA PRO E 418 -36.05 23.70 17.19
C PRO E 418 -37.19 23.68 16.16
N ASN E 419 -36.89 23.87 14.87
CA ASN E 419 -37.94 23.95 13.86
C ASN E 419 -37.93 22.71 12.95
N ILE E 420 -37.18 21.63 13.30
CA ILE E 420 -37.18 20.40 12.53
C ILE E 420 -38.30 19.51 13.07
N GLN E 421 -39.07 18.88 12.17
CA GLN E 421 -39.96 17.82 12.57
C GLN E 421 -39.19 16.50 12.58
N PHE E 422 -39.04 15.88 13.77
CA PHE E 422 -38.38 14.61 13.89
C PHE E 422 -39.39 13.48 13.92
N ILE E 423 -39.20 12.47 13.07
CA ILE E 423 -40.00 11.25 13.11
C ILE E 423 -39.03 10.10 13.32
N ILE E 424 -39.10 9.46 14.50
CA ILE E 424 -38.07 8.51 14.90
C ILE E 424 -38.70 7.17 15.31
N THR E 425 -37.93 6.09 15.22
CA THR E 425 -38.33 4.79 15.74
C THR E 425 -37.34 4.35 16.83
N THR E 426 -37.82 3.63 17.86
CA THR E 426 -36.98 3.12 18.93
C THR E 426 -37.54 1.81 19.51
N HIS E 427 -36.67 1.00 20.14
CA HIS E 427 -37.06 -0.14 20.98
C HIS E 427 -36.80 0.12 22.46
N SER E 428 -36.33 1.32 22.82
CA SER E 428 -35.65 1.47 24.09
C SER E 428 -36.59 2.08 25.13
N PRO E 429 -36.92 1.40 26.26
CA PRO E 429 -37.66 2.06 27.34
C PRO E 429 -36.91 3.26 27.93
N ILE E 430 -35.58 3.23 27.86
CA ILE E 430 -34.76 4.28 28.44
C ILE E 430 -34.98 5.57 27.65
N VAL E 431 -35.03 5.44 26.32
CA VAL E 431 -35.30 6.57 25.45
C VAL E 431 -36.72 7.08 25.74
N LEU E 432 -37.69 6.17 25.89
CA LEU E 432 -39.08 6.55 26.10
C LEU E 432 -39.28 7.29 27.41
N SER E 433 -38.43 7.00 28.41
CA SER E 433 -38.52 7.67 29.69
C SER E 433 -38.23 9.17 29.58
N THR E 434 -37.72 9.65 28.43
CA THR E 434 -37.35 11.05 28.26
C THR E 434 -38.34 11.77 27.34
N ILE E 435 -39.44 11.11 26.95
CA ILE E 435 -40.34 11.66 25.94
C ILE E 435 -41.76 11.64 26.49
N GLU E 436 -42.52 12.69 26.16
CA GLU E 436 -43.92 12.81 26.56
C GLU E 436 -44.77 11.84 25.75
N LYS E 437 -45.82 11.30 26.36
CA LYS E 437 -46.69 10.30 25.75
C LYS E 437 -47.36 10.83 24.48
N ARG E 438 -47.63 12.15 24.42
CA ARG E 438 -48.16 12.86 23.26
C ARG E 438 -47.40 12.55 21.98
N CYS E 439 -46.08 12.36 22.10
CA CYS E 439 -45.18 12.17 20.97
C CYS E 439 -45.12 10.71 20.55
N ILE E 440 -45.71 9.80 21.34
CA ILE E 440 -45.48 8.39 21.13
C ILE E 440 -46.67 7.84 20.35
N ARG E 441 -46.37 7.03 19.32
CA ARG E 441 -47.38 6.27 18.60
C ARG E 441 -47.06 4.79 18.68
N GLU E 442 -47.99 4.01 19.26
CA GLU E 442 -47.70 2.63 19.59
C GLU E 442 -48.61 1.72 18.79
N PHE E 443 -48.02 0.64 18.26
CA PHE E 443 -48.77 -0.46 17.70
C PHE E 443 -49.27 -1.36 18.83
N GLU E 444 -50.54 -1.76 18.74
CA GLU E 444 -51.06 -2.81 19.59
C GLU E 444 -50.28 -4.11 19.37
N PRO E 445 -49.93 -4.90 20.42
CA PRO E 445 -49.19 -6.15 20.21
C PRO E 445 -49.91 -7.18 19.33
N ASN E 446 -51.26 -7.22 19.34
CA ASN E 446 -52.03 -8.21 18.58
C ASN E 446 -52.50 -7.67 17.22
N ASP E 447 -51.89 -6.58 16.73
CA ASP E 447 -52.26 -6.00 15.45
C ASP E 447 -51.84 -6.94 14.31
N ASP E 448 -52.84 -7.52 13.62
CA ASP E 448 -52.62 -8.37 12.44
C ASP E 448 -52.73 -7.53 11.16
N GLY E 449 -52.27 -6.26 11.18
CA GLY E 449 -52.18 -5.45 9.98
C GLY E 449 -53.48 -4.77 9.56
N ASP E 450 -54.60 -5.01 10.27
CA ASP E 450 -55.90 -4.46 9.93
C ASP E 450 -56.11 -3.06 10.52
N GLN E 451 -55.43 -2.71 11.64
CA GLN E 451 -55.90 -1.67 12.54
C GLN E 451 -55.85 -0.29 11.85
N SER E 452 -56.72 0.63 12.30
CA SER E 452 -57.03 1.88 11.60
C SER E 452 -56.10 3.03 11.99
N PHE E 453 -55.78 3.16 13.28
CA PHE E 453 -54.94 4.25 13.77
C PHE E 453 -53.86 3.66 14.69
N LEU E 454 -52.66 4.27 14.63
CA LEU E 454 -51.65 4.20 15.67
C LEU E 454 -52.05 5.20 16.75
N ASP E 455 -51.85 4.87 18.02
CA ASP E 455 -52.31 5.74 19.08
C ASP E 455 -51.25 5.96 20.15
N SER E 456 -51.49 6.99 20.97
CA SER E 456 -50.64 7.30 22.09
C SER E 456 -50.86 6.31 23.24
N PRO E 457 -49.82 6.00 24.05
CA PRO E 457 -50.02 5.15 25.23
C PRO E 457 -50.90 5.83 26.27
N ASP E 458 -51.48 5.03 27.16
CA ASP E 458 -52.31 5.58 28.24
C ASP E 458 -51.44 6.19 29.32
N MET E 459 -50.26 5.60 29.58
CA MET E 459 -49.45 6.07 30.68
C MET E 459 -48.48 7.15 30.18
N GLN E 460 -48.18 8.12 31.05
CA GLN E 460 -47.16 9.12 30.81
C GLN E 460 -45.78 8.49 30.92
N THR E 461 -44.94 8.67 29.91
CA THR E 461 -43.66 7.98 29.89
C THR E 461 -42.57 8.90 30.45
N LYS E 462 -42.65 10.22 30.17
CA LYS E 462 -41.61 11.15 30.54
C LYS E 462 -41.47 11.22 32.07
N GLY E 463 -40.28 10.85 32.57
CA GLY E 463 -39.98 10.85 33.99
C GLY E 463 -40.42 9.58 34.71
N SER E 464 -40.92 8.57 33.98
CA SER E 464 -41.42 7.35 34.59
C SER E 464 -40.28 6.34 34.76
N GLU E 465 -40.51 5.42 35.69
CA GLU E 465 -39.57 4.32 35.95
C GLU E 465 -39.54 3.38 34.75
N ASN E 466 -38.35 2.85 34.47
CA ASN E 466 -38.08 1.94 33.36
C ASN E 466 -38.99 0.71 33.42
N ALA E 467 -39.12 0.16 34.64
CA ALA E 467 -39.88 -1.05 34.88
C ALA E 467 -41.33 -0.84 34.49
N GLN E 468 -41.88 0.34 34.80
CA GLN E 468 -43.26 0.64 34.47
C GLN E 468 -43.45 0.79 32.96
N ILE E 469 -42.48 1.40 32.26
CA ILE E 469 -42.58 1.59 30.82
C ILE E 469 -42.59 0.21 30.16
N LEU E 470 -41.68 -0.64 30.61
CA LEU E 470 -41.61 -1.99 30.07
C LEU E 470 -42.94 -2.71 30.17
N GLU E 471 -43.60 -2.62 31.32
CA GLU E 471 -44.80 -3.38 31.56
C GLU E 471 -46.00 -2.68 30.92
N GLN E 472 -46.13 -1.36 31.10
CA GLN E 472 -47.38 -0.70 30.75
C GLN E 472 -47.39 -0.26 29.30
N VAL E 473 -46.22 -0.05 28.69
CA VAL E 473 -46.18 0.47 27.33
C VAL E 473 -45.70 -0.64 26.38
N MET E 474 -44.67 -1.40 26.77
CA MET E 474 -44.00 -2.33 25.86
C MET E 474 -44.45 -3.76 26.09
N ASN E 475 -45.31 -4.02 27.10
CA ASN E 475 -45.90 -5.32 27.39
C ASN E 475 -44.82 -6.37 27.66
N VAL E 476 -43.83 -6.02 28.50
CA VAL E 476 -42.76 -6.92 28.89
C VAL E 476 -42.68 -6.93 30.41
N HIS E 477 -42.69 -8.14 31.00
CA HIS E 477 -42.65 -8.33 32.44
C HIS E 477 -41.28 -7.93 32.98
N SER E 478 -41.27 -7.51 34.25
CA SER E 478 -40.07 -7.07 34.93
C SER E 478 -39.09 -8.21 35.12
N THR E 479 -39.57 -9.46 35.21
CA THR E 479 -38.69 -10.61 35.32
C THR E 479 -38.89 -11.56 34.15
N PRO E 480 -37.81 -12.26 33.69
CA PRO E 480 -37.93 -13.12 32.52
C PRO E 480 -38.84 -14.32 32.80
N PRO E 481 -39.96 -14.47 32.08
CA PRO E 481 -40.91 -15.51 32.42
C PRO E 481 -40.40 -16.95 32.24
N GLY E 482 -39.39 -17.13 31.37
CA GLY E 482 -38.81 -18.43 31.10
C GLY E 482 -37.81 -18.93 32.13
N ILE E 483 -37.68 -18.25 33.30
CA ILE E 483 -36.77 -18.64 34.36
C ILE E 483 -37.62 -18.94 35.61
N ALA E 484 -37.47 -20.12 36.23
CA ALA E 484 -38.29 -20.51 37.38
C ALA E 484 -38.15 -19.55 38.55
N GLU E 485 -36.91 -19.11 38.79
CA GLU E 485 -36.58 -18.23 39.90
C GLU E 485 -37.31 -16.90 39.79
N SER E 486 -37.70 -16.53 38.57
CA SER E 486 -38.50 -15.33 38.35
C SER E 486 -39.87 -15.41 39.02
N HIS E 487 -40.36 -16.61 39.34
CA HIS E 487 -41.70 -16.78 39.86
C HIS E 487 -41.70 -16.97 41.38
N TRP E 488 -40.54 -17.15 42.01
CA TRP E 488 -40.47 -17.63 43.38
C TRP E 488 -41.08 -16.65 44.37
N LEU E 489 -40.82 -15.36 44.22
CA LEU E 489 -41.35 -14.38 45.15
C LEU E 489 -42.88 -14.32 45.03
N GLY E 490 -43.40 -14.34 43.79
CA GLY E 490 -44.83 -14.43 43.56
C GLY E 490 -45.45 -15.66 44.23
N ASN E 491 -44.83 -16.82 44.03
CA ASN E 491 -45.30 -18.06 44.62
C ASN E 491 -45.22 -17.99 46.14
N PHE E 492 -44.13 -17.40 46.65
CA PHE E 492 -43.97 -17.24 48.08
C PHE E 492 -45.13 -16.44 48.66
N GLU E 493 -45.51 -15.33 48.00
CA GLU E 493 -46.64 -14.53 48.45
C GLU E 493 -47.92 -15.36 48.50
N LEU E 494 -48.18 -16.15 47.45
CA LEU E 494 -49.38 -16.99 47.38
C LEU E 494 -49.42 -17.99 48.52
N LEU E 495 -48.27 -18.61 48.84
CA LEU E 495 -48.17 -19.58 49.93
C LEU E 495 -48.46 -18.92 51.27
N LEU E 496 -47.95 -17.70 51.48
CA LEU E 496 -48.23 -16.96 52.70
C LEU E 496 -49.74 -16.72 52.86
N LEU E 497 -50.39 -16.33 51.76
CA LEU E 497 -51.81 -16.02 51.77
C LEU E 497 -52.64 -17.29 52.02
N ASP E 498 -52.20 -18.44 51.50
CA ASP E 498 -52.91 -19.70 51.63
C ASP E 498 -52.89 -20.24 53.07
N ASN E 499 -51.82 -19.95 53.85
CA ASN E 499 -51.63 -20.51 55.19
C ASN E 499 -51.92 -19.44 56.27
N SER E 500 -52.95 -18.59 56.06
CA SER E 500 -53.34 -17.54 57.00
C SER E 500 -52.15 -16.70 57.48
N GLY E 501 -51.15 -16.46 56.62
CA GLY E 501 -50.04 -15.57 56.92
C GLY E 501 -48.91 -16.21 57.72
N GLU E 502 -49.01 -17.50 58.09
CA GLU E 502 -47.98 -18.15 58.89
C GLU E 502 -47.00 -18.84 57.95
N LEU E 503 -45.73 -18.80 58.37
CA LEU E 503 -44.65 -19.44 57.65
C LEU E 503 -44.74 -20.93 57.94
N ASP E 504 -45.31 -21.71 57.00
CA ASP E 504 -45.42 -23.15 57.14
C ASP E 504 -44.16 -23.81 56.56
N ASN E 505 -44.09 -25.15 56.66
CA ASN E 505 -42.98 -25.92 56.11
C ASN E 505 -42.71 -25.57 54.64
N HIS E 506 -43.77 -25.47 53.81
CA HIS E 506 -43.61 -25.21 52.39
C HIS E 506 -43.10 -23.79 52.14
N SER E 507 -43.70 -22.80 52.83
CA SER E 507 -43.29 -21.40 52.69
C SER E 507 -41.84 -21.22 53.17
N GLN E 508 -41.44 -21.94 54.24
CA GLN E 508 -40.08 -21.85 54.76
C GLN E 508 -39.06 -22.40 53.75
N VAL E 509 -39.41 -23.50 53.09
CA VAL E 509 -38.52 -24.11 52.11
C VAL E 509 -38.27 -23.11 50.98
N LEU E 510 -39.36 -22.51 50.48
CA LEU E 510 -39.23 -21.57 49.39
C LEU E 510 -38.46 -20.33 49.82
N TYR E 511 -38.73 -19.85 51.04
CA TYR E 511 -37.98 -18.74 51.61
C TYR E 511 -36.49 -19.05 51.59
N ASP E 512 -36.13 -20.25 52.03
CA ASP E 512 -34.74 -20.66 52.08
C ASP E 512 -34.14 -20.73 50.70
N GLN E 513 -34.94 -21.17 49.72
CA GLN E 513 -34.50 -21.22 48.34
C GLN E 513 -34.21 -19.81 47.81
N ILE E 514 -35.11 -18.87 48.13
CA ILE E 514 -34.95 -17.49 47.71
C ILE E 514 -33.67 -16.95 48.33
N LYS E 515 -33.50 -17.17 49.63
CA LYS E 515 -32.31 -16.71 50.33
C LYS E 515 -31.05 -17.30 49.70
N ALA E 516 -31.07 -18.61 49.45
CA ALA E 516 -29.90 -19.31 48.91
C ALA E 516 -29.55 -18.79 47.51
N HIS E 517 -30.56 -18.55 46.67
CA HIS E 517 -30.32 -18.19 45.28
C HIS E 517 -29.96 -16.70 45.13
N PHE E 518 -30.75 -15.80 45.73
CA PHE E 518 -30.61 -14.37 45.48
C PHE E 518 -29.65 -13.72 46.48
N GLY E 519 -29.51 -14.32 47.68
CA GLY E 519 -28.58 -13.83 48.68
C GLY E 519 -29.29 -13.08 49.79
N ILE E 520 -28.54 -12.83 50.88
CA ILE E 520 -29.04 -12.36 52.15
C ILE E 520 -29.46 -10.88 52.02
N ASP E 521 -28.79 -10.12 51.14
CA ASP E 521 -29.09 -8.70 50.98
C ASP E 521 -29.72 -8.44 49.62
N SER E 522 -30.43 -9.43 49.08
CA SER E 522 -31.14 -9.25 47.83
C SER E 522 -32.45 -8.52 48.08
N ILE E 523 -32.82 -7.65 47.12
CA ILE E 523 -34.16 -7.06 47.00
C ILE E 523 -35.25 -8.11 47.22
N GLU E 524 -35.11 -9.30 46.62
CA GLU E 524 -36.16 -10.31 46.64
C GLU E 524 -36.37 -10.79 48.07
N LEU E 525 -35.26 -11.02 48.78
CA LEU E 525 -35.36 -11.50 50.14
C LEU E 525 -35.95 -10.41 51.05
N LYS E 526 -35.55 -9.16 50.83
CA LYS E 526 -36.09 -8.06 51.61
C LYS E 526 -37.60 -7.94 51.42
N LYS E 527 -38.08 -8.15 50.20
CA LYS E 527 -39.50 -8.13 49.94
C LYS E 527 -40.20 -9.27 50.67
N ALA E 528 -39.58 -10.46 50.64
CA ALA E 528 -40.12 -11.61 51.35
C ALA E 528 -40.21 -11.30 52.85
N ASP E 529 -39.13 -10.74 53.41
CA ASP E 529 -39.08 -10.38 54.82
C ASP E 529 -40.18 -9.39 55.14
N SER E 530 -40.34 -8.38 54.28
CA SER E 530 -41.35 -7.37 54.49
C SER E 530 -42.72 -8.04 54.54
N LEU E 531 -42.98 -8.98 53.64
CA LEU E 531 -44.26 -9.66 53.58
C LEU E 531 -44.54 -10.43 54.88
N ILE E 532 -43.52 -11.09 55.41
CA ILE E 532 -43.65 -11.83 56.65
C ILE E 532 -44.03 -10.86 57.77
N ARG E 533 -43.31 -9.74 57.85
CA ARG E 533 -43.51 -8.79 58.93
C ARG E 533 -44.93 -8.23 58.87
N ILE E 534 -45.40 -7.85 57.66
CA ILE E 534 -46.69 -7.21 57.55
C ILE E 534 -47.79 -8.25 57.84
N ASN E 535 -47.63 -9.50 57.40
CA ASN E 535 -48.65 -10.51 57.62
C ASN E 535 -48.74 -10.89 59.10
N LYS E 536 -47.61 -10.93 59.80
CA LYS E 536 -47.61 -11.15 61.25
C LYS E 536 -48.41 -10.06 61.96
N MET E 537 -48.21 -8.81 61.54
CA MET E 537 -48.89 -7.68 62.16
C MET E 537 -50.38 -7.72 61.86
N LYS E 538 -50.75 -8.09 60.62
CA LYS E 538 -52.14 -8.20 60.25
C LYS E 538 -52.85 -9.27 61.09
N ASN E 539 -52.17 -10.39 61.32
CA ASN E 539 -52.73 -11.48 62.10
C ASN E 539 -52.90 -11.08 63.56
N LYS E 540 -51.93 -10.35 64.11
CA LYS E 540 -52.03 -9.87 65.48
C LYS E 540 -53.25 -8.98 65.65
N LEU E 541 -53.48 -8.09 64.66
CA LEU E 541 -54.66 -7.23 64.67
C LEU E 541 -55.92 -8.10 64.65
N ASN E 542 -55.93 -9.14 63.82
CA ASN E 542 -57.09 -10.00 63.69
C ASN E 542 -57.43 -10.68 65.01
N LYS E 543 -56.40 -11.13 65.75
CA LYS E 543 -56.59 -11.78 67.05
C LYS E 543 -57.14 -10.82 68.09
N ILE E 544 -56.61 -9.58 68.09
CA ILE E 544 -57.07 -8.57 69.03
C ILE E 544 -58.54 -8.29 68.77
N ARG E 545 -58.94 -8.22 67.50
CA ARG E 545 -60.31 -7.94 67.12
C ARG E 545 -61.24 -9.10 67.52
N ALA E 546 -60.76 -10.35 67.38
CA ALA E 546 -61.54 -11.52 67.75
C ALA E 546 -61.84 -11.56 69.25
N GLU E 547 -60.88 -11.12 70.09
CA GLU E 547 -61.01 -11.14 71.55
C GLU E 547 -62.02 -10.05 71.99
N MET F 1 36.63 36.80 -36.20
CA MET F 1 36.32 38.24 -36.37
C MET F 1 37.38 38.88 -37.26
N ARG F 2 36.95 39.57 -38.33
CA ARG F 2 37.84 40.07 -39.37
C ARG F 2 37.94 41.60 -39.26
N GLU F 3 39.07 42.17 -39.75
CA GLU F 3 39.18 43.59 -40.02
C GLU F 3 38.37 43.92 -41.28
N LEU F 4 37.41 44.85 -41.17
CA LEU F 4 36.51 45.22 -42.26
C LEU F 4 36.94 46.58 -42.83
N ALA F 5 36.64 46.78 -44.13
CA ALA F 5 37.01 47.97 -44.89
C ALA F 5 35.75 48.69 -45.37
N ARG F 6 35.25 49.61 -44.52
CA ARG F 6 34.13 50.50 -44.86
C ARG F 6 34.64 51.58 -45.80
N LEU F 7 33.82 51.93 -46.83
CA LEU F 7 34.26 52.72 -47.98
C LEU F 7 33.27 53.86 -48.26
N GLU F 8 32.02 53.53 -48.68
CA GLU F 8 31.11 54.49 -49.31
C GLU F 8 29.77 54.47 -48.57
N ARG F 9 29.18 55.68 -48.38
CA ARG F 9 28.05 55.91 -47.50
C ARG F 9 26.78 55.97 -48.35
N PRO F 10 25.68 55.21 -48.08
CA PRO F 10 24.53 55.17 -48.98
C PRO F 10 23.65 56.43 -48.90
N GLU F 11 22.85 56.66 -49.98
CA GLU F 11 22.07 57.88 -50.15
C GLU F 11 20.89 57.95 -49.16
N ILE F 12 20.29 56.80 -48.81
CA ILE F 12 19.00 56.75 -48.11
C ILE F 12 19.14 57.21 -46.64
N LEU F 13 20.34 57.05 -46.02
CA LEU F 13 20.58 57.46 -44.63
C LEU F 13 20.56 59.00 -44.51
N ASP F 14 20.96 59.73 -45.56
CA ASP F 14 20.93 61.20 -45.59
C ASP F 14 19.50 61.74 -45.41
N GLN F 15 18.48 61.06 -45.96
CA GLN F 15 17.10 61.55 -45.96
C GLN F 15 16.53 61.52 -44.54
N TYR F 16 16.60 60.36 -43.86
CA TYR F 16 15.98 60.19 -42.54
C TYR F 16 16.89 60.80 -41.47
N ILE F 17 16.26 61.36 -40.41
CA ILE F 17 16.94 62.11 -39.35
C ILE F 17 16.61 61.41 -38.02
N ALA F 18 17.62 61.31 -37.14
CA ALA F 18 17.48 60.67 -35.83
C ALA F 18 16.65 61.56 -34.89
N GLY F 19 15.85 60.93 -34.01
CA GLY F 19 14.94 61.61 -33.10
C GLY F 19 13.50 61.59 -33.62
N GLN F 20 13.28 62.23 -34.79
CA GLN F 20 11.94 62.36 -35.38
C GLN F 20 11.53 61.04 -36.03
N ASN F 21 12.37 60.50 -36.94
CA ASN F 21 12.04 59.31 -37.71
C ASN F 21 12.31 58.05 -36.87
N ASP F 22 11.57 56.96 -37.17
CA ASP F 22 11.76 55.65 -36.54
C ASP F 22 12.50 54.73 -37.52
N TRP F 23 13.24 53.74 -36.96
CA TRP F 23 14.04 52.81 -37.74
C TRP F 23 13.19 51.97 -38.68
N MET F 24 11.98 51.55 -38.25
CA MET F 24 11.10 50.67 -39.01
C MET F 24 10.67 51.28 -40.35
N GLU F 25 10.62 52.64 -40.44
CA GLU F 25 10.27 53.37 -41.66
C GLU F 25 11.16 52.98 -42.86
N ILE F 26 12.48 52.81 -42.67
CA ILE F 26 13.45 52.79 -43.76
C ILE F 26 13.28 51.51 -44.59
N ASP F 27 13.60 51.60 -45.90
CA ASP F 27 13.69 50.45 -46.78
C ASP F 27 15.05 49.78 -46.57
N GLN F 28 15.03 48.52 -46.07
CA GLN F 28 16.22 47.81 -45.63
C GLN F 28 16.90 47.10 -46.82
N SER F 29 16.15 46.76 -47.88
CA SER F 29 16.69 46.23 -49.13
C SER F 29 17.61 47.22 -49.85
N ALA F 30 17.46 48.54 -49.61
CA ALA F 30 18.39 49.56 -50.07
C ALA F 30 19.78 49.43 -49.42
N VAL F 31 19.85 49.00 -48.15
CA VAL F 31 21.07 49.07 -47.33
C VAL F 31 21.96 47.86 -47.67
N TRP F 32 21.38 46.64 -47.77
CA TRP F 32 22.13 45.38 -47.86
C TRP F 32 23.19 45.36 -48.97
N PRO F 33 22.98 45.80 -50.25
CA PRO F 33 24.02 45.71 -51.28
C PRO F 33 25.40 46.25 -50.90
N LYS F 34 25.46 47.32 -50.09
CA LYS F 34 26.73 47.91 -49.66
C LYS F 34 27.36 47.07 -48.54
N LEU F 35 26.56 46.58 -47.57
CA LEU F 35 27.02 45.69 -46.52
C LEU F 35 27.52 44.36 -47.11
N THR F 36 26.79 43.79 -48.08
CA THR F 36 27.15 42.54 -48.76
C THR F 36 28.48 42.72 -49.51
N GLU F 37 28.73 43.90 -50.11
CA GLU F 37 30.01 44.24 -50.72
C GLU F 37 31.12 44.26 -49.66
N MET F 38 30.85 44.90 -48.50
CA MET F 38 31.81 45.01 -47.40
C MET F 38 32.14 43.62 -46.83
N GLN F 39 31.10 42.87 -46.39
CA GLN F 39 31.25 41.72 -45.52
C GLN F 39 31.38 40.42 -46.32
N GLY F 40 30.80 40.35 -47.53
CA GLY F 40 31.00 39.23 -48.46
C GLY F 40 30.01 38.09 -48.23
N GLY F 41 28.77 38.42 -47.81
CA GLY F 41 27.76 37.42 -47.46
C GLY F 41 28.02 36.71 -46.13
N PHE F 42 28.91 37.25 -45.27
CA PHE F 42 29.32 36.63 -44.03
C PHE F 42 29.00 37.56 -42.86
N CYS F 43 28.83 36.99 -41.66
CA CYS F 43 28.50 37.77 -40.48
C CYS F 43 29.71 38.61 -40.04
N ALA F 44 29.43 39.74 -39.36
CA ALA F 44 30.46 40.66 -38.89
C ALA F 44 31.28 40.03 -37.76
N TYR F 45 30.61 39.33 -36.83
CA TYR F 45 31.18 38.95 -35.55
C TYR F 45 31.65 37.49 -35.58
N CYS F 46 30.77 36.55 -35.98
CA CYS F 46 31.07 35.11 -35.93
C CYS F 46 31.62 34.56 -37.24
N GLU F 47 31.36 35.22 -38.38
CA GLU F 47 31.80 34.81 -39.72
C GLU F 47 31.09 33.53 -40.18
N CYS F 48 29.81 33.32 -39.78
CA CYS F 48 28.96 32.33 -40.44
C CYS F 48 28.51 32.86 -41.81
N ARG F 49 28.10 31.94 -42.69
CA ARG F 49 27.44 32.29 -43.95
C ARG F 49 26.06 32.84 -43.58
N LEU F 50 25.74 34.05 -44.07
CA LEU F 50 24.47 34.70 -43.78
C LEU F 50 23.39 34.01 -44.62
N ASN F 51 22.27 33.60 -43.97
CA ASN F 51 21.07 33.12 -44.66
C ASN F 51 19.82 33.74 -43.99
N ARG F 52 19.69 33.61 -42.66
CA ARG F 52 18.79 34.43 -41.87
C ARG F 52 19.62 35.55 -41.23
N CYS F 53 19.30 36.82 -41.52
CA CYS F 53 20.18 37.94 -41.22
C CYS F 53 19.39 39.24 -41.03
N HIS F 54 19.94 40.16 -40.21
CA HIS F 54 19.30 41.41 -39.83
C HIS F 54 20.37 42.51 -39.73
N ILE F 55 19.93 43.78 -39.81
CA ILE F 55 20.82 44.94 -39.68
C ILE F 55 21.01 45.18 -38.18
N GLU F 56 22.27 45.30 -37.73
CA GLU F 56 22.61 45.41 -36.32
C GLU F 56 23.23 46.78 -36.04
N HIS F 57 22.67 47.50 -35.05
CA HIS F 57 23.26 48.70 -34.50
C HIS F 57 24.32 48.30 -33.47
N PHE F 58 25.59 48.66 -33.71
CA PHE F 58 26.71 48.25 -32.86
C PHE F 58 26.55 48.86 -31.47
N ARG F 59 26.25 50.17 -31.40
CA ARG F 59 25.74 50.81 -30.19
C ARG F 59 24.21 50.87 -30.33
N PRO F 60 23.40 50.34 -29.36
CA PRO F 60 21.98 50.12 -29.61
C PRO F 60 21.15 51.40 -29.63
N ARG F 61 19.92 51.30 -30.18
CA ARG F 61 19.01 52.44 -30.32
C ARG F 61 18.42 52.85 -28.97
N GLY F 62 18.21 51.91 -28.04
CA GLY F 62 17.69 52.18 -26.70
C GLY F 62 18.60 53.12 -25.90
N LYS F 63 19.89 52.73 -25.76
CA LYS F 63 20.87 53.51 -25.00
C LYS F 63 21.30 54.75 -25.77
N PHE F 64 21.56 54.63 -27.09
CA PHE F 64 22.09 55.70 -27.93
C PHE F 64 21.07 56.00 -29.05
N PRO F 65 19.98 56.80 -28.83
CA PRO F 65 19.05 57.15 -29.91
C PRO F 65 19.59 58.15 -30.94
N ALA F 66 20.66 58.89 -30.60
CA ALA F 66 21.34 59.77 -31.56
C ALA F 66 21.98 58.96 -32.69
N LEU F 67 22.67 57.86 -32.35
CA LEU F 67 23.24 56.93 -33.33
C LEU F 67 22.13 56.00 -33.81
N THR F 68 21.49 56.34 -34.95
CA THR F 68 20.41 55.55 -35.52
C THR F 68 20.62 55.37 -37.03
N PHE F 69 20.76 56.47 -37.81
CA PHE F 69 20.95 56.41 -39.26
C PHE F 69 22.38 56.86 -39.59
N ILE F 70 23.37 56.14 -39.01
CA ILE F 70 24.78 56.44 -39.12
C ILE F 70 25.45 55.22 -39.73
N TRP F 71 26.32 55.43 -40.74
CA TRP F 71 26.84 54.35 -41.57
C TRP F 71 27.91 53.53 -40.84
N ASN F 72 28.73 54.18 -39.98
CA ASN F 72 29.64 53.50 -39.05
C ASN F 72 28.91 52.42 -38.23
N ASN F 73 27.72 52.75 -37.69
CA ASN F 73 27.09 51.98 -36.63
C ASN F 73 26.40 50.71 -37.15
N LEU F 74 26.14 50.59 -38.47
CA LEU F 74 25.40 49.46 -39.03
C LEU F 74 26.37 48.31 -39.34
N PHE F 75 25.92 47.06 -39.09
CA PHE F 75 26.60 45.83 -39.48
C PHE F 75 25.57 44.74 -39.80
N GLY F 76 25.90 43.86 -40.77
CA GLY F 76 25.05 42.73 -41.13
C GLY F 76 25.34 41.52 -40.23
N SER F 77 24.41 41.22 -39.30
CA SER F 77 24.58 40.20 -38.28
C SER F 77 23.77 38.95 -38.63
N CYS F 78 24.16 37.80 -38.06
CA CYS F 78 23.45 36.54 -38.26
C CYS F 78 22.17 36.51 -37.41
N GLY F 79 21.19 35.72 -37.85
CA GLY F 79 19.94 35.51 -37.13
C GLY F 79 18.91 36.60 -37.44
N ASP F 80 17.63 36.25 -37.21
CA ASP F 80 16.48 37.10 -37.51
C ASP F 80 15.63 37.22 -36.25
N SER F 81 15.31 38.46 -35.86
CA SER F 81 14.44 38.75 -34.72
C SER F 81 12.98 38.43 -35.06
N ARG F 82 12.51 38.90 -36.23
CA ARG F 82 11.12 38.79 -36.68
C ARG F 82 10.68 37.33 -36.75
N LYS F 83 11.53 36.45 -37.31
CA LYS F 83 11.19 35.05 -37.54
C LYS F 83 10.85 34.35 -36.22
N SER F 84 11.78 34.41 -35.26
CA SER F 84 11.76 33.52 -34.10
C SER F 84 12.60 34.12 -32.97
N GLY F 85 12.31 33.69 -31.72
CA GLY F 85 13.21 33.82 -30.58
C GLY F 85 14.18 32.64 -30.51
N GLY F 86 14.96 32.60 -29.41
CA GLY F 86 16.00 31.60 -29.20
C GLY F 86 17.06 31.58 -30.31
N TRP F 87 17.61 32.76 -30.64
CA TRP F 87 18.91 32.87 -31.30
C TRP F 87 19.90 33.44 -30.28
N SER F 88 21.03 32.74 -30.08
CA SER F 88 21.87 32.91 -28.90
C SER F 88 23.34 33.11 -29.30
N ARG F 89 23.60 34.08 -30.20
CA ARG F 89 24.92 34.67 -30.41
C ARG F 89 24.75 36.04 -31.08
N CYS F 90 25.86 36.81 -31.18
CA CYS F 90 26.03 37.95 -32.07
C CYS F 90 25.07 39.09 -31.65
N GLY F 91 24.21 39.57 -32.57
CA GLY F 91 23.44 40.78 -32.36
C GLY F 91 22.28 40.59 -31.39
N ILE F 92 21.58 39.44 -31.51
CA ILE F 92 20.37 39.18 -30.72
C ILE F 92 20.81 38.94 -29.26
N TYR F 93 21.90 38.19 -29.04
CA TYR F 93 22.42 37.91 -27.70
C TYR F 93 22.99 39.17 -27.04
N LYS F 94 23.64 40.06 -27.83
CA LYS F 94 24.16 41.34 -27.33
C LYS F 94 23.08 42.12 -26.59
N ASP F 95 21.87 42.22 -27.18
CA ASP F 95 20.74 42.92 -26.59
C ASP F 95 20.22 42.18 -25.36
N ASN F 96 19.85 40.88 -25.53
CA ASN F 96 19.02 40.16 -24.57
C ASN F 96 19.89 39.34 -23.61
N GLY F 97 20.73 38.45 -24.15
CA GLY F 97 21.43 37.44 -23.37
C GLY F 97 22.55 38.02 -22.51
N ALA F 98 23.42 38.82 -23.14
CA ALA F 98 24.34 39.71 -22.46
C ALA F 98 23.53 40.93 -22.04
N GLY F 99 23.06 40.96 -20.79
CA GLY F 99 22.40 42.15 -20.26
C GLY F 99 23.37 43.32 -20.16
N ALA F 100 24.19 43.33 -19.08
CA ALA F 100 24.99 44.48 -18.70
C ALA F 100 26.34 44.41 -19.41
N TYR F 101 26.65 45.43 -20.24
CA TYR F 101 27.95 45.54 -20.91
C TYR F 101 28.28 47.01 -21.18
N ASN F 102 29.59 47.32 -21.14
CA ASN F 102 30.12 48.60 -21.61
C ASN F 102 30.26 48.49 -23.13
N ALA F 103 29.58 49.40 -23.87
CA ALA F 103 29.65 49.45 -25.33
C ALA F 103 31.03 49.91 -25.82
N ASP F 104 31.73 50.72 -24.99
CA ASP F 104 33.13 51.09 -25.22
C ASP F 104 34.04 49.85 -25.30
N ASP F 105 33.82 48.84 -24.42
CA ASP F 105 34.71 47.69 -24.29
C ASP F 105 34.25 46.55 -25.22
N LEU F 106 34.21 46.82 -26.54
CA LEU F 106 33.91 45.83 -27.57
C LEU F 106 34.73 46.20 -28.81
N ILE F 107 35.13 45.17 -29.59
CA ILE F 107 35.97 45.35 -30.77
C ILE F 107 35.01 45.72 -31.91
N LYS F 108 35.06 46.99 -32.38
CA LYS F 108 34.34 47.40 -33.57
C LYS F 108 35.16 46.95 -34.79
N PRO F 109 34.73 45.95 -35.61
CA PRO F 109 35.62 45.33 -36.59
C PRO F 109 36.04 46.21 -37.78
N ASP F 110 35.27 47.27 -38.09
CA ASP F 110 35.64 48.25 -39.10
C ASP F 110 36.79 49.14 -38.63
N GLU F 111 36.72 49.62 -37.38
CA GLU F 111 37.72 50.52 -36.80
C GLU F 111 39.02 49.75 -36.51
N GLU F 112 38.93 48.66 -35.71
CA GLU F 112 40.07 47.98 -35.13
C GLU F 112 40.32 46.67 -35.89
N ASN F 113 41.59 46.23 -35.94
CA ASN F 113 41.94 44.88 -36.38
C ASN F 113 41.70 43.92 -35.20
N PRO F 114 40.77 42.93 -35.24
CA PRO F 114 40.61 41.99 -34.12
C PRO F 114 41.76 41.02 -33.88
N ASP F 115 42.66 40.83 -34.87
CA ASP F 115 43.78 39.88 -34.76
C ASP F 115 44.78 40.24 -33.65
N ASP F 116 44.84 41.52 -33.22
CA ASP F 116 45.64 41.92 -32.06
C ASP F 116 45.03 41.38 -30.76
N TYR F 117 43.69 41.30 -30.67
CA TYR F 117 42.99 40.94 -29.44
C TYR F 117 42.68 39.43 -29.37
N LEU F 118 42.17 38.83 -30.46
CA LEU F 118 41.56 37.50 -30.44
C LEU F 118 42.51 36.49 -31.10
N LEU F 119 42.72 35.35 -30.43
CA LEU F 119 43.40 34.18 -30.96
C LEU F 119 42.40 33.03 -31.06
N PHE F 120 42.51 32.23 -32.14
CA PHE F 120 41.61 31.14 -32.46
C PHE F 120 42.41 29.84 -32.34
N LEU F 121 42.05 29.00 -31.36
CA LEU F 121 42.71 27.71 -31.15
C LEU F 121 42.13 26.69 -32.13
N THR F 122 42.96 25.74 -32.60
CA THR F 122 42.52 24.67 -33.50
C THR F 122 41.54 23.71 -32.81
N THR F 123 41.47 23.71 -31.46
CA THR F 123 40.41 23.04 -30.72
C THR F 123 39.06 23.75 -30.85
N GLY F 124 39.04 25.01 -31.33
CA GLY F 124 37.81 25.71 -31.70
C GLY F 124 37.26 26.60 -30.59
N GLU F 125 38.04 26.79 -29.51
CA GLU F 125 37.88 27.95 -28.63
C GLU F 125 38.44 29.19 -29.31
N VAL F 126 37.91 30.36 -28.90
CA VAL F 126 38.53 31.66 -29.18
C VAL F 126 38.91 32.25 -27.81
N VAL F 127 40.11 32.85 -27.73
CA VAL F 127 40.76 33.20 -26.47
C VAL F 127 41.37 34.61 -26.60
N PRO F 128 41.63 35.37 -25.49
CA PRO F 128 42.54 36.51 -25.54
C PRO F 128 43.93 36.14 -26.09
N ALA F 129 44.49 37.02 -26.95
CA ALA F 129 45.77 36.78 -27.63
C ALA F 129 46.93 36.76 -26.63
N ILE F 130 48.08 36.19 -27.05
CA ILE F 130 49.20 35.91 -26.15
C ILE F 130 49.80 37.25 -25.73
N GLY F 131 49.71 37.57 -24.42
CA GLY F 131 50.30 38.77 -23.84
C GLY F 131 49.40 39.99 -24.04
N LEU F 132 48.30 40.03 -23.27
CA LEU F 132 47.45 41.21 -23.13
C LEU F 132 47.17 41.43 -21.64
N THR F 133 47.17 42.72 -21.22
CA THR F 133 46.89 43.13 -19.84
C THR F 133 46.02 44.39 -19.85
N GLY F 134 45.20 44.56 -18.81
CA GLY F 134 44.48 45.80 -18.55
C GLY F 134 43.29 45.97 -19.49
N ARG F 135 43.35 46.98 -20.38
CA ARG F 135 42.23 47.37 -21.24
C ARG F 135 42.10 46.40 -22.41
N ALA F 136 43.24 46.08 -23.09
CA ALA F 136 43.24 45.18 -24.24
C ALA F 136 42.76 43.77 -23.86
N LEU F 137 43.13 43.29 -22.66
CA LEU F 137 42.59 42.06 -22.09
C LEU F 137 41.09 42.19 -21.85
N LYS F 138 40.63 43.32 -21.27
CA LYS F 138 39.22 43.55 -20.97
C LYS F 138 38.37 43.59 -22.26
N LYS F 139 38.89 44.20 -23.34
CA LYS F 139 38.18 44.28 -24.62
C LYS F 139 38.07 42.89 -25.27
N ALA F 140 39.17 42.11 -25.25
CA ALA F 140 39.17 40.73 -25.74
C ALA F 140 38.14 39.88 -24.98
N GLN F 141 38.14 39.97 -23.64
CA GLN F 141 37.28 39.13 -22.80
C GLN F 141 35.79 39.47 -22.98
N GLU F 142 35.46 40.77 -23.14
CA GLU F 142 34.06 41.20 -23.26
C GLU F 142 33.50 40.91 -24.65
N THR F 143 34.29 41.09 -25.72
CA THR F 143 33.88 40.73 -27.07
C THR F 143 33.45 39.26 -27.13
N ILE F 144 34.28 38.36 -26.55
CA ILE F 144 34.01 36.94 -26.47
C ILE F 144 32.72 36.71 -25.67
N ARG F 145 32.56 37.39 -24.52
CA ARG F 145 31.41 37.20 -23.63
C ARG F 145 30.10 37.65 -24.29
N VAL F 146 30.09 38.86 -24.90
CA VAL F 146 28.86 39.54 -25.29
C VAL F 146 28.33 38.94 -26.61
N PHE F 147 29.20 38.67 -27.58
CA PHE F 147 28.78 38.02 -28.83
C PHE F 147 28.67 36.50 -28.68
N ASN F 148 29.09 35.92 -27.53
CA ASN F 148 28.84 34.53 -27.16
C ASN F 148 29.60 33.61 -28.12
N LEU F 149 30.89 33.92 -28.36
CA LEU F 149 31.66 33.30 -29.42
C LEU F 149 32.21 31.93 -29.00
N ASN F 150 32.07 31.54 -27.72
CA ASN F 150 32.26 30.16 -27.30
C ASN F 150 30.94 29.53 -26.84
N GLY F 151 30.10 30.27 -26.11
CA GLY F 151 28.92 29.71 -25.47
C GLY F 151 27.87 29.17 -26.42
N ASP F 152 27.84 29.64 -27.69
CA ASP F 152 26.92 29.09 -28.69
C ASP F 152 27.49 27.79 -29.22
N ILE F 153 26.83 26.66 -28.91
CA ILE F 153 27.33 25.33 -29.21
C ILE F 153 27.28 25.14 -30.72
N LYS F 154 26.18 25.58 -31.35
CA LYS F 154 26.05 25.56 -32.80
C LYS F 154 27.23 26.28 -33.46
N LEU F 155 27.71 27.41 -32.91
CA LEU F 155 28.87 28.10 -33.44
C LEU F 155 30.16 27.34 -33.10
N PHE F 156 30.40 27.08 -31.80
CA PHE F 156 31.64 26.45 -31.34
C PHE F 156 31.91 25.20 -32.17
N GLY F 157 30.94 24.28 -32.24
CA GLY F 157 31.06 23.02 -32.95
C GLY F 157 31.28 23.20 -34.44
N SER F 158 30.50 24.10 -35.07
CA SER F 158 30.62 24.36 -36.50
C SER F 158 31.99 24.91 -36.86
N ARG F 159 32.55 25.78 -36.00
CA ARG F 159 33.91 26.30 -36.17
C ARG F 159 34.96 25.20 -35.94
N ARG F 160 34.85 24.43 -34.84
CA ARG F 160 35.79 23.37 -34.50
C ARG F 160 35.92 22.36 -35.64
N THR F 161 34.77 21.93 -36.20
CA THR F 161 34.70 20.99 -37.29
C THR F 161 35.37 21.54 -38.55
N ALA F 162 35.09 22.82 -38.90
CA ALA F 162 35.69 23.48 -40.05
C ALA F 162 37.22 23.45 -40.00
N VAL F 163 37.80 23.82 -38.83
CA VAL F 163 39.25 23.86 -38.65
C VAL F 163 39.79 22.42 -38.73
N GLN F 164 39.17 21.46 -38.02
CA GLN F 164 39.70 20.11 -37.91
C GLN F 164 39.69 19.38 -39.27
N ALA F 165 38.81 19.78 -40.20
CA ALA F 165 38.76 19.24 -41.57
C ALA F 165 40.04 19.53 -42.35
N ILE F 166 40.66 20.72 -42.18
CA ILE F 166 41.83 21.14 -42.95
C ILE F 166 43.15 20.71 -42.29
N MET F 167 43.14 20.23 -41.03
CA MET F 167 44.36 20.01 -40.27
C MET F 167 45.24 18.90 -40.87
N PRO F 168 44.75 17.86 -41.60
CA PRO F 168 45.63 17.06 -42.46
C PRO F 168 46.46 17.85 -43.48
N ASN F 169 45.85 18.86 -44.12
CA ASN F 169 46.50 19.65 -45.15
C ASN F 169 47.60 20.52 -44.52
N VAL F 170 47.31 21.17 -43.38
CA VAL F 170 48.24 22.07 -42.71
C VAL F 170 49.46 21.26 -42.27
N GLU F 171 49.22 20.08 -41.66
CA GLU F 171 50.28 19.13 -41.33
C GLU F 171 51.13 18.80 -42.56
N TYR F 172 50.48 18.49 -43.70
CA TYR F 172 51.16 17.98 -44.88
C TYR F 172 51.96 19.07 -45.59
N LEU F 173 51.46 20.32 -45.64
CA LEU F 173 52.14 21.39 -46.35
C LEU F 173 53.52 21.67 -45.71
N TYR F 174 53.55 21.82 -44.38
CA TYR F 174 54.74 22.24 -43.66
C TYR F 174 55.82 21.14 -43.63
N THR F 175 55.48 19.86 -43.89
CA THR F 175 56.47 18.81 -44.09
C THR F 175 57.22 19.01 -45.42
N LEU F 176 56.61 19.66 -46.42
CA LEU F 176 57.23 19.94 -47.72
C LEU F 176 57.93 21.31 -47.76
N LEU F 177 58.13 21.96 -46.59
CA LEU F 177 59.04 23.09 -46.47
C LEU F 177 60.49 22.65 -46.69
N GLU F 178 60.86 21.43 -46.22
CA GLU F 178 62.18 20.86 -46.40
C GLU F 178 62.55 20.79 -47.89
N GLU F 179 61.72 20.09 -48.71
CA GLU F 179 62.14 19.65 -50.04
C GLU F 179 62.04 20.79 -51.06
N PHE F 180 60.99 21.63 -51.00
CA PHE F 180 60.74 22.67 -51.99
C PHE F 180 61.62 23.89 -51.68
N ASP F 181 61.96 24.66 -52.74
CA ASP F 181 62.56 25.98 -52.63
C ASP F 181 61.46 27.02 -52.35
N GLU F 182 61.86 28.22 -51.89
CA GLU F 182 60.97 29.21 -51.27
C GLU F 182 59.86 29.68 -52.21
N ASP F 183 60.20 29.99 -53.49
CA ASP F 183 59.25 30.56 -54.45
C ASP F 183 58.09 29.60 -54.75
N ASP F 184 58.36 28.28 -54.80
CA ASP F 184 57.32 27.26 -54.91
C ASP F 184 56.45 27.22 -53.65
N TRP F 185 57.08 27.12 -52.46
CA TRP F 185 56.38 26.91 -51.19
C TRP F 185 55.54 28.12 -50.80
N ASN F 186 56.03 29.36 -51.06
CA ASN F 186 55.29 30.58 -50.75
C ASN F 186 54.11 30.77 -51.70
N GLU F 187 54.23 30.32 -52.97
CA GLU F 187 53.10 30.26 -53.91
C GLU F 187 52.01 29.32 -53.38
N MET F 188 52.41 28.16 -52.82
CA MET F 188 51.47 27.18 -52.26
C MET F 188 50.68 27.79 -51.08
N LEU F 189 51.36 28.46 -50.15
CA LEU F 189 50.73 29.03 -48.96
C LEU F 189 49.80 30.19 -49.32
N ARG F 190 50.19 31.02 -50.31
CA ARG F 190 49.37 32.14 -50.78
C ARG F 190 48.10 31.62 -51.46
N ASP F 191 48.18 30.47 -52.16
CA ASP F 191 47.04 29.89 -52.87
C ASP F 191 45.99 29.43 -51.86
N GLU F 192 46.42 28.68 -50.84
CA GLU F 192 45.53 28.24 -49.77
C GLU F 192 44.87 29.46 -49.14
N LEU F 193 45.67 30.41 -48.63
CA LEU F 193 45.12 31.60 -47.98
C LEU F 193 44.16 32.36 -48.90
N GLU F 194 44.32 32.27 -50.24
CA GLU F 194 43.38 32.85 -51.20
C GLU F 194 42.01 32.15 -51.13
N LYS F 195 42.00 30.80 -51.12
CA LYS F 195 40.78 29.99 -51.12
C LYS F 195 39.86 30.27 -49.91
N ILE F 196 40.44 30.56 -48.73
CA ILE F 196 39.67 30.56 -47.49
C ILE F 196 38.94 31.88 -47.27
N GLU F 197 39.14 32.92 -48.13
CA GLU F 197 38.28 34.09 -48.16
C GLU F 197 36.83 33.71 -48.51
N SER F 198 36.66 32.83 -49.52
CA SER F 198 35.34 32.33 -49.93
C SER F 198 34.74 31.34 -48.91
N ASP F 199 35.58 30.77 -48.01
CA ASP F 199 35.14 29.85 -46.96
C ASP F 199 34.62 30.62 -45.73
N GLU F 200 33.87 29.87 -44.89
CA GLU F 200 33.24 30.35 -43.67
C GLU F 200 34.20 30.16 -42.49
N TYR F 201 34.13 31.05 -41.48
CA TYR F 201 35.03 31.09 -40.33
C TYR F 201 36.47 31.28 -40.84
N LYS F 202 36.70 32.34 -41.62
CA LYS F 202 37.94 32.54 -42.36
C LYS F 202 39.09 32.88 -41.41
N THR F 203 38.83 33.68 -40.34
CA THR F 203 39.84 34.05 -39.36
C THR F 203 40.35 32.81 -38.64
N ALA F 204 39.45 31.92 -38.19
CA ALA F 204 39.82 30.65 -37.58
C ALA F 204 40.71 29.81 -38.50
N LEU F 205 40.41 29.77 -39.81
CA LEU F 205 41.16 28.97 -40.77
C LEU F 205 42.52 29.61 -41.06
N LYS F 206 42.60 30.95 -41.06
CA LYS F 206 43.87 31.68 -41.23
C LYS F 206 44.87 31.28 -40.15
N HIS F 207 44.45 31.30 -38.88
CA HIS F 207 45.34 31.05 -37.74
C HIS F 207 45.88 29.62 -37.76
N ALA F 208 45.08 28.66 -38.26
CA ALA F 208 45.57 27.32 -38.57
C ALA F 208 46.67 27.35 -39.63
N TRP F 209 46.48 28.11 -40.72
CA TRP F 209 47.37 28.08 -41.87
C TRP F 209 48.69 28.82 -41.60
N THR F 210 48.63 30.05 -41.06
CA THR F 210 49.80 30.91 -40.92
C THR F 210 50.62 30.43 -39.71
N MET G 1 -26.02 7.26 58.02
CA MET G 1 -24.82 7.49 58.87
C MET G 1 -25.28 7.53 60.33
N ARG G 2 -24.56 6.79 61.21
CA ARG G 2 -25.02 6.44 62.55
C ARG G 2 -24.11 7.09 63.59
N GLU G 3 -24.63 7.33 64.81
CA GLU G 3 -23.82 7.69 65.97
C GLU G 3 -23.14 6.41 66.48
N LEU G 4 -21.80 6.40 66.56
CA LEU G 4 -21.01 5.24 66.95
C LEU G 4 -20.50 5.43 68.38
N ALA G 5 -20.30 4.29 69.09
CA ALA G 5 -19.89 4.25 70.48
C ALA G 5 -18.52 3.56 70.58
N ARG G 6 -17.44 4.36 70.45
CA ARG G 6 -16.07 3.92 70.66
C ARG G 6 -15.83 3.78 72.16
N LEU G 7 -15.08 2.73 72.58
CA LEU G 7 -15.01 2.30 73.97
C LEU G 7 -13.56 1.99 74.38
N GLU G 8 -12.92 0.96 73.76
CA GLU G 8 -11.69 0.37 74.27
C GLU G 8 -10.63 0.36 73.17
N ARG G 9 -9.37 0.68 73.57
CA ARG G 9 -8.28 0.97 72.64
C ARG G 9 -7.39 -0.28 72.54
N PRO G 10 -7.04 -0.81 71.33
CA PRO G 10 -6.32 -2.08 71.22
C PRO G 10 -4.83 -1.96 71.55
N GLU G 11 -4.22 -3.10 71.92
CA GLU G 11 -2.84 -3.16 72.41
C GLU G 11 -1.81 -2.86 71.30
N ILE G 12 -2.09 -3.25 70.05
CA ILE G 12 -1.09 -3.26 68.97
C ILE G 12 -0.72 -1.83 68.53
N LEU G 13 -1.64 -0.85 68.68
CA LEU G 13 -1.38 0.55 68.29
C LEU G 13 -0.33 1.19 69.21
N ASP G 14 -0.26 0.76 70.50
CA ASP G 14 0.73 1.24 71.46
C ASP G 14 2.16 0.96 71.00
N GLN G 15 2.40 -0.21 70.36
CA GLN G 15 3.74 -0.66 69.98
C GLN G 15 4.32 0.24 68.88
N TYR G 16 3.59 0.42 67.77
CA TYR G 16 4.08 1.16 66.60
C TYR G 16 3.94 2.67 66.86
N ILE G 17 4.90 3.45 66.32
CA ILE G 17 5.03 4.89 66.56
C ILE G 17 4.95 5.59 65.21
N ALA G 18 4.24 6.74 65.15
CA ALA G 18 4.08 7.52 63.93
C ALA G 18 5.38 8.24 63.57
N GLY G 19 5.65 8.38 62.26
CA GLY G 19 6.89 8.97 61.75
C GLY G 19 7.87 7.89 61.30
N GLN G 20 8.33 7.05 62.25
CA GLN G 20 9.33 6.02 62.00
C GLN G 20 8.69 4.83 61.27
N ASN G 21 7.60 4.27 61.86
CA ASN G 21 6.96 3.06 61.33
C ASN G 21 6.04 3.42 60.16
N ASP G 22 5.83 2.45 59.26
CA ASP G 22 4.91 2.55 58.12
C ASP G 22 3.63 1.78 58.44
N TRP G 23 2.49 2.23 57.87
CA TRP G 23 1.18 1.61 58.08
C TRP G 23 1.14 0.15 57.63
N MET G 24 1.80 -0.19 56.50
CA MET G 24 1.77 -1.52 55.91
C MET G 24 2.35 -2.59 56.84
N GLU G 25 3.26 -2.21 57.76
CA GLU G 25 3.86 -3.11 58.75
C GLU G 25 2.81 -3.83 59.62
N ILE G 26 1.75 -3.13 60.06
CA ILE G 26 0.89 -3.60 61.15
C ILE G 26 0.07 -4.81 60.69
N ASP G 27 -0.26 -5.71 61.63
CA ASP G 27 -1.19 -6.81 61.43
C ASP G 27 -2.62 -6.25 61.53
N GLN G 28 -3.37 -6.30 60.42
CA GLN G 28 -4.68 -5.67 60.31
C GLN G 28 -5.80 -6.59 60.84
N SER G 29 -5.58 -7.92 60.84
CA SER G 29 -6.49 -8.88 61.45
C SER G 29 -6.60 -8.71 62.97
N ALA G 30 -5.58 -8.12 63.63
CA ALA G 30 -5.64 -7.71 65.03
C ALA G 30 -6.68 -6.61 65.30
N VAL G 31 -6.88 -5.69 64.33
CA VAL G 31 -7.63 -4.45 64.53
C VAL G 31 -9.13 -4.76 64.39
N TRP G 32 -9.53 -5.54 63.34
CA TRP G 32 -10.93 -5.73 62.94
C TRP G 32 -11.86 -6.17 64.08
N PRO G 33 -11.55 -7.17 64.97
CA PRO G 33 -12.51 -7.58 66.02
C PRO G 33 -13.14 -6.47 66.86
N LYS G 34 -12.39 -5.39 67.15
CA LYS G 34 -12.87 -4.25 67.94
C LYS G 34 -13.78 -3.36 67.08
N LEU G 35 -13.39 -3.09 65.81
CA LEU G 35 -14.21 -2.33 64.86
C LEU G 35 -15.52 -3.06 64.56
N THR G 36 -15.46 -4.40 64.35
CA THR G 36 -16.63 -5.23 64.11
C THR G 36 -17.58 -5.20 65.30
N GLU G 37 -17.05 -5.17 66.55
CA GLU G 37 -17.85 -4.98 67.75
C GLU G 37 -18.52 -3.60 67.73
N MET G 38 -17.76 -2.54 67.38
CA MET G 38 -18.27 -1.17 67.33
C MET G 38 -19.37 -1.04 66.28
N GLN G 39 -19.07 -1.38 65.01
CA GLN G 39 -19.87 -1.00 63.84
C GLN G 39 -20.95 -2.04 63.55
N GLY G 40 -20.65 -3.34 63.74
CA GLY G 40 -21.62 -4.43 63.65
C GLY G 40 -21.64 -5.11 62.28
N GLY G 41 -20.46 -5.22 61.64
CA GLY G 41 -20.33 -5.73 60.28
C GLY G 41 -20.84 -4.76 59.20
N PHE G 42 -21.02 -3.46 59.54
CA PHE G 42 -21.60 -2.47 58.64
C PHE G 42 -20.61 -1.32 58.45
N CYS G 43 -20.72 -0.62 57.31
CA CYS G 43 -19.82 0.48 56.99
C CYS G 43 -20.11 1.69 57.90
N ALA G 44 -19.07 2.51 58.13
CA ALA G 44 -19.16 3.70 58.97
C ALA G 44 -20.05 4.76 58.34
N TYR G 45 -19.92 4.98 57.01
CA TYR G 45 -20.45 6.14 56.33
C TYR G 45 -21.77 5.80 55.62
N CYS G 46 -21.78 4.74 54.78
CA CYS G 46 -22.93 4.40 53.93
C CYS G 46 -23.87 3.37 54.58
N GLU G 47 -23.37 2.55 55.53
CA GLU G 47 -24.14 1.51 56.23
C GLU G 47 -24.50 0.34 55.29
N CYS G 48 -23.63 0.03 54.31
CA CYS G 48 -23.66 -1.24 53.59
C CYS G 48 -23.23 -2.37 54.53
N ARG G 49 -23.64 -3.61 54.20
CA ARG G 49 -23.09 -4.83 54.78
C ARG G 49 -21.66 -4.95 54.28
N LEU G 50 -20.67 -5.03 55.19
CA LEU G 50 -19.26 -5.15 54.82
C LEU G 50 -19.02 -6.58 54.32
N ASN G 51 -18.38 -6.70 53.14
CA ASN G 51 -17.88 -7.98 52.62
C ASN G 51 -16.49 -7.80 52.03
N ARG G 52 -16.31 -6.80 51.14
CA ARG G 52 -14.98 -6.30 50.78
C ARG G 52 -14.80 -4.97 51.53
N CYS G 53 -13.75 -4.88 52.37
CA CYS G 53 -13.62 -3.82 53.37
C CYS G 53 -12.15 -3.56 53.73
N HIS G 54 -11.87 -2.31 54.13
CA HIS G 54 -10.52 -1.83 54.42
C HIS G 54 -10.56 -0.84 55.59
N ILE G 55 -9.41 -0.65 56.26
CA ILE G 55 -9.30 0.26 57.40
C ILE G 55 -9.10 1.66 56.79
N GLU G 56 -9.92 2.64 57.24
CA GLU G 56 -9.92 4.00 56.70
C GLU G 56 -9.43 4.98 57.78
N HIS G 57 -8.42 5.80 57.42
CA HIS G 57 -7.98 6.94 58.21
C HIS G 57 -8.92 8.11 57.90
N PHE G 58 -9.64 8.62 58.91
CA PHE G 58 -10.64 9.67 58.73
C PHE G 58 -9.96 10.95 58.28
N ARG G 59 -8.87 11.35 58.96
CA ARG G 59 -7.92 12.33 58.45
C ARG G 59 -6.77 11.57 57.79
N PRO G 60 -6.41 11.82 56.49
CA PRO G 60 -5.53 10.90 55.76
C PRO G 60 -4.07 10.96 56.21
N ARG G 61 -3.28 9.93 55.82
CA ARG G 61 -1.87 9.81 56.18
C ARG G 61 -1.00 10.81 55.41
N GLY G 62 -1.37 11.13 54.15
CA GLY G 62 -0.66 12.10 53.33
C GLY G 62 -0.62 13.50 53.95
N LYS G 63 -1.80 14.06 54.26
CA LYS G 63 -1.94 15.39 54.84
C LYS G 63 -1.51 15.40 56.32
N PHE G 64 -1.94 14.38 57.10
CA PHE G 64 -1.69 14.31 58.54
C PHE G 64 -0.89 13.05 58.86
N PRO G 65 0.47 13.03 58.71
CA PRO G 65 1.26 11.84 59.07
C PRO G 65 1.41 11.59 60.58
N ALA G 66 1.14 12.61 61.43
CA ALA G 66 1.11 12.45 62.89
C ALA G 66 -0.02 11.51 63.31
N LEU G 67 -1.23 11.70 62.73
CA LEU G 67 -2.38 10.83 62.95
C LEU G 67 -2.22 9.61 62.05
N THR G 68 -1.67 8.50 62.59
CA THR G 68 -1.44 7.26 61.85
C THR G 68 -1.91 6.06 62.67
N PHE G 69 -1.36 5.86 63.90
CA PHE G 69 -1.72 4.74 64.77
C PHE G 69 -2.52 5.27 65.96
N ILE G 70 -3.67 5.93 65.67
CA ILE G 70 -4.53 6.58 66.65
C ILE G 70 -5.91 5.94 66.52
N TRP G 71 -6.53 5.58 67.67
CA TRP G 71 -7.73 4.74 67.68
C TRP G 71 -8.98 5.52 67.28
N ASN G 72 -9.06 6.83 67.63
CA ASN G 72 -10.07 7.74 67.10
C ASN G 72 -10.15 7.70 65.57
N ASN G 73 -8.99 7.74 64.89
CA ASN G 73 -8.90 8.05 63.48
C ASN G 73 -9.30 6.87 62.59
N LEU G 74 -9.33 5.62 63.12
CA LEU G 74 -9.60 4.43 62.32
C LEU G 74 -11.11 4.21 62.21
N PHE G 75 -11.59 3.77 61.03
CA PHE G 75 -12.95 3.31 60.78
C PHE G 75 -12.95 2.20 59.72
N GLY G 76 -13.90 1.25 59.84
CA GLY G 76 -14.08 0.16 58.89
C GLY G 76 -14.98 0.60 57.73
N SER G 77 -14.38 0.82 56.54
CA SER G 77 -15.06 1.37 55.37
C SER G 77 -15.33 0.27 54.35
N CYS G 78 -16.32 0.50 53.47
CA CYS G 78 -16.67 -0.44 52.39
C CYS G 78 -15.64 -0.34 51.26
N GLY G 79 -15.49 -1.43 50.50
CA GLY G 79 -14.61 -1.50 49.35
C GLY G 79 -13.17 -1.81 49.73
N ASP G 80 -12.39 -2.28 48.73
CA ASP G 80 -11.01 -2.71 48.90
C ASP G 80 -10.12 -1.90 47.95
N SER G 81 -9.05 -1.30 48.49
CA SER G 81 -8.06 -0.56 47.71
C SER G 81 -7.18 -1.51 46.89
N ARG G 82 -6.68 -2.59 47.53
CA ARG G 82 -5.76 -3.56 46.93
C ARG G 82 -6.38 -4.22 45.69
N LYS G 83 -7.66 -4.61 45.77
CA LYS G 83 -8.38 -5.20 44.64
C LYS G 83 -8.60 -4.13 43.57
N SER G 84 -8.45 -4.54 42.29
CA SER G 84 -8.40 -3.62 41.16
C SER G 84 -9.80 -3.14 40.77
N GLY G 85 -9.87 -1.99 40.07
CA GLY G 85 -11.11 -1.40 39.58
C GLY G 85 -11.52 -0.20 40.43
N GLY G 86 -12.37 0.67 39.85
CA GLY G 86 -12.87 1.87 40.50
C GLY G 86 -13.96 1.52 41.52
N TRP G 87 -13.74 1.92 42.79
CA TRP G 87 -14.78 1.98 43.82
C TRP G 87 -15.06 3.45 44.12
N SER G 88 -16.34 3.87 44.04
CA SER G 88 -16.70 5.28 43.95
C SER G 88 -17.73 5.67 45.02
N ARG G 89 -17.38 5.40 46.30
CA ARG G 89 -18.00 6.02 47.47
C ARG G 89 -17.05 5.89 48.66
N CYS G 90 -17.38 6.56 49.78
CA CYS G 90 -16.84 6.31 51.12
C CYS G 90 -15.35 6.63 51.17
N GLY G 91 -14.49 5.68 51.57
CA GLY G 91 -13.09 5.94 51.87
C GLY G 91 -12.24 6.15 50.61
N ILE G 92 -12.48 5.33 49.57
CA ILE G 92 -11.69 5.35 48.34
C ILE G 92 -11.98 6.67 47.61
N TYR G 93 -13.27 7.07 47.52
CA TYR G 93 -13.68 8.30 46.84
C TYR G 93 -13.19 9.54 47.60
N LYS G 94 -13.18 9.50 48.96
CA LYS G 94 -12.67 10.59 49.79
C LYS G 94 -11.25 11.00 49.34
N ASP G 95 -10.36 10.00 49.14
CA ASP G 95 -8.98 10.25 48.71
C ASP G 95 -8.95 10.76 47.27
N ASN G 96 -9.54 10.01 46.33
CA ASN G 96 -9.28 10.14 44.89
C ASN G 96 -10.35 11.01 44.23
N GLY G 97 -11.64 10.62 44.37
CA GLY G 97 -12.75 11.20 43.62
C GLY G 97 -13.09 12.62 44.06
N ALA G 98 -13.21 12.85 45.39
CA ALA G 98 -13.61 14.13 45.96
C ALA G 98 -12.55 15.21 45.69
N GLY G 99 -11.26 14.89 45.92
CA GLY G 99 -10.16 15.80 45.63
C GLY G 99 -9.95 16.80 46.76
N ALA G 100 -10.38 18.06 46.54
CA ALA G 100 -10.17 19.16 47.49
C ALA G 100 -11.31 19.16 48.51
N TYR G 101 -10.98 18.97 49.81
CA TYR G 101 -11.95 19.04 50.90
C TYR G 101 -11.27 19.49 52.18
N ASN G 102 -12.03 20.22 53.02
CA ASN G 102 -11.65 20.51 54.40
C ASN G 102 -11.99 19.29 55.26
N ALA G 103 -10.97 18.70 55.92
CA ALA G 103 -11.16 17.54 56.80
C ALA G 103 -11.93 17.93 58.07
N ASP G 104 -11.83 19.21 58.51
CA ASP G 104 -12.64 19.77 59.58
C ASP G 104 -14.14 19.68 59.26
N ASP G 105 -14.54 19.93 58.00
CA ASP G 105 -15.95 20.03 57.60
C ASP G 105 -16.46 18.66 57.13
N LEU G 106 -16.40 17.65 58.02
CA LEU G 106 -16.97 16.32 57.80
C LEU G 106 -17.50 15.80 59.14
N ILE G 107 -18.55 14.97 59.09
CA ILE G 107 -19.20 14.43 60.28
C ILE G 107 -18.39 13.21 60.69
N LYS G 108 -17.63 13.30 61.80
CA LYS G 108 -16.96 12.15 62.39
C LYS G 108 -18.02 11.36 63.19
N PRO G 109 -18.45 10.14 62.77
CA PRO G 109 -19.63 9.51 63.36
C PRO G 109 -19.49 9.04 64.82
N ASP G 110 -18.26 8.81 65.31
CA ASP G 110 -18.01 8.50 66.72
C ASP G 110 -18.23 9.73 67.61
N GLU G 111 -17.72 10.90 67.18
CA GLU G 111 -17.79 12.14 67.95
C GLU G 111 -19.22 12.69 67.93
N GLU G 112 -19.78 12.91 66.73
CA GLU G 112 -21.02 13.65 66.52
C GLU G 112 -22.16 12.67 66.21
N ASN G 113 -23.40 13.04 66.57
CA ASN G 113 -24.60 12.36 66.11
C ASN G 113 -24.92 12.89 64.70
N PRO G 114 -24.89 12.09 63.59
CA PRO G 114 -25.25 12.61 62.26
C PRO G 114 -26.74 12.96 62.06
N ASP G 115 -27.64 12.49 62.95
CA ASP G 115 -29.07 12.74 62.82
C ASP G 115 -29.45 14.22 62.94
N ASP G 116 -28.61 15.06 63.57
CA ASP G 116 -28.81 16.52 63.56
C ASP G 116 -28.55 17.10 62.17
N TYR G 117 -27.58 16.54 61.41
CA TYR G 117 -27.15 17.11 60.13
C TYR G 117 -27.91 16.50 58.95
N LEU G 118 -28.04 15.16 58.91
CA LEU G 118 -28.46 14.44 57.70
C LEU G 118 -29.91 13.96 57.88
N LEU G 119 -30.75 14.20 56.85
CA LEU G 119 -32.09 13.64 56.72
C LEU G 119 -32.12 12.71 55.51
N PHE G 120 -32.86 11.59 55.63
CA PHE G 120 -32.94 10.53 54.63
C PHE G 120 -34.37 10.53 54.09
N LEU G 121 -34.53 10.88 52.81
CA LEU G 121 -35.84 10.89 52.16
C LEU G 121 -36.21 9.47 51.75
N THR G 122 -37.52 9.13 51.79
CA THR G 122 -38.01 7.81 51.36
C THR G 122 -37.83 7.60 49.84
N THR G 123 -37.62 8.67 49.07
CA THR G 123 -37.18 8.57 47.68
C THR G 123 -35.72 8.11 47.57
N GLY G 124 -34.93 8.15 48.66
CA GLY G 124 -33.61 7.54 48.71
C GLY G 124 -32.48 8.52 48.41
N GLU G 125 -32.79 9.83 48.30
CA GLU G 125 -31.81 10.89 48.52
C GLU G 125 -31.47 10.99 50.01
N VAL G 126 -30.28 11.51 50.30
CA VAL G 126 -29.91 12.02 51.62
C VAL G 126 -29.64 13.53 51.44
N VAL G 127 -30.14 14.34 52.39
CA VAL G 127 -30.25 15.79 52.25
C VAL G 127 -29.77 16.46 53.54
N PRO G 128 -29.34 17.76 53.55
CA PRO G 128 -29.29 18.54 54.79
C PRO G 128 -30.62 18.58 55.54
N ALA G 129 -30.56 18.45 56.88
CA ALA G 129 -31.75 18.36 57.73
C ALA G 129 -32.52 19.68 57.74
N ILE G 130 -33.79 19.64 58.18
CA ILE G 130 -34.71 20.76 58.08
C ILE G 130 -34.21 21.86 59.04
N GLY G 131 -33.80 23.01 58.46
CA GLY G 131 -33.37 24.17 59.23
C GLY G 131 -31.91 24.06 59.68
N LEU G 132 -30.98 24.21 58.72
CA LEU G 132 -29.55 24.37 59.01
C LEU G 132 -29.02 25.55 58.19
N THR G 133 -28.11 26.35 58.80
CA THR G 133 -27.46 27.50 58.17
C THR G 133 -25.99 27.54 58.60
N GLY G 134 -25.13 28.11 57.72
CA GLY G 134 -23.75 28.42 58.05
C GLY G 134 -22.87 27.17 58.09
N ARG G 135 -22.36 26.82 59.29
CA ARG G 135 -21.38 25.76 59.47
C ARG G 135 -22.07 24.39 59.40
N ALA G 136 -23.20 24.22 60.13
CA ALA G 136 -23.94 22.96 60.16
C ALA G 136 -24.46 22.57 58.77
N LEU G 137 -24.91 23.55 57.97
CA LEU G 137 -25.25 23.35 56.56
C LEU G 137 -24.01 22.92 55.77
N LYS G 138 -22.86 23.60 55.97
CA LYS G 138 -21.62 23.29 55.26
C LYS G 138 -21.13 21.87 55.57
N LYS G 139 -21.23 21.43 56.84
CA LYS G 139 -20.80 20.09 57.24
C LYS G 139 -21.72 19.01 56.63
N ALA G 140 -23.04 19.23 56.66
CA ALA G 140 -24.01 18.34 56.01
C ALA G 140 -23.72 18.21 54.51
N GLN G 141 -23.51 19.35 53.81
CA GLN G 141 -23.31 19.36 52.36
C GLN G 141 -22.01 18.67 51.96
N GLU G 142 -20.92 18.85 52.74
CA GLU G 142 -19.62 18.28 52.39
C GLU G 142 -19.55 16.78 52.68
N THR G 143 -20.16 16.31 53.80
CA THR G 143 -20.24 14.89 54.11
C THR G 143 -20.91 14.13 52.95
N ILE G 144 -22.05 14.66 52.45
CA ILE G 144 -22.78 14.12 51.31
C ILE G 144 -21.87 14.12 50.07
N ARG G 145 -21.16 15.23 49.81
CA ARG G 145 -20.34 15.38 48.62
C ARG G 145 -19.14 14.42 48.62
N VAL G 146 -18.41 14.33 49.75
CA VAL G 146 -17.09 13.70 49.81
C VAL G 146 -17.25 12.18 49.87
N PHE G 147 -18.20 11.66 50.68
CA PHE G 147 -18.47 10.22 50.73
C PHE G 147 -19.39 9.75 49.58
N ASN G 148 -19.94 10.68 48.76
CA ASN G 148 -20.62 10.39 47.50
C ASN G 148 -21.92 9.63 47.80
N LEU G 149 -22.69 10.13 48.78
CA LEU G 149 -23.80 9.38 49.35
C LEU G 149 -25.07 9.50 48.48
N ASN G 150 -25.05 10.34 47.43
CA ASN G 150 -26.06 10.30 46.36
C ASN G 150 -25.44 9.85 45.03
N GLY G 151 -24.24 10.34 44.69
CA GLY G 151 -23.65 10.13 43.38
C GLY G 151 -23.33 8.67 43.04
N ASP G 152 -23.16 7.79 44.05
CA ASP G 152 -22.97 6.36 43.80
C ASP G 152 -24.33 5.72 43.53
N ILE G 153 -24.55 5.29 42.28
CA ILE G 153 -25.84 4.80 41.81
C ILE G 153 -26.11 3.46 42.51
N LYS G 154 -25.06 2.63 42.61
CA LYS G 154 -25.13 1.35 43.31
C LYS G 154 -25.63 1.59 44.74
N LEU G 155 -25.17 2.66 45.44
CA LEU G 155 -25.63 2.97 46.78
C LEU G 155 -27.05 3.55 46.73
N PHE G 156 -27.25 4.65 45.97
CA PHE G 156 -28.52 5.34 45.91
C PHE G 156 -29.66 4.34 45.70
N GLY G 157 -29.57 3.54 44.63
CA GLY G 157 -30.58 2.57 44.26
C GLY G 157 -30.77 1.48 45.33
N SER G 158 -29.67 0.96 45.89
CA SER G 158 -29.75 -0.11 46.88
C SER G 158 -30.43 0.40 48.15
N ARG G 159 -30.18 1.66 48.53
CA ARG G 159 -30.86 2.32 49.65
C ARG G 159 -32.34 2.60 49.32
N ARG G 160 -32.63 3.15 48.14
CA ARG G 160 -34.00 3.49 47.72
C ARG G 160 -34.90 2.26 47.76
N THR G 161 -34.40 1.13 47.24
CA THR G 161 -35.11 -0.14 47.18
C THR G 161 -35.40 -0.66 48.59
N ALA G 162 -34.39 -0.62 49.48
CA ALA G 162 -34.52 -1.04 50.87
C ALA G 162 -35.66 -0.31 51.58
N VAL G 163 -35.71 1.04 51.45
CA VAL G 163 -36.73 1.85 52.10
C VAL G 163 -38.10 1.53 51.47
N GLN G 164 -38.19 1.47 50.13
CA GLN G 164 -39.47 1.33 49.43
C GLN G 164 -40.11 -0.03 49.70
N ALA G 165 -39.31 -1.06 50.06
CA ALA G 165 -39.79 -2.38 50.44
C ALA G 165 -40.65 -2.35 51.71
N ILE G 166 -40.30 -1.51 52.70
CA ILE G 166 -40.99 -1.48 54.00
C ILE G 166 -42.16 -0.49 54.00
N MET G 167 -42.32 0.36 52.97
CA MET G 167 -43.29 1.45 53.00
C MET G 167 -44.75 0.97 53.04
N PRO G 168 -45.15 -0.23 52.53
CA PRO G 168 -46.43 -0.83 52.94
C PRO G 168 -46.63 -1.00 54.44
N ASN G 169 -45.57 -1.44 55.16
CA ASN G 169 -45.65 -1.70 56.61
C ASN G 169 -45.80 -0.40 57.40
N VAL G 170 -45.08 0.66 56.99
CA VAL G 170 -45.09 1.95 57.68
C VAL G 170 -46.48 2.57 57.48
N GLU G 171 -47.01 2.55 56.25
CA GLU G 171 -48.39 2.94 55.94
C GLU G 171 -49.38 2.21 56.85
N TYR G 172 -49.24 0.89 56.98
CA TYR G 172 -50.23 0.03 57.65
C TYR G 172 -50.18 0.22 59.16
N LEU G 173 -48.98 0.37 59.77
CA LEU G 173 -48.87 0.50 61.22
C LEU G 173 -49.62 1.73 61.72
N TYR G 174 -49.39 2.90 61.08
CA TYR G 174 -49.91 4.18 61.56
C TYR G 174 -51.42 4.31 61.35
N THR G 175 -52.04 3.48 60.48
CA THR G 175 -53.50 3.39 60.39
C THR G 175 -54.09 2.72 61.64
N LEU G 176 -53.32 1.85 62.33
CA LEU G 176 -53.76 1.17 63.55
C LEU G 176 -53.38 1.95 64.83
N LEU G 177 -52.95 3.23 64.70
CA LEU G 177 -52.87 4.14 65.83
C LEU G 177 -54.26 4.47 66.37
N GLU G 178 -55.27 4.58 65.48
CA GLU G 178 -56.66 4.83 65.86
C GLU G 178 -57.16 3.76 66.82
N GLU G 179 -57.10 2.47 66.43
CA GLU G 179 -57.88 1.42 67.07
C GLU G 179 -57.16 0.95 68.36
N PHE G 180 -55.82 0.77 68.33
CA PHE G 180 -55.08 0.24 69.48
C PHE G 180 -54.89 1.31 70.55
N ASP G 181 -54.80 0.86 71.81
CA ASP G 181 -54.34 1.66 72.94
C ASP G 181 -52.82 1.76 72.92
N GLU G 182 -52.26 2.75 73.66
CA GLU G 182 -50.89 3.22 73.51
C GLU G 182 -49.85 2.13 73.81
N ASP G 183 -50.06 1.33 74.89
CA ASP G 183 -49.09 0.32 75.32
C ASP G 183 -48.89 -0.77 74.26
N ASP G 184 -49.96 -1.18 73.55
CA ASP G 184 -49.88 -2.09 72.42
C ASP G 184 -49.11 -1.45 71.26
N TRP G 185 -49.50 -0.23 70.84
CA TRP G 185 -48.97 0.42 69.65
C TRP G 185 -47.49 0.80 69.81
N ASN G 186 -47.09 1.24 71.02
CA ASN G 186 -45.70 1.62 71.29
C ASN G 186 -44.80 0.37 71.39
N GLU G 187 -45.33 -0.77 71.85
CA GLU G 187 -44.65 -2.06 71.78
C GLU G 187 -44.40 -2.47 70.32
N MET G 188 -45.40 -2.30 69.44
CA MET G 188 -45.29 -2.59 68.01
C MET G 188 -44.15 -1.81 67.38
N LEU G 189 -44.07 -0.48 67.64
CA LEU G 189 -43.08 0.41 67.05
C LEU G 189 -41.67 0.08 67.58
N ARG G 190 -41.55 -0.36 68.85
CA ARG G 190 -40.26 -0.61 69.49
C ARG G 190 -39.57 -1.83 68.85
N ASP G 191 -40.34 -2.92 68.61
CA ASP G 191 -39.80 -4.14 68.01
C ASP G 191 -39.38 -3.93 66.54
N GLU G 192 -40.15 -3.11 65.79
CA GLU G 192 -39.80 -2.75 64.42
C GLU G 192 -38.48 -2.00 64.38
N LEU G 193 -38.27 -1.03 65.30
CA LEU G 193 -37.01 -0.30 65.42
C LEU G 193 -35.88 -1.20 65.94
N GLU G 194 -36.20 -2.23 66.76
CA GLU G 194 -35.23 -3.23 67.20
C GLU G 194 -34.77 -4.08 66.02
N LYS G 195 -35.72 -4.60 65.21
CA LYS G 195 -35.46 -5.47 64.06
C LYS G 195 -34.44 -4.84 63.09
N ILE G 196 -34.59 -3.55 62.78
CA ILE G 196 -33.86 -2.90 61.70
C ILE G 196 -32.40 -2.56 62.10
N GLU G 197 -31.99 -2.75 63.37
CA GLU G 197 -30.58 -2.70 63.75
C GLU G 197 -29.77 -3.80 63.03
N SER G 198 -30.33 -5.02 62.92
CA SER G 198 -29.70 -6.12 62.17
C SER G 198 -29.73 -5.90 60.65
N ASP G 199 -30.60 -5.00 60.14
CA ASP G 199 -30.74 -4.70 58.72
C ASP G 199 -29.73 -3.64 58.26
N GLU G 200 -29.54 -3.57 56.93
CA GLU G 200 -28.62 -2.69 56.23
C GLU G 200 -29.32 -1.36 55.92
N TYR G 201 -28.55 -0.25 55.90
CA TYR G 201 -29.06 1.12 55.73
C TYR G 201 -30.08 1.40 56.85
N LYS G 202 -29.64 1.22 58.11
CA LYS G 202 -30.52 1.26 59.27
C LYS G 202 -31.03 2.70 59.53
N THR G 203 -30.17 3.72 59.34
CA THR G 203 -30.54 5.11 59.55
C THR G 203 -31.66 5.50 58.58
N ALA G 204 -31.52 5.15 57.28
CA ALA G 204 -32.57 5.37 56.29
C ALA G 204 -33.89 4.71 56.69
N LEU G 205 -33.86 3.49 57.24
CA LEU G 205 -35.06 2.75 57.62
C LEU G 205 -35.68 3.37 58.88
N LYS G 206 -34.85 3.88 59.83
CA LYS G 206 -35.32 4.55 61.03
C LYS G 206 -36.21 5.76 60.67
N HIS G 207 -35.73 6.62 59.76
CA HIS G 207 -36.41 7.86 59.39
C HIS G 207 -37.77 7.58 58.74
N ALA G 208 -37.86 6.48 57.98
CA ALA G 208 -39.15 5.98 57.50
C ALA G 208 -40.07 5.62 58.68
N TRP G 209 -39.55 4.91 59.70
CA TRP G 209 -40.39 4.37 60.78
C TRP G 209 -40.82 5.45 61.77
N THR G 210 -39.89 6.30 62.25
CA THR G 210 -40.18 7.27 63.30
C THR G 210 -40.96 8.44 62.71
PB ADP J . 19.84 -7.13 -20.92
O1B ADP J . 21.26 -6.71 -21.14
O2B ADP J . 19.09 -6.29 -19.89
O3B ADP J . 19.10 -7.23 -22.20
PA ADP J . 18.72 -9.45 -19.73
O1A ADP J . 19.16 -10.20 -18.53
O2A ADP J . 17.44 -8.70 -19.64
O3A ADP J . 19.91 -8.53 -20.22
O5' ADP J . 18.74 -10.36 -21.03
C5' ADP J . 18.14 -11.65 -20.99
C4' ADP J . 18.80 -12.50 -22.05
O4' ADP J . 19.06 -13.81 -21.48
C3' ADP J . 18.00 -12.76 -23.33
O3' ADP J . 18.90 -12.83 -24.44
C2' ADP J . 17.29 -14.09 -23.01
O2' ADP J . 17.00 -14.86 -24.15
C1' ADP J . 18.32 -14.80 -22.15
N9 ADP J . 17.78 -15.67 -21.11
C8 ADP J . 17.02 -15.31 -20.03
N7 ADP J . 16.70 -16.31 -19.25
C5 ADP J . 17.31 -17.41 -19.84
C6 ADP J . 17.36 -18.77 -19.48
N6 ADP J . 16.79 -19.28 -18.39
N1 ADP J . 18.06 -19.60 -20.28
C2 ADP J . 18.65 -19.07 -21.35
N3 ADP J . 18.69 -17.82 -21.78
C4 ADP J . 17.98 -17.02 -20.98
PB ADP K . 8.23 16.24 -22.23
O1B ADP K . 7.40 15.02 -22.57
O2B ADP K . 9.36 15.90 -21.31
O3B ADP K . 8.73 16.99 -23.43
PA ADP K . 5.73 17.04 -21.03
O1A ADP K . 4.86 16.84 -22.22
O2A ADP K . 5.64 15.97 -20.01
O3A ADP K . 7.25 17.26 -21.45
O5' ADP K . 5.39 18.46 -20.35
C5' ADP K . 5.66 18.72 -18.96
C4' ADP K . 5.89 20.21 -18.79
O4' ADP K . 4.61 20.88 -18.90
C3' ADP K . 6.52 20.67 -17.47
O3' ADP K . 7.59 21.59 -17.76
C2' ADP K . 5.37 21.36 -16.71
O2' ADP K . 5.82 22.49 -16.00
C1' ADP K . 4.40 21.77 -17.82
N9 ADP K . 2.99 21.69 -17.48
C8 ADP K . 2.23 20.55 -17.41
N7 ADP K . 0.97 20.78 -17.13
C5 ADP K . 0.89 22.16 -17.05
C6 ADP K . -0.19 23.03 -16.79
N6 ADP K . -1.43 22.62 -16.56
N1 ADP K . 0.07 24.35 -16.78
C2 ADP K . 1.33 24.76 -17.00
N3 ADP K . 2.41 24.04 -17.27
C4 ADP K . 2.13 22.73 -17.26
PB ADP L . -40.02 -3.19 11.82
O1B ADP L . -41.07 -2.49 12.64
O2B ADP L . -38.91 -2.29 11.31
O3B ADP L . -39.47 -4.38 12.54
PA ADP L . -40.65 -3.48 9.03
O1A ADP L . -40.95 -2.03 8.82
O2A ADP L . -39.34 -3.95 8.51
O3A ADP L . -40.78 -3.83 10.57
O5' ADP L . -41.86 -4.37 8.48
C5' ADP L . -41.61 -5.75 8.21
C4' ADP L . -42.89 -6.54 8.35
O4' ADP L . -43.71 -6.33 7.17
C3' ADP L . -42.74 -8.06 8.47
O3' ADP L . -43.76 -8.61 9.31
C2' ADP L . -42.87 -8.51 7.02
O2' ADP L . -43.29 -9.86 6.94
C1' ADP L . -43.95 -7.57 6.54
N9 ADP L . -43.98 -7.33 5.11
C8 ADP L . -43.06 -6.66 4.35
N7 ADP L . -43.38 -6.56 3.08
C5 ADP L . -44.62 -7.19 3.00
C6 ADP L . -45.51 -7.42 1.94
N6 ADP L . -45.27 -7.03 0.69
N1 ADP L . -46.66 -8.06 2.20
C2 ADP L . -46.88 -8.47 3.46
N3 ADP L . -46.13 -8.31 4.54
C4 ADP L . -44.99 -7.66 4.24
ZN ZN M . 27.15 36.13 -36.21
ZN ZN N . -19.38 2.77 52.85
MG MG O . 45.92 -31.59 18.34
#